data_4AQ2
#
_entry.id   4AQ2
#
_cell.length_a   93.737
_cell.length_b   93.901
_cell.length_c   162.810
_cell.angle_alpha   87.46
_cell.angle_beta   80.45
_cell.angle_gamma   68.33
#
_symmetry.space_group_name_H-M   'P 1'
#
loop_
_entity.id
_entity.type
_entity.pdbx_description
1 polymer 'HOMOGENTISATE 1,2-DIOXYGENASE'
2 non-polymer 'FE (III) ION'
3 non-polymer 2-[3-(2-HYDROXY-1,1-DIHYDROXYMETHYL-ETHYLAMINO)-PROPYLAMINO]-2-HYDROXYMETHYL-PROPANE-1,3-DIOL
4 water water
#
_entity_poly.entity_id   1
_entity_poly.type   'polypeptide(L)'
_entity_poly.pdbx_seq_one_letter_code
;MNRDTSPDLHYLSGFGNEFASEALPGALPVGQNSPQKAPYGLYAELLSGTAFTMARSELRRTWLYRIRPSALHPRFERLA
RQPLGGPLGGINPNRLRWSPQPIPAEPTDFIEGWLPMAANAGAEKPAGVSIYIYRANRSMERVFFNADGELLLVPEQGRL
RIATELGVMEVEPLEIAVIPRGMKFRVELLDGQARGYIAENHGAPLRLPDLGPIGSNGLANPRDFLTPVAHYEEAEGPVQ
LVQKFLGEHWACELQHSPLDVVAWHGSNVPYKYDLRRFNTIGTVSFDHPDPSIFTVLTSPTSVHGMANMDFVIFPPRWMV
AENTFRPPWFHRNLMNEFMGLINGAYDAKAEGFLPGGASLHGVMSAHGPDAETCEKAIAADLAPHKIDNTMAFMFETSQV
LRPSLQALECPQLQADYDSCWATLPSTFNPNRR
;
_entity_poly.pdbx_strand_id   A,B,C,D,E,F,G,H,I,J,K,L
#
# COMPACT_ATOMS: atom_id res chain seq x y z
N LEU A 9 -50.25 39.69 -1.33
CA LEU A 9 -50.50 38.25 -1.32
C LEU A 9 -49.20 37.53 -1.06
N HIS A 10 -49.27 36.39 -0.35
CA HIS A 10 -48.10 35.53 -0.19
C HIS A 10 -48.18 34.27 -1.09
N TYR A 11 -47.00 33.76 -1.47
CA TYR A 11 -46.90 32.61 -2.38
C TYR A 11 -45.86 31.58 -1.91
N LEU A 12 -46.02 30.34 -2.36
CA LEU A 12 -45.00 29.30 -2.19
C LEU A 12 -44.29 29.15 -3.53
N SER A 13 -43.06 28.69 -3.52
CA SER A 13 -42.29 28.62 -4.76
C SER A 13 -41.81 27.19 -5.03
N GLY A 14 -41.69 26.87 -6.30
CA GLY A 14 -41.05 25.63 -6.72
C GLY A 14 -41.95 24.83 -7.64
N PHE A 15 -41.72 24.91 -8.94
CA PHE A 15 -42.55 24.19 -9.90
C PHE A 15 -42.56 22.70 -9.64
N GLY A 16 -43.76 22.13 -9.53
CA GLY A 16 -43.93 20.71 -9.37
C GLY A 16 -43.79 20.22 -7.93
N ASN A 17 -43.64 21.13 -6.97
CA ASN A 17 -43.42 20.75 -5.56
C ASN A 17 -44.58 20.02 -4.88
N GLU A 18 -44.27 19.17 -3.90
CA GLU A 18 -45.31 18.76 -2.96
C GLU A 18 -45.45 19.90 -1.95
N PHE A 19 -46.49 20.71 -2.15
CA PHE A 19 -46.72 21.88 -1.30
C PHE A 19 -47.57 21.52 -0.09
N ALA A 20 -47.53 22.38 0.92
CA ALA A 20 -48.36 22.19 2.09
C ALA A 20 -48.69 23.56 2.67
N SER A 21 -49.97 23.80 2.94
CA SER A 21 -50.42 25.14 3.30
C SER A 21 -51.68 25.07 4.14
N GLU A 22 -51.67 25.76 5.25
CA GLU A 22 -52.86 25.82 6.11
C GLU A 22 -53.15 27.23 6.56
N ALA A 23 -54.42 27.60 6.51
CA ALA A 23 -54.81 28.94 6.93
C ALA A 23 -55.20 28.99 8.42
N LEU A 24 -55.43 27.82 9.02
CA LEU A 24 -55.49 27.70 10.48
C LEU A 24 -54.40 26.74 10.97
N PRO A 25 -53.81 27.04 12.14
CA PRO A 25 -52.73 26.18 12.65
C PRO A 25 -53.21 24.75 12.90
N GLY A 26 -52.51 23.77 12.35
CA GLY A 26 -52.85 22.38 12.54
C GLY A 26 -54.07 21.89 11.76
N ALA A 27 -54.51 22.67 10.78
CA ALA A 27 -55.66 22.26 9.95
C ALA A 27 -55.28 21.08 9.03
N LEU A 28 -54.02 21.03 8.62
CA LEU A 28 -53.54 19.85 7.91
C LEU A 28 -53.32 18.70 8.90
N PRO A 29 -53.89 17.52 8.63
CA PRO A 29 -53.62 16.39 9.51
C PRO A 29 -52.17 16.00 9.39
N VAL A 30 -51.50 15.74 10.50
CA VAL A 30 -50.09 15.34 10.44
C VAL A 30 -49.93 13.82 10.45
N GLY A 31 -49.14 13.30 9.50
CA GLY A 31 -48.83 11.88 9.47
C GLY A 31 -49.78 11.01 8.67
N GLN A 32 -50.86 11.60 8.15
CA GLN A 32 -51.85 10.84 7.38
C GLN A 32 -52.72 11.78 6.57
N ASN A 33 -53.48 11.21 5.64
CA ASN A 33 -54.31 12.01 4.73
C ASN A 33 -55.77 12.06 5.14
N SER A 34 -56.22 10.96 5.77
CA SER A 34 -57.62 10.76 6.05
C SER A 34 -57.91 10.37 7.50
N PRO A 35 -57.76 11.32 8.44
CA PRO A 35 -58.07 11.07 9.86
C PRO A 35 -59.55 10.80 10.08
N GLN A 36 -59.89 9.98 11.08
CA GLN A 36 -61.29 9.81 11.44
C GLN A 36 -61.82 11.12 11.96
N LYS A 37 -61.06 11.75 12.86
CA LYS A 37 -61.42 13.07 13.34
C LYS A 37 -60.47 14.14 12.79
N ALA A 38 -60.94 14.76 11.72
CA ALA A 38 -60.16 15.77 11.02
C ALA A 38 -60.03 17.00 11.91
N PRO A 39 -58.85 17.64 11.90
CA PRO A 39 -58.70 18.94 12.54
C PRO A 39 -59.82 19.93 12.17
N TYR A 40 -60.36 20.62 13.18
CA TYR A 40 -61.43 21.61 13.01
C TYR A 40 -62.71 21.07 12.40
N GLY A 41 -62.82 19.76 12.30
CA GLY A 41 -64.01 19.11 11.79
C GLY A 41 -64.15 19.25 10.31
N LEU A 42 -63.03 19.42 9.62
CA LEU A 42 -63.04 19.64 8.18
C LEU A 42 -63.29 18.33 7.42
N TYR A 43 -63.61 18.44 6.12
CA TYR A 43 -63.73 17.29 5.23
C TYR A 43 -62.48 17.12 4.37
N ALA A 44 -62.00 15.87 4.30
CA ALA A 44 -60.89 15.53 3.42
C ALA A 44 -61.42 15.27 2.02
N GLU A 45 -60.76 15.83 1.02
CA GLU A 45 -61.20 15.62 -0.36
C GLU A 45 -60.02 15.53 -1.30
N LEU A 46 -59.95 14.46 -2.06
CA LEU A 46 -58.86 14.29 -3.01
C LEU A 46 -59.17 14.78 -4.42
N LEU A 47 -58.36 15.73 -4.91
CA LEU A 47 -58.44 16.19 -6.30
C LEU A 47 -57.34 15.48 -7.12
N SER A 48 -57.76 14.51 -7.93
CA SER A 48 -56.84 13.69 -8.71
C SER A 48 -56.69 14.28 -10.12
N GLY A 49 -55.61 14.99 -10.35
CA GLY A 49 -55.41 15.62 -11.65
C GLY A 49 -54.98 14.65 -12.72
N THR A 50 -54.50 13.48 -12.30
CA THR A 50 -53.96 12.50 -13.23
C THR A 50 -54.43 11.12 -12.81
N ALA A 51 -54.20 10.14 -13.67
CA ALA A 51 -54.46 8.74 -13.29
C ALA A 51 -53.66 8.45 -12.02
N PHE A 52 -54.18 7.57 -11.16
CA PHE A 52 -53.50 7.20 -9.93
C PHE A 52 -52.13 6.61 -10.27
N THR A 53 -52.04 5.90 -11.40
CA THR A 53 -50.83 5.13 -11.68
C THR A 53 -49.77 5.81 -12.56
N MET A 54 -49.85 7.13 -12.69
CA MET A 54 -48.79 7.85 -13.39
C MET A 54 -47.49 7.66 -12.64
N ALA A 55 -46.38 7.72 -13.35
CA ALA A 55 -45.08 7.77 -12.69
C ALA A 55 -45.09 8.98 -11.77
N ARG A 56 -44.33 8.94 -10.69
CA ARG A 56 -44.45 10.01 -9.69
C ARG A 56 -44.06 11.37 -10.25
N SER A 57 -43.15 11.38 -11.21
CA SER A 57 -42.72 12.63 -11.82
C SER A 57 -43.88 13.29 -12.56
N GLU A 58 -44.84 12.48 -13.00
CA GLU A 58 -45.98 12.98 -13.76
C GLU A 58 -47.26 13.05 -12.94
N LEU A 59 -47.17 12.84 -11.64
CA LEU A 59 -48.35 12.80 -10.78
C LEU A 59 -48.83 14.18 -10.35
N ARG A 60 -50.14 14.44 -10.52
CA ARG A 60 -50.74 15.68 -10.05
C ARG A 60 -51.95 15.39 -9.16
N ARG A 61 -51.81 15.62 -7.87
CA ARG A 61 -52.94 15.40 -6.98
C ARG A 61 -52.87 16.26 -5.76
N THR A 62 -54.02 16.74 -5.33
CA THR A 62 -54.07 17.59 -4.15
C THR A 62 -55.07 17.10 -3.12
N TRP A 63 -54.65 17.09 -1.86
CA TRP A 63 -55.54 16.78 -0.77
C TRP A 63 -56.06 18.08 -0.21
N LEU A 64 -57.39 18.19 -0.15
CA LEU A 64 -58.06 19.41 0.30
C LEU A 64 -58.72 19.20 1.65
N TYR A 65 -58.69 20.20 2.52
CA TYR A 65 -59.39 20.11 3.80
C TYR A 65 -60.37 21.29 3.93
N ARG A 66 -61.65 20.97 3.71
CA ARG A 66 -62.68 21.95 3.36
C ARG A 66 -63.92 21.92 4.26
N ILE A 67 -64.63 23.05 4.29
CA ILE A 67 -65.78 23.20 5.18
C ILE A 67 -66.92 22.30 4.70
N ARG A 68 -67.19 22.36 3.41
CA ARG A 68 -68.22 21.52 2.80
C ARG A 68 -67.68 20.76 1.59
N PRO A 69 -68.07 19.49 1.44
CA PRO A 69 -67.62 18.63 0.33
C PRO A 69 -68.12 19.14 -1.03
N SER A 70 -67.28 19.02 -2.05
CA SER A 70 -67.66 19.48 -3.39
C SER A 70 -68.90 18.73 -3.86
N ALA A 71 -69.11 17.54 -3.30
CA ALA A 71 -70.25 16.69 -3.66
C ALA A 71 -71.57 17.31 -3.26
N LEU A 72 -71.55 18.29 -2.35
CA LEU A 72 -72.79 18.96 -1.92
C LEU A 72 -73.25 19.97 -2.96
N HIS A 73 -73.97 19.48 -3.96
CA HIS A 73 -74.49 20.36 -5.01
C HIS A 73 -75.68 19.70 -5.69
N PRO A 74 -76.64 20.52 -6.12
CA PRO A 74 -77.78 19.99 -6.87
C PRO A 74 -77.44 19.82 -8.36
N ARG A 75 -78.34 19.18 -9.09
CA ARG A 75 -78.12 18.87 -10.50
C ARG A 75 -77.68 20.07 -11.29
N PHE A 76 -76.67 19.88 -12.14
CA PHE A 76 -76.24 20.94 -13.04
C PHE A 76 -77.27 21.08 -14.15
N GLU A 77 -77.53 22.33 -14.53
CA GLU A 77 -78.43 22.58 -15.64
C GLU A 77 -77.74 23.40 -16.73
N ARG A 78 -78.06 23.10 -17.98
CA ARG A 78 -77.40 23.76 -19.10
C ARG A 78 -77.81 25.23 -19.18
N LEU A 79 -76.84 26.13 -19.25
CA LEU A 79 -77.12 27.56 -19.35
C LEU A 79 -77.65 27.94 -20.71
N ALA A 80 -78.48 28.98 -20.76
CA ALA A 80 -78.97 29.47 -22.04
C ALA A 80 -77.85 30.19 -22.78
N ARG A 81 -77.09 31.00 -22.05
CA ARG A 81 -75.97 31.70 -22.66
C ARG A 81 -74.79 30.73 -22.81
N GLN A 82 -74.39 30.49 -24.06
CA GLN A 82 -73.33 29.55 -24.40
C GLN A 82 -72.25 30.25 -25.23
N PRO A 83 -71.24 30.79 -24.54
CA PRO A 83 -70.16 31.54 -25.18
C PRO A 83 -69.41 30.78 -26.27
N LEU A 84 -69.17 29.49 -26.07
CA LEU A 84 -68.31 28.73 -26.97
C LEU A 84 -69.10 27.84 -27.94
N GLY A 85 -70.38 28.16 -28.14
CA GLY A 85 -71.26 27.29 -28.91
C GLY A 85 -71.21 27.46 -30.42
N GLY A 86 -70.36 28.36 -30.89
CA GLY A 86 -70.30 28.65 -32.31
C GLY A 86 -69.65 27.53 -33.09
N PRO A 87 -70.00 27.42 -34.38
CA PRO A 87 -69.48 26.36 -35.26
C PRO A 87 -68.01 26.52 -35.64
N LEU A 88 -67.42 25.41 -36.10
CA LEU A 88 -66.09 25.43 -36.67
C LEU A 88 -66.16 26.21 -37.97
N GLY A 89 -65.12 27.00 -38.23
CA GLY A 89 -65.00 27.66 -39.53
C GLY A 89 -64.77 26.61 -40.60
N GLY A 90 -64.85 27.03 -41.86
CA GLY A 90 -64.59 26.14 -42.97
C GLY A 90 -63.10 25.91 -43.22
N ILE A 91 -62.81 24.95 -44.09
CA ILE A 91 -61.43 24.62 -44.42
C ILE A 91 -60.76 25.82 -45.06
N ASN A 92 -59.58 26.18 -44.54
CA ASN A 92 -58.86 27.37 -45.03
C ASN A 92 -57.37 27.28 -44.68
N PRO A 93 -56.53 27.00 -45.69
CA PRO A 93 -55.09 26.82 -45.45
C PRO A 93 -54.33 28.14 -45.36
N ASN A 94 -55.02 29.25 -45.57
CA ASN A 94 -54.34 30.53 -45.70
C ASN A 94 -53.70 31.04 -44.41
N ARG A 95 -52.63 31.80 -44.58
CA ARG A 95 -52.02 32.57 -43.51
C ARG A 95 -53.02 33.64 -43.04
N LEU A 96 -53.20 33.73 -41.72
CA LEU A 96 -54.22 34.61 -41.18
C LEU A 96 -53.64 35.58 -40.16
N ARG A 97 -54.11 36.83 -40.19
CA ARG A 97 -53.72 37.75 -39.14
C ARG A 97 -54.91 38.57 -38.65
N TRP A 98 -55.01 38.72 -37.33
CA TRP A 98 -56.05 39.51 -36.67
C TRP A 98 -55.46 40.70 -35.91
N SER A 99 -56.11 41.86 -36.05
CA SER A 99 -55.87 43.02 -35.18
C SER A 99 -56.41 42.71 -33.77
N PRO A 100 -56.06 43.54 -32.77
CA PRO A 100 -56.59 43.36 -31.41
C PRO A 100 -58.13 43.29 -31.35
N GLN A 101 -58.67 42.58 -30.37
CA GLN A 101 -60.11 42.35 -30.28
C GLN A 101 -60.76 43.41 -29.42
N PRO A 102 -61.87 44.00 -29.90
CA PRO A 102 -62.54 45.01 -29.07
C PRO A 102 -63.24 44.36 -27.89
N ILE A 103 -63.30 45.08 -26.78
CA ILE A 103 -64.04 44.61 -25.62
C ILE A 103 -65.53 44.91 -25.81
N PRO A 104 -66.35 43.86 -25.80
CA PRO A 104 -67.80 43.95 -26.02
C PRO A 104 -68.48 44.93 -25.07
N ALA A 105 -69.59 45.52 -25.51
CA ALA A 105 -70.30 46.47 -24.68
C ALA A 105 -71.22 45.77 -23.68
N GLU A 106 -71.79 44.64 -24.09
N GLU A 106 -71.77 44.63 -24.09
CA GLU A 106 -72.65 43.83 -23.23
CA GLU A 106 -72.62 43.81 -23.23
C GLU A 106 -71.88 43.35 -22.00
C GLU A 106 -71.85 43.39 -21.99
N PRO A 107 -72.53 43.27 -20.84
CA PRO A 107 -71.87 42.76 -19.63
C PRO A 107 -71.33 41.36 -19.86
N THR A 108 -70.03 41.20 -19.59
CA THR A 108 -69.31 40.00 -19.96
C THR A 108 -68.22 39.72 -18.94
N ASP A 109 -68.41 38.68 -18.13
CA ASP A 109 -67.40 38.34 -17.14
C ASP A 109 -66.28 37.52 -17.80
N PHE A 110 -65.29 37.10 -17.02
CA PHE A 110 -64.17 36.32 -17.57
C PHE A 110 -64.59 35.11 -18.42
N ILE A 111 -65.49 34.29 -17.92
CA ILE A 111 -65.80 33.06 -18.62
C ILE A 111 -66.73 33.32 -19.80
N GLU A 112 -67.39 34.46 -19.76
CA GLU A 112 -68.37 34.82 -20.78
C GLU A 112 -67.74 35.39 -22.03
N GLY A 113 -66.50 35.88 -21.90
CA GLY A 113 -65.84 36.56 -23.00
C GLY A 113 -64.73 35.82 -23.72
N TRP A 114 -64.72 34.49 -23.67
CA TRP A 114 -63.75 33.73 -24.44
C TRP A 114 -64.14 33.76 -25.91
N LEU A 115 -63.32 34.39 -26.74
CA LEU A 115 -63.53 34.38 -28.16
C LEU A 115 -62.69 33.26 -28.75
N PRO A 116 -63.33 32.20 -29.25
CA PRO A 116 -62.58 31.08 -29.80
C PRO A 116 -61.85 31.54 -31.07
N MET A 117 -60.54 31.39 -31.12
CA MET A 117 -59.78 31.77 -32.31
C MET A 117 -59.57 30.56 -33.22
N ALA A 118 -58.90 29.54 -32.69
CA ALA A 118 -58.70 28.30 -33.42
C ALA A 118 -58.57 27.15 -32.42
N ALA A 119 -58.86 25.93 -32.84
CA ALA A 119 -58.85 24.78 -31.93
C ALA A 119 -58.52 23.51 -32.72
N ASN A 120 -57.96 22.50 -32.06
CA ASN A 120 -57.63 21.25 -32.75
C ASN A 120 -58.88 20.41 -33.09
N ALA A 121 -59.93 20.56 -32.29
CA ALA A 121 -61.18 19.86 -32.51
C ALA A 121 -62.41 20.66 -32.09
N GLY A 122 -63.58 20.16 -32.49
CA GLY A 122 -64.83 20.77 -32.12
C GLY A 122 -64.96 20.83 -30.61
N ALA A 123 -65.56 21.91 -30.13
CA ALA A 123 -65.69 22.17 -28.71
C ALA A 123 -66.36 21.02 -27.96
N GLU A 124 -67.17 20.22 -28.67
CA GLU A 124 -67.93 19.15 -28.05
C GLU A 124 -67.13 17.84 -27.99
N LYS A 125 -66.02 17.82 -28.71
CA LYS A 125 -65.09 16.70 -28.62
C LYS A 125 -63.67 17.16 -28.34
N PRO A 126 -63.45 17.78 -27.16
CA PRO A 126 -62.16 18.44 -26.90
C PRO A 126 -60.96 17.49 -26.95
N ALA A 127 -59.90 17.98 -27.58
CA ALA A 127 -58.70 17.19 -27.81
C ALA A 127 -57.60 18.15 -28.17
N GLY A 128 -56.36 17.82 -27.84
CA GLY A 128 -55.23 18.67 -28.17
C GLY A 128 -55.32 20.00 -27.46
N VAL A 129 -55.39 21.09 -28.21
CA VAL A 129 -55.42 22.45 -27.65
C VAL A 129 -56.48 23.30 -28.33
N SER A 130 -57.16 24.11 -27.53
CA SER A 130 -58.14 25.10 -27.99
C SER A 130 -57.63 26.50 -27.61
N ILE A 131 -57.62 27.40 -28.59
CA ILE A 131 -57.13 28.74 -28.35
C ILE A 131 -58.28 29.76 -28.37
N TYR A 132 -58.26 30.66 -27.39
CA TYR A 132 -59.26 31.72 -27.24
C TYR A 132 -58.54 33.04 -27.00
N ILE A 133 -59.22 34.16 -27.27
CA ILE A 133 -58.81 35.45 -26.72
C ILE A 133 -59.95 35.93 -25.82
N TYR A 134 -59.66 36.22 -24.56
CA TYR A 134 -60.74 36.63 -23.66
C TYR A 134 -60.87 38.15 -23.63
N ARG A 135 -62.11 38.61 -23.49
CA ARG A 135 -62.40 40.03 -23.31
C ARG A 135 -63.51 40.12 -22.27
N ALA A 136 -63.26 40.85 -21.19
CA ALA A 136 -64.24 40.95 -20.10
C ALA A 136 -64.33 42.36 -19.55
N ASN A 137 -65.49 42.72 -19.01
CA ASN A 137 -65.69 44.06 -18.47
C ASN A 137 -66.38 44.04 -17.12
N ARG A 138 -66.70 42.83 -16.65
CA ARG A 138 -67.27 42.61 -15.32
C ARG A 138 -66.44 41.58 -14.54
N SER A 139 -66.42 41.76 -13.23
CA SER A 139 -65.85 40.78 -12.31
C SER A 139 -66.84 39.65 -12.10
N MET A 140 -66.32 38.47 -11.83
CA MET A 140 -67.17 37.29 -11.69
C MET A 140 -67.90 37.23 -10.37
N GLU A 141 -69.22 37.09 -10.49
CA GLU A 141 -70.16 36.95 -9.40
C GLU A 141 -70.61 35.51 -9.35
N ARG A 142 -69.71 34.60 -9.69
CA ARG A 142 -69.97 33.18 -9.60
C ARG A 142 -68.63 32.47 -9.53
N VAL A 143 -68.65 31.15 -9.34
CA VAL A 143 -67.41 30.37 -9.34
C VAL A 143 -67.50 29.37 -10.49
N PHE A 144 -66.35 29.02 -11.06
CA PHE A 144 -66.30 28.28 -12.30
C PHE A 144 -65.24 27.18 -12.19
N PHE A 145 -65.50 26.00 -12.77
CA PHE A 145 -64.41 25.07 -13.12
C PHE A 145 -64.50 24.55 -14.56
N ASN A 146 -63.36 24.16 -15.11
CA ASN A 146 -63.28 23.67 -16.49
C ASN A 146 -62.97 22.18 -16.48
N ALA A 147 -63.93 21.37 -16.91
CA ALA A 147 -63.77 19.93 -16.90
C ALA A 147 -63.00 19.44 -18.13
N ASP A 148 -62.83 20.34 -19.11
CA ASP A 148 -62.33 20.01 -20.45
C ASP A 148 -60.81 20.13 -20.64
N GLY A 149 -60.16 20.80 -19.70
CA GLY A 149 -58.71 20.91 -19.75
C GLY A 149 -58.11 21.89 -18.78
N GLU A 150 -56.79 21.95 -18.79
CA GLU A 150 -56.00 22.88 -17.98
C GLU A 150 -56.01 24.21 -18.70
N LEU A 151 -55.94 25.34 -17.97
CA LEU A 151 -55.95 26.65 -18.60
C LEU A 151 -54.65 27.43 -18.44
N LEU A 152 -54.02 27.76 -19.56
CA LEU A 152 -52.88 28.69 -19.62
C LEU A 152 -53.39 30.09 -20.02
N LEU A 153 -53.26 31.04 -19.12
CA LEU A 153 -53.73 32.42 -19.32
C LEU A 153 -52.56 33.38 -19.54
N VAL A 154 -52.67 34.16 -20.60
CA VAL A 154 -51.60 35.10 -20.97
C VAL A 154 -52.20 36.51 -21.03
N PRO A 155 -52.16 37.24 -19.91
CA PRO A 155 -52.76 38.58 -19.90
C PRO A 155 -51.99 39.56 -20.77
N GLU A 156 -52.73 40.42 -21.48
CA GLU A 156 -52.17 41.43 -22.35
C GLU A 156 -52.63 42.84 -21.93
N GLN A 157 -53.88 42.93 -21.45
CA GLN A 157 -54.45 44.20 -21.00
C GLN A 157 -55.22 44.05 -19.71
N GLY A 158 -54.72 44.65 -18.63
CA GLY A 158 -55.45 44.66 -17.37
C GLY A 158 -55.06 43.50 -16.49
N ARG A 159 -55.02 43.76 -15.19
CA ARG A 159 -54.59 42.77 -14.21
C ARG A 159 -55.74 41.89 -13.75
N LEU A 160 -55.43 40.67 -13.34
CA LEU A 160 -56.45 39.74 -12.92
C LEU A 160 -56.22 39.34 -11.48
N ARG A 161 -57.27 39.35 -10.67
CA ARG A 161 -57.22 38.76 -9.33
C ARG A 161 -58.01 37.46 -9.29
N ILE A 162 -57.30 36.35 -9.24
CA ILE A 162 -57.91 35.04 -9.42
C ILE A 162 -57.97 34.28 -8.12
N ALA A 163 -59.17 34.15 -7.58
CA ALA A 163 -59.40 33.37 -6.37
C ALA A 163 -59.65 31.92 -6.73
N THR A 164 -58.77 31.02 -6.30
CA THR A 164 -58.93 29.59 -6.55
C THR A 164 -59.17 28.88 -5.24
N GLU A 165 -59.59 27.62 -5.32
CA GLU A 165 -59.76 26.79 -4.13
C GLU A 165 -58.50 26.78 -3.25
N LEU A 166 -57.32 26.96 -3.84
CA LEU A 166 -56.10 26.82 -3.03
C LEU A 166 -55.57 28.18 -2.57
N GLY A 167 -56.20 29.25 -3.01
CA GLY A 167 -55.78 30.58 -2.62
C GLY A 167 -55.84 31.56 -3.76
N VAL A 168 -55.42 32.79 -3.49
CA VAL A 168 -55.63 33.90 -4.38
C VAL A 168 -54.32 34.28 -5.06
N MET A 169 -54.36 34.50 -6.37
CA MET A 169 -53.14 34.95 -7.06
C MET A 169 -53.44 36.11 -7.98
N GLU A 170 -52.52 37.06 -8.07
CA GLU A 170 -52.71 38.20 -8.92
C GLU A 170 -51.81 38.15 -10.14
N VAL A 171 -52.41 38.36 -11.30
CA VAL A 171 -51.66 38.26 -12.53
C VAL A 171 -51.80 39.50 -13.41
N GLU A 172 -50.67 40.04 -13.82
CA GLU A 172 -50.62 41.18 -14.73
C GLU A 172 -49.94 40.78 -16.03
N PRO A 173 -50.12 41.58 -17.09
CA PRO A 173 -49.39 41.34 -18.34
C PRO A 173 -47.89 41.22 -18.10
N LEU A 174 -47.28 40.29 -18.83
CA LEU A 174 -45.89 39.83 -18.69
C LEU A 174 -45.77 38.75 -17.60
N GLU A 175 -46.89 38.42 -16.95
CA GLU A 175 -46.99 37.20 -16.15
C GLU A 175 -47.93 36.21 -16.82
N ILE A 176 -47.74 34.94 -16.56
CA ILE A 176 -48.71 33.97 -16.99
C ILE A 176 -49.30 33.23 -15.80
N ALA A 177 -50.44 32.57 -16.00
CA ALA A 177 -51.02 31.78 -14.93
C ALA A 177 -51.67 30.53 -15.49
N VAL A 178 -51.56 29.45 -14.73
CA VAL A 178 -52.11 28.15 -15.11
C VAL A 178 -53.05 27.64 -14.01
N ILE A 179 -54.23 27.22 -14.44
CA ILE A 179 -55.25 26.67 -13.53
C ILE A 179 -55.58 25.25 -14.00
N PRO A 180 -55.31 24.25 -13.15
CA PRO A 180 -55.59 22.83 -13.41
C PRO A 180 -57.04 22.51 -13.76
N ARG A 181 -57.25 21.56 -14.68
CA ARG A 181 -58.58 21.03 -14.96
C ARG A 181 -59.37 20.71 -13.68
N GLY A 182 -60.62 21.15 -13.63
CA GLY A 182 -61.51 20.80 -12.54
C GLY A 182 -61.43 21.72 -11.33
N MET A 183 -60.38 22.53 -11.26
CA MET A 183 -60.19 23.37 -10.08
C MET A 183 -61.06 24.61 -10.14
N LYS A 184 -61.80 24.85 -9.06
CA LYS A 184 -62.77 25.94 -9.00
C LYS A 184 -62.10 27.30 -8.77
N PHE A 185 -62.58 28.32 -9.48
CA PHE A 185 -62.02 29.66 -9.34
C PHE A 185 -62.97 30.78 -9.73
N ARG A 186 -62.64 31.99 -9.28
CA ARG A 186 -63.42 33.19 -9.61
C ARG A 186 -62.46 34.32 -10.01
N VAL A 187 -62.78 35.02 -11.09
CA VAL A 187 -61.90 36.07 -11.62
C VAL A 187 -62.44 37.48 -11.39
N GLU A 188 -61.60 38.29 -10.76
CA GLU A 188 -61.91 39.68 -10.47
C GLU A 188 -61.04 40.54 -11.37
N LEU A 189 -61.63 41.56 -11.97
CA LEU A 189 -60.88 42.49 -12.83
C LEU A 189 -60.46 43.71 -12.01
N LEU A 190 -59.16 43.84 -11.78
CA LEU A 190 -58.62 44.93 -10.98
C LEU A 190 -58.55 46.28 -11.72
N ASP A 191 -58.72 46.24 -13.05
CA ASP A 191 -58.66 47.46 -13.85
C ASP A 191 -59.95 47.75 -14.63
N GLY A 192 -61.06 47.15 -14.21
CA GLY A 192 -62.35 47.42 -14.82
C GLY A 192 -62.67 46.55 -16.01
N GLN A 193 -61.71 46.40 -16.92
CA GLN A 193 -61.83 45.43 -17.99
C GLN A 193 -60.52 44.68 -18.20
N ALA A 194 -60.56 43.69 -19.07
CA ALA A 194 -59.39 42.86 -19.30
C ALA A 194 -59.40 42.18 -20.66
N ARG A 195 -58.21 41.94 -21.18
CA ARG A 195 -58.05 41.23 -22.44
C ARG A 195 -56.78 40.39 -22.39
N GLY A 196 -56.77 39.29 -23.12
CA GLY A 196 -55.60 38.42 -23.12
C GLY A 196 -55.86 37.14 -23.88
N TYR A 197 -54.91 36.22 -23.80
CA TYR A 197 -54.98 34.97 -24.56
C TYR A 197 -55.09 33.78 -23.62
N ILE A 198 -55.74 32.72 -24.10
CA ILE A 198 -55.80 31.45 -23.38
C ILE A 198 -55.35 30.30 -24.28
N ALA A 199 -54.48 29.45 -23.75
CA ALA A 199 -54.28 28.13 -24.32
C ALA A 199 -54.99 27.15 -23.39
N GLU A 200 -56.09 26.56 -23.86
CA GLU A 200 -56.81 25.54 -23.11
C GLU A 200 -56.26 24.17 -23.53
N ASN A 201 -55.59 23.51 -22.59
CA ASN A 201 -54.84 22.29 -22.84
C ASN A 201 -55.69 21.08 -22.46
N HIS A 202 -56.11 20.31 -23.47
CA HIS A 202 -56.95 19.14 -23.25
C HIS A 202 -56.11 17.87 -23.05
N GLY A 203 -54.80 17.99 -23.21
CA GLY A 203 -53.92 16.84 -23.16
C GLY A 203 -53.10 16.77 -21.87
N ALA A 204 -51.85 16.32 -22.01
CA ALA A 204 -50.98 16.10 -20.86
C ALA A 204 -50.67 17.45 -20.25
N PRO A 205 -50.80 17.56 -18.92
CA PRO A 205 -50.49 18.80 -18.21
C PRO A 205 -49.17 19.47 -18.65
N LEU A 206 -49.23 20.79 -18.77
CA LEU A 206 -48.05 21.58 -19.08
C LEU A 206 -46.96 21.34 -18.04
N ARG A 207 -45.74 21.16 -18.48
CA ARG A 207 -44.61 21.14 -17.55
C ARG A 207 -43.37 21.75 -18.19
N LEU A 208 -42.30 21.84 -17.39
CA LEU A 208 -41.03 22.39 -17.85
C LEU A 208 -40.41 21.50 -18.93
N PRO A 209 -39.77 22.13 -19.93
CA PRO A 209 -39.18 21.28 -20.96
C PRO A 209 -37.91 20.58 -20.48
N ASP A 210 -37.59 19.45 -21.12
CA ASP A 210 -36.28 18.80 -21.02
C ASP A 210 -35.22 19.79 -21.51
N LEU A 211 -34.21 20.09 -20.69
CA LEU A 211 -33.26 21.13 -21.05
C LEU A 211 -32.17 20.68 -21.99
N GLY A 212 -32.05 19.36 -22.16
CA GLY A 212 -31.01 18.78 -22.98
C GLY A 212 -29.65 19.28 -22.53
N PRO A 213 -28.83 19.80 -23.47
CA PRO A 213 -27.48 20.28 -23.17
C PRO A 213 -27.49 21.55 -22.34
N ILE A 214 -28.57 22.32 -22.35
CA ILE A 214 -28.68 23.46 -21.45
C ILE A 214 -28.51 22.99 -20.00
N GLY A 215 -28.87 21.74 -19.72
CA GLY A 215 -28.48 21.08 -18.48
C GLY A 215 -29.45 21.18 -17.31
N SER A 216 -28.98 21.81 -16.22
CA SER A 216 -29.70 21.78 -14.93
C SER A 216 -30.29 23.14 -14.50
N ASN A 217 -29.98 24.17 -15.28
CA ASN A 217 -30.43 25.53 -15.03
C ASN A 217 -30.77 26.26 -16.32
N GLY A 218 -31.60 27.29 -16.24
CA GLY A 218 -31.88 28.12 -17.38
C GLY A 218 -33.29 28.01 -17.91
N LEU A 219 -33.55 28.78 -18.96
CA LEU A 219 -34.91 29.03 -19.43
C LEU A 219 -35.76 29.42 -18.21
N ALA A 220 -36.90 28.78 -18.01
CA ALA A 220 -37.70 29.08 -16.83
C ALA A 220 -37.22 28.25 -15.65
N ASN A 221 -36.61 28.91 -14.68
CA ASN A 221 -36.18 28.25 -13.46
C ASN A 221 -37.37 27.93 -12.54
N PRO A 222 -37.43 26.70 -12.00
CA PRO A 222 -38.58 26.22 -11.21
C PRO A 222 -38.87 27.09 -9.96
N ARG A 223 -37.84 27.75 -9.44
CA ARG A 223 -37.94 28.60 -8.25
C ARG A 223 -38.87 29.78 -8.52
N ASP A 224 -39.03 30.13 -9.79
CA ASP A 224 -39.83 31.29 -10.17
C ASP A 224 -41.31 30.97 -10.33
N PHE A 225 -41.66 29.71 -10.17
CA PHE A 225 -43.06 29.33 -10.29
C PHE A 225 -43.75 29.40 -8.93
N LEU A 226 -44.80 30.21 -8.87
CA LEU A 226 -45.38 30.64 -7.59
C LEU A 226 -46.81 30.17 -7.43
N THR A 227 -47.11 29.58 -6.28
CA THR A 227 -48.45 29.08 -5.96
C THR A 227 -49.04 29.77 -4.73
N PRO A 228 -50.34 30.15 -4.78
CA PRO A 228 -50.92 30.91 -3.66
C PRO A 228 -50.99 30.10 -2.37
N VAL A 229 -51.02 30.79 -1.23
CA VAL A 229 -51.24 30.11 0.05
C VAL A 229 -52.73 29.92 0.25
N ALA A 230 -53.11 28.98 1.13
CA ALA A 230 -54.52 28.68 1.38
C ALA A 230 -55.32 29.92 1.78
N HIS A 231 -56.51 30.05 1.24
CA HIS A 231 -57.48 31.06 1.68
C HIS A 231 -58.88 30.51 1.53
N TYR A 232 -59.73 30.76 2.53
CA TYR A 232 -61.09 30.22 2.52
C TYR A 232 -62.14 31.27 2.83
N GLU A 233 -63.34 31.04 2.31
CA GLU A 233 -64.45 31.96 2.46
C GLU A 233 -65.53 31.26 3.27
N GLU A 234 -66.09 31.97 4.25
CA GLU A 234 -67.16 31.37 5.05
C GLU A 234 -68.53 31.91 4.71
N ALA A 235 -68.59 32.82 3.73
CA ALA A 235 -69.82 33.51 3.35
C ALA A 235 -71.02 32.58 3.21
N GLU A 236 -72.13 32.99 3.81
CA GLU A 236 -73.38 32.24 3.78
C GLU A 236 -74.36 32.91 2.82
N GLY A 237 -74.82 32.15 1.83
CA GLY A 237 -75.70 32.71 0.82
C GLY A 237 -75.51 32.06 -0.53
N PRO A 238 -76.42 32.36 -1.46
CA PRO A 238 -76.44 31.76 -2.80
C PRO A 238 -75.21 32.10 -3.64
N VAL A 239 -74.68 31.09 -4.32
CA VAL A 239 -73.56 31.28 -5.25
C VAL A 239 -73.80 30.35 -6.42
N GLN A 240 -73.61 30.86 -7.64
CA GLN A 240 -73.73 30.06 -8.86
C GLN A 240 -72.41 29.33 -9.16
N LEU A 241 -72.48 28.01 -9.34
CA LEU A 241 -71.32 27.22 -9.74
C LEU A 241 -71.46 26.79 -11.20
N VAL A 242 -70.56 27.27 -12.05
CA VAL A 242 -70.57 26.97 -13.48
C VAL A 242 -69.43 26.05 -13.86
N GLN A 243 -69.71 25.03 -14.68
CA GLN A 243 -68.62 24.25 -15.25
C GLN A 243 -68.62 24.26 -16.77
N LYS A 244 -67.43 24.18 -17.36
CA LYS A 244 -67.34 23.94 -18.79
C LYS A 244 -67.19 22.44 -19.00
N PHE A 245 -68.19 21.82 -19.62
CA PHE A 245 -68.13 20.40 -19.98
C PHE A 245 -68.45 20.23 -21.47
N LEU A 246 -67.56 19.56 -22.17
CA LEU A 246 -67.68 19.37 -23.62
C LEU A 246 -68.07 20.66 -24.37
N GLY A 247 -67.42 21.76 -23.99
CA GLY A 247 -67.65 23.06 -24.59
C GLY A 247 -68.84 23.86 -24.07
N GLU A 248 -69.69 23.23 -23.27
CA GLU A 248 -70.93 23.87 -22.79
C GLU A 248 -70.81 24.38 -21.36
N HIS A 249 -71.46 25.50 -21.05
CA HIS A 249 -71.56 25.94 -19.67
C HIS A 249 -72.79 25.33 -19.02
N TRP A 250 -72.57 24.63 -17.92
CA TRP A 250 -73.64 24.09 -17.10
C TRP A 250 -73.52 24.69 -15.72
N ALA A 251 -74.63 24.83 -15.02
CA ALA A 251 -74.58 25.51 -13.75
C ALA A 251 -75.58 25.00 -12.73
N CYS A 252 -75.17 25.03 -11.46
CA CYS A 252 -76.08 24.81 -10.37
C CYS A 252 -75.88 25.95 -9.38
N GLU A 253 -76.74 26.00 -8.36
CA GLU A 253 -76.63 27.04 -7.37
C GLU A 253 -76.33 26.43 -6.01
N LEU A 254 -75.31 26.97 -5.34
CA LEU A 254 -74.95 26.55 -4.00
C LEU A 254 -75.48 27.54 -2.97
N GLN A 255 -75.64 27.10 -1.72
CA GLN A 255 -75.96 28.04 -0.65
C GLN A 255 -74.75 28.27 0.25
N HIS A 256 -73.57 27.94 -0.26
CA HIS A 256 -72.31 28.19 0.43
C HIS A 256 -71.22 28.54 -0.58
N SER A 257 -70.12 29.11 -0.09
CA SER A 257 -68.97 29.41 -0.94
C SER A 257 -68.18 28.13 -1.13
N PRO A 258 -67.88 27.79 -2.40
CA PRO A 258 -67.13 26.58 -2.78
C PRO A 258 -65.62 26.80 -2.69
N LEU A 259 -65.21 28.04 -2.45
CA LEU A 259 -63.82 28.34 -2.15
C LEU A 259 -63.65 28.30 -0.65
N ASP A 260 -63.92 27.13 -0.07
CA ASP A 260 -63.95 27.00 1.37
C ASP A 260 -62.88 26.03 1.87
N VAL A 261 -61.72 26.00 1.18
CA VAL A 261 -60.62 25.10 1.54
C VAL A 261 -59.68 25.77 2.55
N VAL A 262 -59.72 25.26 3.77
CA VAL A 262 -58.97 25.84 4.88
C VAL A 262 -57.50 25.41 4.83
N ALA A 263 -57.25 24.20 4.33
CA ALA A 263 -55.89 23.69 4.28
C ALA A 263 -55.74 22.73 3.11
N TRP A 264 -54.52 22.62 2.57
CA TRP A 264 -54.31 21.70 1.47
C TRP A 264 -52.84 21.30 1.34
N HIS A 265 -52.62 20.15 0.71
CA HIS A 265 -51.25 19.79 0.36
C HIS A 265 -51.23 19.00 -0.93
N GLY A 266 -50.12 19.06 -1.66
CA GLY A 266 -50.00 18.26 -2.84
C GLY A 266 -49.46 18.99 -4.04
N SER A 267 -49.71 18.44 -5.21
CA SER A 267 -48.96 18.86 -6.37
C SER A 267 -49.85 19.36 -7.49
N ASN A 268 -51.16 19.14 -7.36
CA ASN A 268 -52.10 19.67 -8.33
C ASN A 268 -52.54 21.09 -7.96
N VAL A 269 -51.80 22.08 -8.46
CA VAL A 269 -51.93 23.46 -7.99
C VAL A 269 -52.03 24.53 -9.08
N PRO A 270 -52.73 25.64 -8.79
CA PRO A 270 -52.61 26.75 -9.73
C PRO A 270 -51.25 27.43 -9.52
N TYR A 271 -50.75 28.08 -10.55
CA TYR A 271 -49.49 28.80 -10.41
C TYR A 271 -49.40 30.01 -11.33
N LYS A 272 -48.46 30.90 -11.04
CA LYS A 272 -48.13 31.97 -11.95
C LYS A 272 -46.61 32.07 -12.14
N TYR A 273 -46.21 32.80 -13.16
CA TYR A 273 -44.81 32.93 -13.51
C TYR A 273 -44.58 34.23 -14.25
N ASP A 274 -43.54 34.96 -13.84
CA ASP A 274 -43.21 36.23 -14.46
C ASP A 274 -42.19 36.03 -15.57
N LEU A 275 -42.63 36.24 -16.81
CA LEU A 275 -41.80 35.99 -18.00
C LEU A 275 -40.54 36.87 -18.02
N ARG A 276 -40.53 37.94 -17.25
CA ARG A 276 -39.36 38.82 -17.17
C ARG A 276 -38.19 38.13 -16.48
N ARG A 277 -38.49 37.04 -15.76
CA ARG A 277 -37.49 36.23 -15.07
C ARG A 277 -36.95 35.10 -15.93
N PHE A 278 -37.41 35.02 -17.19
CA PHE A 278 -36.95 33.97 -18.10
C PHE A 278 -35.46 34.07 -18.41
N ASN A 279 -34.73 32.98 -18.17
CA ASN A 279 -33.27 32.92 -18.41
C ASN A 279 -33.01 32.56 -19.86
N THR A 280 -33.22 33.57 -20.71
CA THR A 280 -33.17 33.46 -22.16
C THR A 280 -31.81 32.96 -22.71
N ILE A 281 -31.86 31.86 -23.45
CA ILE A 281 -30.67 31.27 -24.06
C ILE A 281 -30.75 31.49 -25.59
N GLY A 282 -29.62 31.78 -26.21
CA GLY A 282 -29.59 32.08 -27.63
C GLY A 282 -28.22 31.86 -28.24
N THR A 283 -28.00 32.43 -29.42
CA THR A 283 -26.71 32.26 -30.05
C THR A 283 -25.74 33.29 -29.49
N VAL A 284 -24.53 32.84 -29.19
CA VAL A 284 -23.46 33.73 -28.77
C VAL A 284 -22.35 33.65 -29.83
N SER A 285 -22.74 33.29 -31.05
CA SER A 285 -21.82 33.10 -32.18
C SER A 285 -22.43 33.55 -33.51
N PHE A 286 -23.15 32.64 -34.16
CA PHE A 286 -23.79 32.93 -35.44
C PHE A 286 -25.16 32.23 -35.61
N ASP A 287 -25.72 32.34 -36.80
CA ASP A 287 -27.04 31.75 -37.10
C ASP A 287 -28.18 32.21 -36.18
N HIS A 288 -29.33 31.57 -36.34
CA HIS A 288 -30.55 31.95 -35.63
C HIS A 288 -31.21 30.67 -35.09
N PRO A 289 -31.06 30.39 -33.80
CA PRO A 289 -31.53 29.13 -33.22
C PRO A 289 -33.02 28.90 -33.40
N ASP A 290 -33.43 27.62 -33.39
CA ASP A 290 -34.83 27.24 -33.52
C ASP A 290 -35.58 27.84 -32.36
N PRO A 291 -36.84 28.26 -32.58
CA PRO A 291 -37.57 28.97 -31.52
C PRO A 291 -37.97 28.06 -30.38
N SER A 292 -37.81 26.76 -30.54
CA SER A 292 -38.00 25.83 -29.43
C SER A 292 -37.11 26.22 -28.26
N ILE A 293 -36.01 26.89 -28.59
CA ILE A 293 -35.03 27.29 -27.56
C ILE A 293 -35.63 28.27 -26.54
N PHE A 294 -36.75 28.90 -26.91
CA PHE A 294 -37.44 29.82 -26.02
C PHE A 294 -38.61 29.15 -25.28
N THR A 295 -38.60 27.82 -25.19
CA THR A 295 -39.76 27.14 -24.58
C THR A 295 -39.91 27.48 -23.10
N VAL A 296 -41.09 27.96 -22.73
CA VAL A 296 -41.43 28.23 -21.34
C VAL A 296 -42.06 27.01 -20.68
N LEU A 297 -43.17 26.56 -21.27
CA LEU A 297 -43.87 25.35 -20.84
C LEU A 297 -44.18 24.47 -22.05
N THR A 298 -44.33 23.18 -21.81
CA THR A 298 -44.70 22.26 -22.86
C THR A 298 -45.65 21.16 -22.38
N SER A 299 -46.48 20.71 -23.29
CA SER A 299 -47.40 19.61 -23.06
C SER A 299 -47.04 18.52 -24.07
N PRO A 300 -46.50 17.40 -23.56
CA PRO A 300 -46.04 16.31 -24.43
C PRO A 300 -47.19 15.50 -25.02
N THR A 301 -46.87 14.61 -25.96
CA THR A 301 -47.77 13.54 -26.36
C THR A 301 -47.05 12.22 -26.10
N SER A 302 -47.72 11.10 -26.37
CA SER A 302 -47.07 9.79 -26.25
C SER A 302 -45.96 9.64 -27.28
N VAL A 303 -45.99 10.47 -28.31
CA VAL A 303 -44.88 10.53 -29.26
C VAL A 303 -43.78 11.44 -28.71
N HIS A 304 -42.68 10.83 -28.23
CA HIS A 304 -41.57 11.57 -27.67
C HIS A 304 -40.99 12.60 -28.66
N GLY A 305 -40.75 13.82 -28.19
CA GLY A 305 -40.27 14.88 -29.05
C GLY A 305 -41.34 15.66 -29.83
N MET A 306 -42.56 15.12 -29.86
N MET A 306 -42.57 15.13 -29.87
CA MET A 306 -43.67 15.83 -30.49
CA MET A 306 -43.66 15.86 -30.52
C MET A 306 -44.68 16.27 -29.44
C MET A 306 -44.72 16.30 -29.51
N ALA A 307 -44.57 17.54 -29.05
CA ALA A 307 -45.47 18.09 -28.04
C ALA A 307 -46.88 18.22 -28.58
N ASN A 308 -47.87 18.06 -27.69
CA ASN A 308 -49.23 18.49 -27.97
C ASN A 308 -49.21 19.99 -28.25
N MET A 309 -48.54 20.75 -27.38
CA MET A 309 -48.24 22.16 -27.62
C MET A 309 -46.98 22.61 -26.88
N ASP A 310 -46.25 23.53 -27.50
CA ASP A 310 -45.23 24.25 -26.78
C ASP A 310 -45.69 25.70 -26.60
N PHE A 311 -45.47 26.26 -25.41
CA PHE A 311 -45.61 27.69 -25.14
C PHE A 311 -44.22 28.29 -25.17
N VAL A 312 -43.95 29.11 -26.18
CA VAL A 312 -42.63 29.69 -26.38
C VAL A 312 -42.75 31.23 -26.35
N ILE A 313 -41.76 31.94 -25.81
CA ILE A 313 -41.79 33.41 -25.86
C ILE A 313 -40.68 34.03 -26.72
N PHE A 314 -40.83 35.31 -27.03
CA PHE A 314 -39.81 36.07 -27.73
C PHE A 314 -39.60 37.33 -26.91
N PRO A 315 -38.65 37.26 -25.97
CA PRO A 315 -38.49 38.25 -24.91
C PRO A 315 -37.38 39.24 -25.24
N PRO A 316 -37.18 40.25 -24.37
CA PRO A 316 -35.97 41.03 -24.51
C PRO A 316 -34.74 40.11 -24.46
N ARG A 317 -33.77 40.38 -25.31
CA ARG A 317 -32.62 39.49 -25.46
C ARG A 317 -31.53 40.20 -26.27
N TRP A 318 -30.29 39.76 -26.11
CA TRP A 318 -29.14 40.25 -26.87
C TRP A 318 -28.97 39.53 -28.20
N MET A 319 -28.81 40.31 -29.27
CA MET A 319 -28.58 39.79 -30.61
C MET A 319 -27.14 40.08 -30.99
N VAL A 320 -26.34 39.02 -31.13
CA VAL A 320 -24.91 39.17 -31.35
C VAL A 320 -24.38 38.36 -32.53
N ALA A 321 -25.26 37.63 -33.23
CA ALA A 321 -24.81 36.77 -34.32
C ALA A 321 -24.09 37.57 -35.42
N GLU A 322 -22.85 37.16 -35.71
CA GLU A 322 -22.04 37.80 -36.73
C GLU A 322 -22.27 37.13 -38.08
N ASN A 323 -22.12 37.90 -39.16
CA ASN A 323 -22.29 37.40 -40.52
C ASN A 323 -23.56 36.58 -40.68
N THR A 324 -24.64 37.07 -40.07
CA THR A 324 -25.86 36.29 -39.94
C THR A 324 -27.10 37.09 -40.29
N PHE A 325 -28.02 36.46 -41.00
CA PHE A 325 -29.37 36.98 -41.19
C PHE A 325 -30.10 36.80 -39.87
N ARG A 326 -30.15 37.87 -39.07
CA ARG A 326 -30.65 37.81 -37.70
C ARG A 326 -32.15 37.56 -37.45
N PRO A 327 -33.05 38.09 -38.30
CA PRO A 327 -34.48 37.78 -38.13
C PRO A 327 -34.76 36.29 -38.32
N PRO A 328 -35.95 35.83 -37.92
CA PRO A 328 -36.34 34.43 -38.21
C PRO A 328 -36.25 34.10 -39.69
N TRP A 329 -35.78 32.88 -40.00
CA TRP A 329 -35.67 32.45 -41.38
C TRP A 329 -37.02 32.16 -42.03
N PHE A 330 -37.05 32.21 -43.36
CA PHE A 330 -38.20 31.71 -44.09
C PHE A 330 -38.39 30.26 -43.68
N HIS A 331 -39.65 29.85 -43.55
CA HIS A 331 -39.96 28.64 -42.85
C HIS A 331 -41.21 27.94 -43.38
N ARG A 332 -41.17 26.62 -43.35
CA ARG A 332 -42.35 25.81 -43.58
C ARG A 332 -42.30 24.67 -42.57
N ASN A 333 -43.36 24.54 -41.79
CA ASN A 333 -43.34 23.72 -40.60
C ASN A 333 -44.46 22.67 -40.60
N LEU A 334 -44.14 21.45 -40.19
CA LEU A 334 -45.16 20.44 -39.95
C LEU A 334 -46.13 20.90 -38.86
N MET A 335 -45.58 21.66 -37.92
CA MET A 335 -46.30 22.11 -36.74
C MET A 335 -47.14 23.34 -37.08
N ASN A 336 -48.04 23.70 -36.17
CA ASN A 336 -48.93 24.84 -36.40
C ASN A 336 -48.61 25.98 -35.45
N GLU A 337 -48.38 27.17 -36.02
CA GLU A 337 -47.84 28.31 -35.26
C GLU A 337 -48.86 29.44 -35.05
N PHE A 338 -49.43 29.50 -33.83
CA PHE A 338 -50.29 30.59 -33.41
C PHE A 338 -49.53 31.65 -32.59
N MET A 339 -49.31 32.84 -33.16
CA MET A 339 -48.57 33.88 -32.46
C MET A 339 -49.40 35.03 -31.94
N GLY A 340 -48.99 35.57 -30.79
CA GLY A 340 -49.63 36.72 -30.20
C GLY A 340 -48.60 37.70 -29.67
N LEU A 341 -49.08 38.79 -29.08
CA LEU A 341 -48.18 39.85 -28.64
C LEU A 341 -48.69 40.45 -27.35
N ILE A 342 -47.83 40.47 -26.34
CA ILE A 342 -48.20 41.03 -25.04
C ILE A 342 -47.92 42.54 -24.99
N ASN A 343 -46.79 42.97 -25.53
CA ASN A 343 -46.47 44.38 -25.64
C ASN A 343 -45.33 44.65 -26.61
N GLY A 344 -45.24 45.88 -27.09
CA GLY A 344 -44.18 46.26 -28.02
C GLY A 344 -44.39 45.68 -29.41
N ALA A 345 -43.29 45.47 -30.13
CA ALA A 345 -43.33 45.03 -31.52
C ALA A 345 -42.52 43.76 -31.73
N TYR A 346 -42.96 42.90 -32.63
CA TYR A 346 -42.25 41.66 -32.90
C TYR A 346 -41.24 41.77 -34.05
N ASP A 347 -40.09 41.13 -33.87
CA ASP A 347 -38.93 41.25 -34.74
C ASP A 347 -39.14 40.76 -36.18
N ALA A 348 -40.16 39.94 -36.41
CA ALA A 348 -40.35 39.37 -37.74
C ALA A 348 -41.39 40.13 -38.57
N LYS A 349 -42.13 41.05 -37.95
CA LYS A 349 -43.16 41.79 -38.66
C LYS A 349 -42.95 43.30 -38.54
N ALA A 350 -42.97 43.98 -39.67
CA ALA A 350 -42.78 45.43 -39.71
C ALA A 350 -43.97 46.17 -39.09
N GLU A 351 -45.17 45.83 -39.55
CA GLU A 351 -46.39 46.40 -39.00
C GLU A 351 -47.58 45.47 -39.27
N GLY A 352 -48.73 45.81 -38.69
CA GLY A 352 -49.93 44.99 -38.82
C GLY A 352 -50.04 43.95 -37.71
N PHE A 353 -49.03 43.91 -36.84
CA PHE A 353 -48.98 42.97 -35.72
C PHE A 353 -48.83 43.77 -34.43
N LEU A 354 -49.94 43.92 -33.71
CA LEU A 354 -50.00 44.78 -32.53
C LEU A 354 -50.32 43.97 -31.29
N PRO A 355 -50.08 44.55 -30.10
CA PRO A 355 -50.46 43.86 -28.86
C PRO A 355 -51.95 43.51 -28.85
N GLY A 356 -52.24 42.23 -28.66
CA GLY A 356 -53.61 41.75 -28.70
C GLY A 356 -53.88 41.08 -30.03
N GLY A 357 -53.04 41.38 -31.01
CA GLY A 357 -53.15 40.75 -32.31
C GLY A 357 -52.88 39.26 -32.28
N ALA A 358 -53.03 38.62 -33.42
CA ALA A 358 -52.72 37.19 -33.52
C ALA A 358 -52.42 36.82 -34.96
N SER A 359 -51.59 35.80 -35.14
CA SER A 359 -51.39 35.22 -36.47
C SER A 359 -51.42 33.69 -36.40
N LEU A 360 -51.85 33.07 -37.50
CA LEU A 360 -51.86 31.63 -37.61
C LEU A 360 -51.20 31.21 -38.91
N HIS A 361 -50.07 30.50 -38.76
CA HIS A 361 -49.39 29.89 -39.90
C HIS A 361 -49.50 28.38 -39.74
N GLY A 362 -50.47 27.78 -40.41
CA GLY A 362 -50.77 26.36 -40.25
C GLY A 362 -49.75 25.48 -40.95
N VAL A 363 -49.95 24.16 -40.82
CA VAL A 363 -49.05 23.15 -41.41
C VAL A 363 -48.61 23.48 -42.83
N MET A 364 -47.30 23.56 -43.02
CA MET A 364 -46.65 23.84 -44.31
C MET A 364 -46.99 25.15 -45.01
N SER A 365 -47.63 26.07 -44.29
CA SER A 365 -47.84 27.41 -44.83
C SER A 365 -46.47 28.08 -44.92
N ALA A 366 -46.20 28.78 -46.01
CA ALA A 366 -44.92 29.47 -46.16
C ALA A 366 -44.92 30.81 -45.46
N HIS A 367 -44.04 30.96 -44.48
CA HIS A 367 -43.89 32.22 -43.77
C HIS A 367 -42.41 32.62 -43.67
N GLY A 368 -42.14 33.63 -42.86
CA GLY A 368 -40.83 34.25 -42.83
C GLY A 368 -41.00 35.74 -42.68
N PRO A 369 -39.91 36.50 -42.87
CA PRO A 369 -39.90 37.97 -42.77
C PRO A 369 -40.46 38.60 -44.05
N ASP A 370 -40.63 39.92 -44.07
CA ASP A 370 -41.06 40.63 -45.28
C ASP A 370 -39.87 41.25 -46.02
N ALA A 371 -40.11 41.92 -47.14
CA ALA A 371 -39.00 42.41 -47.96
C ALA A 371 -38.33 43.63 -47.34
N GLU A 372 -38.98 44.18 -46.31
CA GLU A 372 -38.48 45.34 -45.60
C GLU A 372 -37.59 44.89 -44.45
N THR A 373 -38.07 43.95 -43.66
CA THR A 373 -37.25 43.32 -42.63
C THR A 373 -36.05 42.63 -43.27
N CYS A 374 -36.31 41.95 -44.39
CA CYS A 374 -35.26 41.32 -45.21
C CYS A 374 -34.19 42.30 -45.64
N GLU A 375 -34.64 43.36 -46.29
CA GLU A 375 -33.75 44.38 -46.82
C GLU A 375 -32.82 44.94 -45.76
N LYS A 376 -33.41 45.42 -44.66
CA LYS A 376 -32.63 45.98 -43.57
C LYS A 376 -31.67 44.96 -42.99
N ALA A 377 -32.16 43.75 -42.78
CA ALA A 377 -31.35 42.68 -42.19
C ALA A 377 -30.15 42.29 -43.05
N ILE A 378 -30.36 42.15 -44.35
CA ILE A 378 -29.25 41.83 -45.24
C ILE A 378 -28.29 43.01 -45.33
N ALA A 379 -28.84 44.22 -45.29
CA ALA A 379 -28.04 45.43 -45.44
C ALA A 379 -27.31 45.87 -44.16
N ALA A 380 -27.89 45.56 -43.01
CA ALA A 380 -27.42 46.13 -41.75
C ALA A 380 -25.99 45.75 -41.37
N ASP A 381 -25.27 46.71 -40.81
CA ASP A 381 -23.98 46.42 -40.19
C ASP A 381 -24.31 45.72 -38.86
N LEU A 382 -23.60 44.65 -38.57
CA LEU A 382 -23.91 43.84 -37.39
C LEU A 382 -23.01 44.12 -36.19
N ALA A 383 -23.63 44.56 -35.10
CA ALA A 383 -22.95 44.72 -33.83
C ALA A 383 -23.91 44.16 -32.79
N PRO A 384 -23.43 43.94 -31.55
CA PRO A 384 -24.32 43.55 -30.46
C PRO A 384 -25.48 44.53 -30.34
N HIS A 385 -26.70 44.00 -30.24
CA HIS A 385 -27.89 44.82 -30.19
C HIS A 385 -28.89 44.19 -29.23
N LYS A 386 -29.33 44.97 -28.25
CA LYS A 386 -30.32 44.53 -27.28
C LYS A 386 -31.72 44.79 -27.81
N ILE A 387 -32.42 43.72 -28.18
CA ILE A 387 -33.85 43.80 -28.42
C ILE A 387 -34.55 43.98 -27.07
N ASP A 388 -35.44 44.95 -26.97
CA ASP A 388 -35.99 45.33 -25.68
C ASP A 388 -37.43 45.81 -25.77
N ASN A 389 -38.09 45.88 -24.62
CA ASN A 389 -39.43 46.45 -24.52
C ASN A 389 -40.43 45.78 -25.44
N THR A 390 -40.34 44.46 -25.49
CA THR A 390 -41.25 43.67 -26.29
C THR A 390 -41.46 42.35 -25.58
N MET A 391 -42.61 41.73 -25.79
CA MET A 391 -42.83 40.35 -25.41
C MET A 391 -43.89 39.76 -26.32
N ALA A 392 -43.45 38.86 -27.19
CA ALA A 392 -44.37 38.13 -28.06
C ALA A 392 -44.32 36.67 -27.64
N PHE A 393 -45.19 35.84 -28.21
CA PHE A 393 -45.22 34.44 -27.86
C PHE A 393 -45.87 33.61 -28.94
N MET A 394 -45.68 32.30 -28.84
CA MET A 394 -46.31 31.36 -29.73
C MET A 394 -46.95 30.20 -28.99
N PHE A 395 -48.14 29.83 -29.45
CA PHE A 395 -48.72 28.54 -29.11
C PHE A 395 -48.49 27.68 -30.36
N GLU A 396 -47.48 26.82 -30.34
CA GLU A 396 -47.24 25.92 -31.45
C GLU A 396 -47.86 24.57 -31.11
N THR A 397 -48.62 24.01 -32.04
CA THR A 397 -49.31 22.74 -31.81
C THR A 397 -49.00 21.72 -32.91
N SER A 398 -48.99 20.45 -32.56
CA SER A 398 -48.78 19.37 -33.52
C SER A 398 -50.00 19.13 -34.40
N GLN A 399 -51.19 19.20 -33.80
CA GLN A 399 -52.44 19.04 -34.56
C GLN A 399 -52.76 20.35 -35.27
N VAL A 400 -53.41 20.25 -36.42
CA VAL A 400 -53.85 21.41 -37.17
C VAL A 400 -54.78 22.28 -36.33
N LEU A 401 -54.61 23.61 -36.42
CA LEU A 401 -55.49 24.55 -35.75
C LEU A 401 -56.58 25.04 -36.71
N ARG A 402 -57.82 24.60 -36.48
CA ARG A 402 -58.96 25.05 -37.27
C ARG A 402 -59.53 26.36 -36.71
N PRO A 403 -59.42 27.46 -37.48
CA PRO A 403 -60.11 28.67 -37.03
C PRO A 403 -61.62 28.46 -36.93
N SER A 404 -62.22 29.09 -35.93
CA SER A 404 -63.66 29.09 -35.74
C SER A 404 -64.35 29.96 -36.77
N LEU A 405 -65.66 29.79 -36.91
CA LEU A 405 -66.44 30.66 -37.79
C LEU A 405 -66.36 32.11 -37.33
N GLN A 406 -66.40 32.33 -36.02
CA GLN A 406 -66.27 33.68 -35.46
C GLN A 406 -64.99 34.34 -35.93
N ALA A 407 -63.88 33.62 -35.77
CA ALA A 407 -62.57 34.15 -36.12
C ALA A 407 -62.51 34.50 -37.60
N LEU A 408 -63.11 33.67 -38.43
CA LEU A 408 -63.09 33.87 -39.88
C LEU A 408 -64.07 34.94 -40.36
N GLU A 409 -65.09 35.23 -39.55
CA GLU A 409 -66.10 36.22 -39.94
C GLU A 409 -65.98 37.51 -39.14
N CYS A 410 -64.93 37.65 -38.33
CA CYS A 410 -64.88 38.82 -37.47
C CYS A 410 -64.13 39.96 -38.16
N PRO A 411 -64.57 41.20 -37.90
CA PRO A 411 -64.01 42.41 -38.53
C PRO A 411 -62.51 42.60 -38.32
N GLN A 412 -61.95 41.92 -37.34
N GLN A 412 -61.94 41.94 -37.32
CA GLN A 412 -60.54 42.10 -37.01
CA GLN A 412 -60.52 42.10 -37.02
C GLN A 412 -59.60 41.25 -37.87
C GLN A 412 -59.59 41.27 -37.89
N LEU A 413 -60.16 40.33 -38.64
CA LEU A 413 -59.37 39.53 -39.57
C LEU A 413 -58.89 40.43 -40.71
N GLN A 414 -57.57 40.55 -40.87
CA GLN A 414 -57.01 41.39 -41.93
C GLN A 414 -57.19 40.75 -43.30
N ALA A 415 -57.64 41.55 -44.28
CA ALA A 415 -58.04 41.01 -45.56
C ALA A 415 -56.85 40.75 -46.47
N ASP A 416 -55.80 41.53 -46.27
CA ASP A 416 -54.68 41.51 -47.19
C ASP A 416 -53.35 41.19 -46.50
N TYR A 417 -53.37 40.14 -45.69
CA TYR A 417 -52.19 39.70 -44.96
C TYR A 417 -51.07 39.21 -45.89
N ASP A 418 -51.45 38.56 -46.99
CA ASP A 418 -50.46 37.99 -47.90
C ASP A 418 -49.62 39.07 -48.55
N SER A 419 -50.17 40.28 -48.60
CA SER A 419 -49.51 41.39 -49.29
C SER A 419 -48.23 41.80 -48.58
N CYS A 420 -48.10 41.41 -47.32
CA CYS A 420 -46.87 41.65 -46.57
C CYS A 420 -45.65 40.98 -47.22
N TRP A 421 -45.88 39.93 -48.00
CA TRP A 421 -44.76 39.23 -48.65
C TRP A 421 -44.63 39.54 -50.15
N ALA A 422 -45.53 40.36 -50.68
CA ALA A 422 -45.63 40.54 -52.13
C ALA A 422 -44.41 41.18 -52.80
N THR A 423 -43.71 42.05 -52.08
CA THR A 423 -42.63 42.82 -52.69
C THR A 423 -41.24 42.18 -52.55
N LEU A 424 -41.20 40.94 -52.04
CA LEU A 424 -39.93 40.20 -51.96
C LEU A 424 -39.30 40.12 -53.34
N PRO A 425 -38.06 40.63 -53.47
CA PRO A 425 -37.39 40.64 -54.77
C PRO A 425 -36.43 39.47 -54.97
N SER A 426 -36.19 39.14 -56.22
CA SER A 426 -35.12 38.23 -56.57
C SER A 426 -33.82 39.02 -56.62
N THR A 427 -32.89 38.68 -55.74
CA THR A 427 -31.55 39.28 -55.72
C THR A 427 -30.53 38.28 -56.26
N PHE A 428 -31.04 37.28 -56.96
CA PHE A 428 -30.23 36.19 -57.45
C PHE A 428 -29.39 36.63 -58.63
N ASN A 429 -28.11 36.28 -58.59
CA ASN A 429 -27.21 36.48 -59.73
C ASN A 429 -26.32 35.26 -59.94
N PRO A 430 -26.65 34.42 -60.93
CA PRO A 430 -25.97 33.16 -61.28
C PRO A 430 -24.47 33.30 -61.45
N ASN A 431 -23.99 34.51 -61.68
CA ASN A 431 -22.60 34.69 -62.06
C ASN A 431 -21.73 35.55 -61.15
N ARG A 432 -22.23 35.86 -59.96
CA ARG A 432 -21.36 36.32 -58.88
C ARG A 432 -21.77 35.71 -57.53
N ARG A 433 -20.82 34.98 -56.95
CA ARG A 433 -21.01 34.26 -55.70
C ARG A 433 -21.34 35.21 -54.54
N ASP B 8 -28.72 11.07 -68.40
CA ASP B 8 -29.69 10.74 -67.35
C ASP B 8 -29.48 11.57 -66.08
N LEU B 9 -30.10 11.11 -64.99
CA LEU B 9 -30.12 11.89 -63.75
C LEU B 9 -29.17 11.30 -62.73
N HIS B 10 -28.51 12.17 -61.96
CA HIS B 10 -27.61 11.73 -60.89
C HIS B 10 -28.34 11.74 -59.57
N TYR B 11 -27.97 10.81 -58.69
CA TYR B 11 -28.65 10.63 -57.42
C TYR B 11 -27.66 10.55 -56.27
N LEU B 12 -28.13 10.87 -55.07
CA LEU B 12 -27.35 10.67 -53.84
C LEU B 12 -27.90 9.46 -53.09
N SER B 13 -27.01 8.60 -52.59
CA SER B 13 -27.44 7.36 -51.92
C SER B 13 -27.40 7.45 -50.39
N GLY B 14 -28.26 6.67 -49.73
CA GLY B 14 -28.17 6.52 -48.29
C GLY B 14 -29.40 6.98 -47.51
N PHE B 15 -30.32 6.05 -47.26
CA PHE B 15 -31.55 6.36 -46.55
C PHE B 15 -31.30 7.10 -45.23
N GLY B 16 -31.89 8.28 -45.06
CA GLY B 16 -31.80 9.01 -43.81
C GLY B 16 -30.60 9.92 -43.70
N ASN B 17 -29.74 9.92 -44.71
CA ASN B 17 -28.57 10.79 -44.72
C ASN B 17 -28.84 12.29 -44.58
N GLU B 18 -27.87 12.97 -43.99
CA GLU B 18 -27.77 14.42 -44.08
C GLU B 18 -27.08 14.71 -45.42
N PHE B 19 -27.87 15.00 -46.45
CA PHE B 19 -27.34 15.23 -47.79
C PHE B 19 -26.92 16.70 -47.96
N ALA B 20 -26.09 16.95 -48.97
CA ALA B 20 -25.72 18.30 -49.35
C ALA B 20 -25.56 18.36 -50.86
N SER B 21 -26.26 19.29 -51.51
CA SER B 21 -26.24 19.38 -52.96
C SER B 21 -26.34 20.85 -53.41
N GLU B 22 -25.55 21.22 -54.42
CA GLU B 22 -25.60 22.57 -54.95
C GLU B 22 -25.47 22.58 -56.48
N ALA B 23 -26.35 23.35 -57.14
CA ALA B 23 -26.35 23.43 -58.60
C ALA B 23 -25.27 24.37 -59.13
N LEU B 24 -24.89 25.35 -58.32
CA LEU B 24 -23.77 26.23 -58.63
C LEU B 24 -22.72 26.07 -57.55
N PRO B 25 -21.43 26.18 -57.92
CA PRO B 25 -20.34 25.98 -56.95
C PRO B 25 -20.41 26.96 -55.80
N GLY B 26 -20.40 26.43 -54.59
CA GLY B 26 -20.38 27.26 -53.39
C GLY B 26 -21.73 27.88 -53.07
N ALA B 27 -22.79 27.37 -53.71
CA ALA B 27 -24.12 27.91 -53.43
C ALA B 27 -24.55 27.59 -51.99
N LEU B 28 -24.01 26.53 -51.39
CA LEU B 28 -24.24 26.24 -49.98
C LEU B 28 -23.30 27.05 -49.10
N PRO B 29 -23.86 27.80 -48.14
CA PRO B 29 -23.00 28.54 -47.22
C PRO B 29 -22.15 27.53 -46.45
N VAL B 30 -20.87 27.81 -46.29
CA VAL B 30 -20.04 26.88 -45.56
C VAL B 30 -19.92 27.34 -44.12
N GLY B 31 -20.13 26.39 -43.19
CA GLY B 31 -19.90 26.65 -41.78
C GLY B 31 -21.13 27.13 -41.04
N GLN B 32 -22.19 27.44 -41.78
CA GLN B 32 -23.42 27.95 -41.20
C GLN B 32 -24.63 27.71 -42.11
N ASN B 33 -25.81 28.00 -41.59
CA ASN B 33 -27.04 27.84 -42.36
C ASN B 33 -27.67 29.17 -42.78
N SER B 34 -27.40 30.23 -42.00
CA SER B 34 -28.08 31.52 -42.21
C SER B 34 -27.12 32.71 -42.28
N PRO B 35 -26.38 32.83 -43.40
CA PRO B 35 -25.48 33.97 -43.59
C PRO B 35 -26.30 35.23 -43.81
N GLN B 36 -25.69 36.38 -43.54
CA GLN B 36 -26.35 37.64 -43.82
C GLN B 36 -26.36 37.87 -45.32
N LYS B 37 -25.22 37.62 -45.95
CA LYS B 37 -25.08 37.78 -47.39
C LYS B 37 -24.93 36.43 -48.07
N ALA B 38 -26.05 35.75 -48.28
CA ALA B 38 -26.03 34.38 -48.78
C ALA B 38 -25.45 34.31 -50.18
N PRO B 39 -24.69 33.25 -50.47
CA PRO B 39 -24.05 33.01 -51.77
C PRO B 39 -25.03 33.23 -52.91
N TYR B 40 -24.56 33.87 -53.97
CA TYR B 40 -25.39 34.16 -55.14
C TYR B 40 -26.62 35.04 -54.87
N GLY B 41 -26.72 35.61 -53.68
CA GLY B 41 -27.86 36.44 -53.35
C GLY B 41 -29.15 35.64 -53.11
N LEU B 42 -29.00 34.39 -52.70
CA LEU B 42 -30.15 33.52 -52.48
C LEU B 42 -30.78 33.70 -51.09
N TYR B 43 -32.00 33.20 -50.93
CA TYR B 43 -32.66 33.21 -49.63
C TYR B 43 -32.57 31.83 -48.98
N ALA B 44 -32.15 31.81 -47.72
CA ALA B 44 -32.26 30.62 -46.90
C ALA B 44 -33.72 30.37 -46.51
N GLU B 45 -34.12 29.11 -46.53
CA GLU B 45 -35.46 28.72 -46.13
C GLU B 45 -35.43 27.33 -45.48
N LEU B 46 -36.08 27.18 -44.33
CA LEU B 46 -36.06 25.93 -43.59
C LEU B 46 -37.37 25.16 -43.75
N LEU B 47 -37.24 23.93 -44.22
CA LEU B 47 -38.40 23.05 -44.34
C LEU B 47 -38.32 22.03 -43.22
N SER B 48 -39.12 22.23 -42.18
CA SER B 48 -39.12 21.34 -41.02
C SER B 48 -40.16 20.21 -41.14
N GLY B 49 -39.70 19.00 -41.41
CA GLY B 49 -40.60 17.87 -41.65
C GLY B 49 -41.16 17.28 -40.37
N THR B 50 -40.50 17.60 -39.26
CA THR B 50 -40.88 17.14 -37.95
C THR B 50 -40.78 18.29 -36.94
N ALA B 51 -41.37 18.08 -35.76
CA ALA B 51 -41.15 18.95 -34.62
C ALA B 51 -39.65 19.17 -34.36
N PHE B 52 -39.30 20.35 -33.86
CA PHE B 52 -37.88 20.69 -33.66
C PHE B 52 -37.24 19.73 -32.68
N THR B 53 -38.03 19.24 -31.72
CA THR B 53 -37.51 18.46 -30.61
C THR B 53 -37.49 16.94 -30.78
N MET B 54 -37.71 16.45 -31.98
CA MET B 54 -37.59 15.02 -32.20
C MET B 54 -36.17 14.53 -31.89
N ALA B 55 -36.05 13.28 -31.48
CA ALA B 55 -34.75 12.62 -31.40
C ALA B 55 -34.10 12.75 -32.77
N ARG B 56 -32.78 12.92 -32.80
CA ARG B 56 -32.07 13.12 -34.07
C ARG B 56 -32.30 12.00 -35.09
N SER B 57 -32.54 10.79 -34.60
CA SER B 57 -32.87 9.66 -35.46
C SER B 57 -34.24 9.86 -36.10
N GLU B 58 -35.08 10.66 -35.44
N GLU B 58 -35.08 10.65 -35.43
CA GLU B 58 -36.43 10.92 -35.92
CA GLU B 58 -36.44 10.93 -35.90
C GLU B 58 -36.54 12.26 -36.64
C GLU B 58 -36.55 12.27 -36.62
N LEU B 59 -35.47 13.04 -36.63
CA LEU B 59 -35.50 14.37 -37.22
C LEU B 59 -35.47 14.34 -38.75
N ARG B 60 -36.34 15.15 -39.36
CA ARG B 60 -36.31 15.40 -40.81
C ARG B 60 -36.43 16.91 -41.09
N ARG B 61 -35.35 17.55 -41.54
CA ARG B 61 -35.42 18.97 -41.91
C ARG B 61 -34.43 19.26 -42.99
N THR B 62 -34.81 20.14 -43.91
CA THR B 62 -33.95 20.48 -45.03
C THR B 62 -33.82 21.97 -45.20
N TRP B 63 -32.57 22.43 -45.30
CA TRP B 63 -32.29 23.84 -45.57
C TRP B 63 -32.27 24.09 -47.07
N LEU B 64 -33.01 25.12 -47.49
CA LEU B 64 -33.13 25.46 -48.90
C LEU B 64 -32.46 26.80 -49.21
N TYR B 65 -31.80 26.88 -50.36
CA TYR B 65 -31.18 28.13 -50.80
C TYR B 65 -31.70 28.46 -52.18
N ARG B 66 -32.64 29.41 -52.21
CA ARG B 66 -33.54 29.57 -53.34
C ARG B 66 -33.70 31.01 -53.80
N ILE B 67 -34.14 31.16 -55.05
CA ILE B 67 -34.20 32.45 -55.72
C ILE B 67 -35.26 33.35 -55.11
N ARG B 68 -36.45 32.82 -54.90
CA ARG B 68 -37.52 33.54 -54.21
C ARG B 68 -38.08 32.70 -53.07
N PRO B 69 -38.38 33.34 -51.93
CA PRO B 69 -38.89 32.59 -50.80
C PRO B 69 -40.28 32.04 -51.11
N SER B 70 -40.63 30.94 -50.47
CA SER B 70 -41.91 30.31 -50.71
C SER B 70 -43.03 31.22 -50.23
N ALA B 71 -42.72 32.09 -49.28
CA ALA B 71 -43.72 32.99 -48.69
C ALA B 71 -44.29 33.96 -49.72
N LEU B 72 -43.53 34.20 -50.79
CA LEU B 72 -43.99 35.10 -51.84
C LEU B 72 -45.07 34.41 -52.68
N HIS B 73 -46.31 34.55 -52.23
CA HIS B 73 -47.47 34.06 -52.96
C HIS B 73 -48.73 34.81 -52.51
N PRO B 74 -49.70 34.94 -53.42
CA PRO B 74 -50.95 35.60 -53.02
C PRO B 74 -51.90 34.57 -52.42
N ARG B 75 -53.00 35.03 -51.86
CA ARG B 75 -53.99 34.17 -51.21
C ARG B 75 -54.39 32.92 -52.02
N PHE B 76 -54.44 31.77 -51.35
CA PHE B 76 -54.93 30.55 -51.97
C PHE B 76 -56.46 30.57 -52.07
N GLU B 77 -56.97 30.05 -53.16
CA GLU B 77 -58.42 29.98 -53.37
C GLU B 77 -58.84 28.57 -53.69
N ARG B 78 -60.01 28.19 -53.19
CA ARG B 78 -60.50 26.84 -53.38
C ARG B 78 -60.82 26.62 -54.86
N LEU B 79 -60.35 25.51 -55.43
CA LEU B 79 -60.68 25.19 -56.83
C LEU B 79 -62.07 24.58 -56.89
N ALA B 80 -62.74 24.75 -58.03
CA ALA B 80 -64.03 24.09 -58.27
C ALA B 80 -63.84 22.58 -58.37
N ARG B 81 -62.78 22.16 -59.04
CA ARG B 81 -62.50 20.75 -59.28
C ARG B 81 -61.84 20.07 -58.08
N GLN B 82 -62.57 19.16 -57.43
CA GLN B 82 -62.07 18.44 -56.26
C GLN B 82 -62.17 16.93 -56.43
N PRO B 83 -61.06 16.27 -56.80
CA PRO B 83 -61.07 14.81 -57.00
C PRO B 83 -61.40 14.07 -55.70
N LEU B 84 -61.08 14.68 -54.57
CA LEU B 84 -61.05 13.94 -53.32
C LEU B 84 -62.24 14.26 -52.42
N GLY B 85 -63.28 14.85 -52.99
CA GLY B 85 -64.41 15.34 -52.20
C GLY B 85 -65.57 14.38 -51.95
N GLY B 86 -65.49 13.17 -52.49
CA GLY B 86 -66.55 12.19 -52.32
C GLY B 86 -66.67 11.65 -50.91
N PRO B 87 -67.89 11.27 -50.51
CA PRO B 87 -68.22 10.72 -49.19
C PRO B 87 -67.59 9.36 -48.89
N LEU B 88 -67.34 9.09 -47.60
CA LEU B 88 -66.98 7.75 -47.17
C LEU B 88 -68.15 6.83 -47.47
N GLY B 89 -67.85 5.59 -47.83
CA GLY B 89 -68.88 4.64 -48.19
C GLY B 89 -69.56 4.09 -46.96
N GLY B 90 -70.61 3.31 -47.17
CA GLY B 90 -71.33 2.74 -46.05
C GLY B 90 -70.48 1.77 -45.24
N ILE B 91 -70.96 1.41 -44.06
CA ILE B 91 -70.31 0.37 -43.27
C ILE B 91 -70.52 -0.97 -43.96
N ASN B 92 -69.44 -1.72 -44.12
CA ASN B 92 -69.45 -2.99 -44.83
C ASN B 92 -68.18 -3.79 -44.49
N PRO B 93 -68.35 -4.90 -43.76
CA PRO B 93 -67.25 -5.73 -43.27
C PRO B 93 -66.76 -6.74 -44.32
N ASN B 94 -67.37 -6.74 -45.49
CA ASN B 94 -67.08 -7.74 -46.51
C ASN B 94 -65.68 -7.68 -47.12
N ARG B 95 -65.17 -8.85 -47.48
CA ARG B 95 -63.96 -8.96 -48.27
C ARG B 95 -64.22 -8.37 -49.65
N LEU B 96 -63.35 -7.47 -50.10
CA LEU B 96 -63.57 -6.75 -51.35
C LEU B 96 -62.42 -6.92 -52.34
N ARG B 97 -62.76 -7.07 -53.62
CA ARG B 97 -61.76 -7.13 -54.67
C ARG B 97 -62.16 -6.30 -55.88
N TRP B 98 -61.26 -5.45 -56.33
CA TRP B 98 -61.49 -4.64 -57.51
C TRP B 98 -60.60 -5.12 -58.65
N SER B 99 -61.13 -5.05 -59.88
CA SER B 99 -60.35 -5.20 -61.09
C SER B 99 -59.61 -3.88 -61.36
N PRO B 100 -58.61 -3.88 -62.27
CA PRO B 100 -57.87 -2.64 -62.53
C PRO B 100 -58.74 -1.44 -62.93
N GLN B 101 -58.32 -0.25 -62.52
CA GLN B 101 -59.04 0.98 -62.81
C GLN B 101 -58.68 1.53 -64.17
N PRO B 102 -59.68 1.77 -65.04
CA PRO B 102 -59.33 2.33 -66.34
C PRO B 102 -58.98 3.80 -66.24
N ILE B 103 -58.11 4.26 -67.13
CA ILE B 103 -57.81 5.66 -67.23
C ILE B 103 -59.03 6.43 -67.77
N PRO B 104 -59.43 7.50 -67.07
CA PRO B 104 -60.56 8.32 -67.53
C PRO B 104 -60.26 8.94 -68.88
N ALA B 105 -61.32 9.32 -69.60
CA ALA B 105 -61.16 9.96 -70.89
C ALA B 105 -60.82 11.45 -70.75
N GLU B 106 -61.55 12.15 -69.89
CA GLU B 106 -61.36 13.59 -69.71
C GLU B 106 -59.91 13.93 -69.31
N PRO B 107 -59.46 15.13 -69.65
CA PRO B 107 -58.09 15.55 -69.28
C PRO B 107 -57.87 15.48 -67.77
N THR B 108 -56.86 14.72 -67.36
CA THR B 108 -56.62 14.46 -65.95
C THR B 108 -55.13 14.35 -65.67
N ASP B 109 -54.55 15.33 -64.98
CA ASP B 109 -53.17 15.24 -64.56
C ASP B 109 -53.00 14.35 -63.32
N PHE B 110 -51.80 14.34 -62.75
CA PHE B 110 -51.49 13.39 -61.69
C PHE B 110 -52.30 13.68 -60.41
N ILE B 111 -52.35 14.93 -59.99
CA ILE B 111 -53.12 15.26 -58.78
C ILE B 111 -54.63 15.16 -58.96
N GLU B 112 -55.12 15.36 -60.19
CA GLU B 112 -56.55 15.26 -60.47
C GLU B 112 -56.99 13.81 -60.58
N GLY B 113 -56.02 12.92 -60.79
CA GLY B 113 -56.32 11.52 -61.08
C GLY B 113 -56.46 10.57 -59.92
N TRP B 114 -56.29 11.04 -58.69
CA TRP B 114 -56.38 10.14 -57.53
C TRP B 114 -57.80 9.62 -57.29
N LEU B 115 -57.95 8.30 -57.29
CA LEU B 115 -59.23 7.67 -56.96
C LEU B 115 -59.17 7.12 -55.54
N PRO B 116 -59.96 7.69 -54.63
CA PRO B 116 -59.98 7.19 -53.25
C PRO B 116 -60.46 5.74 -53.20
N MET B 117 -59.62 4.85 -52.70
CA MET B 117 -60.01 3.46 -52.59
C MET B 117 -60.50 3.17 -51.17
N ALA B 118 -59.65 3.46 -50.19
CA ALA B 118 -60.01 3.30 -48.78
C ALA B 118 -59.11 4.18 -47.91
N ALA B 119 -59.61 4.60 -46.75
CA ALA B 119 -58.88 5.52 -45.88
C ALA B 119 -59.25 5.31 -44.41
N ASN B 120 -58.33 5.58 -43.50
CA ASN B 120 -58.65 5.42 -42.08
C ASN B 120 -59.68 6.45 -41.60
N ALA B 121 -59.77 7.58 -42.29
CA ALA B 121 -60.66 8.67 -41.86
C ALA B 121 -61.14 9.54 -43.03
N GLY B 122 -62.15 10.37 -42.76
CA GLY B 122 -62.61 11.35 -43.73
C GLY B 122 -61.46 12.19 -44.25
N ALA B 123 -61.52 12.56 -45.53
CA ALA B 123 -60.43 13.30 -46.14
C ALA B 123 -60.24 14.68 -45.50
N GLU B 124 -61.29 15.18 -44.85
CA GLU B 124 -61.30 16.50 -44.24
C GLU B 124 -60.67 16.49 -42.85
N LYS B 125 -60.45 15.28 -42.32
CA LYS B 125 -59.81 15.07 -41.03
C LYS B 125 -58.76 14.00 -41.18
N PRO B 126 -57.66 14.30 -41.89
CA PRO B 126 -56.66 13.26 -42.22
C PRO B 126 -56.02 12.65 -40.96
N ALA B 127 -56.02 11.32 -40.91
CA ALA B 127 -55.40 10.57 -39.83
C ALA B 127 -55.01 9.21 -40.39
N GLY B 128 -53.94 8.63 -39.87
CA GLY B 128 -53.51 7.29 -40.27
C GLY B 128 -53.03 7.22 -41.70
N VAL B 129 -53.75 6.46 -42.53
CA VAL B 129 -53.41 6.29 -43.94
C VAL B 129 -54.63 6.51 -44.87
N SER B 130 -54.41 7.17 -46.00
CA SER B 130 -55.41 7.18 -47.07
C SER B 130 -54.85 6.54 -48.34
N ILE B 131 -55.62 5.64 -48.93
CA ILE B 131 -55.15 4.89 -50.10
C ILE B 131 -55.92 5.29 -51.35
N TYR B 132 -55.18 5.55 -52.43
CA TYR B 132 -55.75 5.94 -53.71
C TYR B 132 -55.16 5.09 -54.82
N ILE B 133 -55.86 5.04 -55.95
CA ILE B 133 -55.21 4.60 -57.19
C ILE B 133 -55.20 5.79 -58.16
N TYR B 134 -54.02 6.21 -58.60
CA TYR B 134 -53.97 7.33 -59.54
C TYR B 134 -54.09 6.90 -61.00
N ARG B 135 -54.79 7.72 -61.76
CA ARG B 135 -54.98 7.51 -63.19
C ARG B 135 -54.81 8.88 -63.85
N ALA B 136 -53.84 9.00 -64.74
CA ALA B 136 -53.51 10.28 -65.34
C ALA B 136 -53.25 10.14 -66.85
N ASN B 137 -53.64 11.17 -67.60
CA ASN B 137 -53.41 11.20 -69.04
C ASN B 137 -52.85 12.53 -69.52
N ARG B 138 -52.46 13.36 -68.55
CA ARG B 138 -51.83 14.64 -68.85
C ARG B 138 -50.62 14.80 -67.95
N SER B 139 -49.57 15.41 -68.48
CA SER B 139 -48.46 15.83 -67.64
C SER B 139 -48.93 17.05 -66.88
N MET B 140 -48.32 17.31 -65.72
CA MET B 140 -48.71 18.48 -64.93
C MET B 140 -48.06 19.75 -65.46
N GLU B 141 -48.90 20.76 -65.73
CA GLU B 141 -48.42 22.10 -66.02
C GLU B 141 -48.83 23.03 -64.89
N ARG B 142 -48.49 22.59 -63.69
CA ARG B 142 -48.58 23.38 -62.48
C ARG B 142 -47.76 22.66 -61.43
N VAL B 143 -47.54 23.32 -60.29
CA VAL B 143 -46.75 22.73 -59.21
C VAL B 143 -47.68 22.44 -58.02
N PHE B 144 -47.32 21.46 -57.19
CA PHE B 144 -48.21 20.96 -56.14
C PHE B 144 -47.45 20.60 -54.86
N PHE B 145 -48.05 20.85 -53.71
CA PHE B 145 -47.60 20.22 -52.46
C PHE B 145 -48.78 19.72 -51.64
N ASN B 146 -48.59 18.58 -51.01
CA ASN B 146 -49.60 18.00 -50.16
C ASN B 146 -49.31 18.38 -48.71
N ALA B 147 -50.27 19.04 -48.06
CA ALA B 147 -50.06 19.45 -46.68
C ALA B 147 -50.63 18.44 -45.68
N ASP B 148 -51.35 17.46 -46.17
CA ASP B 148 -51.97 16.49 -45.31
C ASP B 148 -51.06 15.28 -45.00
N GLY B 149 -49.96 15.16 -45.73
CA GLY B 149 -49.02 14.11 -45.38
C GLY B 149 -48.00 13.73 -46.42
N GLU B 150 -47.34 12.62 -46.14
CA GLU B 150 -46.27 12.08 -46.95
C GLU B 150 -46.88 11.15 -47.96
N LEU B 151 -46.35 11.17 -49.17
CA LEU B 151 -46.88 10.38 -50.28
C LEU B 151 -45.93 9.24 -50.63
N LEU B 152 -46.40 8.01 -50.55
CA LEU B 152 -45.67 6.88 -51.10
C LEU B 152 -46.29 6.43 -52.44
N LEU B 153 -45.49 6.52 -53.50
CA LEU B 153 -45.93 6.26 -54.87
C LEU B 153 -45.46 4.89 -55.36
N VAL B 154 -46.39 4.14 -55.94
CA VAL B 154 -46.12 2.80 -56.45
C VAL B 154 -46.67 2.68 -57.88
N PRO B 155 -45.89 3.12 -58.88
CA PRO B 155 -46.32 3.06 -60.28
C PRO B 155 -46.64 1.62 -60.69
N GLU B 156 -47.63 1.47 -61.57
CA GLU B 156 -47.98 0.15 -62.07
C GLU B 156 -47.93 0.12 -63.61
N GLN B 157 -48.25 1.24 -64.23
CA GLN B 157 -48.10 1.42 -65.68
C GLN B 157 -47.61 2.81 -65.99
N GLY B 158 -46.56 2.91 -66.80
CA GLY B 158 -46.05 4.21 -67.23
C GLY B 158 -45.01 4.74 -66.27
N ARG B 159 -43.98 5.37 -66.82
CA ARG B 159 -42.94 5.98 -66.03
C ARG B 159 -43.31 7.41 -65.70
N LEU B 160 -42.92 7.84 -64.51
CA LEU B 160 -43.13 9.20 -64.07
C LEU B 160 -41.80 9.91 -64.08
N ARG B 161 -41.84 11.18 -64.44
CA ARG B 161 -40.69 12.03 -64.23
C ARG B 161 -41.13 13.08 -63.23
N ILE B 162 -40.55 13.03 -62.04
CA ILE B 162 -41.02 13.84 -60.93
C ILE B 162 -40.05 14.97 -60.62
N ALA B 163 -40.48 16.20 -60.90
CA ALA B 163 -39.68 17.37 -60.58
C ALA B 163 -40.03 17.93 -59.22
N THR B 164 -39.10 17.83 -58.27
CA THR B 164 -39.35 18.34 -56.93
C THR B 164 -38.42 19.50 -56.62
N GLU B 165 -38.62 20.11 -55.45
CA GLU B 165 -37.75 21.20 -55.01
C GLU B 165 -36.29 20.82 -54.93
N LEU B 166 -36.01 19.54 -54.69
CA LEU B 166 -34.64 19.12 -54.43
C LEU B 166 -34.00 18.53 -55.67
N GLY B 167 -34.80 18.41 -56.73
CA GLY B 167 -34.29 17.85 -57.96
C GLY B 167 -35.27 16.90 -58.62
N VAL B 168 -34.87 16.35 -59.76
CA VAL B 168 -35.74 15.53 -60.58
C VAL B 168 -35.46 14.05 -60.38
N MET B 169 -36.52 13.27 -60.19
CA MET B 169 -36.35 11.82 -60.16
C MET B 169 -37.36 11.13 -61.05
N GLU B 170 -36.91 10.08 -61.72
CA GLU B 170 -37.76 9.30 -62.59
C GLU B 170 -38.03 7.94 -61.96
N VAL B 171 -39.28 7.52 -62.04
CA VAL B 171 -39.76 6.30 -61.40
C VAL B 171 -40.57 5.46 -62.39
N GLU B 172 -40.21 4.18 -62.51
CA GLU B 172 -40.96 3.26 -63.37
C GLU B 172 -41.56 2.16 -62.48
N PRO B 173 -42.56 1.42 -63.00
CA PRO B 173 -43.01 0.22 -62.29
C PRO B 173 -41.83 -0.65 -61.82
N LEU B 174 -41.98 -1.25 -60.65
CA LEU B 174 -40.92 -1.98 -59.90
C LEU B 174 -40.02 -1.06 -59.08
N GLU B 175 -40.22 0.23 -59.22
CA GLU B 175 -39.61 1.22 -58.32
C GLU B 175 -40.70 1.90 -57.48
N ILE B 176 -40.32 2.49 -56.36
CA ILE B 176 -41.25 3.32 -55.57
C ILE B 176 -40.64 4.69 -55.30
N ALA B 177 -41.47 5.66 -54.99
CA ALA B 177 -40.99 7.01 -54.73
C ALA B 177 -41.72 7.58 -53.53
N VAL B 178 -41.02 8.35 -52.71
CA VAL B 178 -41.65 9.02 -51.58
C VAL B 178 -41.45 10.53 -51.69
N ILE B 179 -42.53 11.28 -51.50
CA ILE B 179 -42.47 12.73 -51.43
C ILE B 179 -42.89 13.21 -50.05
N PRO B 180 -42.00 13.91 -49.34
CA PRO B 180 -42.30 14.43 -48.01
C PRO B 180 -43.45 15.42 -48.01
N ARG B 181 -44.20 15.42 -46.91
CA ARG B 181 -45.33 16.31 -46.74
C ARG B 181 -44.88 17.73 -47.00
N GLY B 182 -45.68 18.51 -47.70
CA GLY B 182 -45.39 19.91 -47.92
C GLY B 182 -44.36 20.23 -49.00
N MET B 183 -43.60 19.23 -49.44
CA MET B 183 -42.60 19.47 -50.49
C MET B 183 -43.25 19.66 -51.86
N LYS B 184 -42.79 20.64 -52.64
CA LYS B 184 -43.41 20.96 -53.94
C LYS B 184 -42.88 20.13 -55.11
N PHE B 185 -43.78 19.68 -55.98
CA PHE B 185 -43.37 18.84 -57.11
C PHE B 185 -44.31 18.90 -58.32
N ARG B 186 -43.82 18.36 -59.43
CA ARG B 186 -44.54 18.39 -60.71
C ARG B 186 -44.31 17.05 -61.41
N VAL B 187 -45.39 16.35 -61.72
CA VAL B 187 -45.30 15.05 -62.38
C VAL B 187 -45.50 15.13 -63.90
N GLU B 188 -44.47 14.74 -64.64
CA GLU B 188 -44.59 14.59 -66.09
C GLU B 188 -44.75 13.12 -66.46
N LEU B 189 -45.73 12.83 -67.31
CA LEU B 189 -45.94 11.46 -67.79
C LEU B 189 -45.06 11.17 -69.02
N LEU B 190 -44.05 10.33 -68.84
CA LEU B 190 -43.10 10.02 -69.90
C LEU B 190 -43.73 9.14 -70.99
N ASP B 191 -44.81 8.45 -70.62
CA ASP B 191 -45.43 7.51 -71.52
C ASP B 191 -46.85 7.90 -71.94
N GLY B 192 -47.16 9.19 -71.84
CA GLY B 192 -48.44 9.70 -72.27
C GLY B 192 -49.51 9.55 -71.22
N GLN B 193 -49.55 8.38 -70.61
CA GLN B 193 -50.45 8.16 -69.48
C GLN B 193 -49.80 7.28 -68.41
N ALA B 194 -50.43 7.19 -67.26
CA ALA B 194 -49.85 6.49 -66.13
C ALA B 194 -50.91 6.00 -65.15
N ARG B 195 -50.59 4.89 -64.47
CA ARG B 195 -51.48 4.36 -63.45
C ARG B 195 -50.67 3.73 -62.31
N GLY B 196 -51.13 3.92 -61.08
CA GLY B 196 -50.43 3.34 -59.95
C GLY B 196 -51.15 3.53 -58.63
N TYR B 197 -50.45 3.18 -57.55
CA TYR B 197 -51.03 3.21 -56.22
C TYR B 197 -50.35 4.28 -55.37
N ILE B 198 -51.12 4.77 -54.40
CA ILE B 198 -50.63 5.77 -53.46
C ILE B 198 -51.04 5.40 -52.06
N ALA B 199 -50.06 5.38 -51.15
CA ALA B 199 -50.34 5.41 -49.72
C ALA B 199 -50.03 6.83 -49.22
N GLU B 200 -51.06 7.57 -48.82
CA GLU B 200 -50.84 8.89 -48.25
C GLU B 200 -50.66 8.72 -46.76
N ASN B 201 -49.45 8.91 -46.27
CA ASN B 201 -49.17 8.72 -44.84
C ASN B 201 -49.36 9.98 -44.00
N HIS B 202 -50.40 10.00 -43.19
CA HIS B 202 -50.70 11.15 -42.33
C HIS B 202 -49.98 11.10 -41.01
N GLY B 203 -49.29 9.98 -40.73
CA GLY B 203 -48.64 9.77 -39.45
C GLY B 203 -47.13 9.96 -39.45
N ALA B 204 -46.43 9.22 -38.59
CA ALA B 204 -44.98 9.33 -38.51
C ALA B 204 -44.37 8.91 -39.84
N PRO B 205 -43.34 9.64 -40.29
CA PRO B 205 -42.75 9.38 -41.61
C PRO B 205 -42.29 7.93 -41.81
N LEU B 206 -42.54 7.40 -43.02
CA LEU B 206 -42.03 6.08 -43.40
C LEU B 206 -40.51 5.99 -43.20
N ARG B 207 -40.07 4.88 -42.63
CA ARG B 207 -38.64 4.62 -42.49
C ARG B 207 -38.31 3.14 -42.50
N LEU B 208 -37.02 2.81 -42.40
CA LEU B 208 -36.63 1.40 -42.41
C LEU B 208 -37.10 0.62 -41.17
N PRO B 209 -37.58 -0.61 -41.37
CA PRO B 209 -37.98 -1.39 -40.21
C PRO B 209 -36.78 -1.79 -39.37
N ASP B 210 -37.02 -1.94 -38.07
CA ASP B 210 -36.10 -2.54 -37.13
C ASP B 210 -35.87 -3.96 -37.62
N LEU B 211 -34.61 -4.34 -37.86
CA LEU B 211 -34.31 -5.64 -38.46
C LEU B 211 -34.34 -6.84 -37.50
N GLY B 212 -34.35 -6.58 -36.19
CA GLY B 212 -34.33 -7.64 -35.20
C GLY B 212 -33.15 -8.56 -35.41
N PRO B 213 -33.37 -9.88 -35.35
CA PRO B 213 -32.33 -10.87 -35.57
C PRO B 213 -31.72 -10.77 -36.97
N ILE B 214 -32.39 -10.15 -37.93
CA ILE B 214 -31.77 -10.05 -39.26
C ILE B 214 -30.49 -9.21 -39.19
N GLY B 215 -30.43 -8.31 -38.21
CA GLY B 215 -29.17 -7.67 -37.88
C GLY B 215 -28.92 -6.30 -38.49
N SER B 216 -27.84 -6.20 -39.25
CA SER B 216 -27.35 -4.91 -39.70
C SER B 216 -27.36 -4.79 -41.22
N ASN B 217 -27.84 -5.84 -41.89
CA ASN B 217 -27.91 -5.88 -43.35
C ASN B 217 -29.14 -6.71 -43.71
N GLY B 218 -29.67 -6.52 -44.91
CA GLY B 218 -30.81 -7.32 -45.34
C GLY B 218 -32.05 -6.49 -45.62
N LEU B 219 -33.10 -7.15 -46.11
CA LEU B 219 -34.32 -6.48 -46.57
C LEU B 219 -33.92 -5.30 -47.46
N ALA B 220 -34.47 -4.11 -47.21
CA ALA B 220 -34.08 -2.95 -48.02
C ALA B 220 -32.82 -2.28 -47.50
N ASN B 221 -31.69 -2.54 -48.14
CA ASN B 221 -30.43 -1.90 -47.76
C ASN B 221 -30.46 -0.39 -48.06
N PRO B 222 -29.98 0.43 -47.10
CA PRO B 222 -30.03 1.91 -47.16
C PRO B 222 -29.30 2.54 -48.36
N ARG B 223 -28.28 1.85 -48.86
CA ARG B 223 -27.45 2.33 -49.96
C ARG B 223 -28.24 2.46 -51.26
N ASP B 224 -29.38 1.78 -51.32
CA ASP B 224 -30.22 1.72 -52.51
C ASP B 224 -31.32 2.78 -52.52
N PHE B 225 -31.38 3.59 -51.47
CA PHE B 225 -32.32 4.69 -51.43
C PHE B 225 -31.69 5.95 -52.02
N LEU B 226 -32.24 6.40 -53.14
CA LEU B 226 -31.65 7.43 -53.99
C LEU B 226 -32.44 8.74 -53.96
N THR B 227 -31.71 9.83 -53.73
CA THR B 227 -32.26 11.18 -53.62
C THR B 227 -31.63 12.02 -54.71
N PRO B 228 -32.45 12.80 -55.44
CA PRO B 228 -31.93 13.49 -56.61
C PRO B 228 -31.02 14.67 -56.23
N VAL B 229 -30.17 15.11 -57.16
CA VAL B 229 -29.31 16.27 -56.92
C VAL B 229 -30.01 17.58 -57.26
N ALA B 230 -29.53 18.65 -56.65
CA ALA B 230 -30.10 19.99 -56.81
C ALA B 230 -30.38 20.37 -58.28
N HIS B 231 -31.56 20.96 -58.52
CA HIS B 231 -31.90 21.49 -59.85
C HIS B 231 -32.99 22.58 -59.78
N TYR B 232 -32.71 23.73 -60.38
CA TYR B 232 -33.63 24.86 -60.35
C TYR B 232 -34.02 25.36 -61.75
N GLU B 233 -35.28 25.75 -61.89
CA GLU B 233 -35.75 26.36 -63.13
C GLU B 233 -35.77 27.88 -62.97
N GLU B 234 -35.76 28.60 -64.10
CA GLU B 234 -35.79 30.07 -64.09
C GLU B 234 -36.88 30.66 -65.00
N ALA B 235 -37.89 29.86 -65.31
CA ALA B 235 -38.96 30.31 -66.20
C ALA B 235 -39.64 31.58 -65.68
N GLU B 236 -40.01 32.46 -66.60
CA GLU B 236 -40.53 33.78 -66.25
C GLU B 236 -41.93 33.99 -66.79
N GLY B 237 -42.93 33.76 -65.94
CA GLY B 237 -44.32 33.82 -66.35
C GLY B 237 -45.16 33.00 -65.39
N PRO B 238 -46.50 33.11 -65.51
CA PRO B 238 -47.44 32.54 -64.53
C PRO B 238 -47.35 31.03 -64.34
N VAL B 239 -47.35 30.60 -63.08
CA VAL B 239 -47.35 29.19 -62.71
C VAL B 239 -48.38 29.00 -61.60
N GLN B 240 -49.31 28.08 -61.79
CA GLN B 240 -50.26 27.80 -60.75
C GLN B 240 -49.58 26.90 -59.74
N LEU B 241 -49.74 27.23 -58.46
CA LEU B 241 -49.33 26.38 -57.37
C LEU B 241 -50.55 25.83 -56.64
N VAL B 242 -50.68 24.51 -56.57
CA VAL B 242 -51.81 23.92 -55.88
C VAL B 242 -51.34 23.28 -54.58
N GLN B 243 -52.18 23.29 -53.55
CA GLN B 243 -51.89 22.49 -52.37
C GLN B 243 -53.11 21.68 -51.97
N LYS B 244 -52.87 20.48 -51.46
CA LYS B 244 -53.94 19.70 -50.86
C LYS B 244 -53.98 19.99 -49.37
N PHE B 245 -55.14 20.35 -48.84
CA PHE B 245 -55.29 20.68 -47.42
C PHE B 245 -56.64 20.22 -46.92
N LEU B 246 -56.64 19.34 -45.93
CA LEU B 246 -57.87 18.75 -45.40
C LEU B 246 -58.69 18.17 -46.55
N GLY B 247 -58.00 17.54 -47.50
CA GLY B 247 -58.63 16.83 -48.60
C GLY B 247 -59.01 17.74 -49.76
N GLU B 248 -58.80 19.04 -49.61
CA GLU B 248 -59.20 19.99 -50.64
C GLU B 248 -58.04 20.51 -51.46
N HIS B 249 -58.28 20.74 -52.75
CA HIS B 249 -57.29 21.40 -53.60
C HIS B 249 -57.50 22.91 -53.62
N TRP B 250 -56.48 23.63 -53.17
CA TRP B 250 -56.48 25.09 -53.16
C TRP B 250 -55.32 25.65 -53.98
N ALA B 251 -55.60 26.67 -54.79
CA ALA B 251 -54.59 27.19 -55.71
C ALA B 251 -54.33 28.69 -55.62
N CYS B 252 -53.13 29.08 -56.01
CA CYS B 252 -52.81 30.48 -56.25
C CYS B 252 -51.97 30.56 -57.51
N GLU B 253 -51.81 31.75 -58.05
CA GLU B 253 -50.94 31.94 -59.19
C GLU B 253 -49.66 32.65 -58.78
N LEU B 254 -48.52 32.08 -59.19
CA LEU B 254 -47.23 32.71 -58.98
C LEU B 254 -46.80 33.37 -60.28
N GLN B 255 -45.79 34.23 -60.18
CA GLN B 255 -45.20 34.87 -61.35
C GLN B 255 -43.77 34.35 -61.52
N HIS B 256 -43.49 33.24 -60.86
CA HIS B 256 -42.18 32.61 -60.91
C HIS B 256 -42.31 31.11 -60.69
N SER B 257 -41.27 30.35 -61.06
CA SER B 257 -41.26 28.91 -60.79
C SER B 257 -40.84 28.67 -59.36
N PRO B 258 -41.65 27.91 -58.60
CA PRO B 258 -41.36 27.59 -57.19
C PRO B 258 -40.34 26.46 -57.03
N LEU B 259 -39.84 25.94 -58.15
CA LEU B 259 -38.71 25.01 -58.10
C LEU B 259 -37.45 25.80 -58.43
N ASP B 260 -37.17 26.79 -57.60
CA ASP B 260 -36.06 27.70 -57.78
C ASP B 260 -35.02 27.48 -56.70
N VAL B 261 -34.81 26.23 -56.30
CA VAL B 261 -33.86 25.92 -55.24
C VAL B 261 -32.49 25.52 -55.80
N VAL B 262 -31.51 26.41 -55.63
CA VAL B 262 -30.18 26.29 -56.25
C VAL B 262 -29.24 25.42 -55.42
N ALA B 263 -29.50 25.31 -54.13
CA ALA B 263 -28.74 24.37 -53.31
C ALA B 263 -29.57 23.99 -52.10
N TRP B 264 -29.27 22.83 -51.50
CA TRP B 264 -29.93 22.47 -50.26
C TRP B 264 -29.06 21.53 -49.44
N HIS B 265 -29.41 21.38 -48.16
CA HIS B 265 -28.80 20.36 -47.33
C HIS B 265 -29.78 19.88 -46.27
N GLY B 266 -29.72 18.60 -45.93
CA GLY B 266 -30.64 18.10 -44.93
C GLY B 266 -31.11 16.68 -45.15
N SER B 267 -32.19 16.33 -44.45
CA SER B 267 -32.63 14.96 -44.33
C SER B 267 -34.09 14.79 -44.74
N ASN B 268 -34.78 15.89 -44.99
CA ASN B 268 -36.18 15.84 -45.41
C ASN B 268 -36.20 15.88 -46.93
N VAL B 269 -36.08 14.71 -47.54
CA VAL B 269 -35.76 14.64 -48.96
C VAL B 269 -36.72 13.72 -49.69
N PRO B 270 -36.95 14.00 -50.98
CA PRO B 270 -37.67 12.99 -51.76
C PRO B 270 -36.68 11.89 -52.08
N TYR B 271 -37.17 10.70 -52.39
CA TYR B 271 -36.26 9.60 -52.67
C TYR B 271 -36.98 8.51 -53.42
N LYS B 272 -36.20 7.61 -54.02
CA LYS B 272 -36.79 6.51 -54.78
C LYS B 272 -36.06 5.23 -54.43
N TYR B 273 -36.69 4.10 -54.74
CA TYR B 273 -36.13 2.79 -54.38
C TYR B 273 -36.53 1.72 -55.40
N ASP B 274 -35.56 0.95 -55.87
CA ASP B 274 -35.85 -0.10 -56.82
C ASP B 274 -36.10 -1.41 -56.07
N LEU B 275 -37.35 -1.86 -56.09
CA LEU B 275 -37.80 -3.04 -55.34
C LEU B 275 -37.06 -4.28 -55.78
N ARG B 276 -36.49 -4.25 -56.99
CA ARG B 276 -35.74 -5.40 -57.49
C ARG B 276 -34.53 -5.68 -56.59
N ARG B 277 -34.09 -4.65 -55.89
CA ARG B 277 -32.88 -4.74 -55.09
C ARG B 277 -33.15 -5.20 -53.66
N PHE B 278 -34.42 -5.44 -53.34
CA PHE B 278 -34.78 -5.95 -52.01
C PHE B 278 -34.05 -7.25 -51.63
N ASN B 279 -33.36 -7.26 -50.50
CA ASN B 279 -32.63 -8.46 -50.06
C ASN B 279 -33.55 -9.42 -49.33
N THR B 280 -34.34 -10.16 -50.10
CA THR B 280 -35.43 -10.97 -49.55
C THR B 280 -34.93 -12.10 -48.63
N ILE B 281 -35.52 -12.11 -47.44
CA ILE B 281 -35.24 -13.07 -46.38
C ILE B 281 -36.48 -13.93 -46.16
N GLY B 282 -36.29 -15.24 -45.94
CA GLY B 282 -37.39 -16.16 -45.81
C GLY B 282 -37.02 -17.47 -45.13
N THR B 283 -37.87 -18.48 -45.24
CA THR B 283 -37.57 -19.77 -44.65
C THR B 283 -36.55 -20.52 -45.51
N VAL B 284 -35.56 -21.11 -44.84
CA VAL B 284 -34.64 -22.01 -45.52
C VAL B 284 -34.76 -23.40 -44.91
N SER B 285 -35.94 -23.67 -44.33
CA SER B 285 -36.17 -24.87 -43.53
C SER B 285 -37.56 -25.43 -43.80
N PHE B 286 -38.53 -24.90 -43.07
CA PHE B 286 -39.92 -25.30 -43.23
C PHE B 286 -40.80 -24.13 -42.84
N ASP B 287 -42.12 -24.36 -42.92
CA ASP B 287 -43.15 -23.38 -42.61
C ASP B 287 -43.20 -22.16 -43.55
N HIS B 288 -44.03 -21.17 -43.22
CA HIS B 288 -44.28 -19.99 -44.05
C HIS B 288 -44.18 -18.74 -43.15
N PRO B 289 -43.05 -18.02 -43.22
CA PRO B 289 -42.82 -16.83 -42.37
C PRO B 289 -43.94 -15.78 -42.45
N ASP B 290 -44.17 -15.08 -41.33
CA ASP B 290 -45.14 -13.97 -41.32
C ASP B 290 -44.75 -12.97 -42.39
N PRO B 291 -45.74 -12.37 -43.06
CA PRO B 291 -45.48 -11.45 -44.16
C PRO B 291 -44.76 -10.16 -43.73
N SER B 292 -44.72 -9.88 -42.43
CA SER B 292 -43.97 -8.71 -41.95
C SER B 292 -42.47 -8.84 -42.29
N ILE B 293 -42.02 -10.06 -42.57
CA ILE B 293 -40.64 -10.33 -42.95
C ILE B 293 -40.29 -9.67 -44.29
N PHE B 294 -41.32 -9.28 -45.03
CA PHE B 294 -41.17 -8.68 -46.34
C PHE B 294 -41.19 -7.14 -46.27
N THR B 295 -41.18 -6.57 -45.08
CA THR B 295 -41.31 -5.12 -44.94
C THR B 295 -40.21 -4.32 -45.64
N VAL B 296 -40.65 -3.35 -46.42
CA VAL B 296 -39.82 -2.42 -47.17
C VAL B 296 -39.66 -1.12 -46.39
N LEU B 297 -40.79 -0.54 -46.01
CA LEU B 297 -40.83 0.70 -45.25
C LEU B 297 -41.97 0.60 -44.25
N THR B 298 -41.80 1.28 -43.10
CA THR B 298 -42.81 1.25 -42.05
C THR B 298 -43.03 2.63 -41.45
N SER B 299 -44.26 2.91 -41.07
CA SER B 299 -44.59 4.13 -40.35
C SER B 299 -45.20 3.72 -39.03
N PRO B 300 -44.51 4.05 -37.92
CA PRO B 300 -44.85 3.66 -36.56
C PRO B 300 -45.92 4.53 -35.93
N THR B 301 -46.47 4.07 -34.81
CA THR B 301 -47.37 4.85 -33.97
C THR B 301 -46.65 5.00 -32.63
N SER B 302 -47.28 5.62 -31.65
CA SER B 302 -46.67 5.67 -30.32
C SER B 302 -46.71 4.32 -29.62
N VAL B 303 -47.51 3.39 -30.15
CA VAL B 303 -47.56 2.05 -29.62
C VAL B 303 -46.47 1.21 -30.29
N HIS B 304 -45.46 0.81 -29.52
CA HIS B 304 -44.37 0.04 -30.06
C HIS B 304 -44.84 -1.30 -30.65
N GLY B 305 -44.34 -1.64 -31.83
CA GLY B 305 -44.69 -2.89 -32.47
C GLY B 305 -45.92 -2.85 -33.37
N MET B 306 -46.80 -1.88 -33.13
N MET B 306 -46.81 -1.87 -33.14
CA MET B 306 -48.00 -1.71 -33.94
CA MET B 306 -48.01 -1.73 -33.97
C MET B 306 -47.83 -0.51 -34.86
C MET B 306 -47.91 -0.53 -34.89
N ALA B 307 -47.54 -0.79 -36.14
CA ALA B 307 -47.35 0.27 -37.11
C ALA B 307 -48.65 0.98 -37.50
N ASN B 308 -48.54 2.26 -37.83
CA ASN B 308 -49.62 2.96 -38.52
C ASN B 308 -49.86 2.27 -39.88
N MET B 309 -48.77 1.99 -40.59
CA MET B 309 -48.81 1.16 -41.79
C MET B 309 -47.47 0.48 -42.05
N ASP B 310 -47.51 -0.76 -42.55
CA ASP B 310 -46.32 -1.39 -43.08
C ASP B 310 -46.50 -1.51 -44.58
N PHE B 311 -45.44 -1.19 -45.32
CA PHE B 311 -45.41 -1.43 -46.75
C PHE B 311 -44.59 -2.71 -46.98
N VAL B 312 -45.30 -3.73 -47.46
CA VAL B 312 -44.76 -5.07 -47.61
C VAL B 312 -44.79 -5.47 -49.09
N ILE B 313 -43.79 -6.18 -49.57
CA ILE B 313 -43.84 -6.64 -50.95
C ILE B 313 -43.74 -8.16 -51.04
N PHE B 314 -44.19 -8.71 -52.16
CA PHE B 314 -44.05 -10.13 -52.41
C PHE B 314 -43.33 -10.29 -53.73
N PRO B 315 -42.00 -10.43 -53.66
CA PRO B 315 -41.07 -10.39 -54.78
C PRO B 315 -40.69 -11.79 -55.25
N PRO B 316 -39.98 -11.88 -56.38
CA PRO B 316 -39.35 -13.15 -56.75
C PRO B 316 -38.50 -13.64 -55.58
N ARG B 317 -38.53 -14.94 -55.33
CA ARG B 317 -37.94 -15.51 -54.12
C ARG B 317 -37.97 -17.03 -54.23
N TRP B 318 -36.99 -17.68 -53.61
CA TRP B 318 -36.94 -19.14 -53.58
C TRP B 318 -37.86 -19.71 -52.53
N MET B 319 -38.59 -20.73 -52.94
CA MET B 319 -39.45 -21.45 -52.02
C MET B 319 -38.80 -22.80 -51.79
N VAL B 320 -38.34 -23.04 -50.56
CA VAL B 320 -37.65 -24.28 -50.29
C VAL B 320 -38.27 -25.11 -49.15
N ALA B 321 -39.26 -24.55 -48.45
CA ALA B 321 -39.78 -25.21 -47.23
C ALA B 321 -40.21 -26.66 -47.46
N GLU B 322 -39.67 -27.55 -46.64
CA GLU B 322 -39.94 -28.96 -46.78
C GLU B 322 -41.11 -29.35 -45.89
N ASN B 323 -41.91 -30.30 -46.35
CA ASN B 323 -43.05 -30.81 -45.59
C ASN B 323 -43.93 -29.68 -45.07
N THR B 324 -44.21 -28.74 -45.95
CA THR B 324 -44.84 -27.49 -45.59
C THR B 324 -45.91 -27.13 -46.60
N PHE B 325 -47.06 -26.70 -46.10
CA PHE B 325 -48.04 -26.03 -46.92
C PHE B 325 -47.47 -24.64 -47.28
N ARG B 326 -47.01 -24.49 -48.51
CA ARG B 326 -46.27 -23.30 -48.93
C ARG B 326 -47.06 -21.99 -49.15
N PRO B 327 -48.30 -22.05 -49.68
CA PRO B 327 -48.97 -20.77 -49.87
C PRO B 327 -49.33 -20.14 -48.52
N PRO B 328 -49.66 -18.84 -48.49
CA PRO B 328 -50.01 -18.17 -47.22
C PRO B 328 -51.07 -18.98 -46.52
N TRP B 329 -50.97 -19.06 -45.20
CA TRP B 329 -51.92 -19.85 -44.46
C TRP B 329 -53.25 -19.12 -44.37
N PHE B 330 -54.29 -19.83 -44.01
CA PHE B 330 -55.55 -19.18 -43.69
C PHE B 330 -55.32 -18.24 -42.52
N HIS B 331 -56.00 -17.10 -42.53
CA HIS B 331 -55.62 -16.01 -41.63
C HIS B 331 -56.86 -15.17 -41.27
N ARG B 332 -56.91 -14.72 -40.03
CA ARG B 332 -57.79 -13.63 -39.59
C ARG B 332 -56.89 -12.73 -38.77
N ASN B 333 -57.06 -11.42 -38.89
CA ASN B 333 -56.04 -10.49 -38.47
C ASN B 333 -56.61 -9.21 -37.85
N LEU B 334 -56.01 -8.74 -36.78
CA LEU B 334 -56.42 -7.47 -36.19
C LEU B 334 -56.20 -6.36 -37.22
N MET B 335 -55.10 -6.47 -37.95
CA MET B 335 -54.70 -5.43 -38.89
C MET B 335 -55.54 -5.54 -40.16
N ASN B 336 -55.38 -4.55 -41.03
CA ASN B 336 -56.20 -4.41 -42.21
C ASN B 336 -55.30 -4.50 -43.42
N GLU B 337 -55.65 -5.43 -44.32
CA GLU B 337 -54.76 -5.80 -45.39
C GLU B 337 -55.25 -5.31 -46.75
N PHE B 338 -54.57 -4.30 -47.30
CA PHE B 338 -54.85 -3.82 -48.65
C PHE B 338 -53.74 -4.30 -49.58
N MET B 339 -54.08 -5.15 -50.55
CA MET B 339 -53.06 -5.66 -51.46
C MET B 339 -53.18 -5.13 -52.88
N GLY B 340 -52.03 -4.88 -53.50
CA GLY B 340 -51.99 -4.52 -54.89
C GLY B 340 -51.09 -5.48 -55.64
N LEU B 341 -50.99 -5.27 -56.95
CA LEU B 341 -50.15 -6.08 -57.83
C LEU B 341 -49.53 -5.17 -58.87
N ILE B 342 -48.21 -5.12 -58.92
CA ILE B 342 -47.52 -4.28 -59.89
C ILE B 342 -47.31 -5.00 -61.23
N ASN B 343 -46.99 -6.29 -61.18
CA ASN B 343 -46.90 -7.11 -62.41
C ASN B 343 -46.87 -8.61 -62.13
N GLY B 344 -47.37 -9.39 -63.08
CA GLY B 344 -47.43 -10.83 -62.90
C GLY B 344 -48.64 -11.30 -62.10
N ALA B 345 -48.47 -12.38 -61.34
CA ALA B 345 -49.59 -12.98 -60.62
C ALA B 345 -49.21 -13.33 -59.18
N TYR B 346 -50.20 -13.29 -58.28
CA TYR B 346 -49.91 -13.50 -56.85
C TYR B 346 -50.20 -14.94 -56.41
N ASP B 347 -49.44 -15.39 -55.42
CA ASP B 347 -49.25 -16.82 -55.13
C ASP B 347 -50.30 -17.45 -54.23
N ALA B 348 -51.22 -16.66 -53.71
CA ALA B 348 -52.34 -17.19 -52.94
C ALA B 348 -53.59 -17.23 -53.79
N LYS B 349 -53.51 -16.56 -54.95
CA LYS B 349 -54.66 -16.33 -55.80
C LYS B 349 -54.56 -17.08 -57.14
N ALA B 350 -55.64 -17.07 -57.91
CA ALA B 350 -55.70 -17.83 -59.16
C ALA B 350 -56.13 -16.97 -60.36
N GLU B 351 -57.37 -16.49 -60.32
CA GLU B 351 -57.84 -15.48 -61.27
C GLU B 351 -58.34 -14.25 -60.50
N GLY B 352 -58.77 -13.24 -61.23
CA GLY B 352 -59.41 -12.09 -60.62
C GLY B 352 -58.48 -11.03 -60.05
N PHE B 353 -57.22 -11.36 -59.87
CA PHE B 353 -56.24 -10.41 -59.33
C PHE B 353 -55.17 -10.10 -60.38
N LEU B 354 -55.32 -8.96 -61.04
CA LEU B 354 -54.49 -8.54 -62.17
C LEU B 354 -53.71 -7.31 -61.75
N PRO B 355 -52.66 -6.95 -62.51
CA PRO B 355 -51.91 -5.73 -62.25
C PRO B 355 -52.84 -4.52 -62.27
N GLY B 356 -52.78 -3.71 -61.22
CA GLY B 356 -53.65 -2.57 -61.10
C GLY B 356 -54.86 -2.89 -60.28
N GLY B 357 -55.06 -4.18 -59.98
CA GLY B 357 -56.17 -4.62 -59.16
C GLY B 357 -55.88 -4.35 -57.70
N ALA B 358 -56.86 -4.61 -56.85
CA ALA B 358 -56.69 -4.45 -55.41
C ALA B 358 -57.61 -5.38 -54.65
N SER B 359 -57.26 -5.65 -53.40
CA SER B 359 -58.15 -6.38 -52.51
C SER B 359 -58.08 -5.78 -51.12
N LEU B 360 -59.18 -5.88 -50.39
CA LEU B 360 -59.22 -5.39 -49.02
C LEU B 360 -59.83 -6.45 -48.12
N HIS B 361 -59.04 -6.91 -47.17
CA HIS B 361 -59.51 -7.79 -46.13
C HIS B 361 -59.29 -7.04 -44.82
N GLY B 362 -60.39 -6.55 -44.23
CA GLY B 362 -60.34 -5.75 -43.03
C GLY B 362 -60.30 -6.55 -41.74
N VAL B 363 -60.23 -5.82 -40.61
CA VAL B 363 -60.17 -6.42 -39.28
CA VAL B 363 -60.15 -6.42 -39.28
C VAL B 363 -60.96 -7.71 -39.16
N MET B 364 -60.25 -8.78 -38.83
CA MET B 364 -60.85 -10.09 -38.55
C MET B 364 -61.63 -10.77 -39.70
N SER B 365 -61.52 -10.26 -40.91
CA SER B 365 -62.14 -10.96 -42.03
C SER B 365 -61.35 -12.23 -42.34
N ALA B 366 -62.05 -13.33 -42.57
CA ALA B 366 -61.37 -14.58 -42.82
C ALA B 366 -60.84 -14.63 -44.25
N HIS B 367 -59.53 -14.76 -44.41
CA HIS B 367 -58.99 -14.89 -45.75
C HIS B 367 -58.00 -16.07 -45.86
N GLY B 368 -57.42 -16.29 -47.04
CA GLY B 368 -56.59 -17.48 -47.27
C GLY B 368 -56.69 -18.00 -48.71
N PRO B 369 -56.02 -19.13 -48.99
CA PRO B 369 -56.00 -19.71 -50.36
C PRO B 369 -57.32 -20.41 -50.71
N ASP B 370 -57.55 -20.64 -52.01
CA ASP B 370 -58.78 -21.28 -52.47
C ASP B 370 -58.67 -22.81 -52.50
N ALA B 371 -59.74 -23.46 -52.96
CA ALA B 371 -59.76 -24.93 -53.01
C ALA B 371 -58.68 -25.43 -53.95
N GLU B 372 -58.58 -24.78 -55.11
CA GLU B 372 -57.64 -25.14 -56.16
C GLU B 372 -56.24 -25.17 -55.56
N THR B 373 -55.81 -24.03 -55.06
N THR B 373 -55.80 -24.02 -55.08
CA THR B 373 -54.48 -23.86 -54.48
CA THR B 373 -54.49 -23.85 -54.48
C THR B 373 -54.18 -24.86 -53.36
C THR B 373 -54.19 -24.87 -53.37
N CYS B 374 -55.13 -25.03 -52.45
CA CYS B 374 -54.97 -25.99 -51.34
C CYS B 374 -54.73 -27.39 -51.84
N GLU B 375 -55.47 -27.76 -52.87
CA GLU B 375 -55.36 -29.10 -53.45
C GLU B 375 -53.97 -29.27 -54.03
N LYS B 376 -53.57 -28.29 -54.84
CA LYS B 376 -52.26 -28.29 -55.47
C LYS B 376 -51.13 -28.36 -54.46
N ALA B 377 -51.21 -27.52 -53.42
CA ALA B 377 -50.14 -27.42 -52.44
C ALA B 377 -49.99 -28.68 -51.58
N ILE B 378 -51.10 -29.32 -51.25
CA ILE B 378 -51.09 -30.52 -50.41
C ILE B 378 -50.58 -31.77 -51.16
N ALA B 379 -50.80 -31.81 -52.46
CA ALA B 379 -50.40 -32.97 -53.27
C ALA B 379 -48.97 -32.85 -53.83
N ALA B 380 -48.51 -31.61 -53.97
CA ALA B 380 -47.23 -31.31 -54.61
C ALA B 380 -46.03 -32.11 -54.09
N ASP B 381 -45.14 -32.44 -55.01
CA ASP B 381 -43.84 -33.03 -54.68
C ASP B 381 -42.88 -31.88 -54.41
N LEU B 382 -42.63 -31.63 -53.13
CA LEU B 382 -41.92 -30.41 -52.74
C LEU B 382 -40.44 -30.39 -53.13
N ALA B 383 -40.05 -29.33 -53.82
CA ALA B 383 -38.66 -29.14 -54.24
C ALA B 383 -38.35 -27.64 -54.30
N PRO B 384 -37.06 -27.26 -54.30
CA PRO B 384 -36.71 -25.85 -54.51
C PRO B 384 -37.39 -25.28 -55.75
N HIS B 385 -38.04 -24.14 -55.58
CA HIS B 385 -38.79 -23.50 -56.65
C HIS B 385 -38.65 -22.01 -56.56
N LYS B 386 -38.21 -21.40 -57.65
CA LYS B 386 -38.03 -19.96 -57.70
C LYS B 386 -39.30 -19.28 -58.20
N ILE B 387 -39.95 -18.55 -57.30
CA ILE B 387 -41.04 -17.66 -57.72
C ILE B 387 -40.42 -16.49 -58.48
N ASP B 388 -41.03 -16.15 -59.61
CA ASP B 388 -40.39 -15.22 -60.53
C ASP B 388 -41.36 -14.40 -61.37
N ASN B 389 -40.87 -13.28 -61.92
CA ASN B 389 -41.64 -12.39 -62.77
C ASN B 389 -42.94 -11.96 -62.09
N THR B 390 -42.85 -11.53 -60.84
CA THR B 390 -44.02 -11.11 -60.11
C THR B 390 -43.63 -10.10 -59.05
N MET B 391 -44.52 -9.13 -58.81
CA MET B 391 -44.34 -8.19 -57.70
C MET B 391 -45.70 -7.76 -57.17
N ALA B 392 -46.15 -8.38 -56.09
CA ALA B 392 -47.35 -7.94 -55.41
C ALA B 392 -46.92 -7.17 -54.17
N PHE B 393 -47.85 -6.47 -53.54
CA PHE B 393 -47.53 -5.76 -52.32
C PHE B 393 -48.76 -5.63 -51.47
N MET B 394 -48.55 -5.19 -50.23
CA MET B 394 -49.62 -4.87 -49.32
C MET B 394 -49.35 -3.56 -48.58
N PHE B 395 -50.40 -2.77 -48.40
CA PHE B 395 -50.39 -1.67 -47.45
C PHE B 395 -51.16 -2.19 -46.25
N GLU B 396 -50.47 -2.56 -45.18
CA GLU B 396 -51.18 -3.05 -44.00
C GLU B 396 -51.28 -1.97 -42.94
N THR B 397 -52.50 -1.71 -42.46
CA THR B 397 -52.71 -0.66 -41.46
C THR B 397 -53.39 -1.18 -40.20
N SER B 398 -53.06 -0.53 -39.10
CA SER B 398 -53.64 -0.83 -37.80
C SER B 398 -55.06 -0.30 -37.69
N GLN B 399 -55.32 0.89 -38.23
CA GLN B 399 -56.66 1.45 -38.24
C GLN B 399 -57.49 0.84 -39.36
N VAL B 400 -58.77 0.64 -39.08
CA VAL B 400 -59.74 0.18 -40.08
C VAL B 400 -59.70 1.02 -41.36
N LEU B 401 -59.65 0.35 -42.51
CA LEU B 401 -59.77 1.04 -43.80
C LEU B 401 -61.23 1.07 -44.28
N ARG B 402 -61.75 2.28 -44.46
CA ARG B 402 -63.14 2.49 -44.88
C ARG B 402 -63.19 2.81 -46.37
N PRO B 403 -63.70 1.88 -47.20
CA PRO B 403 -63.80 2.12 -48.65
C PRO B 403 -64.59 3.39 -48.98
N SER B 404 -64.17 4.16 -49.97
CA SER B 404 -64.94 5.34 -50.36
C SER B 404 -66.28 4.94 -50.99
N LEU B 405 -67.21 5.89 -51.11
CA LEU B 405 -68.45 5.60 -51.81
C LEU B 405 -68.14 5.27 -53.26
N GLN B 406 -67.23 6.05 -53.84
CA GLN B 406 -66.80 5.85 -55.23
C GLN B 406 -66.27 4.44 -55.44
N ALA B 407 -65.45 3.95 -54.51
CA ALA B 407 -64.95 2.58 -54.57
C ALA B 407 -66.08 1.56 -54.47
N LEU B 408 -67.03 1.81 -53.59
CA LEU B 408 -68.13 0.88 -53.39
C LEU B 408 -69.07 0.82 -54.60
N GLU B 409 -69.15 1.92 -55.34
CA GLU B 409 -70.13 2.01 -56.42
C GLU B 409 -69.56 1.80 -57.83
N CYS B 410 -68.26 1.63 -57.95
CA CYS B 410 -67.63 1.60 -59.27
C CYS B 410 -67.82 0.26 -59.99
N PRO B 411 -67.67 0.25 -61.32
CA PRO B 411 -67.85 -0.99 -62.08
C PRO B 411 -66.77 -2.01 -61.77
N GLN B 412 -65.63 -1.53 -61.32
CA GLN B 412 -64.46 -2.39 -61.09
C GLN B 412 -64.63 -3.31 -59.86
N LEU B 413 -65.57 -2.97 -58.98
CA LEU B 413 -65.79 -3.80 -57.80
C LEU B 413 -66.39 -5.14 -58.20
N GLN B 414 -65.68 -6.21 -57.87
CA GLN B 414 -66.10 -7.55 -58.26
C GLN B 414 -67.26 -8.06 -57.42
N ALA B 415 -68.34 -8.43 -58.10
CA ALA B 415 -69.60 -8.76 -57.41
C ALA B 415 -69.62 -10.10 -56.66
N ASP B 416 -68.81 -11.07 -57.09
CA ASP B 416 -68.90 -12.43 -56.56
C ASP B 416 -67.59 -12.88 -55.92
N TYR B 417 -66.91 -11.97 -55.23
CA TYR B 417 -65.59 -12.24 -54.68
C TYR B 417 -65.62 -13.37 -53.65
N ASP B 418 -66.70 -13.43 -52.88
CA ASP B 418 -66.80 -14.46 -51.86
C ASP B 418 -66.82 -15.89 -52.44
N SER B 419 -67.28 -16.06 -53.67
CA SER B 419 -67.41 -17.41 -54.23
C SER B 419 -66.04 -18.07 -54.48
N CYS B 420 -64.97 -17.29 -54.36
CA CYS B 420 -63.62 -17.82 -54.46
C CYS B 420 -63.33 -18.93 -53.47
N TRP B 421 -63.92 -18.84 -52.28
CA TRP B 421 -63.71 -19.85 -51.24
C TRP B 421 -64.86 -20.84 -51.15
N ALA B 422 -65.84 -20.70 -52.02
CA ALA B 422 -67.07 -21.47 -51.94
C ALA B 422 -66.83 -22.99 -51.97
N THR B 423 -65.82 -23.41 -52.72
CA THR B 423 -65.59 -24.83 -52.93
C THR B 423 -64.59 -25.50 -51.97
N LEU B 424 -64.09 -24.79 -50.97
CA LEU B 424 -63.18 -25.44 -50.01
C LEU B 424 -63.89 -26.65 -49.38
N PRO B 425 -63.24 -27.82 -49.43
CA PRO B 425 -63.85 -29.07 -48.96
C PRO B 425 -63.33 -29.47 -47.58
N SER B 426 -64.07 -30.33 -46.90
CA SER B 426 -63.57 -30.94 -45.69
C SER B 426 -62.70 -32.13 -46.08
N THR B 427 -61.51 -32.22 -45.50
CA THR B 427 -60.65 -33.37 -45.73
C THR B 427 -60.39 -34.09 -44.41
N PHE B 428 -61.09 -33.63 -43.37
CA PHE B 428 -60.99 -34.18 -42.01
C PHE B 428 -61.40 -35.65 -41.97
N ASN B 429 -60.54 -36.47 -41.36
CA ASN B 429 -60.81 -37.87 -41.12
C ASN B 429 -60.34 -38.22 -39.72
N PRO B 430 -61.29 -38.26 -38.76
CA PRO B 430 -60.97 -38.50 -37.34
C PRO B 430 -60.36 -39.87 -37.07
N ASN B 431 -60.50 -40.81 -38.00
CA ASN B 431 -59.97 -42.16 -37.75
C ASN B 431 -58.56 -42.34 -38.28
N ARG B 432 -58.04 -41.32 -38.96
CA ARG B 432 -56.72 -41.41 -39.58
C ARG B 432 -55.91 -40.13 -39.46
N ARG B 433 -54.99 -40.12 -38.49
CA ARG B 433 -54.07 -39.01 -38.33
C ARG B 433 -53.07 -38.99 -39.47
N ASP C 8 -66.92 -32.99 -15.88
CA ASP C 8 -67.45 -31.76 -16.46
C ASP C 8 -66.44 -31.08 -17.40
N LEU C 9 -66.17 -29.79 -17.18
CA LEU C 9 -65.26 -29.05 -18.05
C LEU C 9 -63.81 -28.95 -17.54
N HIS C 10 -62.87 -29.15 -18.44
CA HIS C 10 -61.46 -29.07 -18.13
C HIS C 10 -60.83 -27.76 -18.62
N TYR C 11 -59.90 -27.23 -17.81
CA TYR C 11 -59.26 -25.94 -18.09
C TYR C 11 -57.75 -26.03 -18.05
N LEU C 12 -57.09 -25.13 -18.76
CA LEU C 12 -55.65 -24.96 -18.65
C LEU C 12 -55.41 -23.66 -17.89
N SER C 13 -54.38 -23.66 -17.03
CA SER C 13 -54.11 -22.49 -16.18
C SER C 13 -52.88 -21.68 -16.63
N GLY C 14 -52.96 -20.37 -16.46
CA GLY C 14 -51.79 -19.52 -16.60
C GLY C 14 -51.97 -18.33 -17.53
N PHE C 15 -52.38 -17.21 -16.97
CA PHE C 15 -52.55 -15.98 -17.76
C PHE C 15 -51.35 -15.67 -18.64
N GLY C 16 -51.62 -15.59 -19.94
CA GLY C 16 -50.62 -15.21 -20.92
C GLY C 16 -49.80 -16.37 -21.46
N ASN C 17 -50.10 -17.59 -21.00
CA ASN C 17 -49.32 -18.78 -21.38
C ASN C 17 -49.38 -19.09 -22.86
N GLU C 18 -48.32 -19.72 -23.36
CA GLU C 18 -48.36 -20.32 -24.68
C GLU C 18 -48.95 -21.70 -24.48
N PHE C 19 -50.27 -21.79 -24.71
CA PHE C 19 -51.05 -23.01 -24.44
C PHE C 19 -51.03 -23.96 -25.65
N ALA C 20 -51.31 -25.23 -25.41
CA ALA C 20 -51.44 -26.23 -26.47
C ALA C 20 -52.48 -27.27 -26.06
N SER C 21 -53.46 -27.51 -26.94
CA SER C 21 -54.56 -28.41 -26.62
C SER C 21 -55.04 -29.13 -27.88
N GLU C 22 -55.22 -30.45 -27.81
CA GLU C 22 -55.73 -31.19 -28.96
C GLU C 22 -56.88 -32.11 -28.58
N ALA C 23 -57.98 -32.06 -29.33
CA ALA C 23 -59.13 -32.89 -29.00
C ALA C 23 -58.96 -34.34 -29.46
N LEU C 24 -58.05 -34.56 -30.41
CA LEU C 24 -57.68 -35.92 -30.82
C LEU C 24 -56.16 -36.05 -30.69
N PRO C 25 -55.67 -37.27 -30.40
CA PRO C 25 -54.21 -37.41 -30.22
C PRO C 25 -53.38 -37.05 -31.45
N GLY C 26 -52.40 -36.17 -31.25
CA GLY C 26 -51.49 -35.79 -32.32
C GLY C 26 -52.11 -34.92 -33.40
N ALA C 27 -53.23 -34.29 -33.11
CA ALA C 27 -53.85 -33.40 -34.09
C ALA C 27 -53.02 -32.11 -34.22
N LEU C 28 -52.17 -31.85 -33.24
CA LEU C 28 -51.23 -30.74 -33.32
C LEU C 28 -49.95 -31.19 -34.02
N PRO C 29 -49.60 -30.54 -35.14
CA PRO C 29 -48.34 -30.86 -35.82
C PRO C 29 -47.18 -30.70 -34.86
N VAL C 30 -46.26 -31.66 -34.85
CA VAL C 30 -45.09 -31.52 -33.98
C VAL C 30 -43.95 -30.80 -34.72
N GLY C 31 -43.40 -29.77 -34.07
CA GLY C 31 -42.19 -29.11 -34.55
C GLY C 31 -42.38 -28.14 -35.69
N GLN C 32 -43.64 -27.86 -36.04
CA GLN C 32 -43.94 -26.81 -37.00
C GLN C 32 -45.41 -26.40 -36.92
N ASN C 33 -45.74 -25.28 -37.54
CA ASN C 33 -47.12 -24.80 -37.53
C ASN C 33 -47.89 -25.14 -38.80
N SER C 34 -47.17 -25.37 -39.89
CA SER C 34 -47.82 -25.49 -41.20
C SER C 34 -47.36 -26.72 -42.01
N PRO C 35 -47.77 -27.92 -41.58
CA PRO C 35 -47.42 -29.13 -42.34
C PRO C 35 -48.07 -29.10 -43.72
N GLN C 36 -47.42 -29.72 -44.69
CA GLN C 36 -48.06 -29.91 -45.98
C GLN C 36 -49.26 -30.82 -45.79
N LYS C 37 -49.09 -31.82 -44.95
CA LYS C 37 -50.13 -32.81 -44.70
C LYS C 37 -50.43 -32.85 -43.21
N ALA C 38 -51.41 -32.05 -42.82
CA ALA C 38 -51.77 -31.87 -41.43
C ALA C 38 -52.45 -33.11 -40.86
N PRO C 39 -52.15 -33.43 -39.60
CA PRO C 39 -52.81 -34.53 -38.88
C PRO C 39 -54.32 -34.52 -39.07
N TYR C 40 -54.89 -35.68 -39.41
CA TYR C 40 -56.33 -35.83 -39.61
C TYR C 40 -56.85 -34.98 -40.77
N GLY C 41 -55.93 -34.45 -41.57
CA GLY C 41 -56.27 -33.62 -42.72
C GLY C 41 -56.99 -32.34 -42.34
N LEU C 42 -56.60 -31.75 -41.21
CA LEU C 42 -57.17 -30.48 -40.81
C LEU C 42 -56.48 -29.32 -41.52
N TYR C 43 -57.12 -28.17 -41.48
CA TYR C 43 -56.54 -26.96 -42.04
C TYR C 43 -55.87 -26.16 -40.92
N ALA C 44 -54.64 -25.71 -41.18
CA ALA C 44 -53.99 -24.74 -40.30
C ALA C 44 -54.62 -23.36 -40.45
N GLU C 45 -54.90 -22.67 -39.35
CA GLU C 45 -55.37 -21.30 -39.48
C GLU C 45 -54.80 -20.44 -38.36
N LEU C 46 -54.25 -19.31 -38.74
CA LEU C 46 -53.62 -18.39 -37.79
C LEU C 46 -54.54 -17.23 -37.43
N LEU C 47 -54.77 -17.06 -36.13
CA LEU C 47 -55.52 -15.91 -35.65
C LEU C 47 -54.58 -14.92 -34.95
N SER C 48 -54.28 -13.84 -35.65
CA SER C 48 -53.40 -12.80 -35.16
C SER C 48 -54.21 -11.70 -34.45
N GLY C 49 -54.19 -11.69 -33.12
CA GLY C 49 -54.93 -10.68 -32.37
C GLY C 49 -54.14 -9.40 -32.15
N THR C 50 -52.88 -9.42 -32.54
CA THR C 50 -52.01 -8.26 -32.46
C THR C 50 -51.25 -8.14 -33.75
N ALA C 51 -50.58 -7.02 -33.96
CA ALA C 51 -49.68 -6.89 -35.09
C ALA C 51 -48.60 -7.98 -34.97
N PHE C 52 -48.06 -8.42 -36.10
CA PHE C 52 -46.98 -9.42 -36.08
C PHE C 52 -45.78 -8.98 -35.24
N THR C 53 -45.51 -7.68 -35.24
CA THR C 53 -44.25 -7.13 -34.72
C THR C 53 -44.31 -6.60 -33.29
N MET C 54 -45.38 -6.92 -32.58
CA MET C 54 -45.47 -6.57 -31.16
C MET C 54 -44.31 -7.23 -30.39
N ALA C 55 -43.87 -6.57 -29.33
CA ALA C 55 -42.94 -7.20 -28.40
C ALA C 55 -43.59 -8.50 -27.89
N ARG C 56 -42.77 -9.54 -27.70
CA ARG C 56 -43.33 -10.85 -27.37
C ARG C 56 -44.23 -10.86 -26.12
N SER C 57 -43.95 -9.98 -25.15
CA SER C 57 -44.81 -9.87 -23.97
C SER C 57 -46.25 -9.42 -24.31
N GLU C 58 -46.39 -8.69 -25.40
N GLU C 58 -46.40 -8.66 -25.39
CA GLU C 58 -47.69 -8.17 -25.81
CA GLU C 58 -47.71 -8.17 -25.82
C GLU C 58 -48.23 -8.91 -27.04
C GLU C 58 -48.34 -9.02 -26.91
N LEU C 59 -47.62 -10.04 -27.38
CA LEU C 59 -48.07 -10.83 -28.53
C LEU C 59 -49.29 -11.66 -28.16
N ARG C 60 -50.24 -11.72 -29.07
CA ARG C 60 -51.39 -12.60 -28.89
C ARG C 60 -51.72 -13.21 -30.23
N ARG C 61 -51.40 -14.49 -30.39
CA ARG C 61 -51.76 -15.19 -31.63
C ARG C 61 -51.99 -16.67 -31.36
N THR C 62 -52.89 -17.25 -32.13
CA THR C 62 -53.23 -18.64 -31.94
C THR C 62 -53.32 -19.39 -33.24
N TRP C 63 -52.60 -20.51 -33.32
CA TRP C 63 -52.76 -21.42 -34.43
C TRP C 63 -53.94 -22.37 -34.19
N LEU C 64 -54.79 -22.50 -35.21
CA LEU C 64 -55.97 -23.35 -35.16
C LEU C 64 -55.85 -24.46 -36.19
N TYR C 65 -56.29 -25.66 -35.83
CA TYR C 65 -56.31 -26.77 -36.77
C TYR C 65 -57.74 -27.29 -36.87
N ARG C 66 -58.39 -26.92 -37.96
CA ARG C 66 -59.85 -26.97 -38.05
C ARG C 66 -60.35 -27.73 -39.28
N ILE C 67 -61.61 -28.17 -39.20
CA ILE C 67 -62.23 -28.97 -40.26
C ILE C 67 -62.45 -28.14 -41.52
N ARG C 68 -63.01 -26.95 -41.35
CA ARG C 68 -63.14 -26.02 -42.47
C ARG C 68 -62.56 -24.66 -42.09
N PRO C 69 -61.84 -24.05 -43.02
CA PRO C 69 -61.26 -22.73 -42.80
C PRO C 69 -62.37 -21.69 -42.60
N SER C 70 -62.08 -20.61 -41.86
CA SER C 70 -63.07 -19.58 -41.63
C SER C 70 -63.44 -18.84 -42.92
N ALA C 71 -62.57 -18.94 -43.92
CA ALA C 71 -62.75 -18.24 -45.19
C ALA C 71 -63.94 -18.78 -45.98
N LEU C 72 -64.40 -19.97 -45.63
CA LEU C 72 -65.57 -20.54 -46.28
C LEU C 72 -66.84 -19.91 -45.71
N HIS C 73 -67.22 -18.78 -46.31
CA HIS C 73 -68.48 -18.12 -45.95
C HIS C 73 -69.03 -17.34 -47.13
N PRO C 74 -70.36 -17.18 -47.17
CA PRO C 74 -70.91 -16.34 -48.22
C PRO C 74 -70.85 -14.86 -47.80
N ARG C 75 -71.17 -13.97 -48.73
CA ARG C 75 -71.24 -12.54 -48.43
C ARG C 75 -72.02 -12.25 -47.15
N PHE C 76 -71.50 -11.35 -46.32
CA PHE C 76 -72.21 -10.93 -45.12
C PHE C 76 -73.28 -9.91 -45.51
N GLU C 77 -74.43 -10.00 -44.86
CA GLU C 77 -75.50 -9.06 -45.11
C GLU C 77 -75.96 -8.38 -43.81
N ARG C 78 -76.30 -7.10 -43.92
CA ARG C 78 -76.68 -6.32 -42.74
C ARG C 78 -78.04 -6.75 -42.21
N LEU C 79 -78.11 -7.08 -40.93
CA LEU C 79 -79.38 -7.49 -40.35
C LEU C 79 -80.28 -6.28 -40.15
N ALA C 80 -81.60 -6.50 -40.23
CA ALA C 80 -82.59 -5.46 -39.91
C ALA C 80 -82.59 -5.12 -38.41
N ARG C 81 -82.41 -6.14 -37.56
CA ARG C 81 -82.39 -5.94 -36.12
C ARG C 81 -81.01 -5.47 -35.66
N GLN C 82 -80.94 -4.23 -35.17
CA GLN C 82 -79.67 -3.62 -34.79
C GLN C 82 -79.73 -3.00 -33.39
N PRO C 83 -79.40 -3.79 -32.35
CA PRO C 83 -79.52 -3.37 -30.93
C PRO C 83 -78.65 -2.15 -30.58
N LEU C 84 -77.57 -1.97 -31.33
CA LEU C 84 -76.54 -1.03 -30.92
C LEU C 84 -76.54 0.24 -31.77
N GLY C 85 -77.54 0.37 -32.64
CA GLY C 85 -77.58 1.45 -33.61
C GLY C 85 -78.10 2.80 -33.11
N GLY C 86 -78.63 2.84 -31.90
CA GLY C 86 -79.13 4.06 -31.30
C GLY C 86 -78.11 5.19 -31.11
N PRO C 87 -78.58 6.44 -31.14
CA PRO C 87 -77.70 7.61 -31.08
C PRO C 87 -77.13 7.89 -29.69
N LEU C 88 -75.98 8.57 -29.66
CA LEU C 88 -75.42 9.08 -28.41
C LEU C 88 -76.44 9.98 -27.73
N GLY C 89 -76.40 10.02 -26.41
CA GLY C 89 -77.21 10.99 -25.70
C GLY C 89 -76.63 12.38 -25.87
N GLY C 90 -77.39 13.37 -25.43
CA GLY C 90 -76.89 14.73 -25.37
C GLY C 90 -75.75 14.83 -24.37
N ILE C 91 -74.98 15.92 -24.49
CA ILE C 91 -73.95 16.27 -23.54
C ILE C 91 -74.58 16.42 -22.15
N ASN C 92 -73.97 15.81 -21.13
CA ASN C 92 -74.49 15.85 -19.77
C ASN C 92 -73.38 15.55 -18.77
N PRO C 93 -72.98 16.56 -17.98
CA PRO C 93 -71.88 16.42 -17.02
C PRO C 93 -72.29 15.79 -15.68
N ASN C 94 -73.58 15.52 -15.54
CA ASN C 94 -74.15 15.12 -14.26
C ASN C 94 -73.78 13.72 -13.81
N ARG C 95 -73.71 13.57 -12.48
CA ARG C 95 -73.58 12.27 -11.82
C ARG C 95 -74.87 11.52 -12.13
N LEU C 96 -74.75 10.29 -12.61
CA LEU C 96 -75.93 9.52 -13.01
C LEU C 96 -75.98 8.23 -12.23
N ARG C 97 -77.16 7.80 -11.82
CA ARG C 97 -77.30 6.47 -11.27
C ARG C 97 -78.50 5.77 -11.89
N TRP C 98 -78.34 4.49 -12.23
CA TRP C 98 -79.43 3.68 -12.77
C TRP C 98 -79.83 2.54 -11.84
N SER C 99 -81.13 2.30 -11.76
CA SER C 99 -81.65 1.11 -11.11
C SER C 99 -81.34 -0.09 -12.01
N PRO C 100 -81.53 -1.32 -11.51
CA PRO C 100 -81.23 -2.49 -12.35
C PRO C 100 -82.09 -2.54 -13.61
N GLN C 101 -81.57 -3.15 -14.67
CA GLN C 101 -82.26 -3.18 -15.95
C GLN C 101 -83.13 -4.42 -16.01
N PRO C 102 -84.41 -4.22 -16.33
CA PRO C 102 -85.36 -5.32 -16.47
C PRO C 102 -85.09 -6.13 -17.75
N ILE C 103 -85.19 -7.44 -17.63
CA ILE C 103 -85.06 -8.31 -18.78
C ILE C 103 -86.30 -8.14 -19.65
N PRO C 104 -86.10 -7.79 -20.93
CA PRO C 104 -87.19 -7.56 -21.87
C PRO C 104 -88.01 -8.82 -22.18
N ALA C 105 -89.22 -8.65 -22.70
CA ALA C 105 -90.12 -9.78 -22.93
C ALA C 105 -89.91 -10.47 -24.28
N GLU C 106 -89.73 -9.69 -25.33
CA GLU C 106 -89.52 -10.22 -26.67
C GLU C 106 -88.26 -11.09 -26.69
N PRO C 107 -88.20 -12.09 -27.59
CA PRO C 107 -87.03 -12.98 -27.61
C PRO C 107 -85.74 -12.21 -27.74
N THR C 108 -84.81 -12.47 -26.84
CA THR C 108 -83.54 -11.75 -26.85
C THR C 108 -82.42 -12.69 -26.42
N ASP C 109 -81.56 -13.05 -27.36
CA ASP C 109 -80.37 -13.81 -26.99
C ASP C 109 -79.28 -12.86 -26.50
N PHE C 110 -78.12 -13.43 -26.16
CA PHE C 110 -77.01 -12.66 -25.60
C PHE C 110 -76.61 -11.48 -26.49
N ILE C 111 -76.54 -11.67 -27.80
CA ILE C 111 -76.03 -10.58 -28.63
C ILE C 111 -77.09 -9.54 -28.98
N GLU C 112 -78.35 -9.94 -28.94
CA GLU C 112 -79.45 -9.01 -29.19
C GLU C 112 -79.79 -8.15 -27.97
N GLY C 113 -79.20 -8.50 -26.83
CA GLY C 113 -79.57 -7.86 -25.57
C GLY C 113 -78.62 -6.86 -24.95
N TRP C 114 -77.60 -6.44 -25.69
CA TRP C 114 -76.69 -5.43 -25.15
C TRP C 114 -77.37 -4.07 -25.07
N LEU C 115 -77.55 -3.58 -23.86
CA LEU C 115 -78.06 -2.23 -23.67
C LEU C 115 -76.86 -1.27 -23.55
N PRO C 116 -76.68 -0.39 -24.55
CA PRO C 116 -75.59 0.59 -24.52
C PRO C 116 -75.79 1.55 -23.36
N MET C 117 -74.87 1.54 -22.42
CA MET C 117 -74.97 2.42 -21.26
C MET C 117 -74.15 3.71 -21.46
N ALA C 118 -72.86 3.56 -21.73
CA ALA C 118 -72.01 4.71 -22.01
C ALA C 118 -70.78 4.22 -22.75
N ALA C 119 -70.23 5.07 -23.60
CA ALA C 119 -69.04 4.70 -24.37
C ALA C 119 -68.19 5.92 -24.70
N ASN C 120 -66.91 5.69 -24.94
CA ASN C 120 -65.99 6.76 -25.28
C ASN C 120 -66.24 7.37 -26.66
N ALA C 121 -66.84 6.59 -27.57
CA ALA C 121 -67.14 7.05 -28.92
C ALA C 121 -68.44 6.45 -29.47
N GLY C 122 -68.91 7.02 -30.58
CA GLY C 122 -69.99 6.45 -31.35
C GLY C 122 -69.64 5.04 -31.78
N ALA C 123 -70.63 4.15 -31.80
CA ALA C 123 -70.42 2.73 -32.11
C ALA C 123 -69.89 2.49 -33.52
N GLU C 124 -70.12 3.46 -34.40
CA GLU C 124 -69.67 3.35 -35.77
C GLU C 124 -68.20 3.74 -35.88
N LYS C 125 -67.68 4.29 -34.78
CA LYS C 125 -66.26 4.64 -34.71
C LYS C 125 -65.69 4.15 -33.41
N PRO C 126 -65.64 2.82 -33.21
CA PRO C 126 -65.23 2.32 -31.91
C PRO C 126 -63.83 2.78 -31.54
N ALA C 127 -63.67 3.21 -30.30
CA ALA C 127 -62.41 3.68 -29.80
C ALA C 127 -62.47 3.62 -28.28
N GLY C 128 -61.36 3.21 -27.65
CA GLY C 128 -61.30 3.11 -26.20
C GLY C 128 -62.21 2.01 -25.65
N VAL C 129 -63.29 2.39 -24.96
CA VAL C 129 -64.18 1.41 -24.34
C VAL C 129 -65.66 1.76 -24.53
N SER C 130 -66.48 0.72 -24.71
CA SER C 130 -67.93 0.86 -24.78
C SER C 130 -68.56 -0.09 -23.73
N ILE C 131 -69.47 0.44 -22.93
CA ILE C 131 -70.04 -0.29 -21.80
C ILE C 131 -71.49 -0.66 -22.06
N TYR C 132 -71.85 -1.89 -21.73
CA TYR C 132 -73.22 -2.36 -21.89
C TYR C 132 -73.69 -3.09 -20.65
N ILE C 133 -75.00 -3.16 -20.49
CA ILE C 133 -75.57 -4.17 -19.63
C ILE C 133 -76.30 -5.14 -20.54
N TYR C 134 -75.93 -6.42 -20.48
CA TYR C 134 -76.63 -7.39 -21.29
C TYR C 134 -77.85 -7.94 -20.55
N ARG C 135 -78.91 -8.24 -21.31
CA ARG C 135 -80.14 -8.81 -20.77
C ARG C 135 -80.60 -9.84 -21.79
N ALA C 136 -80.80 -11.07 -21.37
CA ALA C 136 -81.13 -12.12 -22.32
C ALA C 136 -82.12 -13.13 -21.74
N ASN C 137 -82.92 -13.72 -22.63
CA ASN C 137 -83.93 -14.69 -22.23
C ASN C 137 -83.95 -15.93 -23.14
N ARG C 138 -83.01 -15.98 -24.08
CA ARG C 138 -82.89 -17.11 -25.00
C ARG C 138 -81.42 -17.48 -25.17
N SER C 139 -81.13 -18.77 -25.29
CA SER C 139 -79.78 -19.19 -25.65
C SER C 139 -79.59 -18.91 -27.14
N MET C 140 -78.36 -18.62 -27.54
CA MET C 140 -78.07 -18.30 -28.94
C MET C 140 -78.17 -19.50 -29.87
N GLU C 141 -78.95 -19.32 -30.94
CA GLU C 141 -79.09 -20.31 -31.99
C GLU C 141 -78.28 -19.87 -33.19
N ARG C 142 -77.00 -19.60 -32.94
CA ARG C 142 -76.08 -19.09 -33.95
C ARG C 142 -74.70 -18.86 -33.36
N VAL C 143 -73.73 -18.52 -34.20
CA VAL C 143 -72.38 -18.22 -33.74
C VAL C 143 -71.99 -16.79 -34.09
N PHE C 144 -71.24 -16.16 -33.19
CA PHE C 144 -70.97 -14.71 -33.23
C PHE C 144 -69.48 -14.38 -33.04
N PHE C 145 -68.98 -13.37 -33.74
CA PHE C 145 -67.72 -12.72 -33.33
C PHE C 145 -67.80 -11.21 -33.31
N ASN C 146 -66.98 -10.61 -32.46
CA ASN C 146 -66.93 -9.17 -32.38
C ASN C 146 -65.65 -8.70 -33.04
N ALA C 147 -65.79 -7.94 -34.12
CA ALA C 147 -64.63 -7.43 -34.83
C ALA C 147 -64.19 -6.11 -34.23
N ASP C 148 -65.01 -5.53 -33.35
CA ASP C 148 -64.77 -4.18 -32.83
C ASP C 148 -63.91 -4.12 -31.57
N GLY C 149 -63.78 -5.25 -30.89
CA GLY C 149 -62.98 -5.28 -29.68
C GLY C 149 -63.07 -6.55 -28.88
N GLU C 150 -62.24 -6.61 -27.86
CA GLU C 150 -62.22 -7.70 -26.90
C GLU C 150 -63.38 -7.49 -25.94
N LEU C 151 -63.96 -8.57 -25.45
CA LEU C 151 -65.10 -8.44 -24.55
C LEU C 151 -64.79 -8.97 -23.15
N LEU C 152 -64.91 -8.07 -22.17
CA LEU C 152 -64.90 -8.48 -20.76
C LEU C 152 -66.34 -8.65 -20.25
N LEU C 153 -66.68 -9.86 -19.85
CA LEU C 153 -68.04 -10.13 -19.38
C LEU C 153 -68.11 -10.24 -17.85
N VAL C 154 -69.07 -9.55 -17.25
CA VAL C 154 -69.21 -9.58 -15.79
C VAL C 154 -70.65 -9.96 -15.40
N PRO C 155 -70.93 -11.27 -15.31
CA PRO C 155 -72.23 -11.87 -15.01
C PRO C 155 -72.81 -11.39 -13.69
N GLU C 156 -74.08 -11.01 -13.69
CA GLU C 156 -74.71 -10.52 -12.46
C GLU C 156 -75.88 -11.40 -12.02
N GLN C 157 -76.70 -11.82 -12.97
CA GLN C 157 -77.69 -12.86 -12.69
C GLN C 157 -77.56 -13.93 -13.75
N GLY C 158 -77.54 -15.19 -13.33
CA GLY C 158 -77.61 -16.30 -14.26
C GLY C 158 -76.27 -16.78 -14.81
N ARG C 159 -76.16 -18.08 -14.97
CA ARG C 159 -74.92 -18.71 -15.40
C ARG C 159 -74.81 -18.74 -16.91
N LEU C 160 -73.59 -18.68 -17.43
CA LEU C 160 -73.40 -18.75 -18.88
C LEU C 160 -72.58 -19.97 -19.27
N ARG C 161 -72.99 -20.68 -20.31
CA ARG C 161 -72.12 -21.64 -20.95
C ARG C 161 -71.71 -21.04 -22.29
N ILE C 162 -70.43 -20.72 -22.42
CA ILE C 162 -69.92 -20.01 -23.59
C ILE C 162 -69.05 -20.96 -24.41
N ALA C 163 -69.57 -21.44 -25.52
CA ALA C 163 -68.80 -22.33 -26.37
C ALA C 163 -68.04 -21.46 -27.33
N THR C 164 -66.71 -21.53 -27.28
CA THR C 164 -65.89 -20.73 -28.19
C THR C 164 -65.13 -21.66 -29.14
N GLU C 165 -64.37 -21.07 -30.05
CA GLU C 165 -63.54 -21.85 -30.96
C GLU C 165 -62.50 -22.71 -30.25
N LEU C 166 -61.98 -22.24 -29.11
CA LEU C 166 -60.90 -22.98 -28.46
C LEU C 166 -61.45 -23.90 -27.39
N GLY C 167 -62.76 -23.87 -27.21
CA GLY C 167 -63.38 -24.72 -26.21
C GLY C 167 -64.53 -24.06 -25.47
N VAL C 168 -65.11 -24.83 -24.54
CA VAL C 168 -66.29 -24.41 -23.80
C VAL C 168 -65.94 -23.96 -22.39
N MET C 169 -66.46 -22.81 -21.98
CA MET C 169 -66.30 -22.37 -20.61
C MET C 169 -67.63 -21.96 -19.97
N GLU C 170 -67.71 -22.11 -18.65
CA GLU C 170 -68.90 -21.77 -17.90
C GLU C 170 -68.62 -20.68 -16.89
N VAL C 171 -69.40 -19.61 -16.97
CA VAL C 171 -69.20 -18.45 -16.09
C VAL C 171 -70.47 -18.21 -15.26
N GLU C 172 -70.27 -17.93 -13.99
CA GLU C 172 -71.36 -17.60 -13.09
C GLU C 172 -71.04 -16.25 -12.46
N PRO C 173 -72.02 -15.61 -11.80
CA PRO C 173 -71.72 -14.36 -11.08
C PRO C 173 -70.64 -14.61 -10.04
N LEU C 174 -69.81 -13.58 -9.84
CA LEU C 174 -68.56 -13.61 -9.05
C LEU C 174 -67.36 -14.12 -9.85
N GLU C 175 -67.63 -14.55 -11.07
CA GLU C 175 -66.60 -14.85 -12.05
C GLU C 175 -66.65 -13.85 -13.19
N ILE C 176 -65.52 -13.66 -13.86
CA ILE C 176 -65.51 -12.91 -15.10
C ILE C 176 -64.97 -13.79 -16.20
N ALA C 177 -65.26 -13.40 -17.44
CA ALA C 177 -64.74 -14.04 -18.64
C ALA C 177 -64.36 -13.00 -19.70
N VAL C 178 -63.33 -13.33 -20.49
CA VAL C 178 -62.86 -12.47 -21.59
C VAL C 178 -62.78 -13.28 -22.87
N ILE C 179 -63.21 -12.66 -23.97
CA ILE C 179 -63.21 -13.25 -25.30
C ILE C 179 -62.49 -12.33 -26.28
N PRO C 180 -61.38 -12.81 -26.87
CA PRO C 180 -60.61 -11.99 -27.82
C PRO C 180 -61.44 -11.47 -29.02
N ARG C 181 -61.09 -10.28 -29.50
CA ARG C 181 -61.66 -9.73 -30.71
C ARG C 181 -61.55 -10.76 -31.82
N GLY C 182 -62.67 -10.99 -32.52
CA GLY C 182 -62.64 -11.81 -33.72
C GLY C 182 -62.87 -13.28 -33.49
N MET C 183 -62.81 -13.70 -32.24
CA MET C 183 -63.01 -15.11 -31.90
C MET C 183 -64.48 -15.44 -31.87
N LYS C 184 -64.82 -16.59 -32.44
CA LYS C 184 -66.20 -17.00 -32.61
C LYS C 184 -66.69 -17.74 -31.36
N PHE C 185 -67.94 -17.45 -30.99
CA PHE C 185 -68.52 -18.05 -29.79
C PHE C 185 -70.05 -18.08 -29.75
N ARG C 186 -70.58 -18.92 -28.86
CA ARG C 186 -72.02 -19.12 -28.73
C ARG C 186 -72.37 -19.12 -27.23
N VAL C 187 -73.31 -18.27 -26.84
CA VAL C 187 -73.66 -18.20 -25.43
C VAL C 187 -74.94 -18.97 -25.13
N GLU C 188 -74.83 -19.99 -24.28
CA GLU C 188 -76.01 -20.69 -23.77
C GLU C 188 -76.35 -20.14 -22.38
N LEU C 189 -77.64 -19.98 -22.11
CA LEU C 189 -78.09 -19.57 -20.78
C LEU C 189 -78.47 -20.79 -19.98
N LEU C 190 -77.72 -21.08 -18.93
CA LEU C 190 -77.97 -22.26 -18.12
C LEU C 190 -79.16 -22.08 -17.18
N ASP C 191 -79.57 -20.83 -16.98
CA ASP C 191 -80.67 -20.53 -16.07
C ASP C 191 -81.87 -19.85 -16.76
N GLY C 192 -81.96 -20.02 -18.07
CA GLY C 192 -83.14 -19.58 -18.81
C GLY C 192 -83.08 -18.13 -19.24
N GLN C 193 -82.58 -17.29 -18.34
CA GLN C 193 -82.32 -15.89 -18.65
C GLN C 193 -81.01 -15.47 -17.98
N ALA C 194 -80.48 -14.31 -18.38
CA ALA C 194 -79.25 -13.83 -17.76
C ALA C 194 -79.12 -12.32 -17.87
N ARG C 195 -78.41 -11.73 -16.90
CA ARG C 195 -78.16 -10.30 -16.89
C ARG C 195 -76.75 -10.05 -16.34
N GLY C 196 -76.11 -8.98 -16.81
CA GLY C 196 -74.74 -8.72 -16.42
C GLY C 196 -74.13 -7.54 -17.17
N TYR C 197 -72.88 -7.23 -16.86
CA TYR C 197 -72.19 -6.08 -17.46
C TYR C 197 -71.16 -6.48 -18.52
N ILE C 198 -70.98 -5.60 -19.50
CA ILE C 198 -69.95 -5.78 -20.51
C ILE C 198 -69.06 -4.55 -20.65
N ALA C 199 -67.76 -4.77 -20.54
CA ALA C 199 -66.79 -3.79 -20.99
C ALA C 199 -66.23 -4.25 -22.34
N GLU C 200 -66.57 -3.51 -23.39
CA GLU C 200 -66.04 -3.78 -24.71
C GLU C 200 -64.79 -2.96 -24.86
N ASN C 201 -63.66 -3.63 -25.01
CA ASN C 201 -62.37 -2.97 -25.10
C ASN C 201 -61.90 -2.84 -26.55
N HIS C 202 -61.92 -1.62 -27.07
CA HIS C 202 -61.49 -1.35 -28.44
C HIS C 202 -59.98 -1.16 -28.56
N GLY C 203 -59.27 -1.15 -27.43
CA GLY C 203 -57.86 -0.80 -27.39
C GLY C 203 -56.94 -1.97 -27.10
N ALA C 204 -55.79 -1.67 -26.48
CA ALA C 204 -54.79 -2.69 -26.14
C ALA C 204 -55.41 -3.73 -25.23
N PRO C 205 -55.13 -5.02 -25.50
CA PRO C 205 -55.80 -6.12 -24.78
C PRO C 205 -55.62 -6.02 -23.26
N LEU C 206 -56.65 -6.44 -22.51
CA LEU C 206 -56.53 -6.49 -21.05
C LEU C 206 -55.40 -7.40 -20.62
N ARG C 207 -54.70 -6.99 -19.59
CA ARG C 207 -53.65 -7.83 -19.03
C ARG C 207 -53.50 -7.49 -17.56
N LEU C 208 -52.60 -8.19 -16.90
CA LEU C 208 -52.41 -8.02 -15.48
C LEU C 208 -51.63 -6.72 -15.26
N PRO C 209 -51.98 -5.98 -14.21
CA PRO C 209 -51.30 -4.71 -13.91
C PRO C 209 -49.85 -4.89 -13.47
N ASP C 210 -49.03 -3.86 -13.69
CA ASP C 210 -47.72 -3.75 -13.09
C ASP C 210 -47.99 -3.76 -11.60
N LEU C 211 -47.23 -4.55 -10.84
CA LEU C 211 -47.50 -4.72 -9.42
C LEU C 211 -46.74 -3.70 -8.58
N GLY C 212 -45.69 -3.12 -9.15
CA GLY C 212 -44.86 -2.21 -8.39
C GLY C 212 -44.30 -2.94 -7.18
N PRO C 213 -44.35 -2.30 -6.01
CA PRO C 213 -43.82 -2.83 -4.75
C PRO C 213 -44.61 -4.02 -4.22
N ILE C 214 -45.81 -4.28 -4.74
CA ILE C 214 -46.46 -5.55 -4.40
C ILE C 214 -45.59 -6.71 -4.91
N GLY C 215 -44.70 -6.47 -5.87
CA GLY C 215 -43.69 -7.44 -6.23
C GLY C 215 -44.07 -8.54 -7.22
N SER C 216 -43.83 -9.80 -6.84
CA SER C 216 -44.01 -10.91 -7.80
C SER C 216 -45.21 -11.83 -7.55
N ASN C 217 -46.06 -11.46 -6.58
CA ASN C 217 -47.26 -12.21 -6.27
C ASN C 217 -48.30 -11.22 -5.77
N GLY C 218 -49.56 -11.61 -5.83
CA GLY C 218 -50.60 -10.82 -5.22
C GLY C 218 -51.58 -10.30 -6.25
N LEU C 219 -52.66 -9.71 -5.75
CA LEU C 219 -53.77 -9.27 -6.57
C LEU C 219 -54.28 -10.50 -7.32
N ALA C 220 -54.55 -10.37 -8.61
CA ALA C 220 -54.92 -11.55 -9.39
C ALA C 220 -53.68 -12.37 -9.76
N ASN C 221 -53.48 -13.47 -9.07
CA ASN C 221 -52.42 -14.41 -9.43
C ASN C 221 -52.71 -15.07 -10.78
N PRO C 222 -51.69 -15.16 -11.66
CA PRO C 222 -51.84 -15.71 -13.01
C PRO C 222 -52.30 -17.17 -13.10
N ARG C 223 -52.06 -17.94 -12.04
CA ARG C 223 -52.42 -19.37 -12.00
C ARG C 223 -53.93 -19.57 -11.98
N ASP C 224 -54.67 -18.52 -11.64
CA ASP C 224 -56.13 -18.60 -11.53
C ASP C 224 -56.86 -18.24 -12.81
N PHE C 225 -56.11 -17.89 -13.84
CA PHE C 225 -56.70 -17.56 -15.15
C PHE C 225 -56.85 -18.81 -16.03
N LEU C 226 -58.08 -19.19 -16.29
CA LEU C 226 -58.35 -20.51 -16.83
C LEU C 226 -58.87 -20.43 -18.24
N THR C 227 -58.34 -21.30 -19.09
CA THR C 227 -58.71 -21.33 -20.48
C THR C 227 -59.24 -22.72 -20.83
N PRO C 228 -60.32 -22.78 -21.64
CA PRO C 228 -60.95 -24.06 -21.99
C PRO C 228 -60.06 -24.95 -22.85
N VAL C 229 -60.22 -26.27 -22.74
CA VAL C 229 -59.51 -27.22 -23.60
C VAL C 229 -60.25 -27.35 -24.93
N ALA C 230 -59.56 -27.87 -25.94
CA ALA C 230 -60.14 -27.97 -27.27
C ALA C 230 -61.46 -28.77 -27.31
N HIS C 231 -62.44 -28.23 -28.01
CA HIS C 231 -63.70 -28.94 -28.25
C HIS C 231 -64.28 -28.51 -29.58
N TYR C 232 -64.69 -29.47 -30.39
CA TYR C 232 -65.22 -29.17 -31.71
C TYR C 232 -66.57 -29.85 -31.93
N GLU C 233 -67.40 -29.25 -32.77
CA GLU C 233 -68.72 -29.78 -33.10
C GLU C 233 -68.72 -30.23 -34.56
N GLU C 234 -69.52 -31.24 -34.87
CA GLU C 234 -69.58 -31.75 -36.25
C GLU C 234 -70.98 -31.77 -36.83
N ALA C 235 -71.86 -30.95 -36.28
CA ALA C 235 -73.22 -30.83 -36.81
C ALA C 235 -73.19 -30.32 -38.24
N GLU C 236 -74.13 -30.80 -39.05
CA GLU C 236 -74.28 -30.32 -40.41
C GLU C 236 -75.62 -29.62 -40.48
N GLY C 237 -75.78 -28.72 -41.45
CA GLY C 237 -77.00 -27.93 -41.57
C GLY C 237 -76.66 -26.47 -41.42
N PRO C 238 -77.59 -25.59 -41.82
CA PRO C 238 -77.37 -24.14 -41.75
C PRO C 238 -77.06 -23.63 -40.34
N VAL C 239 -76.08 -22.72 -40.28
CA VAL C 239 -75.79 -21.97 -39.07
C VAL C 239 -75.61 -20.53 -39.49
N GLN C 240 -76.25 -19.62 -38.77
CA GLN C 240 -75.98 -18.22 -38.98
C GLN C 240 -74.71 -17.81 -38.26
N LEU C 241 -73.83 -17.14 -39.00
CA LEU C 241 -72.67 -16.48 -38.43
C LEU C 241 -72.99 -14.99 -38.40
N VAL C 242 -72.83 -14.39 -37.22
CA VAL C 242 -73.04 -12.95 -37.07
C VAL C 242 -71.74 -12.32 -36.64
N GLN C 243 -71.42 -11.15 -37.19
CA GLN C 243 -70.33 -10.36 -36.66
C GLN C 243 -70.81 -8.95 -36.33
N LYS C 244 -70.24 -8.39 -35.28
CA LYS C 244 -70.46 -6.98 -34.98
C LYS C 244 -69.32 -6.20 -35.62
N PHE C 245 -69.66 -5.26 -36.50
CA PHE C 245 -68.65 -4.47 -37.20
C PHE C 245 -69.12 -3.03 -37.32
N LEU C 246 -68.27 -2.13 -36.83
CA LEU C 246 -68.57 -0.70 -36.67
C LEU C 246 -69.93 -0.51 -36.02
N GLY C 247 -70.20 -1.36 -35.04
CA GLY C 247 -71.40 -1.27 -34.22
C GLY C 247 -72.59 -2.03 -34.75
N GLU C 248 -72.46 -2.55 -35.98
CA GLU C 248 -73.60 -3.19 -36.65
C GLU C 248 -73.52 -4.70 -36.68
N HIS C 249 -74.67 -5.35 -36.67
CA HIS C 249 -74.78 -6.79 -36.83
C HIS C 249 -74.92 -7.17 -38.31
N TRP C 250 -73.95 -7.93 -38.81
CA TRP C 250 -73.98 -8.45 -40.19
C TRP C 250 -73.93 -9.97 -40.12
N ALA C 251 -74.60 -10.65 -41.06
CA ALA C 251 -74.74 -12.11 -40.97
C ALA C 251 -74.62 -12.85 -42.30
N CYS C 252 -74.12 -14.07 -42.23
CA CYS C 252 -74.22 -15.00 -43.34
C CYS C 252 -74.63 -16.35 -42.81
N GLU C 253 -75.10 -17.21 -43.71
CA GLU C 253 -75.45 -18.57 -43.36
C GLU C 253 -74.34 -19.52 -43.78
N LEU C 254 -73.89 -20.35 -42.85
CA LEU C 254 -72.92 -21.40 -43.15
C LEU C 254 -73.62 -22.75 -43.20
N GLN C 255 -73.02 -23.74 -43.84
CA GLN C 255 -73.60 -25.08 -43.90
C GLN C 255 -72.79 -26.07 -43.07
N HIS C 256 -72.09 -25.54 -42.09
CA HIS C 256 -71.27 -26.33 -41.17
C HIS C 256 -71.13 -25.48 -39.93
N SER C 257 -70.74 -26.10 -38.81
CA SER C 257 -70.44 -25.32 -37.62
C SER C 257 -69.04 -24.75 -37.67
N PRO C 258 -68.91 -23.47 -37.37
CA PRO C 258 -67.61 -22.78 -37.36
C PRO C 258 -66.85 -23.05 -36.05
N LEU C 259 -67.52 -23.68 -35.10
CA LEU C 259 -66.86 -24.16 -33.91
C LEU C 259 -66.26 -25.53 -34.21
N ASP C 260 -65.41 -25.58 -35.24
CA ASP C 260 -64.86 -26.85 -35.73
C ASP C 260 -63.36 -26.95 -35.54
N VAL C 261 -62.86 -26.43 -34.43
CA VAL C 261 -61.43 -26.46 -34.13
C VAL C 261 -61.04 -27.70 -33.35
N VAL C 262 -60.35 -28.64 -34.01
CA VAL C 262 -59.97 -29.91 -33.40
C VAL C 262 -58.78 -29.78 -32.45
N ALA C 263 -57.94 -28.79 -32.72
CA ALA C 263 -56.76 -28.54 -31.89
C ALA C 263 -56.23 -27.15 -32.11
N TRP C 264 -55.52 -26.63 -31.12
CA TRP C 264 -54.97 -25.29 -31.27
C TRP C 264 -53.78 -25.11 -30.35
N HIS C 265 -52.99 -24.09 -30.61
CA HIS C 265 -51.89 -23.71 -29.73
C HIS C 265 -51.61 -22.21 -29.85
N GLY C 266 -51.28 -21.56 -28.75
CA GLY C 266 -51.08 -20.12 -28.77
C GLY C 266 -51.52 -19.36 -27.52
N SER C 267 -51.62 -18.05 -27.66
CA SER C 267 -51.79 -17.18 -26.50
C SER C 267 -52.99 -16.26 -26.66
N ASN C 268 -53.59 -16.24 -27.83
CA ASN C 268 -54.81 -15.47 -28.04
C ASN C 268 -55.99 -16.36 -27.67
N VAL C 269 -56.37 -16.36 -26.39
CA VAL C 269 -57.31 -17.36 -25.89
C VAL C 269 -58.47 -16.76 -25.05
N PRO C 270 -59.64 -17.43 -25.08
CA PRO C 270 -60.67 -16.99 -24.12
C PRO C 270 -60.25 -17.42 -22.71
N TYR C 271 -60.75 -16.74 -21.68
CA TYR C 271 -60.44 -17.17 -20.33
C TYR C 271 -61.47 -16.69 -19.33
N LYS C 272 -61.42 -17.27 -18.14
CA LYS C 272 -62.27 -16.82 -17.03
C LYS C 272 -61.45 -16.72 -15.78
N TYR C 273 -62.00 -16.03 -14.80
CA TYR C 273 -61.28 -15.79 -13.56
C TYR C 273 -62.30 -15.60 -12.45
N ASP C 274 -62.08 -16.32 -11.37
CA ASP C 274 -62.96 -16.28 -10.20
C ASP C 274 -62.52 -15.17 -9.26
N LEU C 275 -63.30 -14.09 -9.22
CA LEU C 275 -63.01 -12.93 -8.36
C LEU C 275 -62.78 -13.28 -6.89
N ARG C 276 -63.37 -14.37 -6.42
CA ARG C 276 -63.17 -14.80 -5.04
C ARG C 276 -61.72 -15.23 -4.76
N ARG C 277 -60.93 -15.39 -5.82
CA ARG C 277 -59.53 -15.76 -5.64
C ARG C 277 -58.60 -14.56 -5.62
N PHE C 278 -59.17 -13.35 -5.62
CA PHE C 278 -58.37 -12.12 -5.64
C PHE C 278 -57.57 -11.94 -4.37
N ASN C 279 -56.24 -11.94 -4.49
CA ASN C 279 -55.37 -11.74 -3.32
C ASN C 279 -55.39 -10.28 -2.96
N THR C 280 -56.46 -9.88 -2.27
CA THR C 280 -56.73 -8.49 -1.97
C THR C 280 -55.67 -7.89 -1.06
N ILE C 281 -55.18 -6.73 -1.45
CA ILE C 281 -54.14 -6.00 -0.75
C ILE C 281 -54.76 -4.67 -0.34
N GLY C 282 -54.45 -4.21 0.88
CA GLY C 282 -54.91 -2.91 1.34
C GLY C 282 -54.03 -2.34 2.45
N THR C 283 -54.62 -1.47 3.26
CA THR C 283 -53.88 -0.85 4.35
C THR C 283 -53.91 -1.78 5.55
N VAL C 284 -52.76 -1.97 6.18
CA VAL C 284 -52.69 -2.71 7.44
C VAL C 284 -52.23 -1.73 8.52
N SER C 285 -52.53 -0.45 8.30
CA SER C 285 -52.12 0.63 9.21
C SER C 285 -53.22 1.68 9.40
N PHE C 286 -53.24 2.67 8.52
CA PHE C 286 -54.19 3.78 8.59
C PHE C 286 -54.51 4.24 7.18
N ASP C 287 -55.31 5.30 7.08
CA ASP C 287 -55.67 5.89 5.78
C ASP C 287 -56.45 4.94 4.85
N HIS C 288 -56.74 5.40 3.63
CA HIS C 288 -57.63 4.69 2.71
C HIS C 288 -56.98 4.68 1.33
N PRO C 289 -56.38 3.53 0.96
CA PRO C 289 -55.61 3.41 -0.28
C PRO C 289 -56.38 3.69 -1.56
N ASP C 290 -55.68 4.24 -2.54
CA ASP C 290 -56.24 4.46 -3.86
C ASP C 290 -56.86 3.17 -4.39
N PRO C 291 -58.06 3.26 -4.98
CA PRO C 291 -58.80 2.09 -5.48
C PRO C 291 -58.10 1.36 -6.63
N SER C 292 -57.07 1.97 -7.20
CA SER C 292 -56.23 1.28 -8.19
C SER C 292 -55.60 0.05 -7.56
N ILE C 293 -55.45 0.07 -6.24
CA ILE C 293 -54.87 -1.07 -5.53
C ILE C 293 -55.69 -2.36 -5.72
N PHE C 294 -56.95 -2.20 -6.16
CA PHE C 294 -57.86 -3.32 -6.42
C PHE C 294 -57.93 -3.73 -7.88
N THR C 295 -56.93 -3.38 -8.67
CA THR C 295 -56.99 -3.64 -10.11
C THR C 295 -56.93 -5.13 -10.40
N VAL C 296 -57.90 -5.63 -11.16
CA VAL C 296 -57.84 -7.02 -11.59
C VAL C 296 -57.13 -7.12 -12.95
N LEU C 297 -57.63 -6.38 -13.93
CA LEU C 297 -57.06 -6.34 -15.28
C LEU C 297 -57.00 -4.90 -15.78
N THR C 298 -56.08 -4.62 -16.69
CA THR C 298 -55.94 -3.27 -17.18
C THR C 298 -55.64 -3.26 -18.69
N SER C 299 -56.09 -2.21 -19.36
CA SER C 299 -55.81 -2.00 -20.79
C SER C 299 -55.07 -0.69 -20.93
N PRO C 300 -53.77 -0.75 -21.25
CA PRO C 300 -52.93 0.46 -21.31
C PRO C 300 -53.22 1.33 -22.53
N THR C 301 -52.63 2.52 -22.51
CA THR C 301 -52.51 3.35 -23.72
C THR C 301 -51.02 3.58 -23.96
N SER C 302 -50.70 4.30 -25.03
CA SER C 302 -49.30 4.65 -25.27
C SER C 302 -48.75 5.60 -24.20
N VAL C 303 -49.65 6.30 -23.52
CA VAL C 303 -49.27 7.14 -22.40
C VAL C 303 -49.03 6.25 -21.21
N HIS C 304 -47.79 6.15 -20.79
CA HIS C 304 -47.46 5.28 -19.68
C HIS C 304 -48.13 5.73 -18.38
N GLY C 305 -48.71 4.77 -17.67
CA GLY C 305 -49.38 5.05 -16.42
C GLY C 305 -50.84 5.47 -16.54
N MET C 306 -51.26 5.83 -17.75
CA MET C 306 -52.65 6.16 -17.96
C MET C 306 -53.37 5.11 -18.80
N ALA C 307 -54.16 4.28 -18.13
CA ALA C 307 -54.82 3.16 -18.81
C ALA C 307 -56.00 3.62 -19.67
N ASN C 308 -56.22 2.89 -20.77
CA ASN C 308 -57.48 2.97 -21.48
C ASN C 308 -58.62 2.71 -20.49
N MET C 309 -58.57 1.56 -19.84
CA MET C 309 -59.45 1.23 -18.73
C MET C 309 -58.74 0.36 -17.69
N ASP C 310 -59.16 0.51 -16.44
CA ASP C 310 -58.87 -0.45 -15.38
C ASP C 310 -60.17 -1.10 -14.96
N PHE C 311 -60.15 -2.41 -14.76
CA PHE C 311 -61.24 -3.14 -14.14
C PHE C 311 -60.82 -3.43 -12.70
N VAL C 312 -61.54 -2.86 -11.75
CA VAL C 312 -61.12 -2.84 -10.37
C VAL C 312 -62.31 -3.38 -9.55
N ILE C 313 -62.04 -4.13 -8.49
CA ILE C 313 -63.15 -4.65 -7.67
C ILE C 313 -63.07 -4.26 -6.20
N PHE C 314 -64.20 -4.27 -5.54
CA PHE C 314 -64.26 -4.00 -4.12
C PHE C 314 -64.84 -5.24 -3.45
N PRO C 315 -63.96 -6.18 -3.10
CA PRO C 315 -64.38 -7.52 -2.65
C PRO C 315 -64.54 -7.55 -1.13
N PRO C 316 -64.99 -8.70 -0.58
CA PRO C 316 -64.91 -8.92 0.86
C PRO C 316 -63.46 -8.75 1.32
N ARG C 317 -63.26 -8.09 2.45
CA ARG C 317 -61.92 -7.70 2.87
C ARG C 317 -61.92 -7.19 4.29
N TRP C 318 -60.77 -7.28 4.95
CA TRP C 318 -60.62 -6.77 6.30
C TRP C 318 -60.32 -5.27 6.27
N MET C 319 -61.02 -4.52 7.11
CA MET C 319 -60.74 -3.11 7.35
C MET C 319 -60.15 -2.99 8.75
N VAL C 320 -58.94 -2.43 8.86
CA VAL C 320 -58.28 -2.29 10.16
C VAL C 320 -57.67 -0.93 10.41
N ALA C 321 -57.83 -0.02 9.44
CA ALA C 321 -57.21 1.29 9.52
C ALA C 321 -57.60 1.99 10.81
N GLU C 322 -56.59 2.43 11.55
CA GLU C 322 -56.76 3.13 12.81
C GLU C 322 -56.80 4.64 12.60
N ASN C 323 -57.56 5.32 13.45
CA ASN C 323 -57.70 6.79 13.42
C ASN C 323 -57.92 7.31 12.00
N THR C 324 -58.78 6.60 11.28
CA THR C 324 -58.98 6.82 9.86
C THR C 324 -60.46 6.84 9.52
N PHE C 325 -60.84 7.73 8.62
CA PHE C 325 -62.14 7.69 7.99
C PHE C 325 -62.10 6.57 6.96
N ARG C 326 -62.78 5.46 7.27
CA ARG C 326 -62.71 4.24 6.48
C ARG C 326 -63.47 4.19 5.13
N PRO C 327 -64.56 4.98 4.97
CA PRO C 327 -65.15 4.95 3.62
C PRO C 327 -64.26 5.65 2.60
N PRO C 328 -64.47 5.39 1.30
CA PRO C 328 -63.82 6.18 0.24
C PRO C 328 -63.95 7.67 0.51
N TRP C 329 -62.84 8.39 0.38
CA TRP C 329 -62.81 9.83 0.57
C TRP C 329 -63.65 10.56 -0.48
N PHE C 330 -64.06 11.79 -0.18
CA PHE C 330 -64.62 12.65 -1.24
C PHE C 330 -63.55 12.80 -2.31
N HIS C 331 -63.99 12.92 -3.56
CA HIS C 331 -63.09 12.73 -4.69
C HIS C 331 -63.57 13.51 -5.91
N ARG C 332 -62.63 14.16 -6.60
CA ARG C 332 -62.84 14.59 -7.99
C ARG C 332 -61.67 14.05 -8.80
N ASN C 333 -61.95 13.60 -10.02
CA ASN C 333 -61.02 12.75 -10.73
C ASN C 333 -60.98 13.06 -12.23
N LEU C 334 -59.77 13.07 -12.79
CA LEU C 334 -59.61 13.23 -14.22
C LEU C 334 -60.28 12.04 -14.93
N MET C 335 -60.09 10.85 -14.37
CA MET C 335 -60.63 9.63 -14.98
C MET C 335 -62.14 9.51 -14.78
N ASN C 336 -62.76 8.59 -15.50
CA ASN C 336 -64.20 8.45 -15.46
C ASN C 336 -64.60 7.13 -14.83
N GLU C 337 -65.49 7.22 -13.84
CA GLU C 337 -65.77 6.13 -12.92
C GLU C 337 -67.16 5.56 -13.14
N PHE C 338 -67.20 4.37 -13.73
CA PHE C 338 -68.44 3.65 -13.93
C PHE C 338 -68.49 2.46 -13.01
N MET C 339 -69.40 2.49 -12.04
CA MET C 339 -69.44 1.43 -11.05
C MET C 339 -70.62 0.48 -11.21
N GLY C 340 -70.37 -0.77 -10.87
CA GLY C 340 -71.39 -1.80 -10.88
C GLY C 340 -71.43 -2.58 -9.58
N LEU C 341 -72.40 -3.48 -9.51
CA LEU C 341 -72.65 -4.25 -8.30
C LEU C 341 -73.08 -5.65 -8.73
N ILE C 342 -72.29 -6.64 -8.33
CA ILE C 342 -72.57 -8.03 -8.66
C ILE C 342 -73.52 -8.61 -7.63
N ASN C 343 -73.15 -8.49 -6.35
CA ASN C 343 -74.10 -8.79 -5.28
C ASN C 343 -73.84 -8.06 -3.97
N GLY C 344 -74.80 -8.15 -3.05
CA GLY C 344 -74.71 -7.51 -1.74
C GLY C 344 -75.22 -6.08 -1.77
N ALA C 345 -74.51 -5.21 -1.06
CA ALA C 345 -74.74 -3.78 -1.14
C ALA C 345 -73.40 -3.08 -1.40
N GLY C 352 -80.21 2.48 -2.84
CA GLY C 352 -80.63 2.80 -4.19
C GLY C 352 -79.59 2.37 -5.21
N PHE C 353 -78.52 1.75 -4.72
CA PHE C 353 -77.54 1.07 -5.55
C PHE C 353 -77.73 -0.42 -5.34
N LEU C 354 -78.38 -1.07 -6.30
CA LEU C 354 -78.74 -2.48 -6.17
C LEU C 354 -77.89 -3.31 -7.12
N PRO C 355 -77.82 -4.63 -6.87
CA PRO C 355 -77.11 -5.48 -7.82
C PRO C 355 -77.69 -5.29 -9.21
N GLY C 356 -76.83 -5.10 -10.19
CA GLY C 356 -77.30 -4.81 -11.53
C GLY C 356 -77.44 -3.33 -11.78
N GLY C 357 -77.30 -2.53 -10.73
CA GLY C 357 -77.34 -1.08 -10.87
C GLY C 357 -76.04 -0.53 -11.45
N ALA C 358 -76.02 0.76 -11.72
CA ALA C 358 -74.83 1.41 -12.25
C ALA C 358 -74.78 2.86 -11.82
N SER C 359 -73.59 3.39 -11.61
CA SER C 359 -73.44 4.83 -11.47
C SER C 359 -72.41 5.31 -12.46
N LEU C 360 -72.49 6.58 -12.85
CA LEU C 360 -71.43 7.18 -13.65
C LEU C 360 -71.05 8.50 -13.01
N HIS C 361 -69.81 8.55 -12.51
CA HIS C 361 -69.22 9.78 -12.05
C HIS C 361 -68.10 10.16 -13.01
N GLY C 362 -68.43 11.04 -13.95
CA GLY C 362 -67.52 11.47 -15.00
C GLY C 362 -66.47 12.49 -14.56
N VAL C 363 -65.63 12.88 -15.52
CA VAL C 363 -64.47 13.75 -15.27
C VAL C 363 -64.77 14.97 -14.39
N MET C 364 -64.04 15.05 -13.28
CA MET C 364 -64.15 16.18 -12.35
C MET C 364 -65.51 16.38 -11.69
N SER C 365 -66.39 15.39 -11.82
CA SER C 365 -67.66 15.41 -11.11
C SER C 365 -67.38 15.05 -9.65
N ALA C 366 -67.97 15.81 -8.73
CA ALA C 366 -67.66 15.65 -7.31
C ALA C 366 -68.45 14.51 -6.69
N HIS C 367 -67.74 13.50 -6.17
CA HIS C 367 -68.44 12.37 -5.54
C HIS C 367 -67.89 12.04 -4.14
N GLY C 368 -68.36 10.95 -3.54
CA GLY C 368 -67.98 10.62 -2.17
C GLY C 368 -69.14 10.12 -1.31
N PRO C 369 -68.91 9.96 0.00
CA PRO C 369 -69.93 9.37 0.88
C PRO C 369 -71.09 10.32 1.16
N ASP C 370 -72.25 9.78 1.50
CA ASP C 370 -73.39 10.61 1.90
C ASP C 370 -73.27 11.01 3.37
N ALA C 371 -74.26 11.74 3.88
CA ALA C 371 -74.22 12.28 5.23
C ALA C 371 -74.23 11.18 6.28
N GLU C 372 -75.04 10.15 6.04
CA GLU C 372 -75.23 9.08 6.98
C GLU C 372 -73.96 8.26 7.15
N THR C 373 -73.27 8.05 6.04
CA THR C 373 -72.01 7.31 6.12
CA THR C 373 -72.00 7.33 6.05
C THR C 373 -70.95 8.14 6.82
N CYS C 374 -70.95 9.45 6.62
CA CYS C 374 -69.95 10.30 7.28
C CYS C 374 -70.15 10.26 8.77
N GLU C 375 -71.40 10.41 9.21
CA GLU C 375 -71.69 10.50 10.63
C GLU C 375 -71.25 9.22 11.29
N LYS C 376 -71.70 8.11 10.73
CA LYS C 376 -71.39 6.80 11.26
C LYS C 376 -69.89 6.54 11.28
N ALA C 377 -69.18 6.94 10.23
CA ALA C 377 -67.74 6.62 10.15
C ALA C 377 -66.90 7.49 11.07
N ILE C 378 -67.37 8.69 11.35
CA ILE C 378 -66.68 9.60 12.24
C ILE C 378 -66.83 9.18 13.71
N ALA C 379 -68.00 8.67 14.06
CA ALA C 379 -68.33 8.28 15.43
C ALA C 379 -67.94 6.83 15.77
N ALA C 380 -67.70 6.01 14.75
CA ALA C 380 -67.43 4.58 14.96
C ALA C 380 -66.24 4.31 15.87
N ASP C 381 -66.36 3.24 16.64
CA ASP C 381 -65.25 2.74 17.42
C ASP C 381 -64.45 1.85 16.48
N LEU C 382 -63.26 2.30 16.11
CA LEU C 382 -62.50 1.59 15.07
C LEU C 382 -61.90 0.29 15.57
N ALA C 383 -62.32 -0.81 14.95
CA ALA C 383 -61.75 -2.12 15.28
C ALA C 383 -61.63 -2.88 13.98
N PRO C 384 -60.81 -3.95 13.98
CA PRO C 384 -60.75 -4.80 12.80
C PRO C 384 -62.16 -5.29 12.44
N HIS C 385 -62.48 -5.28 11.15
CA HIS C 385 -63.82 -5.59 10.70
C HIS C 385 -63.82 -6.17 9.30
N LYS C 386 -64.45 -7.33 9.15
CA LYS C 386 -64.53 -8.04 7.88
C LYS C 386 -65.75 -7.62 7.05
N ILE C 387 -65.50 -6.93 5.94
CA ILE C 387 -66.52 -6.75 4.94
C ILE C 387 -66.82 -8.09 4.27
N ASP C 388 -68.11 -8.41 4.14
CA ASP C 388 -68.52 -9.65 3.50
C ASP C 388 -69.83 -9.55 2.73
N ASN C 389 -70.05 -10.56 1.90
CA ASN C 389 -71.32 -10.72 1.17
C ASN C 389 -71.62 -9.61 0.19
N THR C 390 -70.58 -8.96 -0.32
CA THR C 390 -70.74 -7.92 -1.32
C THR C 390 -69.61 -7.98 -2.33
N MET C 391 -69.91 -7.57 -3.55
CA MET C 391 -68.91 -7.47 -4.60
C MET C 391 -69.32 -6.45 -5.63
N ALA C 392 -68.74 -5.25 -5.51
CA ALA C 392 -68.93 -4.23 -6.52
C ALA C 392 -67.69 -4.20 -7.37
N PHE C 393 -67.72 -3.37 -8.39
CA PHE C 393 -66.58 -3.21 -9.27
C PHE C 393 -66.69 -1.87 -9.97
N MET C 394 -65.65 -1.52 -10.71
CA MET C 394 -65.66 -0.28 -11.45
C MET C 394 -64.91 -0.50 -12.75
N PHE C 395 -65.46 0.05 -13.82
CA PHE C 395 -64.69 0.24 -15.04
C PHE C 395 -64.28 1.70 -15.00
N GLU C 396 -62.98 1.95 -14.91
CA GLU C 396 -62.50 3.33 -14.94
C GLU C 396 -61.78 3.60 -16.24
N THR C 397 -62.26 4.59 -16.98
CA THR C 397 -61.68 4.88 -18.29
C THR C 397 -61.08 6.28 -18.31
N SER C 398 -60.03 6.45 -19.10
CA SER C 398 -59.39 7.76 -19.24
C SER C 398 -60.21 8.69 -20.15
N GLN C 399 -60.78 8.15 -21.22
CA GLN C 399 -61.66 8.95 -22.09
C GLN C 399 -63.04 9.14 -21.46
N VAL C 400 -63.66 10.29 -21.72
CA VAL C 400 -65.01 10.56 -21.21
C VAL C 400 -66.02 9.52 -21.69
N LEU C 401 -66.82 9.00 -20.76
CA LEU C 401 -67.90 8.11 -21.10
C LEU C 401 -69.17 8.90 -21.39
N ARG C 402 -69.55 8.95 -22.66
CA ARG C 402 -70.83 9.54 -23.10
C ARG C 402 -71.97 8.53 -22.96
N PRO C 403 -72.96 8.81 -22.10
CA PRO C 403 -74.12 7.91 -21.98
C PRO C 403 -74.87 7.87 -23.30
N SER C 404 -75.58 6.78 -23.57
CA SER C 404 -76.35 6.67 -24.80
C SER C 404 -77.72 7.31 -24.60
N LEU C 405 -78.42 7.55 -25.70
CA LEU C 405 -79.76 8.12 -25.65
C LEU C 405 -80.70 7.16 -24.88
N GLN C 406 -80.57 5.87 -25.18
CA GLN C 406 -81.31 4.85 -24.44
C GLN C 406 -81.15 4.99 -22.93
N ALA C 407 -79.90 5.16 -22.48
CA ALA C 407 -79.59 5.17 -21.06
C ALA C 407 -80.06 6.45 -20.38
N LEU C 408 -80.06 7.55 -21.12
CA LEU C 408 -80.50 8.84 -20.58
C LEU C 408 -82.02 8.93 -20.47
N GLU C 409 -82.72 8.22 -21.36
CA GLU C 409 -84.17 8.30 -21.45
C GLU C 409 -84.92 7.13 -20.81
N CYS C 410 -84.20 6.14 -20.29
CA CYS C 410 -84.85 4.98 -19.69
C CYS C 410 -85.44 5.29 -18.30
N PRO C 411 -86.50 4.54 -17.93
CA PRO C 411 -87.17 4.68 -16.63
C PRO C 411 -86.22 4.46 -15.47
N GLN C 412 -85.17 3.68 -15.72
CA GLN C 412 -84.27 3.25 -14.66
C GLN C 412 -83.27 4.32 -14.21
N LEU C 413 -83.11 5.36 -15.01
CA LEU C 413 -82.29 6.49 -14.57
C LEU C 413 -82.97 7.20 -13.39
N GLN C 414 -82.27 7.23 -12.26
CA GLN C 414 -82.82 7.86 -11.07
C GLN C 414 -82.76 9.37 -11.18
N ALA C 415 -83.94 9.98 -11.26
CA ALA C 415 -84.10 11.42 -11.49
C ALA C 415 -83.59 12.33 -10.37
N ASP C 416 -83.40 11.78 -9.18
CA ASP C 416 -83.07 12.61 -8.02
C ASP C 416 -81.69 12.30 -7.39
N TYR C 417 -80.78 11.71 -8.16
CA TYR C 417 -79.47 11.24 -7.64
C TYR C 417 -78.72 12.28 -6.80
N ASP C 418 -78.71 13.52 -7.26
CA ASP C 418 -77.98 14.59 -6.56
C ASP C 418 -78.45 14.79 -5.11
N SER C 419 -79.71 14.51 -4.84
CA SER C 419 -80.21 14.70 -3.49
C SER C 419 -79.52 13.77 -2.48
N CYS C 420 -78.82 12.76 -2.97
CA CYS C 420 -78.15 11.80 -2.08
C CYS C 420 -77.08 12.48 -1.23
N TRP C 421 -76.60 13.62 -1.70
CA TRP C 421 -75.62 14.41 -0.99
C TRP C 421 -76.21 15.67 -0.37
N ALA C 422 -77.49 15.95 -0.60
CA ALA C 422 -78.02 17.27 -0.25
C ALA C 422 -77.91 17.60 1.25
N THR C 423 -77.90 16.57 2.08
CA THR C 423 -77.95 16.76 3.53
C THR C 423 -76.57 16.69 4.22
N LEU C 424 -75.49 16.82 3.45
CA LEU C 424 -74.16 16.85 4.07
C LEU C 424 -74.02 18.16 4.83
N PRO C 425 -73.72 18.09 6.13
CA PRO C 425 -73.60 19.25 7.01
C PRO C 425 -72.19 19.79 7.13
N SER C 426 -72.07 21.09 7.37
CA SER C 426 -70.80 21.63 7.81
C SER C 426 -70.58 21.17 9.25
N THR C 427 -69.38 20.69 9.55
CA THR C 427 -69.02 20.36 10.94
C THR C 427 -67.82 21.21 11.36
N PHE C 428 -67.53 22.23 10.57
CA PHE C 428 -66.41 23.12 10.79
C PHE C 428 -66.55 23.87 12.11
N ASN C 429 -65.52 23.77 12.95
CA ASN C 429 -65.44 24.59 14.15
C ASN C 429 -64.09 25.28 14.23
N PRO C 430 -64.03 26.54 13.79
CA PRO C 430 -62.79 27.32 13.83
C PRO C 430 -62.32 27.52 15.25
N ASN C 431 -63.20 27.28 16.22
CA ASN C 431 -62.85 27.43 17.63
C ASN C 431 -62.39 26.14 18.30
N ARG C 432 -62.44 25.02 17.58
N ARG C 432 -62.46 25.02 17.59
CA ARG C 432 -61.98 23.76 18.14
CA ARG C 432 -61.95 23.77 18.14
C ARG C 432 -61.25 22.91 17.09
C ARG C 432 -61.26 22.91 17.11
N ARG C 433 -59.93 22.93 17.13
CA ARG C 433 -59.14 22.05 16.28
C ARG C 433 -59.37 20.59 16.67
N PRO D 7 -37.64 28.22 19.27
CA PRO D 7 -36.38 27.70 19.80
C PRO D 7 -35.98 26.38 19.13
N ASP D 8 -36.97 25.68 18.58
CA ASP D 8 -36.78 24.38 17.96
C ASP D 8 -36.17 24.49 16.57
N LEU D 9 -35.66 23.37 16.08
CA LEU D 9 -35.21 23.29 14.69
C LEU D 9 -36.43 23.30 13.77
N HIS D 10 -36.38 24.13 12.74
CA HIS D 10 -37.45 24.15 11.76
C HIS D 10 -37.06 23.32 10.55
N TYR D 11 -38.06 22.75 9.90
CA TYR D 11 -37.85 21.91 8.72
C TYR D 11 -38.82 22.26 7.60
N LEU D 12 -38.37 21.99 6.37
CA LEU D 12 -39.17 22.13 5.17
C LEU D 12 -39.52 20.73 4.66
N SER D 13 -40.73 20.54 4.16
CA SER D 13 -41.22 19.20 3.82
C SER D 13 -41.49 19.00 2.33
N GLY D 14 -41.44 17.75 1.88
CA GLY D 14 -41.75 17.41 0.51
C GLY D 14 -40.58 16.75 -0.21
N PHE D 15 -40.53 15.42 -0.21
CA PHE D 15 -39.43 14.70 -0.85
C PHE D 15 -39.26 15.15 -2.29
N GLY D 16 -38.03 15.53 -2.65
CA GLY D 16 -37.73 15.89 -4.02
C GLY D 16 -38.03 17.33 -4.41
N ASN D 17 -38.51 18.14 -3.47
CA ASN D 17 -38.83 19.54 -3.78
C ASN D 17 -37.65 20.44 -4.23
N GLU D 18 -37.99 21.52 -4.93
CA GLU D 18 -37.07 22.61 -5.15
C GLU D 18 -37.26 23.56 -3.99
N PHE D 19 -36.44 23.40 -2.97
CA PHE D 19 -36.58 24.17 -1.74
C PHE D 19 -35.86 25.50 -1.87
N ALA D 20 -36.17 26.44 -0.97
CA ALA D 20 -35.43 27.69 -0.86
C ALA D 20 -35.42 28.13 0.59
N SER D 21 -34.24 28.47 1.11
CA SER D 21 -34.13 28.91 2.51
C SER D 21 -33.05 29.96 2.66
N GLU D 22 -33.32 30.98 3.47
CA GLU D 22 -32.34 32.01 3.74
C GLU D 22 -32.32 32.40 5.21
N ALA D 23 -31.12 32.44 5.79
CA ALA D 23 -30.98 32.77 7.21
C ALA D 23 -30.91 34.27 7.45
N LEU D 24 -30.70 35.03 6.37
CA LEU D 24 -30.81 36.50 6.42
C LEU D 24 -31.81 36.93 5.36
N PRO D 25 -32.67 37.93 5.69
CA PRO D 25 -33.71 38.35 4.75
C PRO D 25 -33.09 38.73 3.41
N GLY D 26 -33.66 38.20 2.32
CA GLY D 26 -33.17 38.44 0.97
C GLY D 26 -31.76 37.97 0.64
N ALA D 27 -31.21 37.06 1.43
CA ALA D 27 -29.88 36.56 1.12
C ALA D 27 -29.87 35.86 -0.24
N LEU D 28 -31.01 35.23 -0.57
CA LEU D 28 -31.17 34.54 -1.85
C LEU D 28 -31.38 35.54 -2.99
N PRO D 29 -30.55 35.43 -4.04
CA PRO D 29 -30.77 36.35 -5.18
C PRO D 29 -32.09 36.05 -5.90
N VAL D 30 -32.87 37.08 -6.17
CA VAL D 30 -34.19 36.87 -6.75
C VAL D 30 -34.14 36.93 -8.28
N GLY D 31 -34.76 35.93 -8.92
CA GLY D 31 -34.83 35.88 -10.37
C GLY D 31 -33.55 35.47 -11.09
N GLN D 32 -32.54 35.04 -10.35
CA GLN D 32 -31.31 34.50 -10.96
C GLN D 32 -30.45 33.74 -9.95
N ASN D 33 -29.41 33.10 -10.48
CA ASN D 33 -28.51 32.33 -9.63
C ASN D 33 -27.15 33.01 -9.40
N SER D 34 -26.66 33.72 -10.41
CA SER D 34 -25.31 34.25 -10.36
C SER D 34 -25.23 35.76 -10.54
N PRO D 35 -25.71 36.52 -9.54
CA PRO D 35 -25.64 37.98 -9.66
C PRO D 35 -24.19 38.45 -9.58
N GLN D 36 -23.88 39.56 -10.24
CA GLN D 36 -22.53 40.12 -10.16
C GLN D 36 -22.27 40.52 -8.73
N LYS D 37 -23.25 41.20 -8.15
CA LYS D 37 -23.17 41.69 -6.77
C LYS D 37 -24.15 40.97 -5.88
N ALA D 38 -23.70 39.85 -5.31
CA ALA D 38 -24.58 39.00 -4.53
C ALA D 38 -24.97 39.67 -3.23
N PRO D 39 -26.24 39.50 -2.81
CA PRO D 39 -26.73 40.00 -1.53
C PRO D 39 -25.76 39.67 -0.39
N TYR D 40 -25.40 40.65 0.43
CA TYR D 40 -24.52 40.47 1.61
C TYR D 40 -23.05 40.13 1.27
N GLY D 41 -22.68 40.21 0.00
CA GLY D 41 -21.34 39.88 -0.42
C GLY D 41 -21.03 38.40 -0.30
N LEU D 42 -22.05 37.57 -0.52
CA LEU D 42 -21.87 36.12 -0.45
C LEU D 42 -21.33 35.58 -1.76
N TYR D 43 -20.84 34.35 -1.74
CA TYR D 43 -20.38 33.66 -2.93
C TYR D 43 -21.42 32.65 -3.38
N ALA D 44 -21.75 32.64 -4.66
CA ALA D 44 -22.60 31.60 -5.19
C ALA D 44 -21.77 30.35 -5.49
N GLU D 45 -22.34 29.20 -5.19
CA GLU D 45 -21.65 27.95 -5.41
C GLU D 45 -22.66 26.85 -5.76
N LEU D 46 -22.41 26.13 -6.85
CA LEU D 46 -23.31 25.08 -7.31
C LEU D 46 -22.84 23.71 -6.84
N LEU D 47 -23.70 23.02 -6.12
CA LEU D 47 -23.44 21.63 -5.77
C LEU D 47 -24.24 20.71 -6.69
N SER D 48 -23.55 20.13 -7.66
CA SER D 48 -24.17 19.30 -8.70
C SER D 48 -24.09 17.84 -8.29
N GLY D 49 -25.17 17.29 -7.74
CA GLY D 49 -25.19 15.91 -7.28
C GLY D 49 -25.43 14.84 -8.35
N THR D 50 -25.84 15.30 -9.53
CA THR D 50 -25.99 14.42 -10.70
C THR D 50 -25.36 15.04 -11.95
N ALA D 51 -25.30 14.27 -13.03
CA ALA D 51 -24.89 14.85 -14.31
C ALA D 51 -25.83 16.02 -14.65
N PHE D 52 -25.28 17.04 -15.33
CA PHE D 52 -26.09 18.20 -15.78
C PHE D 52 -27.31 17.79 -16.57
N THR D 53 -27.15 16.71 -17.34
CA THR D 53 -28.12 16.32 -18.35
C THR D 53 -29.15 15.26 -17.93
N MET D 54 -29.23 14.98 -16.63
CA MET D 54 -30.27 14.06 -16.14
C MET D 54 -31.67 14.61 -16.45
N ALA D 55 -32.63 13.72 -16.68
CA ALA D 55 -34.03 14.11 -16.73
C ALA D 55 -34.33 14.91 -15.47
N ARG D 56 -35.21 15.90 -15.56
CA ARG D 56 -35.44 16.76 -14.41
C ARG D 56 -35.93 15.95 -13.21
N SER D 57 -36.68 14.88 -13.47
CA SER D 57 -37.16 14.00 -12.42
C SER D 57 -36.02 13.43 -11.58
N GLU D 58 -34.84 13.31 -12.18
CA GLU D 58 -33.68 12.71 -11.53
C GLU D 58 -32.62 13.72 -11.11
N LEU D 59 -32.89 14.98 -11.40
CA LEU D 59 -31.94 16.06 -11.13
C LEU D 59 -31.82 16.32 -9.64
N ARG D 60 -30.59 16.34 -9.13
CA ARG D 60 -30.31 16.86 -7.80
C ARG D 60 -29.21 17.89 -7.93
N ARG D 61 -29.57 19.16 -7.74
CA ARG D 61 -28.57 20.22 -7.66
C ARG D 61 -29.02 21.28 -6.66
N THR D 62 -28.06 21.83 -5.95
CA THR D 62 -28.33 22.90 -5.00
C THR D 62 -27.42 24.08 -5.26
N TRP D 63 -28.01 25.27 -5.26
CA TRP D 63 -27.22 26.50 -5.26
C TRP D 63 -26.99 26.95 -3.82
N LEU D 64 -25.75 27.31 -3.53
CA LEU D 64 -25.34 27.72 -2.18
C LEU D 64 -24.84 29.16 -2.21
N TYR D 65 -25.25 29.95 -1.22
CA TYR D 65 -24.76 31.32 -1.09
C TYR D 65 -24.02 31.46 0.24
N ARG D 66 -22.69 31.41 0.17
CA ARG D 66 -21.85 31.15 1.35
C ARG D 66 -20.79 32.22 1.60
N ILE D 67 -20.21 32.20 2.79
CA ILE D 67 -19.25 33.23 3.20
C ILE D 67 -17.91 33.11 2.47
N ARG D 68 -17.37 31.90 2.46
CA ARG D 68 -16.15 31.62 1.72
C ARG D 68 -16.41 30.46 0.78
N PRO D 69 -15.85 30.50 -0.44
CA PRO D 69 -16.07 29.42 -1.40
C PRO D 69 -15.55 28.12 -0.84
N SER D 70 -15.98 26.99 -1.40
CA SER D 70 -15.48 25.71 -0.93
C SER D 70 -14.05 25.48 -1.38
N ALA D 71 -13.65 26.14 -2.46
CA ALA D 71 -12.31 25.96 -3.05
C ALA D 71 -11.19 26.52 -2.17
N LEU D 72 -11.55 27.38 -1.22
CA LEU D 72 -10.55 27.90 -0.29
C LEU D 72 -10.18 26.80 0.70
N HIS D 73 -9.25 25.95 0.29
CA HIS D 73 -8.65 25.00 1.19
C HIS D 73 -7.25 24.64 0.69
N PRO D 74 -6.37 24.20 1.59
CA PRO D 74 -5.06 23.74 1.13
C PRO D 74 -5.11 22.30 0.63
N ARG D 75 -3.97 21.80 0.16
CA ARG D 75 -3.83 20.40 -0.24
C ARG D 75 -4.31 19.42 0.84
N PHE D 76 -5.00 18.36 0.42
CA PHE D 76 -5.44 17.31 1.35
C PHE D 76 -4.31 16.31 1.65
N GLU D 77 -4.21 15.87 2.89
CA GLU D 77 -3.22 14.86 3.24
C GLU D 77 -3.86 13.59 3.80
N ARG D 78 -3.27 12.44 3.49
CA ARG D 78 -3.82 11.17 3.90
C ARG D 78 -3.69 11.00 5.40
N LEU D 79 -4.78 10.69 6.08
CA LEU D 79 -4.69 10.45 7.52
C LEU D 79 -4.06 9.09 7.81
N ALA D 80 -3.28 9.02 8.89
CA ALA D 80 -2.77 7.75 9.36
C ALA D 80 -3.92 6.86 9.87
N ARG D 81 -4.89 7.47 10.58
CA ARG D 81 -6.06 6.72 11.06
C ARG D 81 -7.02 6.42 9.88
N GLN D 82 -7.12 5.14 9.50
CA GLN D 82 -8.00 4.70 8.42
C GLN D 82 -8.95 3.62 8.89
N PRO D 83 -10.13 4.01 9.39
CA PRO D 83 -11.04 2.97 9.91
C PRO D 83 -11.63 2.04 8.85
N LEU D 84 -11.54 2.38 7.57
CA LEU D 84 -12.18 1.57 6.53
C LEU D 84 -11.17 0.76 5.72
N GLY D 85 -9.92 0.78 6.15
CA GLY D 85 -8.82 0.22 5.38
C GLY D 85 -8.64 -1.28 5.44
N GLY D 86 -9.41 -1.94 6.30
CA GLY D 86 -9.33 -3.39 6.44
C GLY D 86 -9.80 -4.12 5.20
N PRO D 87 -9.28 -5.34 4.98
CA PRO D 87 -9.51 -6.11 3.75
C PRO D 87 -10.83 -6.88 3.75
N LEU D 88 -11.29 -7.23 2.56
CA LEU D 88 -12.46 -8.07 2.42
C LEU D 88 -12.16 -9.43 3.04
N GLY D 89 -13.17 -10.03 3.65
CA GLY D 89 -13.03 -11.36 4.20
C GLY D 89 -12.94 -12.34 3.06
N GLY D 90 -12.74 -13.61 3.39
CA GLY D 90 -12.65 -14.62 2.36
C GLY D 90 -14.00 -14.89 1.74
N ILE D 91 -13.97 -15.59 0.61
CA ILE D 91 -15.20 -16.02 -0.02
C ILE D 91 -15.94 -16.89 1.01
N ASN D 92 -17.19 -16.52 1.32
CA ASN D 92 -18.01 -17.31 2.23
C ASN D 92 -19.50 -17.22 1.91
N PRO D 93 -20.10 -18.35 1.49
CA PRO D 93 -21.49 -18.43 1.05
C PRO D 93 -22.46 -18.65 2.21
N ASN D 94 -21.94 -18.92 3.40
CA ASN D 94 -22.79 -19.26 4.54
C ASN D 94 -23.73 -18.15 5.06
N ARG D 95 -24.85 -18.58 5.60
CA ARG D 95 -25.74 -17.68 6.31
C ARG D 95 -25.00 -17.14 7.53
N LEU D 96 -25.08 -15.82 7.74
CA LEU D 96 -24.39 -15.20 8.88
C LEU D 96 -25.30 -14.34 9.78
N ARG D 97 -25.01 -14.35 11.08
CA ARG D 97 -25.73 -13.49 12.00
C ARG D 97 -24.82 -12.98 13.11
N TRP D 98 -24.89 -11.68 13.36
CA TRP D 98 -24.06 -11.03 14.37
C TRP D 98 -24.89 -10.56 15.54
N SER D 99 -24.33 -10.69 16.74
CA SER D 99 -24.91 -10.06 17.90
C SER D 99 -24.58 -8.58 17.83
N PRO D 100 -25.26 -7.72 18.62
CA PRO D 100 -25.02 -6.27 18.60
C PRO D 100 -23.55 -5.90 18.78
N GLN D 101 -23.14 -4.73 18.30
CA GLN D 101 -21.72 -4.37 18.32
C GLN D 101 -21.40 -3.45 19.49
N PRO D 102 -20.36 -3.81 20.26
CA PRO D 102 -20.08 -2.95 21.42
C PRO D 102 -19.49 -1.61 20.98
N ILE D 103 -19.76 -0.59 21.78
CA ILE D 103 -19.14 0.71 21.63
C ILE D 103 -17.71 0.50 22.08
N PRO D 104 -16.74 1.06 21.36
CA PRO D 104 -15.33 0.87 21.77
C PRO D 104 -14.91 1.81 22.88
N ALA D 105 -13.85 1.42 23.59
CA ALA D 105 -13.27 2.21 24.66
C ALA D 105 -12.62 3.49 24.15
N GLU D 106 -11.72 3.35 23.18
CA GLU D 106 -10.99 4.47 22.60
C GLU D 106 -11.94 5.55 22.16
N PRO D 107 -11.51 6.81 22.23
CA PRO D 107 -12.34 7.89 21.69
C PRO D 107 -12.54 7.63 20.20
N THR D 108 -13.79 7.69 19.80
CA THR D 108 -14.19 7.36 18.43
C THR D 108 -15.35 8.26 18.01
N ASP D 109 -15.11 9.19 17.09
CA ASP D 109 -16.20 10.06 16.64
C ASP D 109 -17.04 9.35 15.59
N PHE D 110 -18.03 10.06 15.03
CA PHE D 110 -18.91 9.42 14.05
C PHE D 110 -18.21 8.83 12.82
N ILE D 111 -17.22 9.51 12.27
CA ILE D 111 -16.60 8.99 11.06
C ILE D 111 -15.55 7.92 11.36
N GLU D 112 -15.02 7.94 12.58
CA GLU D 112 -14.01 6.99 13.02
C GLU D 112 -14.62 5.63 13.39
N GLY D 113 -15.91 5.64 13.73
CA GLY D 113 -16.57 4.47 14.26
C GLY D 113 -17.30 3.57 13.28
N TRP D 114 -17.14 3.81 11.99
CA TRP D 114 -17.74 2.90 11.01
C TRP D 114 -17.03 1.54 10.99
N LEU D 115 -17.78 0.48 11.30
CA LEU D 115 -17.29 -0.89 11.17
C LEU D 115 -17.85 -1.48 9.89
N PRO D 116 -16.98 -1.74 8.89
CA PRO D 116 -17.43 -2.40 7.66
C PRO D 116 -18.00 -3.78 7.98
N MET D 117 -19.26 -4.05 7.61
CA MET D 117 -19.86 -5.36 7.83
C MET D 117 -19.84 -6.18 6.55
N ALA D 118 -20.45 -5.65 5.49
CA ALA D 118 -20.42 -6.23 4.15
C ALA D 118 -20.56 -5.15 3.06
N ALA D 119 -19.97 -5.39 1.89
CA ALA D 119 -19.98 -4.41 0.80
C ALA D 119 -19.92 -5.12 -0.56
N ASN D 120 -20.47 -4.47 -1.58
CA ASN D 120 -20.45 -5.00 -2.94
C ASN D 120 -19.05 -5.05 -3.53
N ALA D 121 -18.18 -4.14 -3.06
CA ALA D 121 -16.83 -4.04 -3.59
C ALA D 121 -15.84 -3.55 -2.55
N GLY D 122 -14.56 -3.74 -2.85
CA GLY D 122 -13.50 -3.24 -2.01
C GLY D 122 -13.57 -1.74 -1.93
N ALA D 123 -13.22 -1.20 -0.76
CA ALA D 123 -13.39 0.21 -0.42
C ALA D 123 -12.69 1.15 -1.38
N GLU D 124 -11.60 0.66 -1.98
CA GLU D 124 -10.82 1.44 -2.94
C GLU D 124 -11.48 1.51 -4.33
N LYS D 125 -12.46 0.66 -4.58
CA LYS D 125 -13.23 0.72 -5.82
C LYS D 125 -14.75 0.71 -5.58
N PRO D 126 -15.27 1.79 -4.97
CA PRO D 126 -16.68 1.84 -4.57
C PRO D 126 -17.65 1.59 -5.73
N ALA D 127 -18.58 0.67 -5.51
CA ALA D 127 -19.68 0.40 -6.42
C ALA D 127 -20.81 -0.25 -5.63
N GLY D 128 -22.04 -0.10 -6.11
CA GLY D 128 -23.22 -0.64 -5.46
C GLY D 128 -23.46 -0.01 -4.09
N VAL D 129 -23.32 -0.83 -3.05
CA VAL D 129 -23.54 -0.38 -1.68
C VAL D 129 -22.49 -0.93 -0.76
N SER D 130 -22.05 -0.11 0.20
CA SER D 130 -21.25 -0.57 1.33
C SER D 130 -22.02 -0.40 2.65
N ILE D 131 -22.05 -1.48 3.44
CA ILE D 131 -22.82 -1.51 4.68
C ILE D 131 -21.91 -1.47 5.91
N TYR D 132 -22.21 -0.55 6.83
CA TYR D 132 -21.45 -0.42 8.08
C TYR D 132 -22.39 -0.42 9.27
N ILE D 133 -21.84 -0.72 10.43
CA ILE D 133 -22.51 -0.39 11.67
C ILE D 133 -21.62 0.64 12.39
N TYR D 134 -22.15 1.83 12.65
CA TYR D 134 -21.35 2.82 13.35
C TYR D 134 -21.45 2.67 14.86
N ARG D 135 -20.32 2.91 15.52
CA ARG D 135 -20.24 3.01 16.98
C ARG D 135 -19.45 4.27 17.31
N ALA D 136 -19.97 5.10 18.22
CA ALA D 136 -19.33 6.38 18.52
C ALA D 136 -19.48 6.84 19.97
N ASN D 137 -18.42 7.43 20.54
CA ASN D 137 -18.46 7.90 21.93
C ASN D 137 -18.00 9.36 22.08
N ARG D 138 -17.88 10.04 20.96
CA ARG D 138 -17.41 11.43 20.90
C ARG D 138 -18.17 12.19 19.82
N SER D 139 -18.49 13.46 20.09
CA SER D 139 -19.01 14.34 19.06
C SER D 139 -17.83 14.75 18.17
N MET D 140 -18.13 15.18 16.95
CA MET D 140 -17.10 15.53 15.98
C MET D 140 -16.64 16.96 16.20
N GLU D 141 -15.32 17.15 16.27
CA GLU D 141 -14.72 18.48 16.34
C GLU D 141 -14.12 18.82 14.98
N ARG D 142 -14.80 18.41 13.93
CA ARG D 142 -14.35 18.63 12.55
C ARG D 142 -15.53 18.49 11.62
N VAL D 143 -15.31 18.78 10.34
CA VAL D 143 -16.35 18.63 9.33
C VAL D 143 -15.94 17.57 8.31
N PHE D 144 -16.94 16.89 7.75
CA PHE D 144 -16.66 15.74 6.90
C PHE D 144 -17.54 15.74 5.66
N PHE D 145 -16.99 15.31 4.52
CA PHE D 145 -17.83 14.98 3.37
C PHE D 145 -17.44 13.65 2.75
N ASN D 146 -18.42 12.95 2.19
CA ASN D 146 -18.16 11.64 1.58
C ASN D 146 -18.23 11.78 0.06
N ALA D 147 -17.11 11.53 -0.60
CA ALA D 147 -17.03 11.61 -2.06
C ALA D 147 -17.44 10.31 -2.74
N ASP D 148 -17.48 9.22 -1.98
CA ASP D 148 -17.76 7.89 -2.55
C ASP D 148 -19.24 7.56 -2.64
N GLY D 149 -20.08 8.38 -2.02
CA GLY D 149 -21.50 8.15 -2.12
C GLY D 149 -22.40 8.82 -1.11
N GLU D 150 -23.68 8.54 -1.29
CA GLU D 150 -24.76 9.07 -0.48
C GLU D 150 -24.86 8.19 0.75
N LEU D 151 -25.21 8.77 1.89
CA LEU D 151 -25.23 7.99 3.13
C LEU D 151 -26.63 7.91 3.69
N LEU D 152 -27.12 6.69 3.85
CA LEU D 152 -28.41 6.47 4.52
C LEU D 152 -28.06 6.05 5.93
N LEU D 153 -28.49 6.85 6.92
CA LEU D 153 -28.20 6.57 8.33
C LEU D 153 -29.43 6.07 9.08
N VAL D 154 -29.28 4.97 9.82
CA VAL D 154 -30.37 4.32 10.54
C VAL D 154 -30.02 4.11 12.02
N PRO D 155 -30.24 5.15 12.85
CA PRO D 155 -29.89 5.07 14.27
C PRO D 155 -30.60 3.92 15.01
N GLU D 156 -29.92 3.36 16.01
CA GLU D 156 -30.50 2.27 16.80
C GLU D 156 -30.36 2.58 18.30
N GLN D 157 -29.22 3.15 18.69
CA GLN D 157 -29.02 3.67 20.04
C GLN D 157 -28.46 5.09 19.95
N GLY D 158 -29.11 6.03 20.64
CA GLY D 158 -28.59 7.39 20.74
C GLY D 158 -29.09 8.34 19.66
N ARG D 159 -29.37 9.58 20.04
CA ARG D 159 -29.80 10.60 19.07
C ARG D 159 -28.60 11.27 18.44
N LEU D 160 -28.74 11.65 17.16
CA LEU D 160 -27.72 12.40 16.48
C LEU D 160 -28.19 13.81 16.20
N ARG D 161 -27.30 14.78 16.41
CA ARG D 161 -27.49 16.13 15.92
C ARG D 161 -26.53 16.39 14.79
N ILE D 162 -27.08 16.51 13.58
CA ILE D 162 -26.30 16.58 12.36
C ILE D 162 -26.36 17.98 11.76
N ALA D 163 -25.21 18.65 11.79
CA ALA D 163 -25.14 19.97 11.19
C ALA D 163 -24.61 19.84 9.79
N THR D 164 -25.43 20.21 8.81
CA THR D 164 -25.05 20.14 7.41
C THR D 164 -24.86 21.53 6.86
N GLU D 165 -24.24 21.61 5.69
CA GLU D 165 -24.14 22.85 4.94
C GLU D 165 -25.50 23.53 4.77
N LEU D 166 -26.54 22.72 4.65
CA LEU D 166 -27.89 23.22 4.38
C LEU D 166 -28.76 23.44 5.62
N GLY D 167 -28.24 23.06 6.77
CA GLY D 167 -28.93 23.28 8.03
C GLY D 167 -28.80 22.12 8.98
N VAL D 168 -29.40 22.26 10.15
CA VAL D 168 -29.24 21.28 11.21
C VAL D 168 -30.47 20.40 11.37
N MET D 169 -30.26 19.10 11.50
CA MET D 169 -31.37 18.19 11.77
C MET D 169 -31.02 17.20 12.88
N GLU D 170 -31.97 16.92 13.78
CA GLU D 170 -31.76 15.94 14.83
C GLU D 170 -32.49 14.65 14.49
N VAL D 171 -31.84 13.52 14.70
CA VAL D 171 -32.38 12.23 14.30
C VAL D 171 -32.27 11.24 15.45
N GLU D 172 -33.37 10.55 15.74
CA GLU D 172 -33.38 9.56 16.80
C GLU D 172 -33.76 8.22 16.21
N PRO D 173 -33.54 7.13 16.96
CA PRO D 173 -33.98 5.80 16.54
C PRO D 173 -35.46 5.76 16.18
N LEU D 174 -35.80 5.04 15.11
CA LEU D 174 -37.11 5.05 14.43
C LEU D 174 -37.26 6.19 13.39
N GLU D 175 -36.25 7.04 13.29
CA GLU D 175 -36.14 7.95 12.15
C GLU D 175 -34.95 7.52 11.32
N ILE D 176 -34.91 7.95 10.05
CA ILE D 176 -33.72 7.73 9.23
C ILE D 176 -33.26 9.08 8.67
N ALA D 177 -32.00 9.15 8.24
CA ALA D 177 -31.49 10.36 7.64
C ALA D 177 -30.61 10.03 6.44
N VAL D 178 -30.69 10.87 5.41
CA VAL D 178 -29.86 10.71 4.22
C VAL D 178 -29.07 11.99 4.01
N ILE D 179 -27.78 11.83 3.71
CA ILE D 179 -26.86 12.92 3.44
C ILE D 179 -26.25 12.76 2.02
N PRO D 180 -26.52 13.72 1.11
CA PRO D 180 -26.02 13.61 -0.26
C PRO D 180 -24.52 13.47 -0.33
N ARG D 181 -24.05 12.70 -1.29
CA ARG D 181 -22.63 12.59 -1.55
C ARG D 181 -22.01 13.97 -1.60
N GLY D 182 -20.81 14.11 -1.07
CA GLY D 182 -20.07 15.36 -1.16
C GLY D 182 -20.51 16.50 -0.25
N MET D 183 -21.69 16.39 0.36
CA MET D 183 -22.14 17.47 1.23
C MET D 183 -21.43 17.41 2.57
N LYS D 184 -21.00 18.57 3.07
CA LYS D 184 -20.22 18.66 4.31
C LYS D 184 -21.09 18.66 5.55
N PHE D 185 -20.75 17.83 6.52
CA PHE D 185 -21.51 17.77 7.77
C PHE D 185 -20.68 17.43 9.01
N ARG D 186 -21.31 17.56 10.17
CA ARG D 186 -20.65 17.33 11.45
C ARG D 186 -21.65 16.74 12.46
N VAL D 187 -21.27 15.61 13.04
CA VAL D 187 -22.19 14.82 13.86
C VAL D 187 -21.92 14.95 15.37
N GLU D 188 -22.84 15.62 16.07
CA GLU D 188 -22.82 15.73 17.52
C GLU D 188 -23.67 14.63 18.16
N LEU D 189 -23.17 14.03 19.23
CA LEU D 189 -23.89 12.97 19.91
C LEU D 189 -24.61 13.50 21.15
N LEU D 190 -25.92 13.61 21.04
CA LEU D 190 -26.73 14.21 22.10
C LEU D 190 -26.81 13.36 23.35
N ASP D 191 -26.56 12.05 23.23
CA ASP D 191 -26.67 11.15 24.38
C ASP D 191 -25.33 10.54 24.79
N GLY D 192 -24.24 11.22 24.45
CA GLY D 192 -22.91 10.84 24.88
C GLY D 192 -22.26 9.75 24.04
N GLN D 193 -23.10 8.91 23.44
CA GLN D 193 -22.61 7.88 22.54
C GLN D 193 -23.74 7.43 21.62
N ALA D 194 -23.37 6.79 20.53
CA ALA D 194 -24.39 6.37 19.58
C ALA D 194 -24.02 5.13 18.78
N ARG D 195 -25.04 4.35 18.43
CA ARG D 195 -24.87 3.19 17.58
C ARG D 195 -25.99 3.16 16.54
N GLY D 196 -25.72 2.59 15.38
CA GLY D 196 -26.73 2.47 14.34
C GLY D 196 -26.14 1.93 13.05
N TYR D 197 -26.97 1.90 12.00
CA TYR D 197 -26.55 1.28 10.75
C TYR D 197 -26.32 2.30 9.63
N ILE D 198 -25.55 1.90 8.63
CA ILE D 198 -25.27 2.77 7.49
C ILE D 198 -25.33 1.99 6.19
N ALA D 199 -26.22 2.41 5.30
CA ALA D 199 -26.12 1.99 3.91
C ALA D 199 -25.46 3.11 3.11
N GLU D 200 -24.20 2.91 2.72
CA GLU D 200 -23.49 3.83 1.83
C GLU D 200 -23.87 3.45 0.40
N ASN D 201 -24.49 4.39 -0.31
CA ASN D 201 -24.99 4.14 -1.65
C ASN D 201 -24.08 4.80 -2.68
N HIS D 202 -23.33 3.97 -3.40
CA HIS D 202 -22.40 4.47 -4.42
C HIS D 202 -23.08 4.65 -5.78
N GLY D 203 -24.36 4.31 -5.89
CA GLY D 203 -25.05 4.36 -7.16
C GLY D 203 -26.08 5.49 -7.28
N ALA D 204 -27.12 5.28 -8.08
CA ALA D 204 -28.16 6.28 -8.28
C ALA D 204 -28.82 6.63 -6.94
N PRO D 205 -28.98 7.95 -6.65
CA PRO D 205 -29.50 8.39 -5.35
C PRO D 205 -30.80 7.68 -4.96
N LEU D 206 -30.95 7.38 -3.68
CA LEU D 206 -32.17 6.76 -3.18
C LEU D 206 -33.35 7.67 -3.51
N ARG D 207 -34.45 7.08 -3.98
CA ARG D 207 -35.69 7.84 -4.14
C ARG D 207 -36.92 7.01 -3.76
N LEU D 208 -38.10 7.60 -3.90
CA LEU D 208 -39.32 6.90 -3.57
C LEU D 208 -39.69 5.88 -4.66
N PRO D 209 -40.18 4.70 -4.26
CA PRO D 209 -40.49 3.62 -5.21
C PRO D 209 -41.69 3.94 -6.09
N ASP D 210 -41.71 3.37 -7.29
CA ASP D 210 -42.88 3.38 -8.15
C ASP D 210 -43.96 2.62 -7.39
N LEU D 211 -45.11 3.26 -7.20
CA LEU D 211 -46.16 2.71 -6.35
C LEU D 211 -47.01 1.63 -7.03
N GLY D 212 -46.97 1.57 -8.35
CA GLY D 212 -47.79 0.61 -9.08
C GLY D 212 -49.26 0.86 -8.81
N PRO D 213 -50.01 -0.22 -8.47
CA PRO D 213 -51.44 -0.16 -8.16
C PRO D 213 -51.74 0.57 -6.86
N ILE D 214 -50.74 0.68 -5.98
CA ILE D 214 -50.90 1.45 -4.76
C ILE D 214 -51.23 2.91 -5.11
N GLY D 215 -50.74 3.39 -6.25
CA GLY D 215 -51.23 4.61 -6.87
C GLY D 215 -50.52 5.90 -6.53
N SER D 216 -51.27 6.85 -5.96
CA SER D 216 -50.77 8.20 -5.77
C SER D 216 -50.45 8.52 -4.32
N ASN D 217 -50.72 7.60 -3.41
CA ASN D 217 -50.51 7.82 -1.98
C ASN D 217 -50.06 6.53 -1.31
N GLY D 218 -49.46 6.63 -0.12
CA GLY D 218 -49.21 5.44 0.67
C GLY D 218 -47.73 5.11 0.75
N LEU D 219 -47.40 4.03 1.45
CA LEU D 219 -46.01 3.75 1.82
C LEU D 219 -45.42 5.04 2.42
N ALA D 220 -44.24 5.47 1.98
CA ALA D 220 -43.69 6.71 2.54
C ALA D 220 -44.28 7.93 1.83
N ASN D 221 -45.15 8.66 2.53
CA ASN D 221 -45.72 9.86 1.92
C ASN D 221 -44.66 10.98 1.85
N PRO D 222 -44.51 11.61 0.68
CA PRO D 222 -43.47 12.62 0.43
C PRO D 222 -43.51 13.79 1.41
N ARG D 223 -44.72 14.16 1.84
CA ARG D 223 -44.93 15.25 2.79
C ARG D 223 -44.18 15.03 4.11
N ASP D 224 -43.82 13.78 4.39
CA ASP D 224 -43.16 13.42 5.66
C ASP D 224 -41.63 13.46 5.61
N PHE D 225 -41.06 13.84 4.48
CA PHE D 225 -39.61 13.97 4.36
C PHE D 225 -39.16 15.39 4.67
N LEU D 226 -38.38 15.53 5.73
CA LEU D 226 -38.10 16.85 6.27
C LEU D 226 -36.67 17.28 6.00
N THR D 227 -36.51 18.50 5.49
CA THR D 227 -35.22 19.09 5.25
C THR D 227 -35.01 20.33 6.12
N PRO D 228 -33.81 20.48 6.70
CA PRO D 228 -33.52 21.59 7.62
C PRO D 228 -33.46 22.95 6.93
N VAL D 229 -33.64 24.01 7.72
CA VAL D 229 -33.56 25.37 7.20
C VAL D 229 -32.11 25.84 7.22
N ALA D 230 -31.83 26.88 6.44
CA ALA D 230 -30.49 27.44 6.36
C ALA D 230 -29.97 27.85 7.74
N HIS D 231 -28.75 27.44 8.04
CA HIS D 231 -28.04 27.83 9.26
C HIS D 231 -26.55 27.91 8.99
N TYR D 232 -25.90 28.97 9.46
CA TYR D 232 -24.47 29.15 9.22
C TYR D 232 -23.69 29.50 10.50
N GLU D 233 -22.39 29.24 10.49
CA GLU D 233 -21.50 29.51 11.62
C GLU D 233 -20.38 30.48 11.21
N GLU D 234 -19.94 31.33 12.13
CA GLU D 234 -18.87 32.27 11.80
C GLU D 234 -17.68 32.12 12.75
N ALA D 235 -17.54 30.92 13.32
CA ALA D 235 -16.48 30.65 14.29
C ALA D 235 -15.11 30.79 13.64
N GLU D 236 -14.29 31.70 14.20
CA GLU D 236 -12.95 31.95 13.69
C GLU D 236 -11.92 31.11 14.45
N GLY D 237 -11.02 30.48 13.70
CA GLY D 237 -10.07 29.55 14.28
C GLY D 237 -10.07 28.29 13.44
N PRO D 238 -9.02 27.47 13.53
CA PRO D 238 -8.84 26.27 12.68
C PRO D 238 -9.92 25.18 12.81
N VAL D 239 -10.24 24.55 11.69
CA VAL D 239 -11.20 23.44 11.65
C VAL D 239 -10.65 22.35 10.72
N GLN D 240 -10.68 21.09 11.15
CA GLN D 240 -10.25 20.05 10.26
C GLN D 240 -11.39 19.65 9.32
N LEU D 241 -11.09 19.57 8.03
CA LEU D 241 -12.05 19.08 7.06
C LEU D 241 -11.55 17.76 6.51
N VAL D 242 -12.34 16.72 6.70
CA VAL D 242 -11.98 15.39 6.31
C VAL D 242 -12.85 15.00 5.12
N GLN D 243 -12.29 14.28 4.16
CA GLN D 243 -13.13 13.66 3.13
C GLN D 243 -12.81 12.18 3.00
N LYS D 244 -13.85 11.41 2.70
CA LYS D 244 -13.69 10.00 2.40
C LYS D 244 -13.59 9.89 0.88
N PHE D 245 -12.49 9.31 0.41
CA PHE D 245 -12.27 9.17 -1.02
C PHE D 245 -11.64 7.83 -1.34
N LEU D 246 -12.33 7.07 -2.18
CA LEU D 246 -11.97 5.68 -2.46
C LEU D 246 -11.60 4.91 -1.19
N GLY D 247 -12.39 5.11 -0.14
CA GLY D 247 -12.24 4.32 1.08
C GLY D 247 -11.35 5.00 2.12
N GLU D 248 -10.55 5.96 1.68
CA GLU D 248 -9.59 6.59 2.58
C GLU D 248 -10.09 7.90 3.17
N HIS D 249 -9.63 8.22 4.37
CA HIS D 249 -9.84 9.53 4.99
C HIS D 249 -8.65 10.41 4.66
N TRP D 250 -8.93 11.55 4.04
CA TRP D 250 -7.95 12.57 3.72
C TRP D 250 -8.40 13.88 4.36
N ALA D 251 -7.45 14.66 4.87
CA ALA D 251 -7.82 15.84 5.64
C ALA D 251 -6.97 17.08 5.36
N CYS D 252 -7.57 18.25 5.51
CA CYS D 252 -6.81 19.48 5.53
C CYS D 252 -7.32 20.37 6.66
N GLU D 253 -6.63 21.48 6.88
CA GLU D 253 -7.05 22.40 7.93
C GLU D 253 -7.42 23.72 7.29
N LEU D 254 -8.56 24.27 7.72
CA LEU D 254 -9.01 25.57 7.24
C LEU D 254 -8.90 26.54 8.40
N GLN D 255 -9.12 27.81 8.12
CA GLN D 255 -9.11 28.81 9.18
C GLN D 255 -10.50 29.38 9.34
N HIS D 256 -11.49 28.73 8.73
CA HIS D 256 -12.88 29.18 8.83
C HIS D 256 -13.80 27.97 8.95
N SER D 257 -15.02 28.19 9.42
CA SER D 257 -16.02 27.12 9.42
C SER D 257 -16.60 26.94 8.03
N PRO D 258 -16.59 25.69 7.55
CA PRO D 258 -17.12 25.36 6.22
C PRO D 258 -18.65 25.27 6.18
N LEU D 259 -19.30 25.34 7.33
CA LEU D 259 -20.74 25.40 7.35
C LEU D 259 -21.16 26.87 7.37
N ASP D 260 -20.79 27.59 6.31
CA ASP D 260 -20.97 29.05 6.26
C ASP D 260 -21.91 29.46 5.15
N VAL D 261 -22.89 28.59 4.86
CA VAL D 261 -23.87 28.84 3.83
C VAL D 261 -25.03 29.62 4.46
N VAL D 262 -25.24 30.84 4.00
CA VAL D 262 -26.24 31.70 4.61
C VAL D 262 -27.60 31.46 3.96
N ALA D 263 -27.56 31.03 2.71
CA ALA D 263 -28.79 30.76 2.00
C ALA D 263 -28.56 29.76 0.88
N TRP D 264 -29.63 29.07 0.49
CA TRP D 264 -29.54 28.06 -0.54
C TRP D 264 -30.91 27.74 -1.12
N HIS D 265 -30.90 27.21 -2.33
CA HIS D 265 -32.12 26.72 -2.94
C HIS D 265 -31.80 25.57 -3.85
N GLY D 266 -32.74 24.63 -3.98
CA GLY D 266 -32.59 23.52 -4.91
C GLY D 266 -33.09 22.20 -4.36
N SER D 267 -32.55 21.12 -4.89
CA SER D 267 -33.10 19.80 -4.68
C SER D 267 -32.09 18.77 -4.15
N ASN D 268 -30.82 19.17 -4.03
CA ASN D 268 -29.80 18.25 -3.50
C ASN D 268 -29.61 18.51 -2.02
N VAL D 269 -30.35 17.77 -1.20
CA VAL D 269 -30.56 18.17 0.18
C VAL D 269 -30.46 16.98 1.12
N PRO D 270 -30.02 17.22 2.36
CA PRO D 270 -30.16 16.23 3.41
C PRO D 270 -31.61 16.20 3.84
N TYR D 271 -32.08 15.04 4.28
CA TYR D 271 -33.44 14.94 4.75
C TYR D 271 -33.55 13.88 5.83
N LYS D 272 -34.64 13.94 6.58
CA LYS D 272 -34.94 12.89 7.54
C LYS D 272 -36.37 12.45 7.40
N TYR D 273 -36.65 11.24 7.84
CA TYR D 273 -37.99 10.67 7.74
C TYR D 273 -38.25 9.83 8.97
N ASP D 274 -39.43 9.99 9.56
CA ASP D 274 -39.80 9.24 10.75
C ASP D 274 -40.54 7.97 10.31
N LEU D 275 -39.92 6.81 10.53
CA LEU D 275 -40.52 5.55 10.09
C LEU D 275 -41.90 5.30 10.68
N ARG D 276 -42.22 5.95 11.80
CA ARG D 276 -43.52 5.71 12.42
C ARG D 276 -44.67 6.25 11.58
N ARG D 277 -44.36 7.12 10.63
CA ARG D 277 -45.38 7.66 9.72
C ARG D 277 -45.59 6.83 8.45
N PHE D 278 -44.88 5.71 8.33
CA PHE D 278 -45.05 4.83 7.18
C PHE D 278 -46.49 4.35 7.02
N ASN D 279 -47.11 4.69 5.88
CA ASN D 279 -48.45 4.20 5.58
C ASN D 279 -48.36 2.78 5.06
N THR D 280 -48.22 1.84 6.00
CA THR D 280 -47.94 0.45 5.71
C THR D 280 -49.10 -0.26 5.00
N ILE D 281 -48.77 -0.84 3.84
CA ILE D 281 -49.70 -1.58 2.99
C ILE D 281 -49.42 -3.08 3.17
N GLY D 282 -50.46 -3.92 3.16
CA GLY D 282 -50.25 -5.35 3.30
C GLY D 282 -51.44 -6.16 2.84
N THR D 283 -51.49 -7.44 3.21
CA THR D 283 -52.65 -8.25 2.86
C THR D 283 -53.86 -7.93 3.73
N VAL D 284 -55.00 -7.74 3.08
CA VAL D 284 -56.26 -7.67 3.80
C VAL D 284 -57.12 -8.86 3.41
N SER D 285 -56.47 -9.95 3.02
CA SER D 285 -57.20 -11.14 2.59
C SER D 285 -56.56 -12.44 3.06
N PHE D 286 -55.47 -12.82 2.39
CA PHE D 286 -54.80 -14.08 2.66
C PHE D 286 -53.36 -14.02 2.12
N ASP D 287 -52.62 -15.12 2.24
CA ASP D 287 -51.22 -15.14 1.82
C ASP D 287 -50.33 -14.09 2.50
N HIS D 288 -49.08 -14.01 2.05
CA HIS D 288 -48.07 -13.20 2.71
C HIS D 288 -47.34 -12.43 1.62
N PRO D 289 -47.62 -11.12 1.51
CA PRO D 289 -47.02 -10.31 0.43
C PRO D 289 -45.50 -10.27 0.42
N ASP D 290 -44.93 -10.20 -0.79
CA ASP D 290 -43.52 -9.93 -0.96
C ASP D 290 -43.13 -8.67 -0.19
N PRO D 291 -42.00 -8.72 0.55
CA PRO D 291 -41.56 -7.65 1.46
C PRO D 291 -41.15 -6.38 0.71
N SER D 292 -40.99 -6.46 -0.60
CA SER D 292 -40.86 -5.29 -1.45
C SER D 292 -41.99 -4.27 -1.23
N ILE D 293 -43.11 -4.75 -0.69
CA ILE D 293 -44.28 -3.92 -0.41
C ILE D 293 -44.01 -2.95 0.73
N PHE D 294 -42.98 -3.26 1.53
CA PHE D 294 -42.53 -2.43 2.64
C PHE D 294 -41.38 -1.48 2.26
N THR D 295 -41.24 -1.23 0.96
CA THR D 295 -40.16 -0.37 0.49
C THR D 295 -40.36 1.08 0.91
N VAL D 296 -39.33 1.65 1.52
CA VAL D 296 -39.35 3.05 1.95
C VAL D 296 -38.62 3.92 0.94
N LEU D 297 -37.39 3.52 0.63
CA LEU D 297 -36.56 4.21 -0.34
C LEU D 297 -35.86 3.15 -1.19
N THR D 298 -35.55 3.51 -2.43
CA THR D 298 -34.89 2.60 -3.36
C THR D 298 -33.85 3.29 -4.27
N SER D 299 -32.79 2.55 -4.59
CA SER D 299 -31.76 2.99 -5.51
C SER D 299 -31.81 2.10 -6.75
N PRO D 300 -32.15 2.69 -7.91
CA PRO D 300 -32.27 1.89 -9.13
C PRO D 300 -30.94 1.63 -9.79
N THR D 301 -30.95 0.66 -10.71
CA THR D 301 -29.88 0.52 -11.69
C THR D 301 -30.47 0.83 -13.06
N SER D 302 -29.68 0.71 -14.11
CA SER D 302 -30.16 0.94 -15.46
C SER D 302 -30.99 -0.26 -15.93
N VAL D 303 -30.93 -1.35 -15.19
CA VAL D 303 -31.82 -2.47 -15.45
C VAL D 303 -33.14 -2.21 -14.74
N HIS D 304 -34.18 -1.89 -15.50
CA HIS D 304 -35.46 -1.55 -14.89
C HIS D 304 -35.97 -2.69 -14.02
N GLY D 305 -36.34 -2.37 -12.78
CA GLY D 305 -36.94 -3.35 -11.89
C GLY D 305 -35.96 -4.10 -10.99
N MET D 306 -34.66 -3.97 -11.28
N MET D 306 -34.66 -3.98 -11.28
CA MET D 306 -33.64 -4.55 -10.42
CA MET D 306 -33.65 -4.55 -10.40
C MET D 306 -32.88 -3.44 -9.69
C MET D 306 -32.88 -3.44 -9.69
N ALA D 307 -33.27 -3.17 -8.45
CA ALA D 307 -32.65 -2.07 -7.70
C ALA D 307 -31.19 -2.35 -7.36
N ASN D 308 -30.39 -1.28 -7.25
CA ASN D 308 -29.06 -1.33 -6.67
C ASN D 308 -29.21 -1.79 -5.24
N MET D 309 -30.08 -1.10 -4.51
CA MET D 309 -30.53 -1.56 -3.21
C MET D 309 -31.96 -1.11 -2.96
N ASP D 310 -32.66 -1.88 -2.13
CA ASP D 310 -33.97 -1.49 -1.61
C ASP D 310 -33.84 -1.33 -0.08
N PHE D 311 -34.38 -0.24 0.45
CA PHE D 311 -34.52 -0.07 1.90
C PHE D 311 -35.96 -0.36 2.33
N VAL D 312 -36.11 -1.52 2.98
CA VAL D 312 -37.39 -2.09 3.38
C VAL D 312 -37.46 -2.09 4.91
N ILE D 313 -38.62 -1.79 5.49
CA ILE D 313 -38.80 -1.88 6.95
C ILE D 313 -39.91 -2.87 7.30
N PHE D 314 -39.91 -3.37 8.53
CA PHE D 314 -40.91 -4.33 8.97
C PHE D 314 -41.56 -3.78 10.23
N PRO D 315 -42.58 -2.94 10.06
CA PRO D 315 -43.09 -2.07 11.11
C PRO D 315 -44.26 -2.69 11.84
N PRO D 316 -44.70 -2.05 12.93
CA PRO D 316 -45.96 -2.44 13.54
C PRO D 316 -47.04 -2.46 12.46
N ARG D 317 -47.87 -3.49 12.45
CA ARG D 317 -48.85 -3.67 11.40
C ARG D 317 -49.85 -4.72 11.83
N TRP D 318 -51.01 -4.69 11.17
CA TRP D 318 -52.06 -5.66 11.40
C TRP D 318 -51.85 -6.90 10.55
N MET D 319 -51.96 -8.05 11.20
CA MET D 319 -51.92 -9.35 10.52
C MET D 319 -53.35 -9.87 10.48
N VAL D 320 -53.90 -10.06 9.30
CA VAL D 320 -55.28 -10.52 9.19
C VAL D 320 -55.46 -11.71 8.24
N ALA D 321 -54.38 -12.14 7.61
CA ALA D 321 -54.47 -13.22 6.62
C ALA D 321 -55.20 -14.45 7.17
N GLU D 322 -56.27 -14.84 6.51
CA GLU D 322 -57.00 -16.06 6.86
C GLU D 322 -56.41 -17.28 6.19
N ASN D 323 -56.55 -18.42 6.84
CA ASN D 323 -56.09 -19.71 6.32
C ASN D 323 -54.72 -19.60 5.67
N THR D 324 -53.81 -18.97 6.40
CA THR D 324 -52.51 -18.60 5.88
C THR D 324 -51.37 -18.89 6.88
N PHE D 325 -50.24 -19.34 6.34
CA PHE D 325 -48.99 -19.35 7.07
C PHE D 325 -48.45 -17.91 7.15
N ARG D 326 -48.66 -17.25 8.29
CA ARG D 326 -48.32 -15.83 8.44
C ARG D 326 -46.84 -15.40 8.42
N PRO D 327 -45.94 -16.23 8.96
CA PRO D 327 -44.57 -15.73 8.93
C PRO D 327 -44.06 -15.71 7.48
N PRO D 328 -42.97 -14.94 7.23
CA PRO D 328 -42.32 -14.94 5.92
C PRO D 328 -42.04 -16.35 5.49
N TRP D 329 -42.43 -16.69 4.26
CA TRP D 329 -42.27 -18.06 3.76
C TRP D 329 -40.80 -18.45 3.66
N PHE D 330 -40.53 -19.74 3.57
CA PHE D 330 -39.18 -20.18 3.25
C PHE D 330 -38.82 -19.61 1.88
N HIS D 331 -37.55 -19.29 1.70
CA HIS D 331 -37.12 -18.42 0.62
C HIS D 331 -35.68 -18.68 0.16
N ARG D 332 -35.49 -18.67 -1.16
CA ARG D 332 -34.19 -18.53 -1.77
C ARG D 332 -34.34 -17.41 -2.81
N ASN D 333 -33.34 -16.52 -2.89
CA ASN D 333 -33.47 -15.24 -3.58
C ASN D 333 -32.21 -14.90 -4.38
N LEU D 334 -32.38 -14.41 -5.59
CA LEU D 334 -31.25 -13.91 -6.37
C LEU D 334 -30.58 -12.74 -5.63
N MET D 335 -31.40 -11.93 -4.96
CA MET D 335 -30.93 -10.74 -4.26
C MET D 335 -30.31 -11.08 -2.90
N ASN D 336 -29.63 -10.12 -2.28
CA ASN D 336 -28.88 -10.40 -1.07
C ASN D 336 -29.48 -9.65 0.13
N GLU D 337 -29.83 -10.39 1.17
CA GLU D 337 -30.66 -9.83 2.26
C GLU D 337 -29.86 -9.54 3.52
N PHE D 338 -29.70 -8.26 3.82
CA PHE D 338 -29.04 -7.83 5.04
C PHE D 338 -30.09 -7.28 6.01
N MET D 339 -30.38 -8.03 7.07
CA MET D 339 -31.41 -7.63 8.04
C MET D 339 -30.79 -6.94 9.24
N GLY D 340 -31.54 -6.00 9.81
CA GLY D 340 -31.13 -5.29 11.01
C GLY D 340 -32.32 -5.08 11.93
N LEU D 341 -32.06 -4.55 13.11
CA LEU D 341 -33.15 -4.33 14.09
C LEU D 341 -32.92 -3.04 14.88
N ILE D 342 -33.95 -2.20 14.92
CA ILE D 342 -33.87 -0.91 15.57
C ILE D 342 -34.39 -1.00 17.01
N ASN D 343 -35.50 -1.70 17.20
CA ASN D 343 -36.03 -1.94 18.56
C ASN D 343 -36.92 -3.17 18.66
N GLY D 344 -37.22 -3.59 19.89
CA GLY D 344 -37.98 -4.79 20.13
C GLY D 344 -37.34 -6.04 19.55
N ALA D 345 -38.17 -6.95 19.03
CA ALA D 345 -37.70 -8.23 18.50
C ALA D 345 -38.32 -8.51 17.12
N GLY D 352 -32.07 -14.85 19.16
CA GLY D 352 -30.68 -14.53 18.88
C GLY D 352 -30.53 -13.27 18.05
N PHE D 353 -31.65 -12.75 17.54
CA PHE D 353 -31.62 -11.52 16.76
C PHE D 353 -32.05 -10.34 17.64
N LEU D 354 -31.08 -9.51 18.02
CA LEU D 354 -31.28 -8.42 18.95
C LEU D 354 -31.13 -7.08 18.27
N PRO D 355 -31.64 -6.01 18.91
CA PRO D 355 -31.37 -4.65 18.45
C PRO D 355 -29.87 -4.43 18.28
N GLY D 356 -29.47 -3.91 17.13
CA GLY D 356 -28.06 -3.72 16.81
C GLY D 356 -27.50 -4.94 16.11
N GLY D 357 -28.24 -6.05 16.15
CA GLY D 357 -27.81 -7.27 15.50
C GLY D 357 -27.93 -7.18 13.99
N ALA D 358 -27.48 -8.22 13.31
CA ALA D 358 -27.56 -8.25 11.86
C ALA D 358 -27.47 -9.68 11.33
N SER D 359 -28.13 -9.92 10.20
CA SER D 359 -28.01 -11.20 9.50
C SER D 359 -27.77 -10.96 8.02
N LEU D 360 -27.05 -11.88 7.39
CA LEU D 360 -26.79 -11.82 5.95
C LEU D 360 -27.15 -13.15 5.34
N HIS D 361 -28.16 -13.14 4.47
CA HIS D 361 -28.52 -14.31 3.68
C HIS D 361 -28.24 -13.93 2.23
N GLY D 362 -27.09 -14.35 1.72
CA GLY D 362 -26.68 -13.99 0.39
C GLY D 362 -27.40 -14.77 -0.71
N VAL D 363 -27.03 -14.48 -1.95
CA VAL D 363 -27.67 -15.05 -3.13
C VAL D 363 -27.87 -16.57 -3.08
N MET D 364 -29.12 -16.98 -3.27
CA MET D 364 -29.54 -18.38 -3.27
C MET D 364 -29.29 -19.15 -1.96
N SER D 365 -28.92 -18.44 -0.91
CA SER D 365 -28.86 -19.08 0.41
C SER D 365 -30.30 -19.34 0.83
N ALA D 366 -30.54 -20.48 1.47
CA ALA D 366 -31.89 -20.86 1.84
C ALA D 366 -32.25 -20.38 3.25
N HIS D 367 -33.34 -19.63 3.35
CA HIS D 367 -33.73 -19.09 4.65
C HIS D 367 -35.22 -19.27 4.91
N GLY D 368 -35.72 -18.67 5.98
CA GLY D 368 -37.08 -18.91 6.40
C GLY D 368 -37.17 -19.13 7.89
N PRO D 369 -38.36 -19.49 8.40
CA PRO D 369 -38.64 -19.60 9.83
C PRO D 369 -38.02 -20.85 10.46
N ASP D 370 -37.83 -20.83 11.78
CA ASP D 370 -37.37 -22.03 12.47
C ASP D 370 -38.53 -22.97 12.80
N ALA D 371 -38.22 -24.12 13.42
CA ALA D 371 -39.22 -25.15 13.68
C ALA D 371 -40.26 -24.73 14.71
N GLU D 372 -39.84 -23.89 15.66
CA GLU D 372 -40.75 -23.35 16.66
C GLU D 372 -41.75 -22.42 15.99
N THR D 373 -41.24 -21.49 15.18
N THR D 373 -41.24 -21.49 15.18
CA THR D 373 -42.11 -20.53 14.50
CA THR D 373 -42.08 -20.53 14.49
C THR D 373 -43.08 -21.24 13.56
C THR D 373 -43.06 -21.24 13.58
N CYS D 374 -42.57 -22.25 12.85
CA CYS D 374 -43.41 -23.06 11.98
C CYS D 374 -44.53 -23.74 12.75
N GLU D 375 -44.17 -24.40 13.85
CA GLU D 375 -45.16 -25.20 14.57
C GLU D 375 -46.26 -24.31 15.13
N LYS D 376 -45.85 -23.23 15.79
CA LYS D 376 -46.80 -22.32 16.43
C LYS D 376 -47.72 -21.63 15.41
N ALA D 377 -47.17 -21.26 14.26
CA ALA D 377 -47.98 -20.56 13.26
C ALA D 377 -48.89 -21.51 12.47
N ILE D 378 -48.49 -22.77 12.36
CA ILE D 378 -49.29 -23.77 11.66
C ILE D 378 -50.55 -24.14 12.47
N ALA D 379 -50.44 -24.06 13.80
CA ALA D 379 -51.51 -24.48 14.69
C ALA D 379 -52.34 -23.31 15.24
N ALA D 380 -51.95 -22.07 14.93
CA ALA D 380 -52.63 -20.91 15.49
C ALA D 380 -54.07 -20.72 15.02
N ASP D 381 -54.92 -20.24 15.92
CA ASP D 381 -56.25 -19.79 15.55
C ASP D 381 -56.09 -18.42 14.94
N LEU D 382 -56.23 -18.33 13.62
CA LEU D 382 -55.98 -17.08 12.93
C LEU D 382 -57.05 -16.05 13.23
N ALA D 383 -56.61 -14.86 13.59
CA ALA D 383 -57.49 -13.76 13.91
C ALA D 383 -56.67 -12.50 13.69
N PRO D 384 -57.36 -11.37 13.51
CA PRO D 384 -56.67 -10.08 13.45
C PRO D 384 -55.72 -9.94 14.62
N HIS D 385 -54.46 -9.68 14.30
CA HIS D 385 -53.40 -9.58 15.29
C HIS D 385 -52.55 -8.35 14.99
N LYS D 386 -52.38 -7.50 15.98
CA LYS D 386 -51.55 -6.30 15.76
C LYS D 386 -50.12 -6.52 16.24
N ILE D 387 -49.20 -6.66 15.29
CA ILE D 387 -47.79 -6.67 15.64
C ILE D 387 -47.39 -5.26 16.07
N ASP D 388 -46.70 -5.13 17.20
CA ASP D 388 -46.40 -3.82 17.76
C ASP D 388 -45.01 -3.80 18.39
N ASN D 389 -44.57 -2.60 18.75
CA ASN D 389 -43.31 -2.40 19.47
C ASN D 389 -42.11 -3.14 18.87
N THR D 390 -42.03 -3.13 17.55
CA THR D 390 -40.90 -3.70 16.85
C THR D 390 -40.67 -2.92 15.57
N MET D 391 -39.43 -2.90 15.10
CA MET D 391 -39.08 -2.19 13.87
C MET D 391 -37.80 -2.80 13.33
N ALA D 392 -37.94 -3.77 12.43
CA ALA D 392 -36.80 -4.37 11.75
C ALA D 392 -36.68 -3.70 10.40
N PHE D 393 -35.59 -3.97 9.69
CA PHE D 393 -35.43 -3.46 8.34
C PHE D 393 -34.51 -4.37 7.53
N MET D 394 -34.45 -4.11 6.23
CA MET D 394 -33.53 -4.79 5.36
C MET D 394 -32.90 -3.82 4.36
N PHE D 395 -31.60 -3.95 4.16
CA PHE D 395 -30.96 -3.43 2.96
C PHE D 395 -30.91 -4.65 2.02
N GLU D 396 -31.62 -4.60 0.90
CA GLU D 396 -31.57 -5.71 -0.07
C GLU D 396 -30.80 -5.26 -1.30
N THR D 397 -29.73 -5.96 -1.66
CA THR D 397 -28.87 -5.50 -2.76
C THR D 397 -28.85 -6.50 -3.92
N SER D 398 -28.74 -6.00 -5.14
CA SER D 398 -28.68 -6.90 -6.32
C SER D 398 -27.31 -7.58 -6.41
N GLN D 399 -26.25 -6.85 -6.06
CA GLN D 399 -24.89 -7.40 -6.05
C GLN D 399 -24.62 -8.14 -4.74
N VAL D 400 -23.84 -9.22 -4.83
CA VAL D 400 -23.39 -9.99 -3.69
C VAL D 400 -22.71 -9.09 -2.64
N LEU D 401 -22.99 -9.36 -1.38
CA LEU D 401 -22.38 -8.64 -0.26
C LEU D 401 -21.28 -9.49 0.33
N ARG D 402 -20.05 -8.98 0.27
CA ARG D 402 -18.87 -9.67 0.80
C ARG D 402 -18.57 -9.10 2.19
N PRO D 403 -18.71 -9.93 3.24
CA PRO D 403 -18.37 -9.50 4.59
C PRO D 403 -16.89 -9.14 4.64
N SER D 404 -16.51 -8.21 5.51
CA SER D 404 -15.11 -7.82 5.65
C SER D 404 -14.36 -8.87 6.46
N LEU D 405 -13.03 -8.77 6.48
CA LEU D 405 -12.25 -9.68 7.32
C LEU D 405 -12.74 -9.55 8.75
N GLN D 406 -12.80 -8.29 9.19
CA GLN D 406 -13.22 -7.92 10.53
C GLN D 406 -14.55 -8.57 10.95
N ALA D 407 -15.58 -8.45 10.12
CA ALA D 407 -16.89 -9.02 10.42
C ALA D 407 -16.89 -10.53 10.52
N LEU D 408 -15.98 -11.18 9.81
CA LEU D 408 -15.92 -12.65 9.88
C LEU D 408 -15.13 -13.10 11.11
N GLU D 409 -14.33 -12.18 11.67
CA GLU D 409 -13.47 -12.54 12.80
C GLU D 409 -13.93 -12.00 14.15
N CYS D 410 -14.80 -11.00 14.15
CA CYS D 410 -15.27 -10.40 15.39
C CYS D 410 -16.02 -11.40 16.29
N PRO D 411 -15.92 -11.24 17.62
CA PRO D 411 -16.57 -12.16 18.58
C PRO D 411 -18.09 -12.19 18.45
N GLN D 412 -18.66 -11.14 17.86
N GLN D 412 -18.66 -11.14 17.86
CA GLN D 412 -20.10 -11.02 17.74
CA GLN D 412 -20.11 -11.02 17.76
C GLN D 412 -20.69 -11.99 16.73
C GLN D 412 -20.70 -11.95 16.70
N LEU D 413 -19.87 -12.48 15.82
CA LEU D 413 -20.33 -13.44 14.82
C LEU D 413 -20.76 -14.76 15.47
N GLN D 414 -22.04 -15.08 15.33
CA GLN D 414 -22.61 -16.25 15.97
C GLN D 414 -22.15 -17.55 15.30
N ALA D 415 -21.43 -18.37 16.05
CA ALA D 415 -20.72 -19.49 15.47
C ALA D 415 -21.63 -20.60 14.94
N ASP D 416 -22.80 -20.76 15.55
CA ASP D 416 -23.67 -21.90 15.28
C ASP D 416 -25.04 -21.50 14.71
N TYR D 417 -25.09 -20.41 13.95
CA TYR D 417 -26.35 -19.88 13.42
C TYR D 417 -27.14 -20.89 12.58
N ASP D 418 -26.44 -21.77 11.87
CA ASP D 418 -27.11 -22.78 11.06
C ASP D 418 -27.99 -23.71 11.88
N SER D 419 -27.67 -23.84 13.17
CA SER D 419 -28.39 -24.73 14.08
C SER D 419 -29.84 -24.33 14.26
N CYS D 420 -30.12 -23.05 14.09
CA CYS D 420 -31.49 -22.52 14.25
C CYS D 420 -32.53 -23.29 13.40
N TRP D 421 -32.09 -23.95 12.35
CA TRP D 421 -33.00 -24.66 11.46
C TRP D 421 -32.90 -26.19 11.59
N ALA D 422 -31.96 -26.66 12.40
CA ALA D 422 -31.63 -28.08 12.45
C ALA D 422 -32.81 -29.00 12.86
N THR D 423 -33.77 -28.45 13.60
CA THR D 423 -34.90 -29.24 14.10
C THR D 423 -36.14 -29.20 13.21
N LEU D 424 -36.03 -28.66 12.00
CA LEU D 424 -37.17 -28.65 11.10
C LEU D 424 -37.59 -30.09 10.80
N PRO D 425 -38.86 -30.43 11.07
CA PRO D 425 -39.32 -31.81 10.88
C PRO D 425 -39.97 -32.05 9.53
N SER D 426 -40.01 -33.32 9.13
CA SER D 426 -40.91 -33.71 8.07
C SER D 426 -42.30 -33.89 8.65
N THR D 427 -43.29 -33.32 7.98
CA THR D 427 -44.69 -33.48 8.37
C THR D 427 -45.44 -34.09 7.19
N PHE D 428 -44.69 -34.57 6.21
CA PHE D 428 -45.26 -35.04 4.95
C PHE D 428 -45.95 -36.39 5.06
N ASN D 429 -47.19 -36.45 4.59
CA ASN D 429 -47.96 -37.68 4.62
C ASN D 429 -48.64 -37.93 3.27
N PRO D 430 -48.03 -38.76 2.42
CA PRO D 430 -48.51 -38.94 1.04
C PRO D 430 -49.88 -39.59 0.95
N ASN D 431 -50.36 -40.16 2.05
CA ASN D 431 -51.65 -40.84 2.05
C ASN D 431 -52.79 -39.92 2.45
N ARG D 432 -52.44 -38.80 3.07
CA ARG D 432 -53.44 -37.81 3.51
C ARG D 432 -53.15 -36.41 2.99
N ARG D 433 -53.98 -35.92 2.08
CA ARG D 433 -53.86 -34.58 1.59
C ARG D 433 -54.28 -33.60 2.68
N ASP E 8 -4.85 15.94 -53.55
CA ASP E 8 -5.58 16.79 -52.62
C ASP E 8 -6.70 15.98 -52.00
N LEU E 9 -6.94 16.20 -50.71
CA LEU E 9 -7.89 15.37 -49.99
C LEU E 9 -9.33 15.83 -50.17
N HIS E 10 -10.17 14.91 -50.65
CA HIS E 10 -11.59 15.18 -50.74
C HIS E 10 -12.32 14.46 -49.59
N TYR E 11 -13.46 15.01 -49.20
CA TYR E 11 -14.19 14.46 -48.08
C TYR E 11 -15.69 14.34 -48.36
N LEU E 12 -16.33 13.40 -47.65
CA LEU E 12 -17.79 13.20 -47.65
C LEU E 12 -18.38 13.79 -46.38
N SER E 13 -19.54 14.43 -46.46
CA SER E 13 -20.06 15.11 -45.28
C SER E 13 -21.35 14.50 -44.73
N GLY E 14 -21.51 14.58 -43.41
CA GLY E 14 -22.78 14.22 -42.80
C GLY E 14 -22.61 13.18 -41.72
N PHE E 15 -22.64 13.63 -40.47
CA PHE E 15 -22.42 12.74 -39.34
C PHE E 15 -23.44 11.58 -39.31
N GLY E 16 -22.92 10.37 -39.19
CA GLY E 16 -23.77 9.18 -39.10
C GLY E 16 -24.32 8.72 -40.43
N ASN E 17 -23.89 9.36 -41.52
CA ASN E 17 -24.36 8.95 -42.84
C ASN E 17 -23.97 7.53 -43.22
N GLU E 18 -24.82 6.90 -44.02
CA GLU E 18 -24.44 5.73 -44.79
C GLU E 18 -23.72 6.25 -46.02
N PHE E 19 -22.40 6.19 -45.98
CA PHE E 19 -21.57 6.67 -47.07
C PHE E 19 -21.25 5.57 -48.10
N ALA E 20 -20.69 5.99 -49.22
CA ALA E 20 -20.24 5.05 -50.23
C ALA E 20 -19.14 5.74 -51.01
N SER E 21 -18.01 5.07 -51.18
CA SER E 21 -16.87 5.66 -51.86
C SER E 21 -16.10 4.56 -52.56
N GLU E 22 -15.67 4.83 -53.79
CA GLU E 22 -14.93 3.85 -54.57
C GLU E 22 -13.81 4.54 -55.37
N ALA E 23 -12.58 4.03 -55.21
CA ALA E 23 -11.42 4.59 -55.88
C ALA E 23 -11.27 4.12 -57.34
N LEU E 24 -12.02 3.09 -57.73
CA LEU E 24 -12.11 2.68 -59.14
C LEU E 24 -13.58 2.64 -59.53
N PRO E 25 -13.90 3.05 -60.79
CA PRO E 25 -15.29 3.09 -61.23
C PRO E 25 -15.96 1.72 -61.04
N GLY E 26 -17.07 1.70 -60.31
CA GLY E 26 -17.80 0.47 -60.05
C GLY E 26 -17.11 -0.56 -59.17
N ALA E 27 -16.17 -0.13 -58.33
CA ALA E 27 -15.54 -1.08 -57.42
C ALA E 27 -16.57 -1.58 -56.41
N LEU E 28 -17.59 -0.76 -56.18
CA LEU E 28 -18.67 -1.14 -55.29
C LEU E 28 -19.67 -2.02 -56.02
N PRO E 29 -19.94 -3.21 -55.49
CA PRO E 29 -20.99 -4.04 -56.09
C PRO E 29 -22.33 -3.32 -56.00
N VAL E 30 -23.05 -3.23 -57.11
CA VAL E 30 -24.38 -2.62 -57.09
C VAL E 30 -25.47 -3.65 -56.77
N GLY E 31 -26.36 -3.28 -55.84
CA GLY E 31 -27.51 -4.11 -55.53
C GLY E 31 -27.25 -5.17 -54.48
N GLN E 32 -26.01 -5.34 -54.07
CA GLN E 32 -25.70 -6.33 -53.04
C GLN E 32 -24.34 -6.06 -52.40
N ASN E 33 -24.04 -6.77 -51.32
CA ASN E 33 -22.80 -6.60 -50.58
C ASN E 33 -21.82 -7.73 -50.79
N SER E 34 -22.32 -8.88 -51.25
CA SER E 34 -21.53 -10.11 -51.29
C SER E 34 -21.60 -10.87 -52.60
N PRO E 35 -21.22 -10.23 -53.73
CA PRO E 35 -21.27 -10.93 -55.02
C PRO E 35 -20.32 -12.14 -55.05
N GLN E 36 -20.63 -13.10 -55.91
CA GLN E 36 -19.74 -14.22 -56.12
C GLN E 36 -18.50 -13.75 -56.89
N LYS E 37 -18.73 -12.93 -57.90
CA LYS E 37 -17.62 -12.36 -58.65
C LYS E 37 -17.56 -10.87 -58.39
N ALA E 38 -16.75 -10.49 -57.41
CA ALA E 38 -16.66 -9.09 -57.03
C ALA E 38 -16.01 -8.28 -58.13
N PRO E 39 -16.42 -7.02 -58.27
CA PRO E 39 -15.75 -6.11 -59.19
C PRO E 39 -14.26 -6.08 -58.92
N TYR E 40 -13.46 -6.19 -59.98
CA TYR E 40 -12.00 -6.12 -59.90
C TYR E 40 -11.28 -7.24 -59.14
N GLY E 41 -12.02 -8.28 -58.76
CA GLY E 41 -11.45 -9.42 -58.04
C GLY E 41 -11.17 -9.13 -56.58
N LEU E 42 -11.78 -8.08 -56.06
CA LEU E 42 -11.62 -7.66 -54.67
C LEU E 42 -12.33 -8.60 -53.70
N TYR E 43 -11.92 -8.59 -52.44
CA TYR E 43 -12.61 -9.33 -51.39
C TYR E 43 -13.56 -8.43 -50.62
N ALA E 44 -14.70 -8.98 -50.25
CA ALA E 44 -15.66 -8.33 -49.36
C ALA E 44 -15.27 -8.60 -47.91
N GLU E 45 -15.27 -7.55 -47.10
CA GLU E 45 -14.99 -7.68 -45.67
C GLU E 45 -15.96 -6.82 -44.86
N LEU E 46 -16.64 -7.41 -43.87
CA LEU E 46 -17.52 -6.61 -43.02
C LEU E 46 -16.83 -6.18 -41.73
N LEU E 47 -16.81 -4.87 -41.50
CA LEU E 47 -16.32 -4.35 -40.24
C LEU E 47 -17.53 -3.98 -39.40
N SER E 48 -17.81 -4.80 -38.39
CA SER E 48 -18.96 -4.58 -37.47
C SER E 48 -18.53 -3.83 -36.20
N GLY E 49 -18.77 -2.52 -36.16
CA GLY E 49 -18.39 -1.72 -35.01
C GLY E 49 -19.32 -1.79 -33.81
N THR E 50 -20.48 -2.43 -33.99
CA THR E 50 -21.46 -2.62 -32.92
C THR E 50 -22.09 -4.01 -33.05
N ALA E 51 -22.85 -4.44 -32.04
CA ALA E 51 -23.60 -5.69 -32.16
C ALA E 51 -24.52 -5.58 -33.38
N PHE E 52 -24.76 -6.70 -34.07
CA PHE E 52 -25.63 -6.71 -35.25
C PHE E 52 -27.02 -6.18 -34.91
N THR E 53 -27.45 -6.41 -33.68
CA THR E 53 -28.85 -6.15 -33.32
C THR E 53 -29.09 -4.81 -32.67
N MET E 54 -28.15 -3.88 -32.82
CA MET E 54 -28.32 -2.53 -32.31
C MET E 54 -29.46 -1.87 -33.07
N ALA E 55 -30.19 -0.97 -32.41
CA ALA E 55 -31.16 -0.14 -33.12
C ALA E 55 -30.40 0.55 -34.25
N ARG E 56 -31.01 0.68 -35.40
CA ARG E 56 -30.32 1.23 -36.56
C ARG E 56 -29.75 2.65 -36.32
N SER E 57 -30.40 3.44 -35.47
CA SER E 57 -29.81 4.73 -35.08
C SER E 57 -28.44 4.58 -34.41
N GLU E 58 -28.17 3.43 -33.82
CA GLU E 58 -26.91 3.22 -33.11
C GLU E 58 -25.96 2.26 -33.82
N LEU E 59 -26.40 1.74 -34.95
CA LEU E 59 -25.60 0.85 -35.77
C LEU E 59 -24.41 1.54 -36.43
N ARG E 60 -23.23 0.94 -36.30
CA ARG E 60 -22.06 1.38 -37.05
C ARG E 60 -21.39 0.17 -37.70
N ARG E 61 -21.43 0.09 -39.03
CA ARG E 61 -20.76 -1.01 -39.74
C ARG E 61 -20.38 -0.61 -41.16
N THR E 62 -19.23 -1.10 -41.61
CA THR E 62 -18.76 -0.74 -42.94
C THR E 62 -18.37 -1.96 -43.78
N TRP E 63 -18.89 -2.00 -45.01
CA TRP E 63 -18.47 -3.03 -45.94
C TRP E 63 -17.22 -2.56 -46.68
N LEU E 64 -16.24 -3.43 -46.76
CA LEU E 64 -14.97 -3.11 -47.38
C LEU E 64 -14.72 -4.02 -48.57
N TYR E 65 -14.07 -3.45 -49.58
CA TYR E 65 -13.78 -4.19 -50.81
C TYR E 65 -12.32 -3.96 -51.09
N ARG E 66 -11.53 -4.97 -50.76
CA ARG E 66 -10.11 -4.82 -50.57
C ARG E 66 -9.26 -5.87 -51.30
N ILE E 67 -7.99 -5.56 -51.48
CA ILE E 67 -7.09 -6.42 -52.25
C ILE E 67 -6.81 -7.72 -51.54
N ARG E 68 -6.41 -7.64 -50.26
CA ARG E 68 -6.21 -8.86 -49.47
C ARG E 68 -7.03 -8.84 -48.18
N PRO E 69 -7.53 -10.02 -47.75
CA PRO E 69 -8.37 -10.13 -46.55
C PRO E 69 -7.61 -9.69 -45.30
N SER E 70 -8.31 -9.20 -44.28
CA SER E 70 -7.61 -8.80 -43.06
C SER E 70 -7.10 -10.04 -42.34
N ALA E 71 -7.71 -11.19 -42.60
CA ALA E 71 -7.32 -12.45 -41.98
C ALA E 71 -5.91 -12.89 -42.38
N LEU E 72 -5.42 -12.34 -43.49
CA LEU E 72 -4.10 -12.72 -43.99
C LEU E 72 -3.04 -12.05 -43.13
N HIS E 73 -2.74 -12.67 -42.00
CA HIS E 73 -1.68 -12.20 -41.13
C HIS E 73 -1.19 -13.38 -40.31
N PRO E 74 0.10 -13.36 -39.96
CA PRO E 74 0.62 -14.44 -39.11
C PRO E 74 0.32 -14.13 -37.65
N ARG E 75 0.82 -14.95 -36.74
CA ARG E 75 0.59 -14.75 -35.32
C ARG E 75 1.12 -13.41 -34.84
N PHE E 76 0.32 -12.70 -34.08
CA PHE E 76 0.75 -11.49 -33.40
C PHE E 76 1.67 -11.84 -32.23
N GLU E 77 2.67 -10.99 -31.97
CA GLU E 77 3.57 -11.20 -30.83
C GLU E 77 3.74 -9.92 -30.01
N ARG E 78 3.96 -10.07 -28.71
CA ARG E 78 4.03 -8.94 -27.80
C ARG E 78 5.30 -8.12 -28.03
N LEU E 79 5.15 -6.82 -28.24
CA LEU E 79 6.32 -5.98 -28.47
C LEU E 79 7.04 -5.75 -27.15
N ALA E 80 8.36 -5.65 -27.21
CA ALA E 80 9.17 -5.37 -26.04
C ALA E 80 8.91 -3.95 -25.50
N ARG E 81 8.83 -2.99 -26.41
CA ARG E 81 8.52 -1.61 -26.03
C ARG E 81 7.03 -1.51 -25.73
N GLN E 82 6.71 -1.02 -24.53
CA GLN E 82 5.32 -0.92 -24.10
C GLN E 82 5.04 0.41 -23.41
N PRO E 83 4.41 1.34 -24.14
CA PRO E 83 4.18 2.71 -23.66
C PRO E 83 3.17 2.80 -22.52
N LEU E 84 2.23 1.87 -22.47
CA LEU E 84 1.06 2.04 -21.63
C LEU E 84 1.03 1.12 -20.43
N GLY E 85 2.12 0.40 -20.19
CA GLY E 85 2.13 -0.60 -19.12
C GLY E 85 2.40 -0.06 -17.73
N GLY E 86 2.63 1.24 -17.61
CA GLY E 86 2.92 1.85 -16.33
C GLY E 86 1.75 1.73 -15.35
N PRO E 87 2.03 1.28 -14.11
CA PRO E 87 1.01 1.05 -13.08
C PRO E 87 0.15 2.25 -12.71
N LEU E 88 -0.94 1.97 -12.00
CA LEU E 88 -1.85 2.99 -11.53
C LEU E 88 -1.19 3.81 -10.44
N GLY E 89 -1.38 5.11 -10.50
CA GLY E 89 -0.97 5.99 -9.43
C GLY E 89 -1.73 5.62 -8.17
N GLY E 90 -1.31 6.18 -7.05
CA GLY E 90 -1.97 5.91 -5.79
C GLY E 90 -3.23 6.75 -5.64
N ILE E 91 -4.01 6.44 -4.61
CA ILE E 91 -5.22 7.20 -4.31
C ILE E 91 -4.89 8.65 -4.02
N ASN E 92 -5.62 9.58 -4.63
CA ASN E 92 -5.32 10.99 -4.43
C ASN E 92 -6.50 11.87 -4.82
N PRO E 93 -7.18 12.47 -3.84
CA PRO E 93 -8.39 13.24 -4.11
C PRO E 93 -8.10 14.68 -4.49
N ASN E 94 -6.82 15.07 -4.48
CA ASN E 94 -6.48 16.47 -4.71
C ASN E 94 -6.73 16.98 -6.11
N ARG E 95 -6.97 18.29 -6.19
CA ARG E 95 -7.05 19.00 -7.46
C ARG E 95 -5.65 18.90 -8.04
N LEU E 96 -5.54 18.66 -9.35
CA LEU E 96 -4.22 18.47 -9.98
C LEU E 96 -4.10 19.33 -11.24
N ARG E 97 -2.93 19.92 -11.45
CA ARG E 97 -2.70 20.66 -12.69
C ARG E 97 -1.29 20.44 -13.21
N TRP E 98 -1.22 20.14 -14.50
CA TRP E 98 0.03 19.85 -15.20
C TRP E 98 0.48 20.95 -16.15
N SER E 99 1.77 21.22 -16.18
CA SER E 99 2.37 22.05 -17.21
C SER E 99 2.46 21.20 -18.49
N PRO E 100 2.65 21.85 -19.66
CA PRO E 100 2.65 21.12 -20.93
C PRO E 100 3.70 20.03 -20.98
N GLN E 101 3.43 18.96 -21.70
CA GLN E 101 4.34 17.83 -21.77
C GLN E 101 5.42 18.09 -22.83
N PRO E 102 6.70 17.95 -22.45
CA PRO E 102 7.77 18.00 -23.45
C PRO E 102 7.78 16.81 -24.40
N ILE E 103 8.16 17.09 -25.65
CA ILE E 103 8.35 16.03 -26.62
C ILE E 103 9.67 15.35 -26.33
N PRO E 104 9.64 14.04 -26.11
CA PRO E 104 10.85 13.32 -25.70
C PRO E 104 11.96 13.34 -26.77
N ALA E 105 13.19 13.07 -26.34
CA ALA E 105 14.35 13.07 -27.22
C ALA E 105 14.41 11.84 -28.11
N GLU E 106 14.12 10.70 -27.51
CA GLU E 106 14.13 9.42 -28.21
C GLU E 106 13.13 9.41 -29.36
N PRO E 107 13.48 8.73 -30.46
CA PRO E 107 12.52 8.53 -31.56
C PRO E 107 11.23 7.92 -31.02
N THR E 108 10.11 8.58 -31.32
CA THR E 108 8.82 8.19 -30.75
C THR E 108 7.71 8.54 -31.73
N ASP E 109 7.07 7.53 -32.30
CA ASP E 109 5.97 7.80 -33.22
C ASP E 109 4.68 8.03 -32.43
N PHE E 110 3.60 8.25 -33.16
CA PHE E 110 2.31 8.53 -32.54
C PHE E 110 1.84 7.49 -31.52
N ILE E 111 1.90 6.21 -31.86
CA ILE E 111 1.41 5.19 -30.94
C ILE E 111 2.38 4.92 -29.79
N GLU E 112 3.66 5.19 -30.04
CA GLU E 112 4.67 5.05 -29.01
C GLU E 112 4.69 6.18 -27.99
N GLY E 113 4.04 7.29 -28.31
CA GLY E 113 4.18 8.47 -27.49
C GLY E 113 2.98 8.91 -26.68
N TRP E 114 2.04 8.00 -26.46
CA TRP E 114 0.90 8.28 -25.59
C TRP E 114 1.39 8.24 -24.15
N LEU E 115 1.15 9.32 -23.42
CA LEU E 115 1.49 9.39 -22.00
C LEU E 115 0.16 9.27 -21.28
N PRO E 116 -0.03 8.18 -20.52
CA PRO E 116 -1.33 8.03 -19.86
C PRO E 116 -1.45 9.07 -18.76
N MET E 117 -2.49 9.89 -18.83
CA MET E 117 -2.71 10.95 -17.87
C MET E 117 -3.59 10.49 -16.72
N ALA E 118 -4.74 9.90 -17.06
CA ALA E 118 -5.69 9.43 -16.06
C ALA E 118 -6.78 8.57 -16.70
N ALA E 119 -7.29 7.58 -15.97
CA ALA E 119 -8.24 6.64 -16.57
C ALA E 119 -9.22 6.05 -15.58
N ASN E 120 -10.43 5.80 -16.07
CA ASN E 120 -11.43 5.13 -15.24
C ASN E 120 -10.96 3.75 -14.76
N ALA E 121 -10.06 3.11 -15.51
CA ALA E 121 -9.57 1.79 -15.09
C ALA E 121 -8.16 1.48 -15.60
N GLY E 122 -7.61 0.36 -15.12
CA GLY E 122 -6.28 -0.06 -15.51
C GLY E 122 -6.20 -0.49 -16.96
N ALA E 123 -5.03 -0.31 -17.57
CA ALA E 123 -4.85 -0.58 -18.98
C ALA E 123 -5.28 -2.00 -19.38
N GLU E 124 -5.10 -2.96 -18.48
CA GLU E 124 -5.43 -4.35 -18.81
C GLU E 124 -6.93 -4.65 -18.75
N LYS E 125 -7.71 -3.76 -18.15
CA LYS E 125 -9.17 -3.91 -18.12
C LYS E 125 -9.88 -2.64 -18.57
N PRO E 126 -9.82 -2.33 -19.87
CA PRO E 126 -10.44 -1.09 -20.37
C PRO E 126 -11.94 -0.98 -20.10
N ALA E 127 -12.33 0.13 -19.51
CA ALA E 127 -13.72 0.47 -19.29
C ALA E 127 -13.83 2.00 -19.27
N GLY E 128 -14.96 2.51 -19.73
CA GLY E 128 -15.20 3.94 -19.68
C GLY E 128 -14.29 4.70 -20.62
N VAL E 129 -13.38 5.46 -20.04
CA VAL E 129 -12.53 6.37 -20.82
C VAL E 129 -11.10 6.30 -20.28
N SER E 130 -10.12 6.28 -21.19
CA SER E 130 -8.75 6.50 -20.78
C SER E 130 -8.25 7.78 -21.46
N ILE E 131 -7.57 8.64 -20.71
CA ILE E 131 -7.07 9.91 -21.26
C ILE E 131 -5.54 9.95 -21.40
N TYR E 132 -5.06 10.36 -22.56
CA TYR E 132 -3.62 10.43 -22.83
C TYR E 132 -3.21 11.79 -23.35
N ILE E 133 -1.91 12.07 -23.23
CA ILE E 133 -1.29 13.15 -23.99
C ILE E 133 -0.27 12.50 -24.92
N TYR E 134 -0.41 12.73 -26.22
CA TYR E 134 0.57 12.18 -27.14
C TYR E 134 1.67 13.18 -27.45
N ARG E 135 2.89 12.68 -27.55
CA ARG E 135 4.02 13.46 -28.03
C ARG E 135 4.77 12.55 -28.97
N ALA E 136 5.07 13.05 -30.17
CA ALA E 136 5.71 12.23 -31.18
C ALA E 136 6.72 13.06 -31.96
N ASN E 137 7.78 12.41 -32.44
CA ASN E 137 8.76 13.09 -33.29
C ASN E 137 9.10 12.32 -34.57
N ARG E 138 8.35 11.24 -34.80
CA ARG E 138 8.54 10.42 -35.99
C ARG E 138 7.17 10.10 -36.58
N SER E 139 7.11 10.01 -37.91
CA SER E 139 5.97 9.46 -38.61
C SER E 139 5.95 7.97 -38.35
N MET E 140 4.76 7.37 -38.29
CA MET E 140 4.66 5.94 -38.16
C MET E 140 5.08 5.26 -39.46
N GLU E 141 6.02 4.34 -39.35
CA GLU E 141 6.33 3.49 -40.48
C GLU E 141 5.85 2.08 -40.17
N ARG E 142 4.52 1.97 -40.11
CA ARG E 142 3.79 0.75 -39.86
C ARG E 142 2.33 1.19 -39.78
N VAL E 143 1.45 0.23 -39.51
CA VAL E 143 0.02 0.49 -39.43
C VAL E 143 -0.51 -0.07 -38.10
N PHE E 144 -1.57 0.54 -37.57
CA PHE E 144 -2.04 0.27 -36.20
C PHE E 144 -3.58 0.18 -36.19
N PHE E 145 -4.12 -0.68 -35.33
CA PHE E 145 -5.50 -0.53 -34.90
C PHE E 145 -5.64 -0.73 -33.40
N ASN E 146 -6.65 -0.10 -32.84
CA ASN E 146 -6.88 -0.15 -31.42
C ASN E 146 -8.11 -1.02 -31.18
N ALA E 147 -7.90 -2.16 -30.54
CA ALA E 147 -8.96 -3.09 -30.23
C ALA E 147 -9.74 -2.69 -28.99
N ASP E 148 -9.16 -1.79 -28.19
CA ASP E 148 -9.72 -1.49 -26.87
C ASP E 148 -10.79 -0.40 -26.91
N GLY E 149 -10.79 0.41 -27.96
CA GLY E 149 -11.78 1.46 -28.05
C GLY E 149 -11.62 2.41 -29.22
N GLU E 150 -12.57 3.34 -29.31
CA GLU E 150 -12.61 4.39 -30.32
C GLU E 150 -11.63 5.49 -29.87
N LEU E 151 -11.01 6.17 -30.82
CA LEU E 151 -10.06 7.22 -30.47
C LEU E 151 -10.52 8.63 -30.85
N LEU E 152 -10.63 9.50 -29.85
CA LEU E 152 -10.87 10.92 -30.09
C LEU E 152 -9.58 11.71 -29.99
N LEU E 153 -9.11 12.22 -31.12
CA LEU E 153 -7.88 12.99 -31.15
C LEU E 153 -8.14 14.49 -31.20
N VAL E 154 -7.40 15.22 -30.35
CA VAL E 154 -7.49 16.67 -30.22
C VAL E 154 -6.09 17.26 -30.32
N PRO E 155 -5.66 17.59 -31.55
CA PRO E 155 -4.33 18.15 -31.81
C PRO E 155 -4.11 19.47 -31.09
N GLU E 156 -2.89 19.68 -30.62
CA GLU E 156 -2.57 20.92 -29.94
C GLU E 156 -1.37 21.61 -30.58
N GLN E 157 -0.34 20.84 -30.93
CA GLN E 157 0.79 21.35 -31.71
C GLN E 157 1.10 20.43 -32.89
N GLY E 158 1.11 20.98 -34.10
CA GLY E 158 1.50 20.22 -35.28
C GLY E 158 0.35 19.49 -35.96
N ARG E 159 0.34 19.53 -37.29
CA ARG E 159 -0.68 18.88 -38.09
C ARG E 159 -0.43 17.37 -38.24
N LEU E 160 -1.50 16.61 -38.40
CA LEU E 160 -1.38 15.17 -38.62
C LEU E 160 -2.03 14.82 -39.93
N ARG E 161 -1.39 13.91 -40.67
CA ARG E 161 -1.98 13.27 -41.84
C ARG E 161 -2.24 11.86 -41.40
N ILE E 162 -3.52 11.49 -41.27
CA ILE E 162 -3.86 10.18 -40.76
C ILE E 162 -4.41 9.33 -41.90
N ALA E 163 -3.62 8.33 -42.30
CA ALA E 163 -4.03 7.44 -43.38
C ALA E 163 -4.78 6.29 -42.76
N THR E 164 -6.03 6.09 -43.16
CA THR E 164 -6.86 5.01 -42.60
C THR E 164 -7.29 4.06 -43.71
N GLU E 165 -7.97 2.97 -43.34
CA GLU E 165 -8.49 2.04 -44.34
C GLU E 165 -9.50 2.73 -45.28
N LEU E 166 -10.25 3.69 -44.74
CA LEU E 166 -11.30 4.30 -45.53
C LEU E 166 -10.80 5.51 -46.30
N GLY E 167 -9.57 5.92 -46.03
CA GLY E 167 -8.97 7.02 -46.76
C GLY E 167 -8.19 7.97 -45.88
N VAL E 168 -7.66 9.03 -46.49
CA VAL E 168 -6.74 9.90 -45.78
C VAL E 168 -7.40 11.19 -45.29
N MET E 169 -7.12 11.57 -44.06
CA MET E 169 -7.58 12.87 -43.55
C MET E 169 -6.46 13.67 -42.89
N GLU E 170 -6.55 15.00 -43.01
CA GLU E 170 -5.58 15.88 -42.37
C GLU E 170 -6.23 16.68 -41.26
N VAL E 171 -5.60 16.66 -40.10
CA VAL E 171 -6.11 17.35 -38.92
C VAL E 171 -5.06 18.29 -38.35
N GLU E 172 -5.48 19.54 -38.11
CA GLU E 172 -4.63 20.55 -37.49
C GLU E 172 -5.23 20.94 -36.14
N PRO E 173 -4.43 21.59 -35.27
CA PRO E 173 -5.00 22.08 -34.01
C PRO E 173 -6.24 22.93 -34.29
N LEU E 174 -7.26 22.82 -33.44
CA LEU E 174 -8.60 23.43 -33.59
C LEU E 174 -9.55 22.56 -34.41
N GLU E 175 -9.04 21.42 -34.89
CA GLU E 175 -9.87 20.36 -35.43
C GLU E 175 -9.75 19.15 -34.49
N ILE E 176 -10.74 18.26 -34.55
CA ILE E 176 -10.66 16.98 -33.85
C ILE E 176 -10.81 15.85 -34.87
N ALA E 177 -10.35 14.67 -34.50
CA ALA E 177 -10.50 13.50 -35.35
C ALA E 177 -10.94 12.33 -34.50
N VAL E 178 -11.76 11.47 -35.08
CA VAL E 178 -12.20 10.26 -34.41
C VAL E 178 -11.90 9.03 -35.25
N ILE E 179 -11.29 8.02 -34.64
CA ILE E 179 -11.04 6.77 -35.34
C ILE E 179 -11.77 5.60 -34.64
N PRO E 180 -12.63 4.90 -35.39
CA PRO E 180 -13.43 3.81 -34.85
C PRO E 180 -12.54 2.71 -34.34
N ARG E 181 -12.95 2.05 -33.25
CA ARG E 181 -12.25 0.88 -32.73
C ARG E 181 -11.93 -0.12 -33.84
N GLY E 182 -10.73 -0.69 -33.79
CA GLY E 182 -10.37 -1.74 -34.74
C GLY E 182 -10.02 -1.31 -36.15
N MET E 183 -10.26 -0.04 -36.47
CA MET E 183 -9.91 0.46 -37.80
C MET E 183 -8.42 0.70 -37.90
N LYS E 184 -7.81 0.23 -38.98
CA LYS E 184 -6.37 0.36 -39.16
C LYS E 184 -5.97 1.73 -39.69
N PHE E 185 -4.94 2.34 -39.12
CA PHE E 185 -4.51 3.67 -39.54
C PHE E 185 -3.01 3.91 -39.38
N ARG E 186 -2.53 4.98 -40.02
CA ARG E 186 -1.13 5.37 -39.92
C ARG E 186 -1.03 6.88 -39.79
N VAL E 187 -0.28 7.34 -38.78
CA VAL E 187 -0.18 8.76 -38.53
C VAL E 187 1.17 9.26 -39.00
N GLU E 188 1.10 10.33 -39.79
CA GLU E 188 2.26 10.99 -40.33
C GLU E 188 2.25 12.43 -39.82
N LEU E 189 3.41 12.90 -39.39
CA LEU E 189 3.57 14.25 -38.84
C LEU E 189 4.00 15.22 -39.93
N LEU E 190 3.15 16.20 -40.22
CA LEU E 190 3.42 17.14 -41.29
C LEU E 190 4.39 18.22 -40.84
N ASP E 191 4.62 18.29 -39.54
CA ASP E 191 5.43 19.36 -38.95
C ASP E 191 6.67 18.89 -38.22
N GLY E 192 7.07 17.65 -38.43
CA GLY E 192 8.27 17.14 -37.79
C GLY E 192 7.97 16.51 -36.44
N GLN E 193 7.09 17.14 -35.69
CA GLN E 193 6.66 16.55 -34.44
C GLN E 193 5.27 17.02 -34.09
N ALA E 194 4.65 16.38 -33.11
CA ALA E 194 3.27 16.72 -32.77
C ALA E 194 2.94 16.38 -31.32
N ARG E 195 1.99 17.13 -30.78
CA ARG E 195 1.54 16.93 -29.42
C ARG E 195 0.06 17.26 -29.41
N GLY E 196 -0.69 16.58 -28.56
CA GLY E 196 -2.12 16.79 -28.44
C GLY E 196 -2.74 15.86 -27.42
N TYR E 197 -4.07 15.90 -27.32
CA TYR E 197 -4.76 15.13 -26.29
C TYR E 197 -5.51 13.94 -26.90
N ILE E 198 -5.74 12.91 -26.10
CA ILE E 198 -6.51 11.74 -26.56
C ILE E 198 -7.52 11.28 -25.52
N ALA E 199 -8.78 11.18 -25.93
CA ALA E 199 -9.79 10.48 -25.12
C ALA E 199 -10.05 9.14 -25.79
N GLU E 200 -9.62 8.05 -25.15
CA GLU E 200 -9.90 6.73 -25.67
C GLU E 200 -11.23 6.32 -25.09
N ASN E 201 -12.22 6.14 -25.95
CA ASN E 201 -13.55 5.77 -25.50
C ASN E 201 -13.77 4.26 -25.56
N HIS E 202 -13.85 3.64 -24.39
CA HIS E 202 -14.06 2.20 -24.33
C HIS E 202 -15.55 1.82 -24.33
N GLY E 203 -16.44 2.81 -24.19
CA GLY E 203 -17.88 2.56 -24.10
C GLY E 203 -18.64 2.77 -25.39
N ALA E 204 -19.92 3.13 -25.28
CA ALA E 204 -20.74 3.46 -26.47
C ALA E 204 -20.04 4.55 -27.27
N PRO E 205 -20.04 4.42 -28.61
CA PRO E 205 -19.29 5.37 -29.44
C PRO E 205 -19.81 6.80 -29.30
N LEU E 206 -18.92 7.77 -29.50
CA LEU E 206 -19.30 9.17 -29.48
C LEU E 206 -20.36 9.48 -30.54
N ARG E 207 -21.25 10.39 -30.19
CA ARG E 207 -22.23 10.87 -31.15
C ARG E 207 -22.71 12.30 -30.83
N LEU E 208 -23.63 12.82 -31.62
CA LEU E 208 -24.10 14.18 -31.39
C LEU E 208 -25.03 14.19 -30.18
N PRO E 209 -24.96 15.25 -29.35
CA PRO E 209 -25.84 15.29 -28.18
C PRO E 209 -27.31 15.58 -28.55
N ASP E 210 -28.25 15.07 -27.75
CA ASP E 210 -29.68 15.40 -27.88
C ASP E 210 -29.74 16.89 -27.62
N LEU E 211 -30.35 17.63 -28.54
CA LEU E 211 -30.34 19.09 -28.43
C LEU E 211 -31.41 19.66 -27.49
N GLY E 212 -32.37 18.83 -27.09
CA GLY E 212 -33.45 19.33 -26.26
C GLY E 212 -34.13 20.53 -26.90
N PRO E 213 -34.25 21.66 -26.16
CA PRO E 213 -34.95 22.83 -26.72
C PRO E 213 -34.18 23.53 -27.84
N ILE E 214 -32.86 23.35 -27.91
CA ILE E 214 -32.07 23.88 -29.03
C ILE E 214 -32.60 23.35 -30.38
N GLY E 215 -33.19 22.16 -30.35
CA GLY E 215 -34.05 21.74 -31.44
C GLY E 215 -33.39 20.92 -32.52
N SER E 216 -33.34 21.46 -33.74
CA SER E 216 -32.95 20.71 -34.92
C SER E 216 -31.67 21.22 -35.55
N ASN E 217 -31.11 22.30 -35.00
CA ASN E 217 -29.87 22.87 -35.50
C ASN E 217 -29.06 23.47 -34.35
N GLY E 218 -27.78 23.70 -34.58
CA GLY E 218 -26.96 24.35 -33.59
C GLY E 218 -25.93 23.42 -33.00
N LEU E 219 -25.11 23.94 -32.08
CA LEU E 219 -23.91 23.26 -31.60
C LEU E 219 -23.12 22.73 -32.79
N ALA E 220 -22.72 21.47 -32.75
CA ALA E 220 -22.03 20.89 -33.90
C ALA E 220 -23.08 20.46 -34.90
N ASN E 221 -23.12 21.15 -36.04
CA ASN E 221 -24.05 20.80 -37.11
C ASN E 221 -23.49 19.65 -37.93
N PRO E 222 -24.33 18.63 -38.20
CA PRO E 222 -23.90 17.36 -38.80
C PRO E 222 -23.17 17.50 -40.15
N ARG E 223 -23.47 18.56 -40.89
CA ARG E 223 -22.87 18.82 -42.20
C ARG E 223 -21.35 19.08 -42.13
N ASP E 224 -20.86 19.48 -40.96
CA ASP E 224 -19.43 19.77 -40.76
C ASP E 224 -18.57 18.57 -40.37
N PHE E 225 -19.19 17.41 -40.23
CA PHE E 225 -18.43 16.20 -39.94
C PHE E 225 -17.99 15.50 -41.22
N LEU E 226 -16.67 15.49 -41.43
CA LEU E 226 -16.10 15.10 -42.72
C LEU E 226 -15.37 13.76 -42.68
N THR E 227 -15.65 12.92 -43.67
CA THR E 227 -15.06 11.58 -43.71
C THR E 227 -14.32 11.45 -45.04
N PRO E 228 -13.07 10.95 -45.00
CA PRO E 228 -12.24 10.87 -46.21
C PRO E 228 -12.79 9.92 -47.26
N VAL E 229 -12.41 10.14 -48.53
CA VAL E 229 -12.80 9.24 -49.62
C VAL E 229 -11.83 8.06 -49.71
N ALA E 230 -12.26 7.01 -50.39
CA ALA E 230 -11.46 5.80 -50.57
C ALA E 230 -10.08 6.10 -51.16
N HIS E 231 -9.06 5.50 -50.57
CA HIS E 231 -7.71 5.56 -51.08
C HIS E 231 -7.00 4.28 -50.69
N TYR E 232 -6.28 3.68 -51.63
CA TYR E 232 -5.61 2.42 -51.32
C TYR E 232 -4.15 2.45 -51.75
N GLU E 233 -3.37 1.55 -51.16
CA GLU E 233 -1.94 1.43 -51.43
C GLU E 233 -1.64 0.08 -52.03
N GLU E 234 -0.63 0.02 -52.87
CA GLU E 234 -0.23 -1.22 -53.53
C GLU E 234 1.24 -1.47 -53.30
N ALA E 235 1.82 -0.75 -52.34
CA ALA E 235 3.20 -0.96 -51.95
C ALA E 235 3.41 -2.41 -51.56
N GLU E 236 4.42 -3.04 -52.16
CA GLU E 236 4.75 -4.41 -51.78
C GLU E 236 6.07 -4.43 -51.03
N GLY E 237 6.12 -5.27 -50.01
CA GLY E 237 7.26 -5.31 -49.11
C GLY E 237 6.74 -5.42 -47.70
N PRO E 238 7.60 -5.83 -46.76
CA PRO E 238 7.23 -6.06 -45.36
C PRO E 238 6.64 -4.80 -44.73
N VAL E 239 5.55 -4.98 -43.99
CA VAL E 239 4.92 -3.89 -43.28
C VAL E 239 4.46 -4.41 -41.92
N GLN E 240 4.74 -3.66 -40.86
CA GLN E 240 4.36 -4.10 -39.53
C GLN E 240 2.95 -3.63 -39.16
N LEU E 241 2.12 -4.58 -38.75
CA LEU E 241 0.81 -4.27 -38.23
C LEU E 241 0.87 -4.42 -36.71
N VAL E 242 0.43 -3.38 -36.02
CA VAL E 242 0.45 -3.36 -34.57
C VAL E 242 -0.98 -3.20 -34.06
N GLN E 243 -1.33 -3.90 -33.00
CA GLN E 243 -2.61 -3.66 -32.38
C GLN E 243 -2.44 -3.36 -30.89
N LYS E 244 -3.36 -2.58 -30.35
CA LYS E 244 -3.41 -2.36 -28.91
C LYS E 244 -4.52 -3.23 -28.36
N PHE E 245 -4.14 -4.19 -27.51
CA PHE E 245 -5.10 -5.09 -26.92
C PHE E 245 -4.89 -5.20 -25.42
N LEU E 246 -5.89 -4.79 -24.65
CA LEU E 246 -5.78 -4.75 -23.19
C LEU E 246 -4.59 -3.92 -22.72
N GLY E 247 -4.34 -2.84 -23.46
CA GLY E 247 -3.28 -1.90 -23.11
C GLY E 247 -1.92 -2.22 -23.70
N GLU E 248 -1.79 -3.39 -24.32
CA GLU E 248 -0.50 -3.88 -24.84
C GLU E 248 -0.33 -3.71 -26.34
N HIS E 249 0.89 -3.46 -26.77
CA HIS E 249 1.16 -3.46 -28.19
C HIS E 249 1.58 -4.85 -28.62
N TRP E 250 0.79 -5.47 -29.51
CA TRP E 250 1.17 -6.72 -30.14
C TRP E 250 1.31 -6.51 -31.65
N ALA E 251 2.26 -7.21 -32.27
CA ALA E 251 2.54 -6.98 -33.68
C ALA E 251 2.79 -8.25 -34.48
N CYS E 252 2.62 -8.12 -35.80
CA CYS E 252 2.99 -9.16 -36.76
C CYS E 252 3.47 -8.46 -38.02
N GLU E 253 4.06 -9.23 -38.92
CA GLU E 253 4.53 -8.67 -40.17
C GLU E 253 3.72 -9.19 -41.33
N LEU E 254 3.24 -8.27 -42.17
CA LEU E 254 2.56 -8.61 -43.39
C LEU E 254 3.53 -8.38 -44.53
N GLN E 255 3.28 -8.99 -45.68
CA GLN E 255 4.08 -8.71 -46.87
C GLN E 255 3.28 -7.87 -47.86
N HIS E 256 2.40 -7.02 -47.34
CA HIS E 256 1.55 -6.17 -48.16
C HIS E 256 1.00 -5.05 -47.29
N SER E 257 0.58 -3.96 -47.92
CA SER E 257 -0.06 -2.89 -47.16
C SER E 257 -1.45 -3.29 -46.77
N PRO E 258 -1.81 -3.04 -45.50
CA PRO E 258 -3.15 -3.34 -45.03
C PRO E 258 -4.10 -2.18 -45.32
N LEU E 259 -3.57 -1.10 -45.90
CA LEU E 259 -4.39 0.00 -46.34
C LEU E 259 -4.70 -0.20 -47.82
N ASP E 260 -5.35 -1.32 -48.12
CA ASP E 260 -5.61 -1.74 -49.49
C ASP E 260 -7.12 -1.83 -49.81
N VAL E 261 -7.89 -0.88 -49.27
CA VAL E 261 -9.32 -0.87 -49.51
C VAL E 261 -9.62 0.01 -50.71
N VAL E 262 -10.02 -0.64 -51.80
CA VAL E 262 -10.30 0.04 -53.06
C VAL E 262 -11.64 0.76 -53.00
N ALA E 263 -12.60 0.19 -52.28
CA ALA E 263 -13.92 0.79 -52.12
C ALA E 263 -14.58 0.36 -50.81
N TRP E 264 -15.54 1.16 -50.34
CA TRP E 264 -16.24 0.86 -49.10
C TRP E 264 -17.58 1.56 -49.03
N HIS E 265 -18.48 1.05 -48.18
CA HIS E 265 -19.73 1.73 -47.92
C HIS E 265 -20.23 1.45 -46.49
N GLY E 266 -20.92 2.41 -45.90
CA GLY E 266 -21.41 2.26 -44.55
C GLY E 266 -21.17 3.43 -43.60
N SER E 267 -21.35 3.14 -42.31
CA SER E 267 -21.48 4.17 -41.29
C SER E 267 -20.36 4.14 -40.26
N ASN E 268 -19.56 3.09 -40.27
CA ASN E 268 -18.45 3.01 -39.32
C ASN E 268 -17.23 3.64 -39.93
N VAL E 269 -17.08 4.95 -39.74
CA VAL E 269 -16.10 5.71 -40.51
C VAL E 269 -15.19 6.56 -39.63
N PRO E 270 -13.97 6.84 -40.12
CA PRO E 270 -13.18 7.85 -39.41
C PRO E 270 -13.75 9.20 -39.79
N TYR E 271 -13.51 10.23 -39.00
CA TYR E 271 -14.00 11.56 -39.36
C TYR E 271 -13.22 12.66 -38.69
N LYS E 272 -13.35 13.88 -39.23
CA LYS E 272 -12.82 15.07 -38.58
C LYS E 272 -13.87 16.16 -38.49
N TYR E 273 -13.61 17.13 -37.63
CA TYR E 273 -14.54 18.23 -37.42
C TYR E 273 -13.75 19.44 -36.96
N ASP E 274 -14.05 20.59 -37.54
CA ASP E 274 -13.38 21.85 -37.26
C ASP E 274 -14.17 22.54 -36.17
N LEU E 275 -13.57 22.66 -35.00
CA LEU E 275 -14.21 23.27 -33.83
C LEU E 275 -14.62 24.72 -34.11
N ARG E 276 -13.92 25.35 -35.05
CA ARG E 276 -14.22 26.72 -35.45
C ARG E 276 -15.59 26.88 -36.12
N ARG E 277 -16.25 25.76 -36.43
CA ARG E 277 -17.57 25.79 -37.00
C ARG E 277 -18.66 25.54 -35.94
N PHE E 278 -18.26 25.42 -34.67
CA PHE E 278 -19.24 25.12 -33.62
C PHE E 278 -20.21 26.29 -33.48
N ASN E 279 -21.50 25.99 -33.55
CA ASN E 279 -22.53 27.02 -33.42
C ASN E 279 -22.82 27.25 -31.95
N THR E 280 -21.96 28.02 -31.29
CA THR E 280 -22.04 28.21 -29.85
C THR E 280 -23.35 28.85 -29.40
N ILE E 281 -23.92 28.27 -28.35
CA ILE E 281 -25.17 28.71 -27.75
C ILE E 281 -24.86 29.11 -26.31
N GLY E 282 -25.50 30.15 -25.81
CA GLY E 282 -25.26 30.54 -24.44
C GLY E 282 -26.26 31.55 -23.97
N THR E 283 -25.94 32.27 -22.90
CA THR E 283 -26.90 33.22 -22.39
C THR E 283 -26.97 34.48 -23.24
N VAL E 284 -28.19 34.94 -23.50
CA VAL E 284 -28.39 36.23 -24.15
C VAL E 284 -29.18 37.11 -23.19
N SER E 285 -29.02 36.85 -21.89
CA SER E 285 -29.80 37.54 -20.88
C SER E 285 -28.97 37.76 -19.64
N PHE E 286 -28.89 36.72 -18.81
CA PHE E 286 -28.17 36.79 -17.55
C PHE E 286 -27.73 35.40 -17.13
N ASP E 287 -27.03 35.33 -16.00
CA ASP E 287 -26.50 34.08 -15.45
C ASP E 287 -25.42 33.42 -16.34
N HIS E 288 -25.03 32.21 -15.98
CA HIS E 288 -23.90 31.53 -16.61
C HIS E 288 -24.33 30.08 -16.82
N PRO E 289 -24.69 29.73 -18.06
CA PRO E 289 -25.23 28.41 -18.41
C PRO E 289 -24.27 27.25 -18.13
N ASP E 290 -24.80 26.09 -17.72
CA ASP E 290 -24.02 24.87 -17.47
C ASP E 290 -23.15 24.53 -18.69
N PRO E 291 -21.90 24.12 -18.46
CA PRO E 291 -20.99 23.86 -19.60
C PRO E 291 -21.40 22.69 -20.50
N SER E 292 -22.45 21.97 -20.12
CA SER E 292 -23.01 20.93 -20.97
C SER E 292 -23.56 21.56 -22.25
N ILE E 293 -23.78 22.87 -22.19
CA ILE E 293 -24.31 23.60 -23.33
C ILE E 293 -23.29 23.60 -24.46
N PHE E 294 -22.03 23.35 -24.11
CA PHE E 294 -20.91 23.42 -25.06
C PHE E 294 -20.51 22.05 -25.55
N THR E 295 -21.37 21.05 -25.34
CA THR E 295 -21.04 19.68 -25.74
C THR E 295 -20.89 19.57 -27.27
N VAL E 296 -19.79 18.96 -27.72
CA VAL E 296 -19.56 18.70 -29.15
C VAL E 296 -19.94 17.27 -29.49
N LEU E 297 -19.33 16.33 -28.76
CA LEU E 297 -19.62 14.89 -28.84
C LEU E 297 -19.82 14.31 -27.44
N THR E 298 -20.63 13.25 -27.36
CA THR E 298 -20.94 12.60 -26.08
C THR E 298 -21.02 11.08 -26.24
N SER E 299 -20.56 10.37 -25.22
CA SER E 299 -20.67 8.91 -25.17
C SER E 299 -21.63 8.57 -24.03
N PRO E 300 -22.78 7.99 -24.36
CA PRO E 300 -23.80 7.71 -23.34
C PRO E 300 -23.48 6.49 -22.50
N THR E 301 -24.22 6.31 -21.41
CA THR E 301 -24.31 5.00 -20.78
C THR E 301 -25.73 4.50 -20.89
N SER E 302 -25.96 3.31 -20.34
CA SER E 302 -27.28 2.76 -20.23
C SER E 302 -28.12 3.58 -19.25
N VAL E 303 -27.45 4.41 -18.43
CA VAL E 303 -28.15 5.33 -17.56
C VAL E 303 -28.45 6.63 -18.32
N HIS E 304 -29.72 6.81 -18.67
CA HIS E 304 -30.15 8.00 -19.39
C HIS E 304 -29.71 9.31 -18.72
N GLY E 305 -29.08 10.17 -19.50
CA GLY E 305 -28.66 11.47 -18.99
C GLY E 305 -27.31 11.46 -18.29
N MET E 306 -26.81 10.26 -18.00
N MET E 306 -26.78 10.26 -18.00
CA MET E 306 -25.48 10.11 -17.41
CA MET E 306 -25.46 10.19 -17.40
C MET E 306 -24.52 9.61 -18.48
C MET E 306 -24.44 9.62 -18.37
N ALA E 307 -23.70 10.51 -19.02
CA ALA E 307 -22.78 10.13 -20.08
C ALA E 307 -21.59 9.36 -19.55
N ASN E 308 -21.03 8.49 -20.39
CA ASN E 308 -19.73 7.90 -20.14
C ASN E 308 -18.76 9.05 -20.16
N MET E 309 -18.82 9.83 -21.23
CA MET E 309 -18.05 11.06 -21.31
C MET E 309 -18.76 12.10 -22.16
N ASP E 310 -18.53 13.36 -21.83
CA ASP E 310 -18.89 14.48 -22.68
C ASP E 310 -17.60 15.16 -23.11
N PHE E 311 -17.50 15.46 -24.39
CA PHE E 311 -16.41 16.30 -24.89
C PHE E 311 -17.01 17.67 -25.08
N VAL E 312 -16.48 18.64 -24.35
CA VAL E 312 -17.05 19.99 -24.27
C VAL E 312 -15.99 21.03 -24.60
N ILE E 313 -16.36 22.09 -25.33
CA ILE E 313 -15.38 23.11 -25.68
C ILE E 313 -15.74 24.49 -25.13
N PHE E 314 -14.73 25.34 -24.98
CA PHE E 314 -14.94 26.71 -24.52
C PHE E 314 -14.26 27.58 -25.55
N PRO E 315 -15.01 27.96 -26.58
CA PRO E 315 -14.46 28.56 -27.79
C PRO E 315 -14.59 30.08 -27.73
N PRO E 316 -14.07 30.80 -28.73
CA PRO E 316 -14.41 32.22 -28.81
C PRO E 316 -15.94 32.42 -28.89
N ARG E 317 -16.45 33.44 -28.19
CA ARG E 317 -17.89 33.59 -28.02
C ARG E 317 -18.25 34.94 -27.40
N TRP E 318 -19.50 35.36 -27.60
CA TRP E 318 -19.99 36.58 -26.98
C TRP E 318 -20.47 36.38 -25.53
N MET E 319 -19.93 37.18 -24.63
CA MET E 319 -20.40 37.29 -23.25
C MET E 319 -21.24 38.56 -23.12
N VAL E 320 -22.53 38.42 -22.76
CA VAL E 320 -23.46 39.55 -22.72
C VAL E 320 -24.31 39.61 -21.46
N ALA E 321 -24.17 38.61 -20.60
CA ALA E 321 -24.96 38.50 -19.38
C ALA E 321 -24.85 39.77 -18.55
N GLU E 322 -26.00 40.36 -18.22
CA GLU E 322 -26.04 41.58 -17.41
C GLU E 322 -26.31 41.24 -15.97
N ASN E 323 -25.79 42.09 -15.08
CA ASN E 323 -25.95 41.93 -13.65
C ASN E 323 -25.58 40.51 -13.23
N THR E 324 -24.49 40.01 -13.81
CA THR E 324 -24.12 38.62 -13.63
C THR E 324 -22.62 38.45 -13.32
N PHE E 325 -22.28 37.45 -12.49
CA PHE E 325 -20.90 37.01 -12.33
C PHE E 325 -20.56 36.13 -13.51
N ARG E 326 -19.78 36.67 -14.45
CA ARG E 326 -19.58 36.03 -15.75
C ARG E 326 -18.65 34.80 -15.81
N PRO E 327 -17.58 34.76 -15.00
CA PRO E 327 -16.75 33.55 -15.02
C PRO E 327 -17.52 32.33 -14.49
N PRO E 328 -17.04 31.10 -14.76
CA PRO E 328 -17.67 29.90 -14.22
C PRO E 328 -17.83 30.03 -12.72
N TRP E 329 -18.99 29.63 -12.24
CA TRP E 329 -19.29 29.71 -10.82
C TRP E 329 -18.41 28.80 -9.98
N PHE E 330 -18.40 29.06 -8.68
CA PHE E 330 -17.85 28.07 -7.77
C PHE E 330 -18.65 26.77 -7.91
N HIS E 331 -17.96 25.63 -7.90
CA HIS E 331 -18.55 24.39 -8.39
C HIS E 331 -18.02 23.14 -7.70
N ARG E 332 -18.94 22.25 -7.30
CA ARG E 332 -18.65 20.90 -6.82
C ARG E 332 -19.53 19.91 -7.60
N ASN E 333 -18.90 18.90 -8.19
CA ASN E 333 -19.55 18.08 -9.21
C ASN E 333 -19.49 16.59 -8.90
N LEU E 334 -20.57 15.86 -9.13
CA LEU E 334 -20.49 14.40 -9.12
C LEU E 334 -19.51 13.93 -10.20
N MET E 335 -19.54 14.59 -11.35
CA MET E 335 -18.75 14.14 -12.49
C MET E 335 -17.29 14.54 -12.29
N ASN E 336 -16.45 14.06 -13.19
CA ASN E 336 -15.02 14.28 -13.09
C ASN E 336 -14.57 15.15 -14.27
N GLU E 337 -13.83 16.21 -13.98
CA GLU E 337 -13.51 17.24 -14.98
C GLU E 337 -12.04 17.26 -15.36
N PHE E 338 -11.75 16.79 -16.56
CA PHE E 338 -10.41 16.87 -17.14
C PHE E 338 -10.35 17.97 -18.19
N MET E 339 -9.63 19.04 -17.87
CA MET E 339 -9.53 20.18 -18.76
C MET E 339 -8.21 20.21 -19.52
N GLY E 340 -8.27 20.73 -20.74
CA GLY E 340 -7.11 20.90 -21.58
C GLY E 340 -7.18 22.24 -22.28
N LEU E 341 -6.11 22.63 -22.98
CA LEU E 341 -6.11 23.89 -23.69
C LEU E 341 -5.40 23.72 -25.02
N ILE E 342 -6.08 24.09 -26.10
CA ILE E 342 -5.54 23.94 -27.43
C ILE E 342 -4.75 25.17 -27.86
N ASN E 343 -5.35 26.35 -27.73
CA ASN E 343 -4.61 27.58 -27.94
C ASN E 343 -5.06 28.72 -27.03
N GLY E 344 -4.21 29.74 -26.89
CA GLY E 344 -4.53 30.87 -26.05
C GLY E 344 -4.13 30.61 -24.62
N GLY E 352 0.20 29.29 -15.54
CA GLY E 352 -0.44 28.23 -14.79
C GLY E 352 -1.12 27.21 -15.69
N PHE E 353 -1.97 27.69 -16.58
CA PHE E 353 -2.65 26.83 -17.55
C PHE E 353 -2.26 27.25 -18.96
N LEU E 354 -1.33 26.51 -19.55
CA LEU E 354 -0.83 26.82 -20.88
C LEU E 354 -1.44 25.85 -21.89
N PRO E 355 -1.35 26.16 -23.18
CA PRO E 355 -1.75 25.16 -24.17
C PRO E 355 -0.91 23.90 -24.02
N GLY E 356 -1.55 22.74 -23.89
CA GLY E 356 -0.83 21.51 -23.66
C GLY E 356 -0.91 21.10 -22.21
N GLY E 357 -1.30 22.04 -21.36
CA GLY E 357 -1.47 21.75 -19.95
C GLY E 357 -2.78 21.02 -19.71
N ALA E 358 -2.99 20.59 -18.48
CA ALA E 358 -4.22 19.91 -18.12
C ALA E 358 -4.54 20.12 -16.66
N SER E 359 -5.81 19.96 -16.30
CA SER E 359 -6.21 20.01 -14.92
C SER E 359 -7.22 18.90 -14.65
N LEU E 360 -7.16 18.31 -13.47
CA LEU E 360 -8.11 17.28 -13.08
C LEU E 360 -8.80 17.69 -11.78
N HIS E 361 -10.12 17.94 -11.85
CA HIS E 361 -10.93 18.10 -10.65
C HIS E 361 -11.92 16.95 -10.59
N GLY E 362 -11.62 15.96 -9.75
CA GLY E 362 -12.43 14.76 -9.63
C GLY E 362 -13.64 14.90 -8.72
N VAL E 363 -14.37 13.80 -8.56
CA VAL E 363 -15.68 13.80 -7.91
C VAL E 363 -15.70 14.60 -6.60
N MET E 364 -16.56 15.62 -6.60
CA MET E 364 -16.77 16.46 -5.40
C MET E 364 -15.58 17.31 -4.92
N SER E 365 -14.55 17.44 -5.75
CA SER E 365 -13.51 18.40 -5.43
C SER E 365 -14.03 19.80 -5.72
N ALA E 366 -13.75 20.73 -4.82
CA ALA E 366 -14.24 22.10 -4.90
C ALA E 366 -13.35 22.93 -5.81
N HIS E 367 -13.91 23.44 -6.91
CA HIS E 367 -13.17 24.32 -7.83
C HIS E 367 -13.93 25.62 -8.12
N GLY E 368 -13.40 26.44 -9.03
CA GLY E 368 -13.94 27.76 -9.30
C GLY E 368 -12.84 28.81 -9.53
N PRO E 369 -13.23 30.08 -9.69
CA PRO E 369 -12.31 31.20 -9.99
C PRO E 369 -11.38 31.55 -8.83
N ASP E 370 -10.22 32.15 -9.13
CA ASP E 370 -9.33 32.64 -8.08
C ASP E 370 -9.73 34.04 -7.64
N ALA E 371 -9.03 34.56 -6.62
CA ALA E 371 -9.36 35.87 -6.05
C ALA E 371 -9.31 36.98 -7.09
N GLU E 372 -8.29 36.95 -7.95
CA GLU E 372 -8.13 37.96 -8.99
C GLU E 372 -9.29 37.95 -9.98
N THR E 373 -9.71 36.76 -10.38
CA THR E 373 -10.84 36.62 -11.29
C THR E 373 -12.14 37.10 -10.64
N CYS E 374 -12.37 36.73 -9.38
CA CYS E 374 -13.56 37.20 -8.67
C CYS E 374 -13.58 38.72 -8.54
N GLU E 375 -12.47 39.29 -8.07
CA GLU E 375 -12.39 40.73 -7.87
C GLU E 375 -12.70 41.50 -9.14
N LYS E 376 -12.04 41.13 -10.22
CA LYS E 376 -12.27 41.76 -11.52
C LYS E 376 -13.71 41.61 -12.02
N ALA E 377 -14.29 40.43 -11.84
CA ALA E 377 -15.64 40.14 -12.34
C ALA E 377 -16.74 40.85 -11.55
N ILE E 378 -16.59 40.97 -10.24
CA ILE E 378 -17.59 41.67 -9.44
C ILE E 378 -17.49 43.17 -9.69
N ALA E 379 -16.33 43.63 -10.14
CA ALA E 379 -16.06 45.06 -10.29
C ALA E 379 -16.32 45.60 -11.68
N ALA E 380 -16.43 44.71 -12.66
CA ALA E 380 -16.46 45.13 -14.06
C ALA E 380 -17.72 45.87 -14.46
N ASP E 381 -17.58 46.81 -15.38
CA ASP E 381 -18.73 47.48 -15.96
C ASP E 381 -19.17 46.63 -17.15
N LEU E 382 -20.17 45.80 -16.94
CA LEU E 382 -20.57 44.76 -17.89
C LEU E 382 -21.16 45.27 -19.20
N ALA E 383 -20.55 44.90 -20.32
CA ALA E 383 -21.06 45.22 -21.65
C ALA E 383 -20.84 44.01 -22.57
N PRO E 384 -21.36 44.04 -23.80
CA PRO E 384 -21.08 42.87 -24.63
C PRO E 384 -19.58 42.76 -24.84
N HIS E 385 -19.07 41.56 -24.70
CA HIS E 385 -17.64 41.37 -24.81
C HIS E 385 -17.35 40.07 -25.56
N LYS E 386 -16.55 40.18 -26.61
CA LYS E 386 -16.20 39.03 -27.42
C LYS E 386 -14.91 38.35 -26.92
N ILE E 387 -15.06 37.18 -26.31
CA ILE E 387 -13.89 36.36 -25.99
C ILE E 387 -13.32 35.82 -27.30
N ASP E 388 -12.02 36.02 -27.52
CA ASP E 388 -11.42 35.68 -28.80
C ASP E 388 -10.04 35.06 -28.64
N ASN E 389 -9.61 34.34 -29.67
CA ASN E 389 -8.29 33.71 -29.72
C ASN E 389 -7.96 32.84 -28.51
N THR E 390 -8.87 31.92 -28.21
CA THR E 390 -8.67 30.97 -27.12
C THR E 390 -9.60 29.78 -27.31
N MET E 391 -9.07 28.59 -27.12
CA MET E 391 -9.86 27.37 -27.21
C MET E 391 -9.41 26.41 -26.15
N ALA E 392 -10.27 26.24 -25.15
CA ALA E 392 -10.09 25.25 -24.12
C ALA E 392 -11.12 24.15 -24.35
N PHE E 393 -10.99 23.06 -23.62
CA PHE E 393 -11.96 21.97 -23.73
C PHE E 393 -11.96 21.13 -22.46
N MET E 394 -12.94 20.25 -22.34
CA MET E 394 -13.01 19.35 -21.21
C MET E 394 -13.52 17.98 -21.61
N PHE E 395 -12.87 16.95 -21.07
CA PHE E 395 -13.42 15.61 -21.12
C PHE E 395 -14.05 15.41 -19.76
N GLU E 396 -15.38 15.46 -19.70
CA GLU E 396 -16.06 15.16 -18.45
C GLU E 396 -16.51 13.72 -18.44
N THR E 397 -16.14 13.00 -17.39
CA THR E 397 -16.52 11.60 -17.31
C THR E 397 -17.30 11.28 -16.03
N SER E 398 -18.19 10.32 -16.15
CA SER E 398 -19.03 9.90 -15.03
C SER E 398 -18.24 9.09 -14.01
N GLN E 399 -17.35 8.20 -14.48
CA GLN E 399 -16.44 7.45 -13.60
C GLN E 399 -15.21 8.26 -13.17
N VAL E 400 -14.78 8.04 -11.93
CA VAL E 400 -13.57 8.65 -11.39
C VAL E 400 -12.40 8.41 -12.33
N LEU E 401 -11.60 9.46 -12.52
CA LEU E 401 -10.37 9.35 -13.27
C LEU E 401 -9.22 9.17 -12.28
N ARG E 402 -8.56 8.01 -12.33
CA ARG E 402 -7.37 7.76 -11.52
C ARG E 402 -6.14 8.22 -12.30
N PRO E 403 -5.38 9.18 -11.77
CA PRO E 403 -4.12 9.60 -12.41
C PRO E 403 -3.13 8.45 -12.47
N SER E 404 -2.40 8.34 -13.57
CA SER E 404 -1.43 7.25 -13.73
C SER E 404 -0.28 7.50 -12.77
N LEU E 405 0.52 6.48 -12.47
CA LEU E 405 1.69 6.71 -11.63
C LEU E 405 2.59 7.76 -12.28
N GLN E 406 2.80 7.56 -13.58
CA GLN E 406 3.61 8.43 -14.42
C GLN E 406 3.25 9.91 -14.29
N ALA E 407 1.95 10.20 -14.36
CA ALA E 407 1.46 11.58 -14.26
C ALA E 407 1.74 12.19 -12.88
N LEU E 408 1.57 11.39 -11.82
CA LEU E 408 1.77 11.87 -10.46
C LEU E 408 3.24 12.08 -10.09
N GLU E 409 4.16 11.40 -10.77
CA GLU E 409 5.59 11.56 -10.49
C GLU E 409 6.32 12.42 -11.53
N CYS E 410 5.60 12.88 -12.55
CA CYS E 410 6.21 13.72 -13.57
C CYS E 410 6.54 15.13 -13.07
N PRO E 411 7.61 15.74 -13.61
CA PRO E 411 8.03 17.10 -13.27
C PRO E 411 7.01 18.17 -13.65
N GLN E 412 6.16 17.85 -14.62
N GLN E 412 6.17 17.89 -14.63
CA GLN E 412 5.19 18.80 -15.14
CA GLN E 412 5.23 18.90 -15.10
C GLN E 412 4.05 19.07 -14.15
C GLN E 412 4.04 19.09 -14.15
N LEU E 413 3.88 18.17 -13.20
CA LEU E 413 2.82 18.26 -12.21
C LEU E 413 3.12 19.40 -11.24
N GLN E 414 2.29 20.42 -11.28
CA GLN E 414 2.49 21.61 -10.47
C GLN E 414 2.23 21.32 -8.98
N ALA E 415 3.26 21.46 -8.16
CA ALA E 415 3.20 20.98 -6.78
C ALA E 415 2.48 21.91 -5.80
N ASP E 416 2.16 23.14 -6.22
CA ASP E 416 1.53 24.13 -5.34
C ASP E 416 0.24 24.68 -5.91
N TYR E 417 -0.53 23.79 -6.55
CA TYR E 417 -1.74 24.18 -7.25
C TYR E 417 -2.82 24.73 -6.31
N ASP E 418 -2.92 24.16 -5.11
CA ASP E 418 -3.96 24.58 -4.17
C ASP E 418 -3.86 26.03 -3.70
N SER E 419 -2.65 26.60 -3.79
CA SER E 419 -2.46 27.99 -3.41
C SER E 419 -3.17 28.96 -4.34
N CYS E 420 -3.54 28.51 -5.54
CA CYS E 420 -4.27 29.35 -6.50
C CYS E 420 -5.54 29.96 -5.92
N TRP E 421 -6.06 29.33 -4.86
CA TRP E 421 -7.32 29.72 -4.26
C TRP E 421 -7.08 30.27 -2.86
N ALA E 422 -5.83 30.35 -2.45
CA ALA E 422 -5.51 30.65 -1.06
C ALA E 422 -5.81 32.08 -0.63
N THR E 423 -5.96 32.99 -1.59
CA THR E 423 -6.19 34.38 -1.25
C THR E 423 -7.67 34.81 -1.34
N LEU E 424 -8.57 33.86 -1.58
CA LEU E 424 -10.00 34.15 -1.63
C LEU E 424 -10.41 34.77 -0.30
N PRO E 425 -11.03 35.96 -0.34
CA PRO E 425 -11.42 36.64 0.90
C PRO E 425 -12.91 36.50 1.21
N SER E 426 -13.27 36.81 2.45
CA SER E 426 -14.67 36.96 2.82
C SER E 426 -15.06 38.40 2.53
N THR E 427 -16.15 38.56 1.80
CA THR E 427 -16.70 39.87 1.49
C THR E 427 -18.05 39.98 2.16
N PHE E 428 -18.32 39.02 3.05
CA PHE E 428 -19.61 38.95 3.70
C PHE E 428 -19.80 40.14 4.63
N ASN E 429 -21.02 40.66 4.64
CA ASN E 429 -21.40 41.75 5.53
C ASN E 429 -22.88 41.60 5.86
N PRO E 430 -23.18 41.09 7.06
CA PRO E 430 -24.56 40.77 7.43
C PRO E 430 -25.41 42.03 7.62
N ASN E 431 -24.78 43.18 7.83
CA ASN E 431 -25.56 44.39 8.05
C ASN E 431 -25.78 45.23 6.78
N ARG E 432 -25.39 44.70 5.62
CA ARG E 432 -25.65 45.35 4.35
C ARG E 432 -25.99 44.38 3.22
N ARG E 433 -27.29 44.26 2.91
CA ARG E 433 -27.75 43.35 1.87
C ARG E 433 -27.22 43.74 0.49
N ASP F 8 -39.87 -42.62 -21.02
CA ASP F 8 -41.20 -42.03 -21.12
C ASP F 8 -41.42 -40.90 -20.11
N LEU F 9 -40.42 -40.02 -19.96
CA LEU F 9 -40.60 -38.80 -19.18
C LEU F 9 -41.62 -37.88 -19.85
N HIS F 10 -42.47 -37.26 -19.04
CA HIS F 10 -43.43 -36.29 -19.56
C HIS F 10 -42.91 -34.86 -19.36
N TYR F 11 -43.38 -33.96 -20.23
CA TYR F 11 -42.90 -32.58 -20.26
C TYR F 11 -44.05 -31.59 -20.48
N LEU F 12 -43.93 -30.39 -19.89
CA LEU F 12 -44.89 -29.30 -20.16
C LEU F 12 -44.27 -28.32 -21.17
N SER F 13 -45.04 -27.84 -22.13
CA SER F 13 -44.48 -27.02 -23.20
C SER F 13 -44.81 -25.51 -23.09
N GLY F 14 -43.89 -24.67 -23.55
CA GLY F 14 -44.18 -23.26 -23.67
C GLY F 14 -43.21 -22.33 -22.96
N PHE F 15 -42.30 -21.74 -23.71
CA PHE F 15 -41.27 -20.92 -23.08
C PHE F 15 -41.92 -19.81 -22.26
N GLY F 16 -41.45 -19.64 -21.02
CA GLY F 16 -41.87 -18.52 -20.18
C GLY F 16 -43.23 -18.66 -19.51
N ASN F 17 -43.87 -19.82 -19.67
CA ASN F 17 -45.18 -20.05 -19.09
C ASN F 17 -45.20 -20.03 -17.57
N GLU F 18 -46.34 -19.64 -17.02
CA GLU F 18 -46.68 -19.98 -15.64
C GLU F 18 -47.16 -21.43 -15.66
N PHE F 19 -46.26 -22.38 -15.41
CA PHE F 19 -46.59 -23.78 -15.35
C PHE F 19 -47.15 -24.13 -13.99
N ALA F 20 -47.70 -25.35 -13.88
CA ALA F 20 -48.16 -25.86 -12.61
C ALA F 20 -48.18 -27.39 -12.69
N SER F 21 -47.47 -28.04 -11.78
CA SER F 21 -47.31 -29.50 -11.84
C SER F 21 -47.31 -30.08 -10.42
N GLU F 22 -48.13 -31.10 -10.20
CA GLU F 22 -48.16 -31.79 -8.91
C GLU F 22 -47.90 -33.29 -9.08
N ALA F 23 -47.08 -33.85 -8.19
CA ALA F 23 -46.82 -35.29 -8.22
C ALA F 23 -47.90 -36.10 -7.47
N LEU F 24 -48.68 -35.42 -6.62
CA LEU F 24 -49.80 -36.05 -5.95
C LEU F 24 -51.03 -35.18 -6.17
N PRO F 25 -52.21 -35.80 -6.28
CA PRO F 25 -53.45 -35.06 -6.52
C PRO F 25 -53.68 -33.98 -5.47
N GLY F 26 -53.85 -32.74 -5.91
CA GLY F 26 -54.14 -31.64 -5.02
C GLY F 26 -52.99 -31.19 -4.14
N ALA F 27 -51.76 -31.58 -4.47
CA ALA F 27 -50.59 -31.17 -3.69
C ALA F 27 -50.36 -29.67 -3.78
N LEU F 28 -50.77 -29.08 -4.88
CA LEU F 28 -50.74 -27.64 -5.07
C LEU F 28 -51.91 -27.00 -4.33
N PRO F 29 -51.63 -25.97 -3.51
CA PRO F 29 -52.76 -25.23 -2.91
C PRO F 29 -53.56 -24.54 -4.00
N VAL F 30 -54.88 -24.62 -3.91
CA VAL F 30 -55.73 -23.95 -4.87
C VAL F 30 -56.18 -22.59 -4.33
N GLY F 31 -55.97 -21.56 -5.14
CA GLY F 31 -56.44 -20.21 -4.83
C GLY F 31 -55.52 -19.40 -3.94
N GLN F 32 -54.33 -19.92 -3.64
CA GLN F 32 -53.31 -19.22 -2.83
C GLN F 32 -51.97 -19.96 -2.84
N ASN F 33 -50.92 -19.25 -2.46
CA ASN F 33 -49.57 -19.81 -2.37
C ASN F 33 -49.16 -20.25 -0.96
N SER F 34 -49.74 -19.65 0.07
CA SER F 34 -49.25 -19.94 1.42
C SER F 34 -50.33 -20.35 2.44
N PRO F 35 -50.96 -21.50 2.22
CA PRO F 35 -51.98 -21.95 3.17
C PRO F 35 -51.36 -22.23 4.55
N GLN F 36 -52.14 -22.05 5.60
CA GLN F 36 -51.67 -22.41 6.94
C GLN F 36 -51.47 -23.92 6.96
N LYS F 37 -52.44 -24.65 6.43
CA LYS F 37 -52.39 -26.11 6.41
C LYS F 37 -52.17 -26.64 5.00
N ALA F 38 -50.91 -26.76 4.61
CA ALA F 38 -50.59 -27.12 3.24
C ALA F 38 -50.98 -28.56 3.00
N PRO F 39 -51.53 -28.86 1.81
CA PRO F 39 -51.86 -30.23 1.41
C PRO F 39 -50.69 -31.19 1.64
N TYR F 40 -51.00 -32.38 2.17
CA TYR F 40 -50.01 -33.42 2.43
C TYR F 40 -48.99 -33.02 3.48
N GLY F 41 -49.20 -31.88 4.12
CA GLY F 41 -48.30 -31.39 5.13
C GLY F 41 -46.97 -30.90 4.56
N LEU F 42 -47.00 -30.44 3.32
CA LEU F 42 -45.79 -29.96 2.65
C LEU F 42 -45.40 -28.54 3.08
N TYR F 43 -44.15 -28.17 2.86
CA TYR F 43 -43.64 -26.84 3.18
C TYR F 43 -43.66 -25.98 1.94
N ALA F 44 -44.18 -24.76 2.04
CA ALA F 44 -44.15 -23.84 0.92
C ALA F 44 -42.80 -23.15 0.90
N GLU F 45 -42.23 -23.02 -0.29
CA GLU F 45 -40.94 -22.37 -0.45
C GLU F 45 -40.94 -21.56 -1.73
N LEU F 46 -40.46 -20.32 -1.67
CA LEU F 46 -40.40 -19.49 -2.86
C LEU F 46 -38.98 -19.38 -3.43
N LEU F 47 -38.83 -19.75 -4.70
CA LEU F 47 -37.57 -19.55 -5.39
C LEU F 47 -37.67 -18.32 -6.30
N SER F 48 -37.04 -17.23 -5.86
CA SER F 48 -37.13 -15.97 -6.60
C SER F 48 -35.89 -15.85 -7.47
N GLY F 49 -36.04 -16.08 -8.77
CA GLY F 49 -34.90 -16.02 -9.67
C GLY F 49 -34.54 -14.61 -10.14
N THR F 50 -35.43 -13.67 -9.86
CA THR F 50 -35.18 -12.25 -10.13
C THR F 50 -35.65 -11.40 -8.96
N ALA F 51 -35.32 -10.12 -8.99
CA ALA F 51 -35.91 -9.16 -8.08
C ALA F 51 -37.44 -9.25 -8.16
N PHE F 52 -38.09 -9.10 -7.02
CA PHE F 52 -39.55 -9.01 -6.94
C PHE F 52 -40.19 -8.02 -7.94
N THR F 53 -39.52 -6.88 -8.14
CA THR F 53 -40.15 -5.75 -8.85
C THR F 53 -39.88 -5.69 -10.35
N MET F 54 -39.41 -6.78 -10.95
CA MET F 54 -39.19 -6.78 -12.40
C MET F 54 -40.53 -6.61 -13.08
N ALA F 55 -40.52 -6.08 -14.30
CA ALA F 55 -41.69 -6.16 -15.16
C ALA F 55 -42.06 -7.64 -15.28
N ARG F 56 -43.36 -7.92 -15.29
CA ARG F 56 -43.84 -9.30 -15.33
C ARG F 56 -43.24 -10.11 -16.48
N SER F 57 -42.90 -9.43 -17.57
CA SER F 57 -42.32 -10.12 -18.73
C SER F 57 -40.93 -10.67 -18.46
N GLU F 58 -40.26 -10.12 -17.46
N GLU F 58 -40.25 -10.11 -17.46
CA GLU F 58 -38.91 -10.53 -17.11
CA GLU F 58 -38.91 -10.52 -17.10
C GLU F 58 -38.88 -11.17 -15.73
C GLU F 58 -38.92 -11.40 -15.87
N LEU F 59 -40.07 -11.46 -15.20
CA LEU F 59 -40.18 -12.12 -13.91
C LEU F 59 -39.94 -13.63 -14.02
N ARG F 60 -39.06 -14.14 -13.14
CA ARG F 60 -38.87 -15.59 -13.00
C ARG F 60 -38.98 -15.96 -11.53
N ARG F 61 -40.05 -16.68 -11.17
CA ARG F 61 -40.24 -17.15 -9.80
C ARG F 61 -41.07 -18.43 -9.74
N THR F 62 -40.70 -19.31 -8.83
CA THR F 62 -41.37 -20.59 -8.70
C THR F 62 -41.71 -20.88 -7.24
N TRP F 63 -42.95 -21.32 -7.01
CA TRP F 63 -43.36 -21.77 -5.68
C TRP F 63 -43.23 -23.27 -5.64
N LEU F 64 -42.55 -23.76 -4.59
CA LEU F 64 -42.28 -25.18 -4.41
C LEU F 64 -43.02 -25.65 -3.17
N TYR F 65 -43.52 -26.87 -3.22
CA TYR F 65 -44.17 -27.48 -2.07
C TYR F 65 -43.45 -28.77 -1.77
N ARG F 66 -42.68 -28.76 -0.69
CA ARG F 66 -41.66 -29.78 -0.50
C ARG F 66 -41.71 -30.43 0.87
N ILE F 67 -41.09 -31.60 0.96
CA ILE F 67 -41.08 -32.40 2.18
C ILE F 67 -40.26 -31.75 3.31
N ARG F 68 -39.09 -31.22 3.00
CA ARG F 68 -38.30 -30.47 3.99
C ARG F 68 -37.75 -29.18 3.38
N PRO F 69 -37.76 -28.08 4.15
CA PRO F 69 -37.26 -26.79 3.66
C PRO F 69 -35.82 -26.88 3.18
N SER F 70 -35.44 -26.03 2.23
CA SER F 70 -34.04 -25.96 1.82
C SER F 70 -33.19 -25.36 2.95
N ALA F 71 -33.85 -24.66 3.87
CA ALA F 71 -33.13 -24.04 4.98
C ALA F 71 -32.49 -25.07 5.89
N LEU F 72 -32.98 -26.30 5.79
CA LEU F 72 -32.54 -27.39 6.65
C LEU F 72 -31.23 -27.95 6.10
N HIS F 73 -30.13 -27.35 6.53
CA HIS F 73 -28.83 -27.78 6.07
C HIS F 73 -27.82 -27.26 7.03
N PRO F 74 -26.72 -28.00 7.22
CA PRO F 74 -25.65 -27.52 8.09
C PRO F 74 -24.76 -26.55 7.33
N ARG F 75 -23.75 -26.03 8.00
CA ARG F 75 -22.83 -25.06 7.43
C ARG F 75 -22.08 -25.64 6.24
N PHE F 76 -21.97 -24.84 5.19
CA PHE F 76 -21.14 -25.19 4.04
C PHE F 76 -19.65 -25.09 4.34
N GLU F 77 -18.90 -26.06 3.84
CA GLU F 77 -17.44 -26.03 3.98
C GLU F 77 -16.77 -26.17 2.62
N ARG F 78 -15.65 -25.48 2.45
CA ARG F 78 -14.95 -25.42 1.18
C ARG F 78 -14.35 -26.78 0.85
N LEU F 79 -14.63 -27.29 -0.35
CA LEU F 79 -14.04 -28.58 -0.73
C LEU F 79 -12.57 -28.36 -1.09
N ALA F 80 -11.76 -29.39 -0.89
CA ALA F 80 -10.36 -29.29 -1.25
C ALA F 80 -10.27 -29.30 -2.76
N ARG F 81 -11.07 -30.15 -3.40
CA ARG F 81 -11.11 -30.28 -4.85
C ARG F 81 -11.83 -29.09 -5.48
N GLN F 82 -11.13 -28.35 -6.34
CA GLN F 82 -11.66 -27.12 -6.96
C GLN F 82 -11.26 -27.08 -8.44
N PRO F 83 -12.12 -27.60 -9.31
CA PRO F 83 -11.83 -27.62 -10.76
C PRO F 83 -11.66 -26.24 -11.39
N LEU F 84 -12.22 -25.20 -10.76
CA LEU F 84 -12.35 -23.88 -11.37
C LEU F 84 -11.45 -22.83 -10.73
N GLY F 85 -10.58 -23.25 -9.82
CA GLY F 85 -9.67 -22.33 -9.14
C GLY F 85 -8.42 -21.95 -9.90
N GLY F 86 -8.22 -22.51 -11.07
CA GLY F 86 -7.08 -22.16 -11.89
C GLY F 86 -7.12 -20.69 -12.25
N PRO F 87 -5.96 -20.10 -12.50
CA PRO F 87 -5.83 -18.67 -12.82
C PRO F 87 -6.29 -18.29 -14.24
N LEU F 88 -6.31 -16.98 -14.49
CA LEU F 88 -6.57 -16.44 -15.81
C LEU F 88 -5.30 -16.55 -16.64
N GLY F 89 -5.46 -16.68 -17.95
CA GLY F 89 -4.32 -16.73 -18.84
C GLY F 89 -3.76 -15.34 -19.01
N GLY F 90 -2.56 -15.25 -19.57
CA GLY F 90 -2.00 -13.96 -19.89
C GLY F 90 -2.81 -13.29 -20.98
N ILE F 91 -2.53 -12.02 -21.20
CA ILE F 91 -3.12 -11.27 -22.30
C ILE F 91 -2.68 -11.91 -23.62
N ASN F 92 -3.63 -12.11 -24.53
CA ASN F 92 -3.33 -12.69 -25.83
C ASN F 92 -4.44 -12.40 -26.83
N PRO F 93 -4.16 -11.57 -27.84
CA PRO F 93 -5.16 -11.11 -28.80
C PRO F 93 -5.35 -12.08 -29.96
N ASN F 94 -4.56 -13.14 -29.98
CA ASN F 94 -4.51 -13.98 -31.17
C ASN F 94 -5.79 -14.76 -31.42
N ARG F 95 -5.97 -15.19 -32.66
CA ARG F 95 -7.05 -16.10 -32.98
C ARG F 95 -6.69 -17.45 -32.36
N LEU F 96 -7.64 -18.10 -31.69
CA LEU F 96 -7.35 -19.37 -31.05
C LEU F 96 -8.25 -20.50 -31.54
N ARG F 97 -7.70 -21.71 -31.65
CA ARG F 97 -8.51 -22.88 -31.95
C ARG F 97 -8.01 -24.12 -31.24
N TRP F 98 -8.93 -24.86 -30.63
CA TRP F 98 -8.62 -26.07 -29.90
C TRP F 98 -9.17 -27.29 -30.61
N SER F 99 -8.51 -28.42 -30.41
CA SER F 99 -9.00 -29.72 -30.80
C SER F 99 -9.84 -30.22 -29.62
N PRO F 100 -10.72 -31.23 -29.83
CA PRO F 100 -11.61 -31.68 -28.75
C PRO F 100 -10.87 -32.09 -27.48
N GLN F 101 -11.51 -31.90 -26.32
CA GLN F 101 -10.88 -32.23 -25.04
C GLN F 101 -11.08 -33.70 -24.72
N PRO F 102 -9.97 -34.42 -24.46
CA PRO F 102 -10.10 -35.81 -24.04
C PRO F 102 -10.70 -35.90 -22.65
N ILE F 103 -11.50 -36.94 -22.43
CA ILE F 103 -12.06 -37.21 -21.12
C ILE F 103 -10.96 -37.71 -20.19
N PRO F 104 -10.88 -37.14 -18.98
CA PRO F 104 -9.81 -37.51 -18.02
C PRO F 104 -9.97 -38.94 -17.50
N ALA F 105 -8.86 -39.56 -17.13
CA ALA F 105 -8.89 -40.93 -16.60
C ALA F 105 -9.47 -40.95 -15.20
N GLU F 106 -8.94 -40.08 -14.34
CA GLU F 106 -9.41 -39.96 -12.96
C GLU F 106 -10.92 -39.80 -12.88
N PRO F 107 -11.53 -40.33 -11.81
CA PRO F 107 -12.99 -40.20 -11.65
C PRO F 107 -13.39 -38.72 -11.61
N THR F 108 -14.43 -38.38 -12.37
CA THR F 108 -14.81 -36.99 -12.54
C THR F 108 -16.28 -36.87 -12.90
N ASP F 109 -17.10 -36.39 -11.97
CA ASP F 109 -18.52 -36.20 -12.26
C ASP F 109 -18.74 -34.91 -13.05
N PHE F 110 -20.01 -34.64 -13.35
CA PHE F 110 -20.39 -33.50 -14.17
C PHE F 110 -19.81 -32.18 -13.68
N ILE F 111 -19.89 -31.92 -12.38
CA ILE F 111 -19.42 -30.66 -11.83
C ILE F 111 -17.89 -30.58 -11.67
N GLU F 112 -17.28 -31.73 -11.41
CA GLU F 112 -15.83 -31.81 -11.28
C GLU F 112 -15.15 -31.67 -12.65
N GLY F 113 -15.93 -31.90 -13.70
CA GLY F 113 -15.40 -31.91 -15.05
C GLY F 113 -15.37 -30.65 -15.89
N TRP F 114 -15.78 -29.51 -15.35
CA TRP F 114 -15.77 -28.26 -16.14
C TRP F 114 -14.36 -27.73 -16.34
N LEU F 115 -13.94 -27.67 -17.60
CA LEU F 115 -12.66 -27.11 -17.97
C LEU F 115 -12.87 -25.67 -18.44
N PRO F 116 -12.34 -24.70 -17.68
CA PRO F 116 -12.47 -23.29 -18.07
C PRO F 116 -11.81 -22.98 -19.41
N MET F 117 -12.62 -22.64 -20.41
CA MET F 117 -12.09 -22.27 -21.73
C MET F 117 -11.78 -20.77 -21.79
N ALA F 118 -12.82 -19.94 -21.68
CA ALA F 118 -12.67 -18.49 -21.61
C ALA F 118 -13.82 -17.85 -20.84
N ALA F 119 -13.59 -16.66 -20.31
CA ALA F 119 -14.56 -15.97 -19.47
C ALA F 119 -14.38 -14.44 -19.50
N ASN F 120 -15.47 -13.72 -19.24
CA ASN F 120 -15.46 -12.27 -19.19
C ASN F 120 -14.74 -11.77 -17.93
N ALA F 121 -14.66 -12.62 -16.92
CA ALA F 121 -14.10 -12.23 -15.62
C ALA F 121 -13.57 -13.44 -14.84
N GLY F 122 -12.78 -13.17 -13.81
CA GLY F 122 -12.25 -14.24 -12.97
C GLY F 122 -13.35 -14.91 -12.19
N ALA F 123 -13.16 -16.20 -11.90
CA ALA F 123 -14.24 -17.01 -11.33
C ALA F 123 -14.73 -16.46 -9.99
N GLU F 124 -13.84 -15.73 -9.32
CA GLU F 124 -14.12 -15.12 -8.03
C GLU F 124 -15.02 -13.87 -8.15
N LYS F 125 -15.06 -13.27 -9.32
CA LYS F 125 -15.97 -12.15 -9.58
C LYS F 125 -16.79 -12.41 -10.85
N PRO F 126 -17.69 -13.39 -10.80
CA PRO F 126 -18.53 -13.73 -11.95
C PRO F 126 -19.26 -12.50 -12.50
N ALA F 127 -19.10 -12.27 -13.80
CA ALA F 127 -19.80 -11.20 -14.49
C ALA F 127 -19.94 -11.62 -15.97
N GLY F 128 -21.02 -11.21 -16.60
CA GLY F 128 -21.25 -11.58 -17.98
C GLY F 128 -21.38 -13.08 -18.18
N VAL F 129 -20.42 -13.67 -18.87
CA VAL F 129 -20.49 -15.06 -19.26
C VAL F 129 -19.17 -15.79 -19.00
N SER F 130 -19.27 -16.99 -18.43
CA SER F 130 -18.11 -17.89 -18.39
C SER F 130 -18.37 -19.15 -19.21
N ILE F 131 -17.38 -19.55 -20.00
CA ILE F 131 -17.55 -20.68 -20.93
C ILE F 131 -16.66 -21.87 -20.55
N TYR F 132 -17.24 -23.05 -20.40
CA TYR F 132 -16.42 -24.22 -20.11
C TYR F 132 -16.71 -25.32 -21.11
N ILE F 133 -15.83 -26.32 -21.12
CA ILE F 133 -16.14 -27.60 -21.75
C ILE F 133 -16.16 -28.63 -20.63
N TYR F 134 -17.24 -29.40 -20.53
CA TYR F 134 -17.31 -30.42 -19.49
C TYR F 134 -16.88 -31.79 -20.02
N ARG F 135 -16.12 -32.49 -19.20
CA ARG F 135 -15.75 -33.87 -19.47
C ARG F 135 -16.05 -34.64 -18.19
N ALA F 136 -16.75 -35.76 -18.31
CA ALA F 136 -17.12 -36.56 -17.14
C ALA F 136 -17.12 -38.05 -17.46
N ASN F 137 -16.71 -38.87 -16.49
CA ASN F 137 -16.78 -40.32 -16.62
C ASN F 137 -17.58 -40.96 -15.49
N ARG F 138 -18.16 -40.12 -14.62
CA ARG F 138 -18.96 -40.59 -13.49
C ARG F 138 -20.30 -39.87 -13.40
N SER F 139 -21.34 -40.60 -13.04
CA SER F 139 -22.61 -39.96 -12.68
C SER F 139 -22.43 -39.27 -11.33
N MET F 140 -23.17 -38.19 -11.10
CA MET F 140 -23.02 -37.47 -9.85
C MET F 140 -23.70 -38.26 -8.73
N GLU F 141 -22.93 -38.50 -7.66
CA GLU F 141 -23.46 -39.12 -6.46
C GLU F 141 -23.62 -38.02 -5.41
N ARG F 142 -24.30 -36.95 -5.81
CA ARG F 142 -24.58 -35.81 -4.94
C ARG F 142 -25.45 -34.80 -5.69
N VAL F 143 -25.93 -33.80 -4.95
CA VAL F 143 -26.77 -32.77 -5.55
C VAL F 143 -26.04 -31.42 -5.54
N PHE F 144 -26.36 -30.59 -6.52
CA PHE F 144 -25.58 -29.37 -6.77
C PHE F 144 -26.49 -28.21 -7.17
N PHE F 145 -26.15 -26.98 -6.74
CA PHE F 145 -26.70 -25.80 -7.38
C PHE F 145 -25.64 -24.74 -7.64
N ASN F 146 -25.87 -23.94 -8.67
CA ASN F 146 -24.97 -22.84 -9.01
C ASN F 146 -25.50 -21.51 -8.48
N ALA F 147 -24.80 -20.92 -7.51
CA ALA F 147 -25.20 -19.63 -7.01
C ALA F 147 -24.68 -18.53 -7.95
N ASP F 148 -23.77 -18.89 -8.85
CA ASP F 148 -23.06 -17.89 -9.66
C ASP F 148 -23.78 -17.52 -10.95
N GLY F 149 -24.72 -18.35 -11.39
CA GLY F 149 -25.48 -18.00 -12.57
C GLY F 149 -26.31 -19.09 -13.18
N GLU F 150 -26.92 -18.74 -14.31
CA GLU F 150 -27.71 -19.65 -15.10
C GLU F 150 -26.77 -20.53 -15.93
N LEU F 151 -27.18 -21.78 -16.16
CA LEU F 151 -26.35 -22.70 -16.91
C LEU F 151 -26.98 -23.16 -18.22
N LEU F 152 -26.30 -22.90 -19.33
CA LEU F 152 -26.74 -23.44 -20.62
C LEU F 152 -25.83 -24.58 -21.03
N LEU F 153 -26.39 -25.77 -21.17
CA LEU F 153 -25.62 -26.97 -21.47
C LEU F 153 -25.83 -27.38 -22.94
N VAL F 154 -24.73 -27.63 -23.64
CA VAL F 154 -24.80 -28.02 -25.05
C VAL F 154 -24.01 -29.31 -25.24
N PRO F 155 -24.69 -30.45 -25.04
CA PRO F 155 -24.09 -31.78 -25.16
C PRO F 155 -23.48 -31.97 -26.53
N GLU F 156 -22.40 -32.73 -26.60
CA GLU F 156 -21.77 -33.03 -27.87
C GLU F 156 -21.56 -34.53 -27.98
N GLN F 157 -21.13 -35.15 -26.88
CA GLN F 157 -21.04 -36.61 -26.78
C GLN F 157 -21.74 -37.09 -25.54
N GLY F 158 -22.64 -38.06 -25.69
CA GLY F 158 -23.25 -38.71 -24.53
C GLY F 158 -24.49 -38.04 -23.97
N ARG F 159 -25.49 -38.86 -23.65
CA ARG F 159 -26.75 -38.35 -23.15
C ARG F 159 -26.64 -38.02 -21.67
N LEU F 160 -27.51 -37.11 -21.22
CA LEU F 160 -27.57 -36.70 -19.81
C LEU F 160 -28.98 -36.86 -19.27
N ARG F 161 -29.12 -37.55 -18.15
CA ARG F 161 -30.39 -37.57 -17.45
C ARG F 161 -30.26 -36.58 -16.30
N ILE F 162 -30.98 -35.48 -16.37
CA ILE F 162 -30.79 -34.44 -15.37
C ILE F 162 -31.98 -34.39 -14.43
N ALA F 163 -31.78 -34.85 -13.21
CA ALA F 163 -32.83 -34.74 -12.21
C ALA F 163 -32.74 -33.43 -11.43
N THR F 164 -33.78 -32.60 -11.55
CA THR F 164 -33.84 -31.31 -10.85
C THR F 164 -34.99 -31.25 -9.85
N GLU F 165 -35.00 -30.21 -9.02
CA GLU F 165 -36.08 -29.98 -8.05
C GLU F 165 -37.45 -29.95 -8.73
N LEU F 166 -37.48 -29.58 -10.00
CA LEU F 166 -38.77 -29.46 -10.69
C LEU F 166 -39.12 -30.72 -11.48
N GLY F 167 -38.17 -31.62 -11.60
CA GLY F 167 -38.41 -32.85 -12.32
C GLY F 167 -37.24 -33.28 -13.15
N VAL F 168 -37.44 -34.37 -13.88
CA VAL F 168 -36.35 -35.02 -14.58
C VAL F 168 -36.40 -34.76 -16.07
N MET F 169 -35.28 -34.36 -16.64
CA MET F 169 -35.18 -34.20 -18.09
C MET F 169 -33.96 -34.90 -18.66
N GLU F 170 -34.12 -35.49 -19.83
CA GLU F 170 -33.01 -36.10 -20.54
C GLU F 170 -32.62 -35.28 -21.76
N VAL F 171 -31.32 -35.05 -21.90
CA VAL F 171 -30.81 -34.25 -23.01
C VAL F 171 -29.77 -35.06 -23.77
N GLU F 172 -29.84 -35.01 -25.10
CA GLU F 172 -28.91 -35.73 -25.97
C GLU F 172 -28.29 -34.71 -26.91
N PRO F 173 -27.11 -35.02 -27.48
CA PRO F 173 -26.51 -34.09 -28.43
C PRO F 173 -27.52 -33.70 -29.50
N LEU F 174 -27.51 -32.41 -29.87
CA LEU F 174 -28.50 -31.73 -30.73
C LEU F 174 -29.65 -31.09 -29.96
N GLU F 175 -29.78 -31.43 -28.69
CA GLU F 175 -30.68 -30.74 -27.79
C GLU F 175 -29.87 -29.82 -26.88
N ILE F 176 -30.50 -28.78 -26.35
CA ILE F 176 -29.89 -28.00 -25.28
C ILE F 176 -30.74 -28.02 -24.02
N ALA F 177 -30.11 -27.71 -22.88
CA ALA F 177 -30.83 -27.55 -21.62
C ALA F 177 -30.33 -26.34 -20.84
N VAL F 178 -31.24 -25.73 -20.07
CA VAL F 178 -30.92 -24.60 -19.21
C VAL F 178 -31.39 -24.88 -17.79
N ILE F 179 -30.54 -24.56 -16.83
CA ILE F 179 -30.86 -24.77 -15.43
C ILE F 179 -30.71 -23.45 -14.73
N PRO F 180 -31.80 -22.91 -14.17
CA PRO F 180 -31.72 -21.58 -13.57
C PRO F 180 -30.76 -21.56 -12.38
N ARG F 181 -30.15 -20.40 -12.15
CA ARG F 181 -29.28 -20.16 -11.02
C ARG F 181 -29.94 -20.63 -9.72
N GLY F 182 -29.15 -21.27 -8.87
CA GLY F 182 -29.59 -21.71 -7.57
C GLY F 182 -30.46 -22.96 -7.56
N MET F 183 -30.89 -23.42 -8.73
CA MET F 183 -31.73 -24.61 -8.74
C MET F 183 -30.89 -25.88 -8.56
N LYS F 184 -31.38 -26.77 -7.69
CA LYS F 184 -30.65 -27.97 -7.34
C LYS F 184 -30.88 -29.09 -8.34
N PHE F 185 -29.81 -29.75 -8.76
CA PHE F 185 -29.92 -30.81 -9.75
C PHE F 185 -28.80 -31.85 -9.64
N ARG F 186 -29.00 -32.99 -10.25
CA ARG F 186 -28.03 -34.09 -10.18
C ARG F 186 -27.91 -34.70 -11.56
N VAL F 187 -26.69 -34.85 -12.07
CA VAL F 187 -26.49 -35.34 -13.43
C VAL F 187 -26.01 -36.79 -13.52
N GLU F 188 -26.82 -37.59 -14.20
CA GLU F 188 -26.57 -39.02 -14.45
C GLU F 188 -26.11 -39.24 -15.89
N LEU F 189 -24.98 -39.92 -16.05
CA LEU F 189 -24.44 -40.17 -17.38
C LEU F 189 -24.98 -41.46 -17.98
N LEU F 190 -25.94 -41.33 -18.90
CA LEU F 190 -26.63 -42.50 -19.42
C LEU F 190 -25.69 -43.41 -20.20
N ASP F 191 -24.66 -42.81 -20.79
CA ASP F 191 -23.75 -43.51 -21.70
C ASP F 191 -22.39 -43.73 -21.08
N GLY F 192 -22.31 -43.61 -19.75
CA GLY F 192 -21.08 -43.87 -19.03
C GLY F 192 -20.14 -42.68 -18.92
N GLN F 193 -19.95 -41.98 -20.02
CA GLN F 193 -19.21 -40.72 -20.01
C GLN F 193 -19.90 -39.66 -20.85
N ALA F 194 -19.47 -38.41 -20.72
CA ALA F 194 -20.13 -37.29 -21.41
C ALA F 194 -19.19 -36.13 -21.68
N ARG F 195 -19.41 -35.46 -22.81
CA ARG F 195 -18.63 -34.28 -23.16
C ARG F 195 -19.56 -33.24 -23.76
N GLY F 196 -19.24 -31.96 -23.58
CA GLY F 196 -20.09 -30.93 -24.12
C GLY F 196 -19.66 -29.55 -23.73
N TYR F 197 -20.44 -28.56 -24.14
CA TYR F 197 -20.10 -27.17 -23.86
C TYR F 197 -21.04 -26.55 -22.83
N ILE F 198 -20.55 -25.52 -22.17
CA ILE F 198 -21.33 -24.79 -21.18
C ILE F 198 -21.13 -23.30 -21.37
N ALA F 199 -22.25 -22.57 -21.40
CA ALA F 199 -22.22 -21.14 -21.23
C ALA F 199 -22.86 -20.84 -19.87
N GLU F 200 -22.08 -20.30 -18.95
CA GLU F 200 -22.61 -19.95 -17.64
C GLU F 200 -23.00 -18.48 -17.66
N ASN F 201 -24.28 -18.22 -17.53
CA ASN F 201 -24.79 -16.86 -17.66
C ASN F 201 -24.89 -16.15 -16.30
N HIS F 202 -24.00 -15.20 -16.03
CA HIS F 202 -24.03 -14.48 -14.76
C HIS F 202 -24.97 -13.27 -14.79
N GLY F 203 -25.63 -13.08 -15.92
CA GLY F 203 -26.38 -11.87 -16.15
C GLY F 203 -27.87 -12.08 -16.31
N ALA F 204 -28.49 -11.24 -17.14
CA ALA F 204 -29.92 -11.33 -17.37
C ALA F 204 -30.20 -12.71 -17.99
N PRO F 205 -31.17 -13.43 -17.42
CA PRO F 205 -31.45 -14.81 -17.86
C PRO F 205 -31.72 -14.90 -19.37
N LEU F 206 -31.28 -15.99 -19.96
CA LEU F 206 -31.56 -16.27 -21.37
C LEU F 206 -33.07 -16.21 -21.68
N ARG F 207 -33.41 -15.63 -22.83
CA ARG F 207 -34.78 -15.62 -23.30
C ARG F 207 -34.80 -15.63 -24.83
N LEU F 208 -36.00 -15.66 -25.40
CA LEU F 208 -36.16 -15.67 -26.85
C LEU F 208 -35.86 -14.29 -27.41
N PRO F 209 -35.20 -14.22 -28.58
CA PRO F 209 -34.87 -12.92 -29.20
C PRO F 209 -36.10 -12.18 -29.71
N ASP F 210 -36.06 -10.85 -29.66
CA ASP F 210 -37.01 -10.00 -30.38
C ASP F 210 -36.99 -10.39 -31.85
N LEU F 211 -38.14 -10.75 -32.41
CA LEU F 211 -38.18 -11.29 -33.78
C LEU F 211 -38.13 -10.21 -34.87
N GLY F 212 -38.28 -8.94 -34.50
CA GLY F 212 -38.37 -7.89 -35.51
C GLY F 212 -39.34 -8.29 -36.61
N PRO F 213 -38.95 -8.09 -37.89
CA PRO F 213 -39.81 -8.35 -39.05
C PRO F 213 -40.20 -9.81 -39.22
N ILE F 214 -39.41 -10.74 -38.66
CA ILE F 214 -39.78 -12.14 -38.68
C ILE F 214 -41.15 -12.33 -38.00
N GLY F 215 -41.45 -11.52 -37.00
CA GLY F 215 -42.82 -11.39 -36.55
C GLY F 215 -43.27 -12.16 -35.32
N SER F 216 -44.25 -13.04 -35.50
CA SER F 216 -44.89 -13.72 -34.37
C SER F 216 -44.57 -15.20 -34.36
N ASN F 217 -43.88 -15.67 -35.40
CA ASN F 217 -43.43 -17.07 -35.46
C ASN F 217 -42.06 -17.15 -36.09
N GLY F 218 -41.38 -18.28 -35.91
CA GLY F 218 -40.09 -18.50 -36.54
C GLY F 218 -38.96 -18.65 -35.55
N LEU F 219 -37.78 -19.01 -36.07
CA LEU F 219 -36.62 -19.33 -35.24
C LEU F 219 -37.03 -20.40 -34.22
N ALA F 220 -36.71 -20.20 -32.95
CA ALA F 220 -37.12 -21.14 -31.91
C ALA F 220 -38.55 -20.87 -31.48
N ASN F 221 -39.46 -21.74 -31.88
CA ASN F 221 -40.88 -21.60 -31.54
C ASN F 221 -41.11 -21.94 -30.08
N PRO F 222 -41.86 -21.08 -29.36
CA PRO F 222 -42.01 -21.23 -27.91
C PRO F 222 -42.59 -22.59 -27.48
N ARG F 223 -43.39 -23.19 -28.36
CA ARG F 223 -44.02 -24.47 -28.08
C ARG F 223 -43.02 -25.63 -27.92
N ASP F 224 -41.78 -25.42 -28.34
CA ASP F 224 -40.78 -26.50 -28.34
C ASP F 224 -39.88 -26.52 -27.10
N PHE F 225 -40.06 -25.54 -26.22
CA PHE F 225 -39.31 -25.53 -24.97
C PHE F 225 -40.05 -26.35 -23.92
N LEU F 226 -39.37 -27.39 -23.41
CA LEU F 226 -40.03 -28.40 -22.58
C LEU F 226 -39.49 -28.40 -21.16
N THR F 227 -40.40 -28.43 -20.21
CA THR F 227 -40.05 -28.39 -18.80
C THR F 227 -40.59 -29.66 -18.14
N PRO F 228 -39.77 -30.33 -17.33
CA PRO F 228 -40.18 -31.64 -16.78
C PRO F 228 -41.35 -31.51 -15.79
N VAL F 229 -42.10 -32.59 -15.55
CA VAL F 229 -43.19 -32.58 -14.57
C VAL F 229 -42.66 -32.89 -13.17
N ALA F 230 -43.45 -32.60 -12.14
CA ALA F 230 -43.00 -32.79 -10.77
C ALA F 230 -42.50 -34.20 -10.55
N HIS F 231 -41.46 -34.32 -9.73
CA HIS F 231 -40.93 -35.62 -9.33
C HIS F 231 -40.11 -35.46 -8.07
N TYR F 232 -40.44 -36.20 -7.03
CA TYR F 232 -39.76 -36.07 -5.75
C TYR F 232 -39.13 -37.38 -5.30
N GLU F 233 -38.12 -37.26 -4.46
CA GLU F 233 -37.41 -38.43 -3.96
C GLU F 233 -37.59 -38.55 -2.44
N GLU F 234 -37.60 -39.79 -1.94
CA GLU F 234 -37.86 -40.01 -0.53
C GLU F 234 -36.73 -40.76 0.15
N ALA F 235 -35.60 -40.84 -0.53
CA ALA F 235 -34.43 -41.55 0.00
C ALA F 235 -34.03 -41.02 1.37
N GLU F 236 -33.84 -41.94 2.31
CA GLU F 236 -33.36 -41.59 3.63
C GLU F 236 -31.88 -41.97 3.73
N GLY F 237 -31.09 -41.15 4.40
CA GLY F 237 -29.66 -41.38 4.47
C GLY F 237 -28.91 -40.18 3.93
N PRO F 238 -27.60 -40.11 4.21
CA PRO F 238 -26.81 -38.92 3.92
C PRO F 238 -26.61 -38.67 2.42
N VAL F 239 -26.66 -37.39 2.06
CA VAL F 239 -26.49 -36.91 0.71
C VAL F 239 -25.67 -35.63 0.80
N GLN F 240 -24.62 -35.51 0.00
CA GLN F 240 -23.84 -34.28 -0.07
C GLN F 240 -24.55 -33.24 -0.94
N LEU F 241 -24.60 -32.01 -0.45
CA LEU F 241 -25.13 -30.89 -1.23
C LEU F 241 -24.02 -29.92 -1.55
N VAL F 242 -23.77 -29.70 -2.83
CA VAL F 242 -22.67 -28.85 -3.27
C VAL F 242 -23.19 -27.58 -3.94
N GLN F 243 -22.57 -26.45 -3.63
CA GLN F 243 -22.81 -25.22 -4.39
C GLN F 243 -21.52 -24.59 -4.90
N LYS F 244 -21.62 -23.96 -6.07
CA LYS F 244 -20.58 -23.13 -6.64
C LYS F 244 -20.87 -21.71 -6.19
N PHE F 245 -19.94 -21.11 -5.47
CA PHE F 245 -20.08 -19.74 -5.01
C PHE F 245 -18.82 -18.95 -5.28
N LEU F 246 -18.94 -17.96 -6.13
CA LEU F 246 -17.80 -17.16 -6.56
C LEU F 246 -16.67 -18.07 -7.01
N GLY F 247 -17.01 -19.05 -7.84
CA GLY F 247 -16.03 -19.95 -8.43
C GLY F 247 -15.70 -21.16 -7.59
N GLU F 248 -16.08 -21.15 -6.32
CA GLU F 248 -15.69 -22.22 -5.40
C GLU F 248 -16.81 -23.20 -5.08
N HIS F 249 -16.44 -24.48 -5.05
CA HIS F 249 -17.33 -25.53 -4.58
C HIS F 249 -17.27 -25.61 -3.07
N TRP F 250 -18.41 -25.35 -2.43
CA TRP F 250 -18.59 -25.54 -1.01
C TRP F 250 -19.67 -26.60 -0.82
N ALA F 251 -19.54 -27.40 0.23
CA ALA F 251 -20.41 -28.56 0.39
C ALA F 251 -20.93 -28.71 1.81
N CYS F 252 -22.10 -29.32 1.92
CA CYS F 252 -22.59 -29.77 3.21
C CYS F 252 -23.24 -31.13 3.03
N GLU F 253 -23.49 -31.81 4.14
CA GLU F 253 -24.11 -33.12 4.06
C GLU F 253 -25.52 -33.06 4.62
N LEU F 254 -26.48 -33.52 3.85
CA LEU F 254 -27.85 -33.57 4.33
C LEU F 254 -28.19 -35.01 4.69
N GLN F 255 -29.23 -35.19 5.50
CA GLN F 255 -29.67 -36.53 5.87
C GLN F 255 -30.94 -36.85 5.09
N HIS F 256 -31.28 -35.99 4.14
CA HIS F 256 -32.42 -36.21 3.27
C HIS F 256 -32.09 -35.81 1.84
N SER F 257 -32.91 -36.27 0.90
CA SER F 257 -32.75 -35.88 -0.50
C SER F 257 -33.36 -34.51 -0.71
N PRO F 258 -32.56 -33.58 -1.25
CA PRO F 258 -32.97 -32.19 -1.49
C PRO F 258 -33.88 -32.12 -2.69
N LEU F 259 -34.00 -33.22 -3.43
CA LEU F 259 -34.94 -33.29 -4.54
C LEU F 259 -36.27 -33.83 -4.01
N ASP F 260 -36.82 -33.11 -3.04
CA ASP F 260 -38.03 -33.52 -2.35
C ASP F 260 -39.19 -32.58 -2.61
N VAL F 261 -39.24 -32.01 -3.82
CA VAL F 261 -40.36 -31.17 -4.22
C VAL F 261 -41.49 -31.98 -4.84
N VAL F 262 -42.65 -31.95 -4.19
CA VAL F 262 -43.80 -32.77 -4.59
C VAL F 262 -44.70 -32.08 -5.61
N ALA F 263 -44.81 -30.76 -5.51
CA ALA F 263 -45.56 -30.00 -6.49
C ALA F 263 -44.96 -28.60 -6.64
N TRP F 264 -45.20 -27.96 -7.77
CA TRP F 264 -44.69 -26.62 -8.00
C TRP F 264 -45.49 -25.80 -9.00
N HIS F 265 -45.39 -24.47 -8.89
CA HIS F 265 -45.95 -23.60 -9.90
C HIS F 265 -45.09 -22.35 -10.12
N GLY F 266 -45.14 -21.80 -11.32
CA GLY F 266 -44.34 -20.63 -11.63
C GLY F 266 -43.57 -20.70 -12.93
N SER F 267 -42.56 -19.83 -13.05
CA SER F 267 -41.90 -19.56 -14.33
C SER F 267 -40.38 -19.70 -14.27
N ASN F 268 -39.85 -19.97 -13.08
CA ASN F 268 -38.41 -20.15 -12.96
C ASN F 268 -38.10 -21.63 -13.02
N VAL F 269 -37.92 -22.14 -14.24
CA VAL F 269 -37.93 -23.56 -14.50
C VAL F 269 -36.74 -24.04 -15.35
N PRO F 270 -36.29 -25.28 -15.13
CA PRO F 270 -35.28 -25.80 -16.05
C PRO F 270 -36.01 -26.14 -17.34
N TYR F 271 -35.30 -26.13 -18.45
CA TYR F 271 -35.95 -26.55 -19.69
C TYR F 271 -34.98 -27.16 -20.72
N LYS F 272 -35.53 -27.80 -21.74
CA LYS F 272 -34.72 -28.25 -22.86
C LYS F 272 -35.40 -27.94 -24.19
N TYR F 273 -34.58 -27.92 -25.24
CA TYR F 273 -35.03 -27.59 -26.57
C TYR F 273 -34.21 -28.40 -27.58
N ASP F 274 -34.90 -28.99 -28.56
CA ASP F 274 -34.24 -29.74 -29.63
C ASP F 274 -33.92 -28.82 -30.80
N LEU F 275 -32.62 -28.69 -31.11
CA LEU F 275 -32.18 -27.77 -32.17
C LEU F 275 -32.69 -28.18 -33.54
N ARG F 276 -33.15 -29.43 -33.66
CA ARG F 276 -33.69 -29.95 -34.91
C ARG F 276 -35.07 -29.36 -35.20
N ARG F 277 -35.68 -28.76 -34.18
CA ARG F 277 -36.97 -28.10 -34.32
C ARG F 277 -36.84 -26.62 -34.71
N PHE F 278 -35.60 -26.14 -34.81
CA PHE F 278 -35.37 -24.73 -35.19
C PHE F 278 -35.98 -24.36 -36.54
N ASN F 279 -36.83 -23.34 -36.55
CA ASN F 279 -37.42 -22.87 -37.80
C ASN F 279 -36.46 -21.89 -38.46
N THR F 280 -35.41 -22.43 -39.07
CA THR F 280 -34.35 -21.62 -39.66
C THR F 280 -34.86 -20.68 -40.75
N ILE F 281 -34.47 -19.41 -40.63
CA ILE F 281 -34.77 -18.34 -41.57
C ILE F 281 -33.42 -17.91 -42.20
N GLY F 282 -33.43 -17.61 -43.49
CA GLY F 282 -32.20 -17.20 -44.17
C GLY F 282 -32.52 -16.46 -45.44
N THR F 283 -31.51 -16.21 -46.29
CA THR F 283 -31.79 -15.57 -47.56
C THR F 283 -32.55 -16.49 -48.54
N VAL F 284 -33.55 -15.94 -49.22
CA VAL F 284 -34.18 -16.63 -50.33
C VAL F 284 -33.99 -15.80 -51.59
N SER F 285 -32.95 -14.98 -51.57
CA SER F 285 -32.66 -14.09 -52.69
C SER F 285 -31.17 -14.11 -53.02
N PHE F 286 -30.41 -13.29 -52.31
CA PHE F 286 -28.97 -13.23 -52.52
C PHE F 286 -28.28 -12.84 -51.22
N ASP F 287 -26.97 -12.61 -51.32
CA ASP F 287 -26.15 -12.24 -50.18
C ASP F 287 -26.11 -13.27 -49.03
N HIS F 288 -25.48 -12.88 -47.93
CA HIS F 288 -25.26 -13.79 -46.81
C HIS F 288 -25.65 -13.10 -45.50
N PRO F 289 -26.82 -13.45 -44.95
CA PRO F 289 -27.35 -12.78 -43.75
C PRO F 289 -26.46 -12.83 -42.51
N ASP F 290 -26.59 -11.82 -41.66
CA ASP F 290 -25.85 -11.74 -40.40
C ASP F 290 -26.20 -12.94 -39.52
N PRO F 291 -25.21 -13.52 -38.84
CA PRO F 291 -25.44 -14.73 -38.04
C PRO F 291 -26.34 -14.51 -36.82
N SER F 292 -26.70 -13.27 -36.55
CA SER F 292 -27.67 -12.98 -35.50
C SER F 292 -29.04 -13.58 -35.89
N ILE F 293 -29.22 -13.81 -37.18
CA ILE F 293 -30.47 -14.41 -37.68
C ILE F 293 -30.70 -15.84 -37.16
N PHE F 294 -29.62 -16.51 -36.80
CA PHE F 294 -29.68 -17.89 -36.31
C PHE F 294 -29.85 -17.94 -34.79
N THR F 295 -30.16 -16.81 -34.17
CA THR F 295 -30.25 -16.73 -32.71
C THR F 295 -31.30 -17.65 -32.09
N VAL F 296 -30.86 -18.49 -31.15
CA VAL F 296 -31.78 -19.40 -30.44
C VAL F 296 -32.26 -18.78 -29.14
N LEU F 297 -31.31 -18.37 -28.30
CA LEU F 297 -31.60 -17.71 -27.03
C LEU F 297 -30.66 -16.52 -26.91
N THR F 298 -31.05 -15.55 -26.09
CA THR F 298 -30.18 -14.39 -25.87
C THR F 298 -30.29 -13.84 -24.45
N SER F 299 -29.16 -13.33 -23.95
CA SER F 299 -29.10 -12.69 -22.64
C SER F 299 -28.75 -11.22 -22.87
N PRO F 300 -29.71 -10.34 -22.55
CA PRO F 300 -29.59 -8.90 -22.82
C PRO F 300 -28.75 -8.19 -21.78
N THR F 301 -28.37 -6.95 -22.07
CA THR F 301 -27.84 -6.05 -21.05
C THR F 301 -28.80 -4.88 -20.99
N SER F 302 -28.54 -3.95 -20.07
CA SER F 302 -29.30 -2.70 -20.01
C SER F 302 -29.03 -1.82 -21.23
N VAL F 303 -28.06 -2.20 -22.05
CA VAL F 303 -27.85 -1.49 -23.30
C VAL F 303 -28.68 -2.18 -24.38
N HIS F 304 -29.75 -1.52 -24.83
CA HIS F 304 -30.61 -2.11 -25.85
C HIS F 304 -29.87 -2.48 -27.12
N GLY F 305 -30.07 -3.70 -27.58
CA GLY F 305 -29.47 -4.14 -28.83
C GLY F 305 -28.15 -4.85 -28.65
N MET F 306 -27.47 -4.59 -27.54
CA MET F 306 -26.20 -5.26 -27.27
C MET F 306 -26.34 -6.32 -26.20
N ALA F 307 -26.36 -7.57 -26.63
CA ALA F 307 -26.53 -8.69 -25.72
C ALA F 307 -25.32 -8.93 -24.82
N ASN F 308 -25.57 -9.36 -23.58
CA ASN F 308 -24.54 -9.99 -22.79
C ASN F 308 -23.99 -11.16 -23.61
N MET F 309 -24.89 -12.00 -24.09
CA MET F 309 -24.52 -13.09 -25.00
C MET F 309 -25.72 -13.51 -25.87
N ASP F 310 -25.41 -13.87 -27.11
CA ASP F 310 -26.35 -14.48 -28.03
C ASP F 310 -25.91 -15.93 -28.27
N PHE F 311 -26.83 -16.88 -28.08
CA PHE F 311 -26.57 -18.27 -28.48
C PHE F 311 -27.16 -18.46 -29.88
N VAL F 312 -26.30 -18.83 -30.81
CA VAL F 312 -26.61 -18.86 -32.23
C VAL F 312 -26.23 -20.24 -32.74
N ILE F 313 -27.02 -20.80 -33.65
CA ILE F 313 -26.65 -22.09 -34.23
C ILE F 313 -26.48 -22.05 -35.75
N PHE F 314 -25.75 -23.00 -36.30
CA PHE F 314 -25.56 -23.07 -37.73
C PHE F 314 -26.00 -24.47 -38.16
N PRO F 315 -27.31 -24.58 -38.46
CA PRO F 315 -28.02 -25.85 -38.59
C PRO F 315 -28.11 -26.33 -40.04
N PRO F 316 -28.57 -27.56 -40.27
CA PRO F 316 -28.92 -27.96 -41.63
C PRO F 316 -29.88 -26.94 -42.21
N ARG F 317 -29.58 -26.44 -43.40
CA ARG F 317 -30.35 -25.37 -44.01
C ARG F 317 -30.18 -25.37 -45.52
N TRP F 318 -31.14 -24.76 -46.21
CA TRP F 318 -31.08 -24.59 -47.65
C TRP F 318 -30.23 -23.38 -48.04
N MET F 319 -29.36 -23.57 -49.02
CA MET F 319 -28.53 -22.49 -49.54
C MET F 319 -28.97 -22.16 -50.94
N VAL F 320 -29.55 -20.98 -51.15
CA VAL F 320 -30.06 -20.62 -52.46
C VAL F 320 -29.59 -19.28 -52.99
N ALA F 321 -28.70 -18.60 -52.26
CA ALA F 321 -28.22 -17.25 -52.66
C ALA F 321 -27.67 -17.21 -54.09
N GLU F 322 -28.29 -16.39 -54.94
CA GLU F 322 -27.84 -16.25 -56.31
C GLU F 322 -26.79 -15.17 -56.45
N ASN F 323 -25.87 -15.37 -57.39
CA ASN F 323 -24.82 -14.40 -57.66
C ASN F 323 -24.11 -13.96 -56.39
N THR F 324 -23.84 -14.91 -55.51
CA THR F 324 -23.42 -14.58 -54.17
C THR F 324 -22.25 -15.42 -53.70
N PHE F 325 -21.32 -14.79 -52.99
CA PHE F 325 -20.33 -15.52 -52.20
C PHE F 325 -21.04 -16.10 -50.97
N ARG F 326 -21.23 -17.41 -50.96
CA ARG F 326 -22.05 -18.11 -49.96
C ARG F 326 -21.45 -18.40 -48.57
N PRO F 327 -20.14 -18.69 -48.48
CA PRO F 327 -19.56 -18.82 -47.15
C PRO F 327 -19.61 -17.50 -46.39
N PRO F 328 -19.51 -17.57 -45.06
CA PRO F 328 -19.44 -16.34 -44.27
C PRO F 328 -18.34 -15.44 -44.80
N TRP F 329 -18.66 -14.17 -44.96
CA TRP F 329 -17.74 -13.17 -45.46
C TRP F 329 -16.60 -12.90 -44.49
N PHE F 330 -15.53 -12.28 -44.97
CA PHE F 330 -14.47 -11.84 -44.07
C PHE F 330 -15.07 -10.83 -43.10
N HIS F 331 -14.58 -10.85 -41.86
CA HIS F 331 -15.30 -10.20 -40.77
C HIS F 331 -14.36 -9.71 -39.67
N ARG F 332 -14.58 -8.48 -39.22
CA ARG F 332 -13.97 -7.96 -37.99
C ARG F 332 -15.10 -7.43 -37.11
N ASN F 333 -15.11 -7.86 -35.84
CA ASN F 333 -16.30 -7.72 -35.00
C ASN F 333 -15.99 -7.09 -33.63
N LEU F 334 -16.81 -6.12 -33.21
CA LEU F 334 -16.73 -5.60 -31.85
C LEU F 334 -16.94 -6.74 -30.84
N MET F 335 -17.84 -7.65 -31.18
CA MET F 335 -18.22 -8.73 -30.28
C MET F 335 -17.20 -9.86 -30.36
N ASN F 336 -17.30 -10.79 -29.42
CA ASN F 336 -16.35 -11.89 -29.29
C ASN F 336 -17.00 -13.24 -29.64
N GLU F 337 -16.43 -13.95 -30.61
CA GLU F 337 -17.05 -15.16 -31.16
C GLU F 337 -16.38 -16.44 -30.69
N PHE F 338 -17.09 -17.21 -29.85
CA PHE F 338 -16.62 -18.52 -29.42
C PHE F 338 -17.45 -19.58 -30.15
N MET F 339 -16.79 -20.33 -31.02
CA MET F 339 -17.45 -21.34 -31.83
C MET F 339 -17.18 -22.75 -31.35
N GLY F 340 -18.21 -23.60 -31.36
CA GLY F 340 -18.08 -24.99 -31.01
C GLY F 340 -18.81 -25.81 -32.07
N LEU F 341 -18.74 -27.13 -31.96
CA LEU F 341 -19.33 -28.02 -32.95
C LEU F 341 -19.93 -29.27 -32.27
N ILE F 342 -21.20 -29.53 -32.54
CA ILE F 342 -21.90 -30.63 -31.89
C ILE F 342 -21.78 -31.95 -32.68
N ASN F 343 -21.80 -31.86 -34.00
CA ASN F 343 -21.51 -33.00 -34.85
C ASN F 343 -21.25 -32.63 -36.31
N GLY F 344 -20.71 -33.59 -37.06
CA GLY F 344 -20.51 -33.42 -38.49
C GLY F 344 -19.30 -32.57 -38.81
N GLY F 352 -9.55 -29.63 -39.00
CA GLY F 352 -8.97 -28.80 -37.95
C GLY F 352 -9.99 -28.39 -36.91
N PHE F 353 -11.26 -28.34 -37.32
CA PHE F 353 -12.38 -28.07 -36.42
C PHE F 353 -13.22 -29.35 -36.29
N LEU F 354 -13.09 -30.05 -35.17
CA LEU F 354 -13.78 -31.33 -34.96
C LEU F 354 -14.89 -31.18 -33.93
N PRO F 355 -15.88 -32.11 -33.90
CA PRO F 355 -16.88 -32.04 -32.83
C PRO F 355 -16.18 -32.01 -31.47
N GLY F 356 -16.50 -31.03 -30.63
CA GLY F 356 -15.80 -30.87 -29.37
C GLY F 356 -14.71 -29.81 -29.44
N GLY F 357 -14.36 -29.41 -30.65
CA GLY F 357 -13.34 -28.38 -30.83
C GLY F 357 -13.90 -27.00 -30.54
N ALA F 358 -13.02 -26.00 -30.54
CA ALA F 358 -13.45 -24.62 -30.26
C ALA F 358 -12.56 -23.61 -30.93
N SER F 359 -13.12 -22.45 -31.26
CA SER F 359 -12.33 -21.35 -31.77
C SER F 359 -12.74 -20.07 -31.06
N LEU F 360 -11.76 -19.23 -30.73
CA LEU F 360 -12.04 -17.91 -30.18
C LEU F 360 -11.46 -16.84 -31.08
N HIS F 361 -12.33 -16.07 -31.72
CA HIS F 361 -11.93 -14.85 -32.39
C HIS F 361 -12.47 -13.67 -31.61
N GLY F 362 -11.59 -13.04 -30.85
CA GLY F 362 -11.96 -11.91 -30.01
C GLY F 362 -12.08 -10.59 -30.75
N VAL F 363 -12.56 -9.58 -30.02
N VAL F 363 -12.53 -9.58 -30.02
CA VAL F 363 -12.85 -8.24 -30.55
CA VAL F 363 -12.74 -8.20 -30.52
C VAL F 363 -11.84 -7.72 -31.58
C VAL F 363 -11.79 -7.76 -31.62
N MET F 364 -12.36 -7.44 -32.78
CA MET F 364 -11.57 -6.92 -33.90
C MET F 364 -10.53 -7.89 -34.49
N SER F 365 -10.54 -9.15 -34.05
CA SER F 365 -9.69 -10.13 -34.72
C SER F 365 -10.26 -10.39 -36.13
N ALA F 366 -9.36 -10.45 -37.10
CA ALA F 366 -9.78 -10.65 -38.48
C ALA F 366 -9.93 -12.14 -38.77
N HIS F 367 -11.14 -12.54 -39.17
CA HIS F 367 -11.42 -13.93 -39.50
C HIS F 367 -12.22 -14.01 -40.81
N GLY F 368 -12.62 -15.22 -41.19
CA GLY F 368 -13.22 -15.45 -42.51
C GLY F 368 -12.78 -16.76 -43.14
N PRO F 369 -13.14 -16.98 -44.41
CA PRO F 369 -12.82 -18.27 -45.05
C PRO F 369 -11.36 -18.40 -45.46
N ASP F 370 -10.87 -19.61 -45.61
CA ASP F 370 -9.54 -19.83 -46.18
C ASP F 370 -9.55 -19.74 -47.71
N ALA F 371 -8.40 -19.97 -48.33
CA ALA F 371 -8.25 -19.81 -49.77
C ALA F 371 -9.02 -20.87 -50.56
N GLU F 372 -9.00 -22.10 -50.05
CA GLU F 372 -9.66 -23.22 -50.73
C GLU F 372 -11.18 -23.05 -50.69
N THR F 373 -11.67 -22.48 -49.59
N THR F 373 -11.66 -22.50 -49.58
CA THR F 373 -13.09 -22.17 -49.46
CA THR F 373 -13.07 -22.18 -49.43
C THR F 373 -13.47 -20.99 -50.34
C THR F 373 -13.43 -21.05 -50.40
N CYS F 374 -12.57 -20.03 -50.48
CA CYS F 374 -12.75 -18.92 -51.40
C CYS F 374 -12.79 -19.35 -52.87
N GLU F 375 -11.78 -20.11 -53.29
CA GLU F 375 -11.65 -20.49 -54.69
C GLU F 375 -12.82 -21.34 -55.11
N LYS F 376 -13.23 -22.27 -54.25
CA LYS F 376 -14.37 -23.14 -54.52
C LYS F 376 -15.71 -22.38 -54.59
N ALA F 377 -15.87 -21.37 -53.75
CA ALA F 377 -17.13 -20.61 -53.71
C ALA F 377 -17.27 -19.68 -54.91
N ILE F 378 -16.16 -19.06 -55.30
CA ILE F 378 -16.14 -18.16 -56.44
C ILE F 378 -16.37 -18.94 -57.75
N ALA F 379 -15.89 -20.18 -57.77
CA ALA F 379 -15.93 -21.02 -58.96
C ALA F 379 -17.19 -21.88 -59.06
N ALA F 380 -18.00 -21.90 -58.01
CA ALA F 380 -19.20 -22.75 -57.97
C ALA F 380 -20.31 -22.35 -58.95
N ASP F 381 -20.95 -23.35 -59.53
CA ASP F 381 -22.15 -23.10 -60.33
C ASP F 381 -23.35 -23.10 -59.39
N LEU F 382 -23.74 -21.89 -58.99
CA LEU F 382 -24.70 -21.67 -57.91
C LEU F 382 -26.11 -22.21 -58.19
N ALA F 383 -26.51 -23.17 -57.37
CA ALA F 383 -27.84 -23.79 -57.45
C ALA F 383 -28.30 -24.13 -56.03
N PRO F 384 -29.61 -24.36 -55.84
CA PRO F 384 -30.02 -24.64 -54.47
C PRO F 384 -29.33 -25.88 -53.90
N HIS F 385 -28.82 -25.73 -52.69
CA HIS F 385 -28.03 -26.77 -52.05
C HIS F 385 -28.43 -26.88 -50.59
N LYS F 386 -28.63 -28.12 -50.13
CA LYS F 386 -29.02 -28.40 -48.76
C LYS F 386 -27.80 -28.75 -47.91
N ILE F 387 -27.48 -27.89 -46.95
CA ILE F 387 -26.49 -28.24 -45.95
C ILE F 387 -27.15 -29.18 -44.95
N ASP F 388 -26.46 -30.28 -44.63
CA ASP F 388 -27.04 -31.37 -43.84
C ASP F 388 -25.97 -32.03 -42.97
N ASN F 389 -26.41 -32.78 -41.97
CA ASN F 389 -25.54 -33.61 -41.14
C ASN F 389 -24.43 -32.81 -40.43
N THR F 390 -24.75 -31.57 -40.08
CA THR F 390 -23.83 -30.76 -39.31
C THR F 390 -24.64 -29.90 -38.37
N MET F 391 -24.01 -29.51 -37.26
CA MET F 391 -24.60 -28.60 -36.31
C MET F 391 -23.46 -27.93 -35.59
N ALA F 392 -23.24 -26.65 -35.90
CA ALA F 392 -22.25 -25.86 -35.18
C ALA F 392 -23.03 -24.82 -34.39
N PHE F 393 -22.33 -24.05 -33.57
CA PHE F 393 -22.96 -22.96 -32.86
C PHE F 393 -21.91 -21.95 -32.45
N MET F 394 -22.40 -20.81 -31.97
CA MET F 394 -21.54 -19.80 -31.40
C MET F 394 -22.11 -19.25 -30.09
N PHE F 395 -21.24 -19.05 -29.12
CA PHE F 395 -21.53 -18.17 -27.99
C PHE F 395 -20.87 -16.84 -28.35
N GLU F 396 -21.66 -15.82 -28.64
CA GLU F 396 -21.10 -14.50 -28.92
C GLU F 396 -21.34 -13.60 -27.74
N THR F 397 -20.27 -12.99 -27.21
CA THR F 397 -20.40 -12.12 -26.04
C THR F 397 -19.94 -10.71 -26.35
N SER F 398 -20.52 -9.74 -25.66
CA SER F 398 -20.10 -8.36 -25.78
C SER F 398 -18.80 -8.06 -25.03
N GLN F 399 -18.62 -8.62 -23.85
CA GLN F 399 -17.36 -8.44 -23.12
C GLN F 399 -16.26 -9.36 -23.66
N VAL F 400 -15.02 -8.91 -23.59
CA VAL F 400 -13.88 -9.74 -24.02
C VAL F 400 -13.84 -11.09 -23.26
N LEU F 401 -13.56 -12.16 -24.00
CA LEU F 401 -13.42 -13.49 -23.38
C LEU F 401 -11.95 -13.77 -23.17
N ARG F 402 -11.53 -13.77 -21.90
CA ARG F 402 -10.14 -14.07 -21.54
C ARG F 402 -9.96 -15.58 -21.36
N PRO F 403 -9.11 -16.18 -22.21
CA PRO F 403 -8.82 -17.61 -22.15
C PRO F 403 -8.18 -17.97 -20.82
N SER F 404 -8.51 -19.12 -20.26
CA SER F 404 -7.90 -19.49 -18.98
C SER F 404 -6.46 -19.92 -19.19
N LEU F 405 -5.70 -19.97 -18.10
CA LEU F 405 -4.31 -20.40 -18.18
C LEU F 405 -4.29 -21.83 -18.70
N GLN F 406 -5.20 -22.64 -18.16
CA GLN F 406 -5.38 -24.03 -18.56
C GLN F 406 -5.58 -24.15 -20.05
N ALA F 407 -6.43 -23.30 -20.60
CA ALA F 407 -6.76 -23.32 -22.02
C ALA F 407 -5.56 -22.93 -22.90
N LEU F 408 -4.73 -22.00 -22.41
CA LEU F 408 -3.61 -21.55 -23.22
C LEU F 408 -2.45 -22.53 -23.18
N GLU F 409 -2.40 -23.32 -22.12
CA GLU F 409 -1.30 -24.26 -21.93
C GLU F 409 -1.62 -25.71 -22.32
N CYS F 410 -2.90 -26.03 -22.52
CA CYS F 410 -3.29 -27.41 -22.79
C CYS F 410 -2.79 -27.90 -24.16
N PRO F 411 -2.53 -29.21 -24.28
CA PRO F 411 -2.01 -29.82 -25.52
C PRO F 411 -2.94 -29.62 -26.72
N GLN F 412 -4.20 -29.34 -26.45
N GLN F 412 -4.20 -29.35 -26.45
CA GLN F 412 -5.24 -29.25 -27.47
CA GLN F 412 -5.20 -29.29 -27.52
C GLN F 412 -5.17 -27.98 -28.29
C GLN F 412 -5.25 -27.95 -28.24
N LEU F 413 -4.54 -26.95 -27.72
CA LEU F 413 -4.44 -25.67 -28.39
C LEU F 413 -3.56 -25.77 -29.62
N GLN F 414 -4.14 -25.43 -30.77
CA GLN F 414 -3.44 -25.49 -32.04
CA GLN F 414 -3.46 -25.47 -32.05
C GLN F 414 -2.43 -24.35 -32.17
N ALA F 415 -1.18 -24.71 -32.42
CA ALA F 415 -0.09 -23.72 -32.41
C ALA F 415 0.14 -22.98 -33.72
N ASP F 416 -0.52 -23.41 -34.79
CA ASP F 416 -0.25 -22.81 -36.09
C ASP F 416 -1.57 -22.47 -36.79
N TYR F 417 -2.56 -22.09 -35.98
CA TYR F 417 -3.92 -21.83 -36.47
C TYR F 417 -3.92 -20.68 -37.47
N ASP F 418 -2.97 -19.76 -37.29
CA ASP F 418 -2.88 -18.61 -38.17
C ASP F 418 -2.53 -19.02 -39.60
N SER F 419 -1.86 -20.17 -39.75
CA SER F 419 -1.46 -20.68 -41.06
C SER F 419 -2.65 -20.98 -41.98
N CYS F 420 -3.82 -21.22 -41.37
CA CYS F 420 -5.03 -21.51 -42.12
CA CYS F 420 -5.04 -21.51 -42.13
C CYS F 420 -5.32 -20.44 -43.17
N TRP F 421 -4.86 -19.22 -42.93
CA TRP F 421 -5.17 -18.11 -43.82
C TRP F 421 -3.97 -17.67 -44.65
N ALA F 422 -2.86 -18.37 -44.49
CA ALA F 422 -1.58 -17.94 -45.08
C ALA F 422 -1.56 -17.90 -46.61
N THR F 423 -2.35 -18.78 -47.24
CA THR F 423 -2.30 -18.98 -48.68
C THR F 423 -3.35 -18.18 -49.45
N LEU F 424 -4.06 -17.28 -48.77
CA LEU F 424 -4.96 -16.35 -49.44
C LEU F 424 -4.22 -15.47 -50.46
N PRO F 425 -4.70 -15.45 -51.72
CA PRO F 425 -4.02 -14.69 -52.77
C PRO F 425 -4.70 -13.36 -53.09
N SER F 426 -3.95 -12.42 -53.66
CA SER F 426 -4.59 -11.29 -54.32
C SER F 426 -5.21 -11.79 -55.60
N THR F 427 -6.41 -11.30 -55.90
CA THR F 427 -7.05 -11.58 -57.18
C THR F 427 -7.35 -10.24 -57.87
N PHE F 428 -6.79 -9.18 -57.30
CA PHE F 428 -7.04 -7.82 -57.79
C PHE F 428 -6.48 -7.57 -59.17
N ASN F 429 -7.33 -7.07 -60.07
CA ASN F 429 -6.91 -6.56 -61.36
C ASN F 429 -7.54 -5.19 -61.59
N PRO F 430 -6.72 -4.14 -61.52
CA PRO F 430 -7.24 -2.77 -61.63
C PRO F 430 -7.77 -2.48 -63.03
N ASN F 431 -7.38 -3.31 -63.99
CA ASN F 431 -7.66 -3.04 -65.39
C ASN F 431 -8.91 -3.72 -65.91
N ARG F 432 -9.52 -4.56 -65.08
CA ARG F 432 -10.73 -5.27 -65.44
C ARG F 432 -11.68 -5.38 -64.25
N ARG F 433 -12.78 -4.64 -64.32
CA ARG F 433 -13.81 -4.73 -63.30
C ARG F 433 -14.55 -6.07 -63.37
N ASP G 8 36.49 41.27 32.61
CA ASP G 8 35.52 41.27 33.69
C ASP G 8 35.18 39.85 34.19
N LEU G 9 34.92 38.93 33.26
CA LEU G 9 34.50 37.57 33.64
C LEU G 9 35.66 36.60 33.87
N HIS G 10 35.55 35.79 34.92
CA HIS G 10 36.60 34.82 35.26
C HIS G 10 36.22 33.42 34.79
N TYR G 11 37.23 32.62 34.47
CA TYR G 11 37.01 31.30 33.90
C TYR G 11 37.86 30.25 34.63
N LEU G 12 37.43 29.01 34.58
CA LEU G 12 38.25 27.90 35.04
C LEU G 12 38.74 27.20 33.79
N SER G 13 39.97 26.70 33.81
CA SER G 13 40.54 26.10 32.61
C SER G 13 40.72 24.59 32.73
N GLY G 14 40.57 23.90 31.61
CA GLY G 14 40.98 22.51 31.55
C GLY G 14 39.90 21.56 31.08
N PHE G 15 39.94 21.23 29.79
CA PHE G 15 38.96 20.34 29.20
C PHE G 15 38.80 19.05 29.98
N GLY G 16 37.57 18.77 30.37
CA GLY G 16 37.24 17.50 30.98
C GLY G 16 37.42 17.46 32.48
N ASN G 17 37.91 18.56 33.06
CA ASN G 17 38.16 18.63 34.50
C ASN G 17 36.95 18.38 35.40
N GLU G 18 37.22 17.92 36.62
CA GLU G 18 36.25 18.01 37.68
C GLU G 18 36.41 19.36 38.33
N PHE G 19 35.56 20.30 37.91
CA PHE G 19 35.60 21.67 38.35
C PHE G 19 34.79 21.81 39.63
N ALA G 20 35.05 22.88 40.38
CA ALA G 20 34.28 23.18 41.57
C ALA G 20 34.29 24.69 41.75
N SER G 21 33.10 25.31 41.75
CA SER G 21 32.97 26.76 41.89
C SER G 21 31.82 27.14 42.83
N GLU G 22 32.07 28.08 43.73
CA GLU G 22 31.02 28.60 44.61
C GLU G 22 30.98 30.14 44.58
N ALA G 23 29.76 30.69 44.47
CA ALA G 23 29.57 32.13 44.39
C ALA G 23 29.52 32.78 45.77
N LEU G 24 29.22 31.98 46.80
CA LEU G 24 29.38 32.41 48.19
C LEU G 24 30.32 31.45 48.92
N PRO G 25 31.06 31.95 49.93
CA PRO G 25 31.99 31.11 50.69
C PRO G 25 31.36 29.87 51.37
N GLY G 26 31.90 28.70 51.05
CA GLY G 26 31.47 27.46 51.66
C GLY G 26 30.17 26.88 51.14
N ALA G 27 29.61 27.49 50.09
CA ALA G 27 28.32 27.04 49.55
C ALA G 27 28.37 25.61 49.01
N LEU G 28 29.56 25.21 48.55
CA LEU G 28 29.81 23.83 48.16
C LEU G 28 29.88 22.92 49.40
N PRO G 29 29.12 21.81 49.40
CA PRO G 29 29.24 20.93 50.56
C PRO G 29 30.63 20.34 50.57
N VAL G 30 31.24 20.22 51.74
CA VAL G 30 32.56 19.62 51.87
C VAL G 30 32.44 18.15 52.27
N GLY G 31 33.03 17.27 51.47
CA GLY G 31 33.11 15.87 51.82
C GLY G 31 31.95 14.97 51.39
N GLN G 32 30.90 15.57 50.86
CA GLN G 32 29.73 14.81 50.44
C GLN G 32 28.95 15.61 49.39
N ASN G 33 28.02 14.97 48.69
CA ASN G 33 27.25 15.66 47.65
C ASN G 33 25.86 16.06 48.11
N SER G 34 25.31 15.28 49.03
CA SER G 34 23.93 15.43 49.45
C SER G 34 23.82 15.56 50.97
N PRO G 35 24.20 16.72 51.53
CA PRO G 35 24.01 16.97 52.96
C PRO G 35 22.51 17.04 53.32
N GLN G 36 22.17 16.85 54.60
CA GLN G 36 20.78 17.01 55.02
C GLN G 36 20.45 18.50 55.07
N LYS G 37 21.32 19.26 55.73
CA LYS G 37 21.20 20.72 55.72
C LYS G 37 22.28 21.34 54.82
N ALA G 38 21.93 21.58 53.56
CA ALA G 38 22.86 22.14 52.59
C ALA G 38 23.23 23.57 52.93
N PRO G 39 24.52 23.91 52.76
CA PRO G 39 25.01 25.26 53.08
C PRO G 39 24.11 26.32 52.45
N TYR G 40 23.66 27.28 53.28
CA TYR G 40 22.84 28.41 52.85
C TYR G 40 21.38 28.07 52.57
N GLY G 41 20.97 26.84 52.83
CA GLY G 41 19.59 26.42 52.60
C GLY G 41 19.30 26.12 51.15
N LEU G 42 20.36 25.82 50.40
CA LEU G 42 20.25 25.52 48.98
C LEU G 42 19.74 24.10 48.72
N TYR G 43 19.31 23.84 47.48
CA TYR G 43 18.88 22.52 47.08
C TYR G 43 19.94 21.79 46.26
N ALA G 44 20.27 20.57 46.65
CA ALA G 44 21.15 19.71 45.85
C ALA G 44 20.40 19.18 44.62
N GLU G 45 21.02 19.30 43.44
CA GLU G 45 20.40 18.78 42.21
C GLU G 45 21.42 18.18 41.23
N LEU G 46 21.19 16.95 40.80
CA LEU G 46 22.16 16.25 39.97
C LEU G 46 21.84 16.33 38.49
N LEU G 47 22.70 16.97 37.69
CA LEU G 47 22.57 16.95 36.23
C LEU G 47 23.47 15.88 35.62
N SER G 48 22.85 14.82 35.11
CA SER G 48 23.53 13.70 34.51
C SER G 48 23.50 13.82 33.00
N GLY G 49 24.61 14.21 32.39
CA GLY G 49 24.68 14.28 30.94
C GLY G 49 24.94 12.96 30.24
N THR G 50 25.23 11.91 31.01
CA THR G 50 25.48 10.59 30.45
C THR G 50 24.86 9.53 31.34
N ALA G 51 24.74 8.30 30.83
CA ALA G 51 24.44 7.15 31.65
C ALA G 51 25.32 7.13 32.91
N PHE G 52 24.77 6.62 34.01
CA PHE G 52 25.51 6.55 35.26
C PHE G 52 26.74 5.67 35.08
N THR G 53 26.63 4.70 34.18
CA THR G 53 27.65 3.64 34.08
C THR G 53 28.71 3.83 33.00
N MET G 54 28.83 5.02 32.44
CA MET G 54 29.89 5.24 31.47
C MET G 54 31.24 5.05 32.14
N ALA G 55 32.25 4.71 31.36
CA ALA G 55 33.61 4.75 31.86
C ALA G 55 33.83 6.19 32.32
N ARG G 56 34.61 6.36 33.37
CA ARG G 56 34.86 7.70 33.93
C ARG G 56 35.31 8.74 32.92
N SER G 57 36.22 8.34 32.03
CA SER G 57 36.68 9.22 30.96
C SER G 57 35.54 9.78 30.11
N GLU G 58 34.41 9.08 30.08
CA GLU G 58 33.29 9.56 29.27
C GLU G 58 32.17 10.12 30.13
N LEU G 59 32.38 10.12 31.43
CA LEU G 59 31.35 10.56 32.35
C LEU G 59 31.20 12.08 32.26
N ARG G 60 29.96 12.54 32.22
CA ARG G 60 29.64 13.97 32.31
C ARG G 60 28.45 14.18 33.27
N ARG G 61 28.73 14.64 34.49
CA ARG G 61 27.69 14.93 35.47
C ARG G 61 28.10 16.08 36.40
N THR G 62 27.14 16.91 36.78
CA THR G 62 27.42 18.10 37.57
C THR G 62 26.45 18.24 38.73
N TRP G 63 27.02 18.43 39.92
CA TRP G 63 26.21 18.67 41.10
C TRP G 63 25.91 20.15 41.24
N LEU G 64 24.62 20.47 41.35
CA LEU G 64 24.14 21.85 41.43
C LEU G 64 23.64 22.17 42.84
N TYR G 65 23.92 23.37 43.32
CA TYR G 65 23.40 23.81 44.60
C TYR G 65 22.69 25.14 44.44
N ARG G 66 21.36 25.08 44.38
CA ARG G 66 20.54 26.15 43.80
C ARG G 66 19.36 26.54 44.70
N ILE G 67 18.86 27.76 44.48
CA ILE G 67 17.82 28.35 45.32
C ILE G 67 16.48 27.62 45.25
N ARG G 68 16.05 27.31 44.04
CA ARG G 68 14.87 26.49 43.83
C ARG G 68 15.19 25.33 42.89
N PRO G 69 14.54 24.18 43.09
CA PRO G 69 14.81 23.07 42.17
C PRO G 69 14.19 23.29 40.80
N SER G 70 14.83 22.76 39.77
CA SER G 70 14.28 22.78 38.41
C SER G 70 12.91 22.11 38.36
N ALA G 71 12.65 21.18 39.28
CA ALA G 71 11.38 20.45 39.28
C ALA G 71 10.19 21.39 39.52
N LEU G 72 10.45 22.55 40.11
CA LEU G 72 9.40 23.54 40.36
C LEU G 72 9.03 24.28 39.08
N HIS G 73 8.12 23.69 38.31
CA HIS G 73 7.62 24.31 37.10
C HIS G 73 6.26 23.74 36.73
N PRO G 74 5.42 24.57 36.10
CA PRO G 74 4.13 24.11 35.62
C PRO G 74 4.26 23.43 34.26
N ARG G 75 3.19 22.77 33.83
CA ARG G 75 3.14 22.08 32.55
C ARG G 75 3.70 22.92 31.41
N PHE G 76 4.49 22.28 30.55
CA PHE G 76 4.96 22.91 29.32
C PHE G 76 3.85 22.87 28.28
N GLU G 77 3.74 23.95 27.52
CA GLU G 77 2.76 24.04 26.47
C GLU G 77 3.49 24.31 25.17
N ARG G 78 2.96 23.80 24.06
CA ARG G 78 3.63 23.91 22.76
C ARG G 78 3.40 25.30 22.17
N LEU G 79 4.48 25.99 21.80
CA LEU G 79 4.38 27.34 21.26
C LEU G 79 3.82 27.33 19.84
N ALA G 80 3.24 28.46 19.45
CA ALA G 80 2.72 28.62 18.10
C ALA G 80 3.86 28.82 17.12
N ARG G 81 4.82 29.66 17.52
CA ARG G 81 6.01 29.92 16.72
C ARG G 81 6.93 28.70 16.80
N GLN G 82 7.14 28.06 15.66
CA GLN G 82 7.97 26.86 15.56
C GLN G 82 9.00 27.05 14.47
N PRO G 83 10.19 27.55 14.83
CA PRO G 83 11.19 27.91 13.82
C PRO G 83 11.74 26.69 13.10
N LEU G 84 11.58 25.49 13.67
CA LEU G 84 12.33 24.32 13.22
C LEU G 84 11.41 23.24 12.67
N GLY G 85 10.15 23.59 12.40
CA GLY G 85 9.15 22.64 11.96
C GLY G 85 8.95 22.51 10.46
N GLY G 86 9.76 23.21 9.67
CA GLY G 86 9.73 23.03 8.23
C GLY G 86 10.10 21.61 7.86
N PRO G 87 9.57 21.12 6.73
CA PRO G 87 9.84 19.75 6.28
C PRO G 87 11.26 19.56 5.75
N LEU G 88 11.62 18.32 5.46
CA LEU G 88 12.88 18.02 4.80
C LEU G 88 12.84 18.55 3.38
N GLY G 89 14.00 18.82 2.80
CA GLY G 89 14.06 19.09 1.38
C GLY G 89 13.95 17.78 0.63
N GLY G 90 13.73 17.88 -0.68
CA GLY G 90 13.69 16.70 -1.50
C GLY G 90 15.07 16.07 -1.58
N ILE G 91 15.10 14.81 -2.03
CA ILE G 91 16.36 14.16 -2.30
C ILE G 91 17.15 14.88 -3.39
N ASN G 92 18.39 15.25 -3.08
CA ASN G 92 19.23 16.00 -4.02
C ASN G 92 20.72 15.74 -3.79
N PRO G 93 21.38 15.05 -4.74
CA PRO G 93 22.79 14.66 -4.56
C PRO G 93 23.78 15.73 -5.03
N ASN G 94 23.28 16.84 -5.53
CA ASN G 94 24.18 17.86 -6.06
C ASN G 94 25.04 18.56 -5.02
N ARG G 95 26.15 19.12 -5.49
CA ARG G 95 26.98 20.01 -4.70
C ARG G 95 26.19 21.28 -4.46
N LEU G 96 26.21 21.77 -3.22
CA LEU G 96 25.45 22.97 -2.88
C LEU G 96 26.35 24.05 -2.28
N ARG G 97 26.06 25.31 -2.61
CA ARG G 97 26.72 26.45 -1.96
C ARG G 97 25.71 27.58 -1.75
N TRP G 98 25.69 28.12 -0.54
CA TRP G 98 24.80 29.23 -0.18
C TRP G 98 25.60 30.49 0.10
N SER G 99 25.08 31.62 -0.33
CA SER G 99 25.63 32.89 0.08
C SER G 99 25.25 33.12 1.54
N PRO G 100 25.83 34.13 2.20
CA PRO G 100 25.46 34.50 3.57
C PRO G 100 23.96 34.67 3.80
N GLN G 101 23.46 34.29 4.97
CA GLN G 101 22.04 34.41 5.31
C GLN G 101 21.76 35.78 5.93
N PRO G 102 20.85 36.55 5.32
CA PRO G 102 20.51 37.87 5.89
C PRO G 102 19.76 37.76 7.20
N ILE G 103 19.90 38.77 8.06
CA ILE G 103 19.17 38.84 9.32
C ILE G 103 17.73 39.28 9.03
N PRO G 104 16.75 38.60 9.64
CA PRO G 104 15.33 38.89 9.39
C PRO G 104 14.85 40.18 10.04
N ALA G 105 13.89 40.86 9.41
CA ALA G 105 13.36 42.11 9.93
C ALA G 105 12.52 41.91 11.19
N GLU G 106 11.72 40.84 11.20
CA GLU G 106 10.88 40.56 12.36
C GLU G 106 11.73 40.32 13.60
N PRO G 107 11.22 40.74 14.76
CA PRO G 107 11.89 40.48 16.04
C PRO G 107 12.22 39.00 16.17
N THR G 108 13.51 38.69 16.30
CA THR G 108 13.96 37.31 16.33
C THR G 108 15.12 37.13 17.32
N ASP G 109 14.92 36.31 18.34
CA ASP G 109 15.98 36.09 19.31
C ASP G 109 16.86 34.91 18.87
N PHE G 110 17.81 34.54 19.72
CA PHE G 110 18.79 33.52 19.35
C PHE G 110 18.15 32.18 18.98
N ILE G 111 17.25 31.70 19.83
CA ILE G 111 16.58 30.43 19.59
C ILE G 111 15.52 30.54 18.49
N GLU G 112 14.98 31.73 18.29
CA GLU G 112 14.03 31.94 17.21
C GLU G 112 14.71 32.02 15.84
N GLY G 113 16.02 32.24 15.85
CA GLY G 113 16.74 32.57 14.63
C GLY G 113 17.47 31.46 13.91
N TRP G 114 17.32 30.23 14.40
CA TRP G 114 17.98 29.08 13.77
C TRP G 114 17.36 28.76 12.40
N LEU G 115 18.13 28.91 11.33
CA LEU G 115 17.70 28.45 10.01
C LEU G 115 18.29 27.08 9.78
N PRO G 116 17.43 26.05 9.69
CA PRO G 116 17.93 24.70 9.39
C PRO G 116 18.56 24.64 8.01
N MET G 117 19.84 24.25 7.95
CA MET G 117 20.53 24.06 6.69
C MET G 117 20.44 22.60 6.21
N ALA G 118 21.01 21.70 7.01
CA ALA G 118 20.98 20.27 6.71
C ALA G 118 21.09 19.48 8.00
N ALA G 119 20.58 18.25 8.00
CA ALA G 119 20.59 17.40 9.19
C ALA G 119 20.56 15.93 8.81
N ASN G 120 21.09 15.08 9.68
CA ASN G 120 21.09 13.66 9.40
C ASN G 120 19.70 13.07 9.45
N ALA G 121 18.86 13.59 10.33
CA ALA G 121 17.50 13.10 10.46
C ALA G 121 16.48 14.24 10.56
N GLY G 122 15.20 13.89 10.42
CA GLY G 122 14.11 14.82 10.63
C GLY G 122 14.16 15.39 12.03
N ALA G 123 13.57 16.56 12.22
CA ALA G 123 13.64 17.26 13.50
C ALA G 123 12.92 16.52 14.61
N GLU G 124 11.88 15.78 14.25
CA GLU G 124 11.07 15.02 15.22
C GLU G 124 11.78 13.77 15.74
N LYS G 125 12.75 13.27 14.98
CA LYS G 125 13.48 12.05 15.33
C LYS G 125 14.97 12.31 15.34
N PRO G 126 15.46 13.12 16.30
CA PRO G 126 16.87 13.55 16.26
C PRO G 126 17.86 12.38 16.30
N ALA G 127 18.95 12.53 15.57
CA ALA G 127 20.02 11.53 15.51
C ALA G 127 21.19 12.14 14.78
N GLY G 128 22.41 11.73 15.12
CA GLY G 128 23.57 12.24 14.42
C GLY G 128 23.75 13.72 14.71
N VAL G 129 23.73 14.53 13.66
CA VAL G 129 23.91 15.98 13.80
C VAL G 129 22.84 16.75 13.03
N SER G 130 22.45 17.91 13.54
CA SER G 130 21.63 18.85 12.77
C SER G 130 22.39 20.17 12.63
N ILE G 131 22.40 20.73 11.43
CA ILE G 131 23.15 21.97 11.23
C ILE G 131 22.22 23.13 10.94
N TYR G 132 22.45 24.24 11.63
CA TYR G 132 21.69 25.48 11.43
C TYR G 132 22.65 26.64 11.19
N ILE G 133 22.10 27.73 10.65
CA ILE G 133 22.74 29.03 10.67
C ILE G 133 21.84 29.93 11.50
N TYR G 134 22.36 30.50 12.60
CA TYR G 134 21.54 31.38 13.42
C TYR G 134 21.66 32.84 13.01
N ARG G 135 20.54 33.55 13.14
CA ARG G 135 20.40 34.97 12.78
C ARG G 135 19.50 35.59 13.83
N ALA G 136 20.04 36.45 14.67
CA ALA G 136 19.23 37.08 15.70
C ALA G 136 19.39 38.59 15.66
N ASN G 137 18.38 39.30 16.15
CA ASN G 137 18.42 40.75 16.25
C ASN G 137 17.83 41.27 17.56
N ARG G 138 17.69 40.38 18.54
CA ARG G 138 17.20 40.75 19.86
C ARG G 138 17.80 39.85 20.93
N SER G 139 18.04 40.40 22.12
CA SER G 139 18.49 39.61 23.26
C SER G 139 17.35 38.77 23.83
N MET G 140 17.66 37.53 24.21
CA MET G 140 16.66 36.66 24.85
C MET G 140 16.25 37.20 26.21
N GLU G 141 14.95 37.46 26.37
CA GLU G 141 14.42 37.76 27.68
C GLU G 141 13.59 36.55 28.13
N ARG G 142 14.20 35.37 27.96
CA ARG G 142 13.67 34.10 28.43
C ARG G 142 14.82 33.11 28.53
N VAL G 143 14.66 32.04 29.30
CA VAL G 143 15.68 31.01 29.43
C VAL G 143 15.26 29.76 28.65
N PHE G 144 16.24 29.07 28.06
CA PHE G 144 15.99 27.97 27.16
C PHE G 144 16.85 26.76 27.53
N PHE G 145 16.37 25.55 27.24
CA PHE G 145 17.27 24.40 27.20
C PHE G 145 16.98 23.47 26.02
N ASN G 146 18.01 22.84 25.49
CA ASN G 146 17.83 21.93 24.37
C ASN G 146 17.87 20.49 24.86
N ALA G 147 16.71 19.83 24.86
CA ALA G 147 16.63 18.43 25.28
C ALA G 147 17.17 17.48 24.21
N ASP G 148 17.30 17.98 22.99
CA ASP G 148 17.65 17.15 21.83
C ASP G 148 19.15 16.96 21.62
N GLY G 149 19.97 17.69 22.36
CA GLY G 149 21.41 17.56 22.17
C GLY G 149 22.30 18.67 22.67
N GLU G 150 23.60 18.42 22.51
CA GLU G 150 24.66 19.37 22.80
C GLU G 150 24.75 20.39 21.68
N LEU G 151 25.08 21.63 22.03
CA LEU G 151 25.16 22.70 21.04
C LEU G 151 26.57 23.26 20.86
N LEU G 152 27.11 23.12 19.65
CA LEU G 152 28.35 23.79 19.26
C LEU G 152 28.01 25.07 18.50
N LEU G 153 28.38 26.20 19.11
CA LEU G 153 28.19 27.52 18.49
C LEU G 153 29.47 28.05 17.86
N VAL G 154 29.38 28.48 16.60
CA VAL G 154 30.50 29.05 15.86
C VAL G 154 30.11 30.45 15.36
N PRO G 155 30.28 31.47 16.22
CA PRO G 155 29.87 32.83 15.90
C PRO G 155 30.62 33.36 14.68
N GLU G 156 29.90 34.04 13.78
CA GLU G 156 30.51 34.60 12.60
C GLU G 156 30.41 36.14 12.58
N GLN G 157 29.30 36.66 13.10
CA GLN G 157 29.11 38.10 13.25
C GLN G 157 28.42 38.42 14.57
N GLY G 158 29.05 39.27 15.40
CA GLY G 158 28.43 39.67 16.65
C GLY G 158 28.89 38.87 17.86
N ARG G 159 29.08 39.57 18.97
CA ARG G 159 29.57 38.95 20.18
C ARG G 159 28.40 38.47 21.05
N LEU G 160 28.56 37.30 21.64
CA LEU G 160 27.52 36.77 22.53
C LEU G 160 27.95 36.83 23.97
N ARG G 161 27.02 37.24 24.83
CA ARG G 161 27.13 36.98 26.25
C ARG G 161 26.12 35.89 26.58
N ILE G 162 26.63 34.72 26.97
CA ILE G 162 25.79 33.54 27.22
C ILE G 162 25.70 33.24 28.72
N ALA G 163 24.59 33.62 29.34
CA ALA G 163 24.38 33.31 30.74
C ALA G 163 23.78 31.91 30.87
N THR G 164 24.52 31.01 31.52
CA THR G 164 24.11 29.62 31.70
C THR G 164 23.91 29.36 33.18
N GLU G 165 23.47 28.14 33.54
CA GLU G 165 23.31 27.76 34.94
C GLU G 165 24.62 27.78 35.75
N LEU G 166 25.74 27.39 35.13
CA LEU G 166 27.02 27.35 35.84
C LEU G 166 27.77 28.68 35.86
N GLY G 167 27.26 29.67 35.14
CA GLY G 167 27.89 30.97 35.09
C GLY G 167 27.78 31.60 33.73
N VAL G 168 28.41 32.77 33.56
CA VAL G 168 28.28 33.54 32.33
C VAL G 168 29.52 33.41 31.44
N MET G 169 29.32 33.32 30.14
CA MET G 169 30.47 33.30 29.24
C MET G 169 30.29 34.15 27.98
N GLU G 170 31.36 34.87 27.60
CA GLU G 170 31.33 35.76 26.44
C GLU G 170 32.08 35.18 25.26
N VAL G 171 31.43 35.13 24.09
CA VAL G 171 32.04 34.57 22.89
C VAL G 171 32.00 35.52 21.70
N GLU G 172 33.11 35.60 20.97
CA GLU G 172 33.16 36.37 19.74
C GLU G 172 33.60 35.47 18.58
N PRO G 173 33.42 35.93 17.33
CA PRO G 173 33.95 35.16 16.19
C PRO G 173 35.43 34.86 16.37
N LEU G 174 35.86 33.71 15.86
CA LEU G 174 37.17 33.08 16.12
C LEU G 174 37.16 32.33 17.45
N GLU G 175 36.06 32.41 18.17
CA GLU G 175 35.88 31.56 19.35
C GLU G 175 34.74 30.58 19.13
N ILE G 176 34.78 29.44 19.80
CA ILE G 176 33.62 28.55 19.80
C ILE G 176 33.10 28.45 21.22
N ALA G 177 31.85 27.98 21.35
CA ALA G 177 31.25 27.71 22.65
C ALA G 177 30.37 26.47 22.57
N VAL G 178 30.35 25.69 23.64
CA VAL G 178 29.60 24.44 23.70
C VAL G 178 28.68 24.43 24.91
N ILE G 179 27.40 24.15 24.67
CA ILE G 179 26.44 24.03 25.77
C ILE G 179 25.88 22.62 25.87
N PRO G 180 26.11 21.97 27.03
CA PRO G 180 25.66 20.59 27.23
C PRO G 180 24.15 20.48 27.10
N ARG G 181 23.70 19.32 26.64
CA ARG G 181 22.28 19.04 26.53
C ARG G 181 21.57 19.29 27.87
N GLY G 182 20.40 19.90 27.81
CA GLY G 182 19.55 20.07 28.97
C GLY G 182 19.95 21.22 29.87
N MET G 183 21.11 21.80 29.63
CA MET G 183 21.55 22.91 30.45
C MET G 183 20.85 24.20 30.04
N LYS G 184 20.32 24.92 31.03
CA LYS G 184 19.59 26.16 30.79
C LYS G 184 20.49 27.38 30.61
N PHE G 185 20.18 28.19 29.60
CA PHE G 185 20.98 29.37 29.30
C PHE G 185 20.16 30.48 28.64
N ARG G 186 20.78 31.66 28.54
CA ARG G 186 20.16 32.85 28.00
C ARG G 186 21.18 33.61 27.18
N VAL G 187 20.81 33.94 25.95
CA VAL G 187 21.72 34.58 25.01
C VAL G 187 21.38 36.06 24.82
N GLU G 188 22.22 36.91 25.42
CA GLU G 188 22.18 38.36 25.23
C GLU G 188 23.08 38.72 24.05
N LEU G 189 22.62 39.62 23.21
CA LEU G 189 23.37 40.03 22.03
C LEU G 189 24.18 41.31 22.29
N LEU G 190 25.50 41.17 22.33
CA LEU G 190 26.38 42.29 22.65
C LEU G 190 26.39 43.41 21.60
N ASP G 191 26.21 43.04 20.32
CA ASP G 191 26.29 44.00 19.21
C ASP G 191 24.93 44.31 18.58
N GLY G 192 23.85 43.95 19.25
CA GLY G 192 22.52 44.26 18.75
C GLY G 192 21.95 43.22 17.80
N GLN G 193 22.84 42.59 17.05
CA GLN G 193 22.48 41.43 16.24
C GLN G 193 23.64 40.44 16.20
N ALA G 194 23.35 39.20 15.80
CA ALA G 194 24.37 38.16 15.69
C ALA G 194 24.05 37.18 14.57
N ARG G 195 25.09 36.66 13.94
CA ARG G 195 24.95 35.60 12.95
C ARG G 195 26.05 34.57 13.19
N GLY G 196 25.76 33.31 12.92
CA GLY G 196 26.75 32.25 13.05
C GLY G 196 26.22 30.86 12.76
N TYR G 197 27.05 29.87 13.04
CA TYR G 197 26.73 28.50 12.72
C TYR G 197 26.48 27.74 14.01
N ILE G 198 25.67 26.70 13.90
CA ILE G 198 25.43 25.78 15.00
C ILE G 198 25.60 24.35 14.54
N ALA G 199 26.39 23.59 15.26
CA ALA G 199 26.35 22.14 15.14
C ALA G 199 25.61 21.59 16.36
N GLU G 200 24.40 21.07 16.13
CA GLU G 200 23.64 20.41 17.19
C GLU G 200 23.95 18.91 17.20
N ASN G 201 24.63 18.46 18.24
CA ASN G 201 25.10 17.08 18.33
C ASN G 201 24.13 16.21 19.15
N HIS G 202 23.38 15.33 18.48
CA HIS G 202 22.46 14.42 19.17
C HIS G 202 23.12 13.14 19.69
N GLY G 203 24.43 13.02 19.47
CA GLY G 203 25.16 11.81 19.83
C GLY G 203 26.13 11.94 20.97
N ALA G 204 27.17 11.09 21.00
CA ALA G 204 28.16 11.12 22.06
C ALA G 204 28.76 12.54 22.11
N PRO G 205 28.98 13.04 23.32
CA PRO G 205 29.45 14.43 23.43
C PRO G 205 30.76 14.67 22.68
N LEU G 206 30.92 15.90 22.19
CA LEU G 206 32.18 16.33 21.61
C LEU G 206 33.32 16.22 22.61
N ARG G 207 34.46 15.71 22.18
CA ARG G 207 35.64 15.77 23.04
C ARG G 207 36.90 15.93 22.19
N LEU G 208 38.07 15.94 22.83
CA LEU G 208 39.34 16.15 22.13
C LEU G 208 39.71 14.90 21.34
N PRO G 209 40.20 15.06 20.09
CA PRO G 209 40.52 13.86 19.32
C PRO G 209 41.66 13.05 19.94
N ASP G 210 41.67 11.74 19.67
N ASP G 210 41.66 11.74 19.69
CA ASP G 210 42.82 10.91 19.96
CA ASP G 210 42.82 10.93 20.01
C ASP G 210 43.96 11.53 19.15
C ASP G 210 43.95 11.50 19.17
N LEU G 211 45.10 11.79 19.79
CA LEU G 211 46.18 12.51 19.11
C LEU G 211 47.14 11.66 18.28
N GLY G 212 47.05 10.34 18.42
CA GLY G 212 47.97 9.44 17.73
C GLY G 212 49.42 9.77 17.99
N PRO G 213 50.23 9.81 16.92
CA PRO G 213 51.67 10.11 16.94
C PRO G 213 51.94 11.52 17.43
N ILE G 214 51.00 12.44 17.19
CA ILE G 214 51.12 13.81 17.73
C ILE G 214 51.37 13.75 19.25
N GLY G 215 50.81 12.75 19.94
CA GLY G 215 51.26 12.49 21.31
C GLY G 215 50.47 13.01 22.50
N SER G 216 51.08 13.91 23.27
CA SER G 216 50.53 14.35 24.55
C SER G 216 50.25 15.84 24.56
N ASN G 217 50.67 16.50 23.50
CA ASN G 217 50.45 17.92 23.37
C ASN G 217 50.08 18.26 21.96
N GLY G 218 49.41 19.39 21.77
CA GLY G 218 49.20 19.90 20.43
C GLY G 218 47.74 19.97 20.02
N LEU G 219 47.51 20.34 18.76
CA LEU G 219 46.17 20.59 18.25
C LEU G 219 45.46 21.59 19.16
N ALA G 220 44.43 21.14 19.86
CA ALA G 220 43.80 22.00 20.87
C ALA G 220 44.21 21.55 22.25
N ASN G 221 45.02 22.38 22.92
CA ASN G 221 45.50 22.06 24.25
C ASN G 221 44.40 22.27 25.28
N PRO G 222 44.27 21.33 26.22
CA PRO G 222 43.12 21.27 27.14
C PRO G 222 43.08 22.50 28.04
N ARG G 223 44.26 23.02 28.38
CA ARG G 223 44.40 24.26 29.14
C ARG G 223 43.63 25.46 28.57
N ASP G 224 43.29 25.42 27.29
CA ASP G 224 42.68 26.56 26.60
C ASP G 224 41.16 26.51 26.53
N PHE G 225 40.57 25.49 27.12
CA PHE G 225 39.12 25.36 27.17
C PHE G 225 38.62 25.91 28.49
N LEU G 226 37.77 26.92 28.40
CA LEU G 226 37.45 27.75 29.56
C LEU G 226 36.00 27.65 29.96
N THR G 227 35.78 27.45 31.25
CA THR G 227 34.44 27.29 31.79
C THR G 227 34.16 28.45 32.77
N PRO G 228 32.94 29.03 32.72
CA PRO G 228 32.57 30.14 33.64
C PRO G 228 32.55 29.76 35.11
N VAL G 229 32.80 30.75 35.95
CA VAL G 229 32.65 30.59 37.39
C VAL G 229 31.17 30.69 37.75
N ALA G 230 30.80 30.19 38.93
CA ALA G 230 29.40 30.21 39.36
C ALA G 230 28.83 31.64 39.41
N HIS G 231 27.61 31.79 38.89
CA HIS G 231 26.90 33.05 38.96
C HIS G 231 25.40 32.80 39.07
N TYR G 232 24.76 33.43 40.06
CA TYR G 232 23.32 33.25 40.23
C TYR G 232 22.53 34.56 40.22
N GLU G 233 21.28 34.47 39.80
CA GLU G 233 20.37 35.60 39.79
C GLU G 233 19.24 35.38 40.79
N GLU G 234 18.76 36.45 41.39
CA GLU G 234 17.66 36.37 42.35
C GLU G 234 16.50 37.22 41.88
N ALA G 235 16.41 37.42 40.57
CA ALA G 235 15.29 38.13 39.98
C ALA G 235 13.98 37.45 40.36
N GLU G 236 13.00 38.25 40.77
CA GLU G 236 11.71 37.71 41.16
C GLU G 236 10.63 38.24 40.24
N GLY G 237 9.88 37.33 39.64
CA GLY G 237 8.86 37.70 38.66
C GLY G 237 8.77 36.70 37.53
N PRO G 238 7.82 36.90 36.61
CA PRO G 238 7.61 35.96 35.51
C PRO G 238 8.83 35.81 34.61
N VAL G 239 9.23 34.57 34.37
CA VAL G 239 10.27 34.26 33.41
C VAL G 239 9.78 33.10 32.59
N GLN G 240 9.81 33.22 31.26
CA GLN G 240 9.46 32.12 30.38
C GLN G 240 10.62 31.14 30.22
N LEU G 241 10.32 29.88 30.45
CA LEU G 241 11.29 28.81 30.27
C LEU G 241 10.90 28.02 29.04
N VAL G 242 11.81 27.91 28.09
CA VAL G 242 11.54 27.21 26.83
C VAL G 242 12.49 26.01 26.68
N GLN G 243 11.99 24.93 26.10
CA GLN G 243 12.85 23.80 25.76
C GLN G 243 12.57 23.33 24.35
N LYS G 244 13.62 22.91 23.67
CA LYS G 244 13.48 22.28 22.37
C LYS G 244 13.40 20.79 22.64
N PHE G 245 12.33 20.16 22.17
CA PHE G 245 12.14 18.73 22.36
C PHE G 245 11.58 18.12 21.10
N LEU G 246 12.32 17.17 20.55
CA LEU G 246 11.99 16.55 19.27
C LEU G 246 11.73 17.60 18.18
N GLY G 247 12.54 18.67 18.17
CA GLY G 247 12.44 19.71 17.16
C GLY G 247 11.47 20.84 17.47
N GLU G 248 10.58 20.63 18.45
CA GLU G 248 9.51 21.59 18.80
C GLU G 248 9.85 22.43 20.02
N HIS G 249 9.43 23.69 19.98
CA HIS G 249 9.58 24.61 21.11
C HIS G 249 8.37 24.46 22.03
N TRP G 250 8.65 24.17 23.30
CA TRP G 250 7.62 24.00 24.33
C TRP G 250 7.99 24.90 25.51
N ALA G 251 6.99 25.51 26.15
CA ALA G 251 7.28 26.54 27.17
C ALA G 251 6.37 26.52 28.39
N CYS G 252 6.91 26.97 29.52
CA CYS G 252 6.15 27.22 30.74
C CYS G 252 6.51 28.59 31.30
N GLU G 253 5.82 29.00 32.37
CA GLU G 253 6.13 30.27 33.01
C GLU G 253 6.53 30.05 34.47
N LEU G 254 7.65 30.66 34.87
CA LEU G 254 8.18 30.53 36.23
C LEU G 254 8.03 31.85 36.98
N GLN G 255 8.06 31.78 38.31
CA GLN G 255 8.01 32.99 39.12
C GLN G 255 9.38 33.24 39.75
N HIS G 256 10.41 32.76 39.06
CA HIS G 256 11.77 32.88 39.55
C HIS G 256 12.72 32.62 38.38
N SER G 257 13.91 33.21 38.45
CA SER G 257 14.94 32.90 37.46
C SER G 257 15.41 31.48 37.70
N PRO G 258 15.41 30.67 36.65
CA PRO G 258 15.98 29.32 36.72
C PRO G 258 17.51 29.37 36.77
N LEU G 259 18.08 30.56 36.60
CA LEU G 259 19.53 30.73 36.72
C LEU G 259 19.94 31.05 38.16
N ASP G 260 19.59 30.15 39.07
CA ASP G 260 19.75 30.37 40.52
C ASP G 260 20.77 29.45 41.19
N VAL G 261 21.80 29.05 40.46
CA VAL G 261 22.76 28.08 40.98
C VAL G 261 23.91 28.79 41.68
N VAL G 262 23.98 28.66 42.99
CA VAL G 262 24.91 29.42 43.81
C VAL G 262 26.28 28.78 43.84
N ALA G 263 26.31 27.45 43.78
CA ALA G 263 27.56 26.73 43.69
C ALA G 263 27.37 25.42 42.91
N TRP G 264 28.43 24.94 42.28
CA TRP G 264 28.33 23.67 41.56
C TRP G 264 29.71 22.99 41.53
N HIS G 265 29.74 21.73 41.11
CA HIS G 265 31.00 21.03 40.89
C HIS G 265 30.78 19.85 39.95
N GLY G 266 31.78 19.53 39.15
CA GLY G 266 31.70 18.36 38.28
C GLY G 266 32.18 18.59 36.86
N SER G 267 31.74 17.74 35.95
CA SER G 267 32.31 17.70 34.61
C SER G 267 31.36 18.06 33.46
N ASN G 268 30.07 18.23 33.77
CA ASN G 268 29.10 18.54 32.70
C ASN G 268 28.91 20.05 32.59
N VAL G 269 29.78 20.69 31.82
CA VAL G 269 29.91 22.14 31.90
C VAL G 269 29.87 22.82 30.54
N PRO G 270 29.46 24.10 30.51
CA PRO G 270 29.59 24.78 29.22
C PRO G 270 31.03 25.20 29.12
N TYR G 271 31.55 25.40 27.92
CA TYR G 271 32.91 25.86 27.78
C TYR G 271 33.09 26.69 26.53
N LYS G 272 34.16 27.48 26.52
CA LYS G 272 34.55 28.19 25.32
C LYS G 272 36.00 27.91 24.96
N TYR G 273 36.34 28.17 23.70
CA TYR G 273 37.69 27.97 23.18
C TYR G 273 38.00 28.98 22.06
N ASP G 274 39.21 29.53 22.11
CA ASP G 274 39.69 30.53 21.16
C ASP G 274 40.46 29.80 20.07
N LEU G 275 39.90 29.74 18.86
CA LEU G 275 40.55 29.04 17.77
C LEU G 275 41.96 29.56 17.47
N ARG G 276 42.20 30.82 17.82
CA ARG G 276 43.51 31.43 17.62
C ARG G 276 44.59 30.72 18.42
N ARG G 277 44.18 29.95 19.42
CA ARG G 277 45.14 29.20 20.24
C ARG G 277 45.42 27.79 19.75
N PHE G 278 44.78 27.39 18.65
CA PHE G 278 45.03 26.09 18.05
C PHE G 278 46.52 25.88 17.70
N ASN G 279 47.08 24.79 18.20
CA ASN G 279 48.47 24.44 17.92
C ASN G 279 48.46 23.66 16.62
N THR G 280 48.42 24.40 15.51
CA THR G 280 48.22 23.82 14.19
C THR G 280 49.40 22.95 13.78
N ILE G 281 49.07 21.74 13.31
CA ILE G 281 50.07 20.75 12.91
C ILE G 281 49.82 20.47 11.46
N GLY G 282 50.88 20.32 10.67
CA GLY G 282 50.75 20.01 9.26
C GLY G 282 52.02 19.45 8.67
N THR G 283 52.18 19.61 7.36
CA THR G 283 53.37 19.09 6.71
C THR G 283 54.55 20.05 6.83
N VAL G 284 55.72 19.48 7.15
CA VAL G 284 56.96 20.26 7.20
C VAL G 284 57.93 19.67 6.19
N SER G 285 57.38 19.04 5.16
CA SER G 285 58.18 18.34 4.16
C SER G 285 57.53 18.49 2.80
N PHE G 286 56.55 17.64 2.54
CA PHE G 286 55.83 17.67 1.28
C PHE G 286 54.37 17.24 1.42
N ASP G 287 53.71 17.10 0.28
CA ASP G 287 52.30 16.68 0.20
C ASP G 287 51.34 17.58 0.98
N HIS G 288 50.06 17.19 0.97
CA HIS G 288 48.96 17.95 1.61
C HIS G 288 48.23 17.04 2.61
N PRO G 289 48.51 17.20 3.92
CA PRO G 289 47.92 16.31 4.95
C PRO G 289 46.38 16.25 4.94
N ASP G 290 45.82 15.07 5.23
CA ASP G 290 44.38 14.92 5.37
C ASP G 290 43.84 15.97 6.33
N PRO G 291 42.66 16.53 6.04
CA PRO G 291 42.13 17.62 6.88
C PRO G 291 41.69 17.17 8.28
N SER G 292 41.65 15.86 8.56
CA SER G 292 41.40 15.39 9.91
C SER G 292 42.49 15.91 10.87
N ILE G 293 43.64 16.27 10.31
CA ILE G 293 44.75 16.79 11.10
C ILE G 293 44.43 18.11 11.78
N PHE G 294 43.42 18.82 11.27
CA PHE G 294 42.97 20.07 11.87
C PHE G 294 41.77 19.88 12.80
N THR G 295 41.57 18.69 13.35
CA THR G 295 40.44 18.45 14.24
C THR G 295 40.56 19.21 15.58
N VAL G 296 39.58 20.03 15.89
CA VAL G 296 39.52 20.70 17.19
C VAL G 296 38.73 19.83 18.16
N LEU G 297 37.51 19.47 17.78
CA LEU G 297 36.65 18.63 18.63
C LEU G 297 35.99 17.54 17.77
N THR G 298 35.65 16.42 18.38
CA THR G 298 35.05 15.33 17.63
C THR G 298 33.98 14.61 18.45
N SER G 299 32.93 14.14 17.78
CA SER G 299 31.90 13.28 18.41
C SER G 299 31.97 11.87 17.86
N PRO G 300 32.32 10.89 18.71
CA PRO G 300 32.48 9.52 18.20
C PRO G 300 31.17 8.78 17.91
N THR G 301 31.29 7.57 17.37
CA THR G 301 30.21 6.60 17.36
C THR G 301 30.78 5.32 17.96
N SER G 302 29.95 4.31 18.16
CA SER G 302 30.44 3.02 18.66
C SER G 302 31.36 2.34 17.65
N VAL G 303 31.35 2.82 16.42
CA VAL G 303 32.25 2.31 15.38
C VAL G 303 33.58 3.05 15.49
N HIS G 304 34.61 2.34 15.95
CA HIS G 304 35.90 2.97 16.20
C HIS G 304 36.50 3.55 14.93
N GLY G 305 36.92 4.82 15.02
CA GLY G 305 37.54 5.49 13.90
C GLY G 305 36.61 6.31 13.05
N MET G 306 35.31 6.10 13.21
CA MET G 306 34.31 6.84 12.42
C MET G 306 33.45 7.71 13.31
N ALA G 307 33.73 9.00 13.31
CA ALA G 307 33.05 9.93 14.17
C ALA G 307 31.63 10.20 13.68
N ASN G 308 30.74 10.48 14.61
CA ASN G 308 29.44 11.07 14.31
C ASN G 308 29.70 12.39 13.60
N MET G 309 30.52 13.25 14.20
CA MET G 309 31.03 14.42 13.50
C MET G 309 32.45 14.78 13.92
N ASP G 310 33.18 15.42 13.01
CA ASP G 310 34.45 16.05 13.33
C ASP G 310 34.29 17.57 13.17
N PHE G 311 34.78 18.34 14.15
CA PHE G 311 34.92 19.80 13.95
C PHE G 311 36.38 20.12 13.60
N VAL G 312 36.60 20.49 12.35
CA VAL G 312 37.91 20.78 11.79
C VAL G 312 38.02 22.25 11.40
N ILE G 313 39.15 22.88 11.66
CA ILE G 313 39.31 24.26 11.19
C ILE G 313 40.38 24.37 10.10
N PHE G 314 40.37 25.49 9.40
CA PHE G 314 41.40 25.83 8.43
C PHE G 314 41.86 27.25 8.74
N PRO G 315 42.87 27.36 9.61
CA PRO G 315 43.34 28.59 10.23
C PRO G 315 44.59 29.15 9.54
N PRO G 316 44.97 30.40 9.88
CA PRO G 316 46.26 30.92 9.44
C PRO G 316 47.34 29.92 9.78
N ARG G 317 48.20 29.59 8.82
CA ARG G 317 49.19 28.55 9.03
C ARG G 317 50.31 28.69 8.02
N TRP G 318 51.49 28.18 8.34
CA TRP G 318 52.57 28.11 7.36
C TRP G 318 52.40 26.99 6.33
N MET G 319 52.62 27.31 5.04
CA MET G 319 52.67 26.34 3.96
C MET G 319 54.10 26.22 3.45
N VAL G 320 54.67 25.02 3.56
CA VAL G 320 56.06 24.79 3.19
C VAL G 320 56.27 23.57 2.29
N ALA G 321 55.21 22.80 2.04
CA ALA G 321 55.32 21.62 1.19
C ALA G 321 56.11 21.90 -0.07
N GLU G 322 57.16 21.13 -0.28
CA GLU G 322 58.05 21.30 -1.40
C GLU G 322 57.62 20.38 -2.52
N ASN G 323 57.83 20.83 -3.76
CA ASN G 323 57.46 20.07 -4.96
C ASN G 323 56.09 19.44 -4.82
N THR G 324 55.13 20.23 -4.37
CA THR G 324 53.82 19.71 -4.02
C THR G 324 52.72 20.62 -4.54
N PHE G 325 51.61 20.01 -4.98
CA PHE G 325 50.38 20.74 -5.24
C PHE G 325 49.77 21.08 -3.89
N ARG G 326 49.93 22.33 -3.47
CA ARG G 326 49.54 22.73 -2.12
C ARG G 326 48.05 22.87 -1.76
N PRO G 327 47.20 23.30 -2.71
CA PRO G 327 45.77 23.36 -2.33
C PRO G 327 45.22 21.95 -2.07
N PRO G 328 44.12 21.86 -1.31
CA PRO G 328 43.42 20.58 -1.10
C PRO G 328 43.23 19.81 -2.40
N TRP G 329 43.56 18.52 -2.38
CA TRP G 329 43.47 17.68 -3.57
C TRP G 329 42.04 17.43 -4.07
N PHE G 330 41.90 16.95 -5.30
CA PHE G 330 40.59 16.56 -5.76
C PHE G 330 40.19 15.36 -4.92
N HIS G 331 38.91 15.22 -4.64
CA HIS G 331 38.49 14.35 -3.54
C HIS G 331 37.08 13.83 -3.75
N ARG G 332 36.90 12.54 -3.45
CA ARG G 332 35.59 11.94 -3.31
C ARG G 332 35.62 11.23 -1.96
N ASN G 333 34.57 11.43 -1.16
CA ASN G 333 34.59 11.06 0.25
C ASN G 333 33.34 10.29 0.67
N LEU G 334 33.53 9.24 1.45
CA LEU G 334 32.40 8.58 2.10
C LEU G 334 31.66 9.57 2.99
N MET G 335 32.44 10.37 3.70
CA MET G 335 31.89 11.29 4.68
C MET G 335 31.21 12.49 4.01
N ASN G 336 30.49 13.29 4.80
CA ASN G 336 29.74 14.42 4.25
C ASN G 336 30.30 15.75 4.77
N GLU G 337 30.73 16.62 3.86
CA GLU G 337 31.51 17.80 4.22
C GLU G 337 30.70 19.10 4.11
N PHE G 338 30.38 19.69 5.26
CA PHE G 338 29.68 20.97 5.31
C PHE G 338 30.66 22.06 5.74
N MET G 339 31.05 22.91 4.79
CA MET G 339 32.06 23.93 5.05
C MET G 339 31.48 25.29 5.40
N GLY G 340 32.17 25.99 6.30
CA GLY G 340 31.78 27.34 6.64
C GLY G 340 32.96 28.30 6.64
N LEU G 341 32.69 29.57 6.90
CA LEU G 341 33.74 30.57 6.94
C LEU G 341 33.37 31.64 7.94
N ILE G 342 34.23 31.82 8.94
CA ILE G 342 34.02 32.81 9.98
C ILE G 342 34.52 34.19 9.54
N ASN G 343 35.66 34.23 8.86
CA ASN G 343 36.19 35.49 8.32
C ASN G 343 37.28 35.27 7.29
N GLY G 344 37.46 36.25 6.41
CA GLY G 344 38.50 36.19 5.40
C GLY G 344 38.02 35.49 4.14
N GLY G 352 32.38 33.18 -4.59
CA GLY G 352 31.06 32.99 -4.03
C GLY G 352 31.10 32.43 -2.62
N PHE G 353 32.30 32.30 -2.05
CA PHE G 353 32.41 31.80 -0.68
C PHE G 353 32.78 32.91 0.29
N LEU G 354 31.76 33.48 0.91
CA LEU G 354 31.92 34.63 1.79
C LEU G 354 31.71 34.19 3.22
N PRO G 355 32.15 35.03 4.19
CA PRO G 355 31.81 34.79 5.59
C PRO G 355 30.32 34.62 5.77
N GLY G 356 29.93 33.66 6.60
CA GLY G 356 28.53 33.33 6.77
C GLY G 356 28.03 32.36 5.71
N GLY G 357 28.77 32.23 4.61
CA GLY G 357 28.41 31.33 3.53
C GLY G 357 28.59 29.87 3.91
N ALA G 358 28.20 28.97 3.01
CA ALA G 358 28.33 27.54 3.30
C ALA G 358 28.39 26.71 2.04
N SER G 359 29.03 25.55 2.12
CA SER G 359 29.03 24.59 1.03
C SER G 359 28.71 23.18 1.54
N LEU G 360 28.00 22.41 0.74
CA LEU G 360 27.72 21.03 1.11
C LEU G 360 28.10 20.09 -0.01
N HIS G 361 29.07 19.23 0.28
CA HIS G 361 29.51 18.21 -0.63
C HIS G 361 29.26 16.86 0.03
N GLY G 362 28.09 16.30 -0.26
CA GLY G 362 27.68 15.03 0.31
C GLY G 362 28.48 13.84 -0.18
N VAL G 363 28.16 12.68 0.40
CA VAL G 363 28.80 11.38 0.15
C VAL G 363 29.13 11.12 -1.31
N MET G 364 30.42 10.92 -1.57
CA MET G 364 30.93 10.64 -2.93
C MET G 364 30.71 11.73 -3.99
N SER G 365 30.29 12.93 -3.58
CA SER G 365 30.26 14.05 -4.51
C SER G 365 31.69 14.49 -4.83
N ALA G 366 32.01 14.55 -6.12
CA ALA G 366 33.37 14.89 -6.54
C ALA G 366 33.65 16.38 -6.37
N HIS G 367 34.65 16.71 -5.55
CA HIS G 367 35.02 18.11 -5.32
C HIS G 367 36.54 18.35 -5.42
N GLY G 368 36.99 19.57 -5.13
CA GLY G 368 38.37 19.93 -5.41
C GLY G 368 38.53 21.35 -5.97
N PRO G 369 39.77 21.75 -6.30
CA PRO G 369 40.08 23.12 -6.76
C PRO G 369 39.55 23.44 -8.17
N ASP G 370 39.36 24.71 -8.48
CA ASP G 370 38.97 25.08 -9.84
C ASP G 370 40.18 25.15 -10.75
N ALA G 371 39.96 25.50 -12.01
CA ALA G 371 41.02 25.54 -13.01
C ALA G 371 42.03 26.62 -12.67
N GLU G 372 41.54 27.73 -12.14
CA GLU G 372 42.39 28.86 -11.79
C GLU G 372 43.36 28.50 -10.66
N THR G 373 42.83 27.92 -9.58
N THR G 373 42.83 27.94 -9.59
CA THR G 373 43.64 27.51 -8.46
CA THR G 373 43.65 27.51 -8.47
C THR G 373 44.68 26.45 -8.87
C THR G 373 44.69 26.48 -8.90
N CYS G 374 44.28 25.58 -9.78
CA CYS G 374 45.19 24.59 -10.35
C CYS G 374 46.33 25.23 -11.15
N GLU G 375 45.98 26.11 -12.08
CA GLU G 375 47.00 26.68 -12.96
C GLU G 375 48.05 27.43 -12.15
N LYS G 376 47.62 28.11 -11.10
CA LYS G 376 48.50 28.93 -10.28
C LYS G 376 49.33 28.08 -9.30
N ALA G 377 48.72 27.06 -8.71
CA ALA G 377 49.44 26.17 -7.79
C ALA G 377 50.45 25.30 -8.52
N ILE G 378 50.22 25.07 -9.81
CA ILE G 378 51.17 24.32 -10.62
C ILE G 378 52.36 25.19 -11.06
N ALA G 379 52.12 26.48 -11.23
CA ALA G 379 53.16 27.37 -11.73
C ALA G 379 53.89 28.11 -10.60
N ALA G 380 53.39 27.97 -9.38
CA ALA G 380 53.95 28.70 -8.24
C ALA G 380 55.40 28.31 -7.94
N ASP G 381 56.20 29.31 -7.60
CA ASP G 381 57.57 29.07 -7.15
C ASP G 381 57.50 28.84 -5.66
N LEU G 382 57.78 27.62 -5.25
CA LEU G 382 57.40 27.16 -3.92
C LEU G 382 58.42 27.53 -2.86
N ALA G 383 58.05 28.53 -2.07
CA ALA G 383 58.83 28.97 -0.92
C ALA G 383 57.85 28.97 0.24
N PRO G 384 58.36 29.01 1.49
CA PRO G 384 57.48 29.03 2.67
C PRO G 384 56.50 30.19 2.59
N HIS G 385 55.22 29.89 2.78
CA HIS G 385 54.18 30.91 2.74
C HIS G 385 53.22 30.85 3.92
N LYS G 386 52.91 32.01 4.49
CA LYS G 386 52.03 32.07 5.64
C LYS G 386 50.61 32.46 5.24
N ILE G 387 49.70 31.48 5.25
CA ILE G 387 48.29 31.81 5.12
C ILE G 387 47.89 32.58 6.37
N ASP G 388 47.12 33.65 6.18
CA ASP G 388 46.84 34.59 7.26
C ASP G 388 45.49 35.28 7.07
N ASN G 389 44.98 35.86 8.15
CA ASN G 389 43.71 36.59 8.13
C ASN G 389 42.56 35.82 7.46
N THR G 390 42.36 34.58 7.89
CA THR G 390 41.25 33.79 7.37
C THR G 390 40.97 32.66 8.35
N MET G 391 39.71 32.28 8.47
CA MET G 391 39.35 31.13 9.27
C MET G 391 38.15 30.46 8.66
N ALA G 392 38.40 29.29 8.09
CA ALA G 392 37.32 28.46 7.58
C ALA G 392 37.18 27.25 8.51
N PHE G 393 36.08 26.52 8.34
CA PHE G 393 35.86 25.34 9.15
C PHE G 393 34.95 24.35 8.47
N MET G 394 34.89 23.16 9.03
CA MET G 394 34.07 22.11 8.44
C MET G 394 33.43 21.24 9.51
N PHE G 395 32.15 20.95 9.31
CA PHE G 395 31.48 19.90 10.04
C PHE G 395 31.48 18.72 9.07
N GLU G 396 32.32 17.72 9.33
CA GLU G 396 32.29 16.50 8.53
C GLU G 396 31.49 15.44 9.29
N THR G 397 30.43 14.90 8.68
CA THR G 397 29.58 13.94 9.36
C THR G 397 29.53 12.61 8.61
N SER G 398 29.42 11.52 9.34
CA SER G 398 29.40 10.21 8.72
C SER G 398 28.04 9.94 8.07
N GLN G 399 26.98 10.39 8.72
CA GLN G 399 25.65 10.23 8.14
C GLN G 399 25.38 11.31 7.10
N VAL G 400 24.64 10.96 6.06
CA VAL G 400 24.29 11.90 4.99
C VAL G 400 23.60 13.11 5.58
N LEU G 401 23.94 14.29 5.08
CA LEU G 401 23.29 15.54 5.49
C LEU G 401 22.17 15.88 4.51
N ARG G 402 20.94 15.82 4.99
CA ARG G 402 19.78 16.12 4.16
C ARG G 402 19.43 17.59 4.26
N PRO G 403 19.61 18.34 3.15
CA PRO G 403 19.24 19.75 3.14
C PRO G 403 17.75 19.92 3.40
N SER G 404 17.40 20.88 4.24
CA SER G 404 15.99 21.16 4.52
C SER G 404 15.33 21.80 3.29
N LEU G 405 14.00 21.84 3.28
CA LEU G 405 13.27 22.44 2.17
C LEU G 405 13.58 23.94 2.08
N GLN G 406 13.58 24.60 3.23
CA GLN G 406 13.83 26.03 3.32
C GLN G 406 15.19 26.37 2.69
N ALA G 407 16.23 25.72 3.19
CA ALA G 407 17.58 25.90 2.67
C ALA G 407 17.63 25.72 1.16
N LEU G 408 16.92 24.71 0.66
CA LEU G 408 16.90 24.44 -0.78
C LEU G 408 16.06 25.46 -1.55
N GLU G 409 15.11 26.10 -0.89
CA GLU G 409 14.23 27.05 -1.57
C GLU G 409 14.63 28.52 -1.37
N CYS G 410 15.54 28.78 -0.42
CA CYS G 410 15.95 30.15 -0.13
C CYS G 410 16.73 30.76 -1.29
N PRO G 411 16.72 32.10 -1.39
CA PRO G 411 17.38 32.79 -2.51
C PRO G 411 18.91 32.73 -2.45
N GLN G 412 19.46 32.53 -1.25
N GLN G 412 19.46 32.53 -1.26
CA GLN G 412 20.90 32.53 -1.05
CA GLN G 412 20.91 32.55 -1.08
C GLN G 412 21.58 31.37 -1.76
C GLN G 412 21.60 31.33 -1.67
N LEU G 413 20.82 30.33 -2.06
CA LEU G 413 21.35 29.13 -2.71
C LEU G 413 21.80 29.49 -4.14
N GLN G 414 23.09 29.37 -4.37
CA GLN G 414 23.67 29.72 -5.66
C GLN G 414 23.21 28.71 -6.69
N ALA G 415 22.80 29.20 -7.85
CA ALA G 415 22.12 28.36 -8.83
C ALA G 415 23.08 27.66 -9.77
N ASP G 416 24.29 28.19 -9.88
CA ASP G 416 25.22 27.74 -10.90
C ASP G 416 26.53 27.27 -10.30
N TYR G 417 26.46 26.74 -9.09
CA TYR G 417 27.65 26.30 -8.36
C TYR G 417 28.50 25.33 -9.19
N ASP G 418 27.84 24.45 -9.92
CA ASP G 418 28.55 23.42 -10.69
C ASP G 418 29.51 24.04 -11.69
N SER G 419 29.21 25.26 -12.14
CA SER G 419 29.99 25.90 -13.19
C SER G 419 31.41 26.19 -12.75
N CYS G 420 31.60 26.38 -11.44
CA CYS G 420 32.93 26.63 -10.88
C CYS G 420 34.01 25.67 -11.39
N TRP G 421 33.60 24.47 -11.76
CA TRP G 421 34.56 23.47 -12.22
C TRP G 421 34.58 23.31 -13.74
N ALA G 422 33.65 23.97 -14.43
CA ALA G 422 33.46 23.72 -15.86
C ALA G 422 34.66 24.05 -16.72
N THR G 423 35.59 24.88 -16.22
CA THR G 423 36.74 25.25 -17.02
C THR G 423 37.98 24.36 -16.78
N LEU G 424 37.83 23.28 -16.02
CA LEU G 424 38.96 22.38 -15.74
C LEU G 424 39.48 21.72 -17.02
N PRO G 425 40.74 21.98 -17.37
CA PRO G 425 41.30 21.51 -18.66
C PRO G 425 42.02 20.16 -18.59
N SER G 426 42.13 19.51 -19.74
CA SER G 426 43.00 18.36 -19.88
C SER G 426 44.44 18.84 -20.10
N THR G 427 45.34 18.39 -19.24
CA THR G 427 46.77 18.71 -19.38
C THR G 427 47.59 17.43 -19.57
N PHE G 428 46.93 16.37 -20.03
CA PHE G 428 47.54 15.06 -20.19
C PHE G 428 48.34 14.92 -21.49
N ASN G 429 49.57 14.47 -21.39
CA ASN G 429 50.37 14.21 -22.58
C ASN G 429 51.08 12.89 -22.40
N PRO G 430 50.61 11.84 -23.10
CA PRO G 430 51.15 10.49 -22.98
C PRO G 430 52.55 10.34 -23.57
N ASN G 431 53.00 11.30 -24.38
CA ASN G 431 54.32 11.18 -25.02
C ASN G 431 55.41 11.89 -24.24
N ARG G 432 55.03 12.52 -23.12
N ARG G 432 55.03 12.52 -23.12
CA ARG G 432 55.98 13.31 -22.34
CA ARG G 432 55.96 13.31 -22.33
C ARG G 432 55.68 13.25 -20.83
C ARG G 432 55.67 13.23 -20.83
N ARG G 433 56.49 12.47 -20.11
CA ARG G 433 56.29 12.25 -18.69
C ARG G 433 56.64 13.46 -17.82
N ASP H 8 44.06 -11.53 -21.80
CA ASP H 8 44.08 -10.10 -22.09
C ASP H 8 43.91 -9.25 -20.84
N LEU H 9 43.07 -9.71 -19.91
CA LEU H 9 42.93 -8.99 -18.65
C LEU H 9 43.95 -9.52 -17.62
N HIS H 10 44.74 -8.61 -17.07
CA HIS H 10 45.70 -8.96 -16.02
C HIS H 10 45.18 -8.49 -14.67
N TYR H 11 45.54 -9.23 -13.63
CA TYR H 11 45.05 -8.97 -12.28
C TYR H 11 46.20 -8.94 -11.27
N LEU H 12 45.97 -8.24 -10.17
CA LEU H 12 46.87 -8.27 -9.03
C LEU H 12 46.16 -9.08 -7.96
N SER H 13 46.92 -9.71 -7.08
CA SER H 13 46.32 -10.60 -6.09
C SER H 13 46.51 -10.10 -4.67
N GLY H 14 45.60 -10.46 -3.77
CA GLY H 14 45.83 -10.26 -2.34
C GLY H 14 44.82 -9.37 -1.64
N PHE H 15 43.85 -9.97 -0.95
CA PHE H 15 42.77 -9.20 -0.35
C PHE H 15 43.30 -8.17 0.65
N GLY H 16 42.91 -6.91 0.46
CA GLY H 16 43.29 -5.85 1.38
C GLY H 16 44.59 -5.15 1.06
N ASN H 17 45.30 -5.56 0.02
CA ASN H 17 46.60 -4.97 -0.26
C ASN H 17 46.61 -3.46 -0.51
N GLU H 18 47.76 -2.84 -0.27
CA GLU H 18 48.06 -1.53 -0.82
C GLU H 18 48.61 -1.83 -2.22
N PHE H 19 47.74 -1.79 -3.22
CA PHE H 19 48.11 -2.10 -4.59
C PHE H 19 48.72 -0.86 -5.27
N ALA H 20 49.44 -1.05 -6.37
CA ALA H 20 49.92 0.06 -7.20
C ALA H 20 50.00 -0.35 -8.66
N SER H 21 49.38 0.42 -9.54
CA SER H 21 49.27 0.05 -10.94
C SER H 21 49.35 1.29 -11.83
N GLU H 22 50.21 1.27 -12.85
CA GLU H 22 50.25 2.36 -13.83
C GLU H 22 50.09 1.86 -15.27
N ALA H 23 49.24 2.53 -16.04
CA ALA H 23 49.02 2.16 -17.44
C ALA H 23 50.12 2.70 -18.34
N LEU H 24 50.86 3.70 -17.86
CA LEU H 24 52.04 4.23 -18.57
C LEU H 24 53.25 4.25 -17.63
N PRO H 25 54.47 4.17 -18.19
CA PRO H 25 55.66 4.10 -17.33
C PRO H 25 55.85 5.33 -16.46
N GLY H 26 55.93 5.13 -15.15
CA GLY H 26 56.20 6.20 -14.21
C GLY H 26 55.06 7.17 -14.01
N ALA H 27 53.86 6.79 -14.45
CA ALA H 27 52.67 7.62 -14.28
C ALA H 27 52.43 7.90 -12.79
N LEU H 28 52.76 6.90 -11.96
CA LEU H 28 52.63 7.05 -10.51
C LEU H 28 53.76 7.92 -9.97
N PRO H 29 53.41 8.96 -9.20
CA PRO H 29 54.43 9.78 -8.58
C PRO H 29 55.25 8.96 -7.60
N VAL H 30 56.57 9.01 -7.70
CA VAL H 30 57.39 8.25 -6.76
C VAL H 30 57.75 9.04 -5.50
N GLY H 31 57.41 8.47 -4.35
CA GLY H 31 57.81 9.05 -3.08
C GLY H 31 56.83 10.06 -2.49
N GLN H 32 55.79 10.40 -3.23
CA GLN H 32 54.74 11.24 -2.69
C GLN H 32 53.43 11.00 -3.42
N ASN H 33 52.34 11.58 -2.92
CA ASN H 33 51.05 11.45 -3.57
C ASN H 33 50.63 12.66 -4.41
N SER H 34 51.14 13.84 -4.07
CA SER H 34 50.64 15.07 -4.67
C SER H 34 51.77 15.96 -5.17
N PRO H 35 52.46 15.54 -6.22
CA PRO H 35 53.51 16.38 -6.80
C PRO H 35 52.90 17.66 -7.32
N GLN H 36 53.69 18.73 -7.34
CA GLN H 36 53.26 19.97 -7.98
C GLN H 36 53.09 19.67 -9.46
N LYS H 37 54.07 19.00 -10.02
CA LYS H 37 54.03 18.64 -11.43
C LYS H 37 53.92 17.14 -11.60
N ALA H 38 52.67 16.68 -11.63
CA ALA H 38 52.37 15.27 -11.79
C ALA H 38 52.90 14.78 -13.13
N PRO H 39 53.38 13.53 -13.17
CA PRO H 39 53.81 12.88 -14.41
C PRO H 39 52.70 12.91 -15.45
N TYR H 40 53.07 13.17 -16.71
CA TYR H 40 52.12 13.28 -17.82
C TYR H 40 51.07 14.38 -17.62
N GLY H 41 51.24 15.23 -16.62
CA GLY H 41 50.30 16.29 -16.35
C GLY H 41 48.92 15.76 -15.96
N LEU H 42 48.93 14.64 -15.25
CA LEU H 42 47.70 14.03 -14.76
C LEU H 42 47.19 14.78 -13.53
N TYR H 43 45.94 14.53 -13.16
CA TYR H 43 45.41 15.10 -11.93
C TYR H 43 45.42 14.04 -10.82
N ALA H 44 45.81 14.44 -9.61
CA ALA H 44 45.73 13.58 -8.44
C ALA H 44 44.35 13.70 -7.82
N GLU H 45 43.74 12.57 -7.50
CA GLU H 45 42.43 12.58 -6.89
C GLU H 45 42.30 11.49 -5.84
N LEU H 46 41.82 11.86 -4.66
CA LEU H 46 41.76 10.91 -3.55
C LEU H 46 40.35 10.41 -3.33
N LEU H 47 40.21 9.10 -3.33
CA LEU H 47 38.92 8.47 -3.12
C LEU H 47 38.96 7.83 -1.74
N SER H 48 38.37 8.52 -0.78
CA SER H 48 38.32 8.03 0.58
C SER H 48 37.07 7.15 0.77
N GLY H 49 37.27 5.84 0.73
CA GLY H 49 36.21 4.90 1.00
C GLY H 49 35.78 4.83 2.47
N THR H 50 36.62 5.33 3.37
CA THR H 50 36.30 5.28 4.80
C THR H 50 36.61 6.62 5.43
N ALA H 51 36.21 6.80 6.67
CA ALA H 51 36.71 7.94 7.45
C ALA H 51 38.24 7.94 7.49
N PHE H 52 38.83 9.13 7.50
CA PHE H 52 40.29 9.27 7.53
C PHE H 52 40.88 8.53 8.72
N THR H 53 40.19 8.62 9.85
CA THR H 53 40.72 8.15 11.13
C THR H 53 40.35 6.67 11.49
N MET H 54 39.99 5.88 10.49
CA MET H 54 39.78 4.45 10.73
C MET H 54 41.11 3.82 11.11
N ALA H 55 41.07 2.73 11.88
CA ALA H 55 42.28 1.94 12.11
C ALA H 55 42.79 1.49 10.75
N ARG H 56 44.10 1.31 10.63
CA ARG H 56 44.69 1.05 9.32
C ARG H 56 44.14 -0.23 8.73
N SER H 57 43.86 -1.21 9.58
CA SER H 57 43.28 -2.47 9.10
C SER H 57 41.91 -2.27 8.46
N GLU H 58 41.25 -1.18 8.81
CA GLU H 58 39.90 -0.91 8.31
C GLU H 58 39.88 0.15 7.20
N LEU H 59 41.05 0.70 6.90
CA LEU H 59 41.17 1.78 5.92
C LEU H 59 40.97 1.31 4.48
N ARG H 60 40.21 2.09 3.72
CA ARG H 60 40.04 1.88 2.30
C ARG H 60 40.17 3.25 1.64
N ARG H 61 41.27 3.48 0.94
CA ARG H 61 41.42 4.73 0.20
C ARG H 61 42.31 4.48 -1.00
N THR H 62 41.98 5.13 -2.11
CA THR H 62 42.77 5.02 -3.33
C THR H 62 43.17 6.36 -3.92
N TRP H 63 44.47 6.52 -4.18
CA TRP H 63 44.93 7.70 -4.91
C TRP H 63 44.86 7.49 -6.43
N LEU H 64 44.20 8.42 -7.13
CA LEU H 64 43.93 8.29 -8.56
C LEU H 64 44.69 9.35 -9.37
N TYR H 65 45.34 8.92 -10.45
CA TYR H 65 46.01 9.85 -11.37
C TYR H 65 45.34 9.79 -12.75
N ARG H 66 44.60 10.84 -13.06
CA ARG H 66 43.60 10.81 -14.13
C ARG H 66 43.64 12.04 -15.05
N ILE H 67 43.12 11.86 -16.27
CA ILE H 67 43.20 12.92 -17.29
C ILE H 67 42.35 14.12 -16.90
N ARG H 68 41.17 13.86 -16.36
CA ARG H 68 40.29 14.92 -15.91
C ARG H 68 39.70 14.61 -14.53
N PRO H 69 39.64 15.63 -13.67
CA PRO H 69 39.10 15.47 -12.31
C PRO H 69 37.62 15.08 -12.35
N SER H 70 37.19 14.25 -11.41
CA SER H 70 35.79 13.83 -11.35
C SER H 70 34.88 15.03 -11.12
N ALA H 71 35.43 16.08 -10.51
CA ALA H 71 34.66 17.28 -10.18
C ALA H 71 34.26 18.09 -11.40
N LEU H 72 34.75 17.70 -12.57
CA LEU H 72 34.34 18.36 -13.81
C LEU H 72 33.10 17.64 -14.31
N HIS H 73 31.95 18.17 -13.91
CA HIS H 73 30.66 17.68 -14.37
C HIS H 73 29.62 18.78 -14.14
N PRO H 74 28.57 18.79 -14.99
CA PRO H 74 27.48 19.73 -14.76
C PRO H 74 26.49 19.15 -13.74
N ARG H 75 25.48 19.96 -13.40
CA ARG H 75 24.46 19.58 -12.45
C ARG H 75 23.81 18.25 -12.81
N PHE H 76 23.60 17.39 -11.81
CA PHE H 76 22.94 16.12 -12.02
C PHE H 76 21.46 16.39 -12.02
N GLU H 77 20.73 15.73 -12.91
CA GLU H 77 19.29 15.86 -12.93
C GLU H 77 18.63 14.50 -12.72
N ARG H 78 17.48 14.50 -12.05
CA ARG H 78 16.79 13.25 -11.72
C ARG H 78 16.24 12.58 -12.97
N LEU H 79 16.57 11.31 -13.15
CA LEU H 79 16.02 10.56 -14.28
C LEU H 79 14.52 10.30 -14.10
N ALA H 80 13.83 10.05 -15.21
CA ALA H 80 12.43 9.64 -15.16
C ALA H 80 12.35 8.18 -14.74
N ARG H 81 13.04 7.35 -15.51
CA ARG H 81 13.14 5.92 -15.24
C ARG H 81 13.80 5.67 -13.88
N GLN H 82 13.01 5.15 -12.94
CA GLN H 82 13.45 4.92 -11.56
C GLN H 82 13.11 3.50 -11.07
N PRO H 83 13.94 2.51 -11.45
CA PRO H 83 13.64 1.10 -11.17
C PRO H 83 13.55 0.77 -9.67
N LEU H 84 14.16 1.59 -8.82
CA LEU H 84 14.26 1.26 -7.39
C LEU H 84 13.21 1.99 -6.57
N GLY H 85 12.32 2.69 -7.27
CA GLY H 85 11.40 3.61 -6.64
C GLY H 85 10.19 3.01 -5.96
N GLY H 86 9.80 1.80 -6.36
CA GLY H 86 8.60 1.17 -5.82
C GLY H 86 8.59 1.08 -4.32
N PRO H 87 7.39 1.07 -3.71
CA PRO H 87 7.26 1.17 -2.25
C PRO H 87 7.73 -0.11 -1.56
N LEU H 88 7.68 -0.12 -0.24
CA LEU H 88 7.92 -1.34 0.51
C LEU H 88 6.65 -2.17 0.50
N GLY H 89 6.80 -3.48 0.35
CA GLY H 89 5.68 -4.38 0.55
C GLY H 89 5.13 -4.22 1.96
N GLY H 90 3.98 -4.82 2.20
CA GLY H 90 3.39 -4.80 3.53
C GLY H 90 4.17 -5.69 4.47
N ILE H 91 3.86 -5.60 5.75
CA ILE H 91 4.41 -6.53 6.72
C ILE H 91 3.96 -7.96 6.40
N ASN H 92 4.88 -8.91 6.48
CA ASN H 92 4.56 -10.30 6.21
C ASN H 92 5.68 -11.21 6.75
N PRO H 93 5.39 -11.97 7.82
CA PRO H 93 6.33 -12.85 8.52
C PRO H 93 6.53 -14.22 7.85
N ASN H 94 5.80 -14.51 6.77
CA ASN H 94 5.86 -15.83 6.17
C ASN H 94 7.16 -16.25 5.50
N ARG H 95 7.36 -17.56 5.39
CA ARG H 95 8.46 -18.11 4.60
C ARG H 95 8.10 -17.90 3.14
N LEU H 96 9.02 -17.32 2.38
CA LEU H 96 8.75 -16.98 0.99
C LEU H 96 9.70 -17.68 0.05
N ARG H 97 9.19 -18.21 -1.06
CA ARG H 97 10.07 -18.73 -2.09
C ARG H 97 9.69 -18.27 -3.50
N TRP H 98 10.67 -17.77 -4.26
CA TRP H 98 10.47 -17.29 -5.62
C TRP H 98 11.05 -18.22 -6.66
N SER H 99 10.37 -18.32 -7.81
CA SER H 99 10.94 -18.97 -8.97
C SER H 99 11.96 -18.02 -9.60
N PRO H 100 12.77 -18.50 -10.56
CA PRO H 100 13.77 -17.59 -11.15
C PRO H 100 13.10 -16.45 -11.90
N GLN H 101 13.78 -15.30 -11.95
CA GLN H 101 13.22 -14.09 -12.51
C GLN H 101 13.40 -14.07 -14.02
N PRO H 102 12.30 -13.86 -14.75
CA PRO H 102 12.42 -13.79 -16.21
C PRO H 102 13.10 -12.49 -16.63
N ILE H 103 13.91 -12.55 -17.68
CA ILE H 103 14.53 -11.32 -18.17
C ILE H 103 13.50 -10.55 -18.96
N PRO H 104 13.25 -9.29 -18.55
CA PRO H 104 12.21 -8.51 -19.23
C PRO H 104 12.54 -8.31 -20.70
N ALA H 105 11.51 -8.00 -21.48
CA ALA H 105 11.69 -7.82 -22.92
C ALA H 105 12.22 -6.43 -23.26
N GLU H 106 11.74 -5.41 -22.55
CA GLU H 106 12.11 -4.02 -22.85
C GLU H 106 13.60 -3.80 -22.66
N PRO H 107 14.18 -2.89 -23.46
CA PRO H 107 15.59 -2.48 -23.34
C PRO H 107 15.93 -2.17 -21.87
N THR H 108 16.92 -2.87 -21.34
CA THR H 108 17.21 -2.82 -19.90
C THR H 108 18.69 -3.09 -19.64
N ASP H 109 19.44 -2.08 -19.23
CA ASP H 109 20.85 -2.34 -18.90
C ASP H 109 21.03 -2.90 -17.49
N PHE H 110 22.27 -3.03 -17.04
CA PHE H 110 22.54 -3.63 -15.75
C PHE H 110 21.95 -2.85 -14.58
N ILE H 111 21.96 -1.53 -14.67
CA ILE H 111 21.45 -0.70 -13.59
C ILE H 111 19.95 -0.46 -13.74
N GLU H 112 19.41 -0.79 -14.91
CA GLU H 112 17.98 -0.59 -15.14
C GLU H 112 17.16 -1.80 -14.68
N GLY H 113 17.84 -2.93 -14.56
CA GLY H 113 17.16 -4.17 -14.20
C GLY H 113 17.37 -4.74 -12.80
N TRP H 114 17.74 -3.91 -11.82
CA TRP H 114 17.72 -4.36 -10.44
C TRP H 114 16.28 -4.56 -9.96
N LEU H 115 15.90 -5.80 -9.72
CA LEU H 115 14.62 -6.08 -9.09
C LEU H 115 14.82 -6.06 -7.58
N PRO H 116 14.16 -5.13 -6.89
CA PRO H 116 14.25 -5.15 -5.42
C PRO H 116 13.54 -6.39 -4.85
N MET H 117 14.25 -7.20 -4.07
CA MET H 117 13.65 -8.41 -3.52
C MET H 117 13.27 -8.19 -2.06
N ALA H 118 14.24 -7.76 -1.27
CA ALA H 118 14.03 -7.45 0.15
C ALA H 118 15.19 -6.59 0.67
N ALA H 119 14.91 -5.73 1.64
CA ALA H 119 15.91 -4.81 2.16
C ALA H 119 15.63 -4.46 3.63
N ASN H 120 16.67 -4.08 4.36
CA ASN H 120 16.54 -3.70 5.76
C ASN H 120 15.82 -2.39 5.98
N ALA H 121 15.90 -1.50 4.99
CA ALA H 121 15.25 -0.20 5.08
C ALA H 121 14.69 0.23 3.72
N GLY H 122 13.86 1.27 3.74
CA GLY H 122 13.40 1.87 2.50
C GLY H 122 14.57 2.39 1.70
N ALA H 123 14.40 2.45 0.37
CA ALA H 123 15.47 2.87 -0.54
C ALA H 123 15.94 4.32 -0.34
N GLU H 124 15.02 5.19 0.08
CA GLU H 124 15.33 6.59 0.31
C GLU H 124 16.11 6.78 1.62
N LYS H 125 16.22 5.71 2.40
CA LYS H 125 16.99 5.74 3.64
C LYS H 125 17.85 4.49 3.76
N PRO H 126 18.85 4.34 2.88
CA PRO H 126 19.66 3.12 2.89
C PRO H 126 20.31 2.83 4.26
N ALA H 127 20.10 1.61 4.75
CA ALA H 127 20.73 1.15 5.98
C ALA H 127 20.94 -0.38 5.89
N GLY H 128 21.97 -0.88 6.58
CA GLY H 128 22.23 -2.31 6.59
C GLY H 128 22.50 -2.89 5.21
N VAL H 129 21.57 -3.71 4.71
CA VAL H 129 21.74 -4.35 3.39
C VAL H 129 20.46 -4.25 2.56
N SER H 130 20.61 -4.06 1.25
CA SER H 130 19.49 -4.22 0.32
C SER H 130 19.83 -5.27 -0.72
N ILE H 131 18.87 -6.14 -1.00
CA ILE H 131 19.08 -7.28 -1.87
C ILE H 131 18.25 -7.15 -3.15
N TYR H 132 18.89 -7.40 -4.29
CA TYR H 132 18.21 -7.32 -5.58
C TYR H 132 18.47 -8.58 -6.41
N ILE H 133 17.64 -8.81 -7.41
CA ILE H 133 18.02 -9.65 -8.54
C ILE H 133 18.11 -8.78 -9.78
N TYR H 134 19.26 -8.81 -10.45
CA TYR H 134 19.40 -8.00 -11.64
C TYR H 134 19.01 -8.80 -12.87
N ARG H 135 18.33 -8.15 -13.81
CA ARG H 135 18.05 -8.74 -15.11
C ARG H 135 18.40 -7.74 -16.20
N ALA H 136 19.24 -8.13 -17.16
CA ALA H 136 19.67 -7.19 -18.18
C ALA H 136 19.71 -7.80 -19.58
N ASN H 137 19.34 -7.00 -20.58
CA ASN H 137 19.41 -7.43 -21.97
C ASN H 137 20.17 -6.45 -22.85
N ARG H 138 20.87 -5.52 -22.23
CA ARG H 138 21.65 -4.49 -22.93
C ARG H 138 22.94 -4.16 -22.18
N SER H 139 24.01 -3.89 -22.91
CA SER H 139 25.22 -3.41 -22.26
C SER H 139 25.04 -1.93 -22.00
N MET H 140 25.69 -1.42 -20.97
CA MET H 140 25.58 -0.01 -20.64
C MET H 140 26.35 0.85 -21.62
N GLU H 141 25.67 1.88 -22.12
CA GLU H 141 26.28 2.89 -22.95
C GLU H 141 26.38 4.14 -22.10
N ARG H 142 26.81 3.94 -20.86
CA ARG H 142 27.00 5.04 -19.94
C ARG H 142 27.83 4.54 -18.78
N VAL H 143 28.10 5.43 -17.84
CA VAL H 143 28.91 5.11 -16.67
C VAL H 143 28.11 5.43 -15.40
N PHE H 144 28.34 4.64 -14.36
CA PHE H 144 27.50 4.65 -13.16
C PHE H 144 28.31 4.54 -11.87
N PHE H 145 27.90 5.25 -10.82
CA PHE H 145 28.44 4.98 -9.50
C PHE H 145 27.35 4.91 -8.44
N ASN H 146 27.52 3.99 -7.49
CA ASN H 146 26.58 3.90 -6.39
C ASN H 146 27.04 4.71 -5.19
N ALA H 147 26.30 5.75 -4.83
CA ALA H 147 26.66 6.55 -3.65
C ALA H 147 26.12 5.96 -2.36
N ASP H 148 25.22 4.98 -2.46
CA ASP H 148 24.49 4.45 -1.31
C ASP H 148 25.17 3.26 -0.64
N GLY H 149 26.13 2.66 -1.31
CA GLY H 149 26.86 1.56 -0.69
C GLY H 149 27.73 0.76 -1.61
N GLU H 150 28.36 -0.26 -1.02
CA GLU H 150 29.21 -1.17 -1.75
C GLU H 150 28.39 -2.31 -2.36
N LEU H 151 28.78 -2.73 -3.56
CA LEU H 151 28.00 -3.71 -4.31
C LEU H 151 28.68 -5.08 -4.43
N LEU H 152 27.96 -6.12 -4.01
CA LEU H 152 28.43 -7.50 -4.14
C LEU H 152 27.61 -8.24 -5.18
N LEU H 153 28.26 -8.61 -6.27
CA LEU H 153 27.56 -9.17 -7.43
C LEU H 153 27.81 -10.65 -7.49
N VAL H 154 26.72 -11.41 -7.65
CA VAL H 154 26.80 -12.86 -7.67
C VAL H 154 26.08 -13.33 -8.93
N PRO H 155 26.82 -13.37 -10.06
CA PRO H 155 26.20 -13.69 -11.35
C PRO H 155 25.67 -15.11 -11.35
N GLU H 156 24.61 -15.34 -12.11
CA GLU H 156 23.98 -16.65 -12.15
C GLU H 156 23.85 -17.11 -13.60
N GLN H 157 23.34 -16.22 -14.44
CA GLN H 157 23.33 -16.44 -15.88
C GLN H 157 24.10 -15.35 -16.59
N GLY H 158 24.99 -15.76 -17.49
CA GLY H 158 25.66 -14.81 -18.35
C GLY H 158 26.86 -14.17 -17.70
N ARG H 159 27.89 -13.94 -18.51
CA ARG H 159 29.12 -13.34 -18.04
C ARG H 159 29.08 -11.82 -18.16
N LEU H 160 29.83 -11.17 -17.27
CA LEU H 160 29.89 -9.72 -17.19
C LEU H 160 31.31 -9.21 -17.41
N ARG H 161 31.44 -8.20 -18.26
CA ARG H 161 32.67 -7.45 -18.37
C ARG H 161 32.40 -6.11 -17.72
N ILE H 162 33.09 -5.85 -16.62
CA ILE H 162 32.83 -4.69 -15.77
C ILE H 162 34.04 -3.77 -15.81
N ALA H 163 33.89 -2.63 -16.47
CA ALA H 163 34.99 -1.70 -16.66
C ALA H 163 34.94 -0.65 -15.57
N THR H 164 35.95 -0.61 -14.72
CA THR H 164 35.96 0.31 -13.60
C THR H 164 37.05 1.37 -13.75
N GLU H 165 37.00 2.37 -12.88
CA GLU H 165 38.03 3.40 -12.83
C GLU H 165 39.44 2.84 -12.64
N LEU H 166 39.53 1.66 -12.03
CA LEU H 166 40.84 1.04 -11.74
C LEU H 166 41.23 -0.03 -12.75
N GLY H 167 40.30 -0.41 -13.61
CA GLY H 167 40.59 -1.42 -14.58
C GLY H 167 39.40 -2.29 -14.93
N VAL H 168 39.63 -3.24 -15.82
CA VAL H 168 38.56 -4.03 -16.35
C VAL H 168 38.61 -5.44 -15.79
N MET H 169 37.47 -5.94 -15.35
CA MET H 169 37.42 -7.30 -14.84
C MET H 169 36.21 -8.03 -15.38
N GLU H 170 36.38 -9.32 -15.63
CA GLU H 170 35.29 -10.13 -16.14
C GLU H 170 34.87 -11.16 -15.11
N VAL H 171 33.56 -11.30 -14.91
CA VAL H 171 33.01 -12.21 -13.91
C VAL H 171 31.98 -13.15 -14.52
N GLU H 172 32.14 -14.44 -14.26
CA GLU H 172 31.19 -15.42 -14.73
C GLU H 172 30.44 -16.02 -13.54
N PRO H 173 29.35 -16.77 -13.81
CA PRO H 173 28.72 -17.57 -12.76
C PRO H 173 29.72 -18.46 -12.06
N LEU H 174 29.66 -18.51 -10.73
CA LEU H 174 30.61 -19.22 -9.84
C LEU H 174 31.79 -18.33 -9.42
N GLU H 175 31.79 -17.10 -9.93
CA GLU H 175 32.68 -16.06 -9.43
C GLU H 175 31.79 -14.98 -8.80
N ILE H 176 32.38 -14.15 -7.93
CA ILE H 176 31.68 -12.99 -7.40
C ILE H 176 32.53 -11.75 -7.66
N ALA H 177 31.92 -10.58 -7.53
CA ALA H 177 32.66 -9.33 -7.62
C ALA H 177 32.08 -8.26 -6.69
N VAL H 178 32.97 -7.36 -6.25
CA VAL H 178 32.63 -6.26 -5.37
C VAL H 178 33.13 -4.96 -5.96
N ILE H 179 32.28 -3.94 -5.90
CA ILE H 179 32.57 -2.62 -6.43
C ILE H 179 32.36 -1.62 -5.31
N PRO H 180 33.44 -0.95 -4.87
CA PRO H 180 33.35 0.04 -3.81
C PRO H 180 32.28 1.10 -4.10
N ARG H 181 31.65 1.56 -3.01
CA ARG H 181 30.74 2.70 -3.03
C ARG H 181 31.43 3.89 -3.68
N GLY H 182 30.70 4.60 -4.51
CA GLY H 182 31.20 5.80 -5.17
C GLY H 182 32.10 5.59 -6.36
N MET H 183 32.59 4.36 -6.55
CA MET H 183 33.46 4.04 -7.66
C MET H 183 32.66 3.98 -8.96
N LYS H 184 33.19 4.59 -10.02
CA LYS H 184 32.48 4.57 -11.30
C LYS H 184 32.81 3.34 -12.16
N PHE H 185 31.80 2.82 -12.86
CA PHE H 185 31.98 1.62 -13.66
C PHE H 185 30.96 1.48 -14.79
N ARG H 186 31.26 0.58 -15.73
CA ARG H 186 30.34 0.28 -16.83
C ARG H 186 30.24 -1.25 -16.99
N VAL H 187 29.02 -1.75 -17.16
CA VAL H 187 28.81 -3.19 -17.29
C VAL H 187 28.45 -3.60 -18.71
N GLU H 188 29.26 -4.49 -19.27
CA GLU H 188 29.02 -5.05 -20.59
C GLU H 188 28.58 -6.49 -20.44
N LEU H 189 27.57 -6.89 -21.20
CA LEU H 189 27.11 -8.27 -21.15
C LEU H 189 27.80 -9.05 -22.26
N LEU H 190 28.64 -10.00 -21.88
CA LEU H 190 29.41 -10.76 -22.87
C LEU H 190 28.52 -11.74 -23.64
N ASP H 191 27.41 -12.13 -23.02
CA ASP H 191 26.53 -13.13 -23.64
C ASP H 191 25.18 -12.55 -24.08
N GLY H 192 25.09 -11.24 -24.24
CA GLY H 192 23.87 -10.59 -24.70
C GLY H 192 22.87 -10.25 -23.60
N GLN H 193 22.70 -11.17 -22.65
CA GLN H 193 21.88 -10.90 -21.49
C GLN H 193 22.51 -11.51 -20.22
N ALA H 194 22.10 -11.01 -19.07
CA ALA H 194 22.67 -11.48 -17.81
C ALA H 194 21.64 -11.47 -16.68
N ARG H 195 21.81 -12.38 -15.73
CA ARG H 195 20.99 -12.38 -14.51
C ARG H 195 21.86 -12.77 -13.31
N GLY H 196 21.59 -12.19 -12.15
CA GLY H 196 22.29 -12.58 -10.95
C GLY H 196 21.76 -11.88 -9.72
N TYR H 197 22.44 -12.07 -8.60
CA TYR H 197 22.02 -11.45 -7.34
C TYR H 197 22.98 -10.34 -6.95
N ILE H 198 22.47 -9.40 -6.17
CA ILE H 198 23.24 -8.30 -5.65
C ILE H 198 22.97 -8.15 -4.15
N ALA H 199 24.03 -8.11 -3.36
CA ALA H 199 23.89 -7.69 -2.00
C ALA H 199 24.46 -6.27 -1.96
N GLU H 200 23.58 -5.28 -1.74
CA GLU H 200 24.02 -3.89 -1.63
C GLU H 200 24.26 -3.56 -0.18
N ASN H 201 25.52 -3.32 0.16
CA ASN H 201 25.95 -3.18 1.53
C ASN H 201 26.12 -1.72 1.94
N HIS H 202 25.23 -1.24 2.80
CA HIS H 202 25.24 0.14 3.21
C HIS H 202 26.11 0.40 4.45
N GLY H 203 26.62 -0.67 5.06
CA GLY H 203 27.37 -0.55 6.30
C GLY H 203 28.86 -0.76 6.11
N ALA H 204 29.54 -1.23 7.15
CA ALA H 204 30.99 -1.44 7.07
C ALA H 204 31.33 -2.36 5.89
N PRO H 205 32.36 -2.01 5.11
CA PRO H 205 32.71 -2.75 3.88
C PRO H 205 33.00 -4.23 4.12
N LEU H 206 32.62 -5.08 3.17
CA LEU H 206 32.86 -6.51 3.27
C LEU H 206 34.35 -6.85 3.44
N ARG H 207 34.64 -7.84 4.29
CA ARG H 207 36.00 -8.29 4.43
C ARG H 207 36.05 -9.76 4.79
N LEU H 208 37.24 -10.31 4.97
CA LEU H 208 37.40 -11.70 5.34
C LEU H 208 37.00 -11.91 6.82
N PRO H 209 36.33 -13.03 7.13
CA PRO H 209 35.89 -13.30 8.50
C PRO H 209 37.06 -13.62 9.40
N ASP H 210 36.91 -13.34 10.70
CA ASP H 210 37.82 -13.84 11.72
C ASP H 210 37.76 -15.36 11.66
N LEU H 211 38.91 -16.02 11.45
CA LEU H 211 38.94 -17.47 11.28
C LEU H 211 38.81 -18.28 12.57
N GLY H 212 38.96 -17.64 13.72
CA GLY H 212 38.97 -18.38 14.99
C GLY H 212 39.97 -19.53 14.93
N PRO H 213 39.54 -20.73 15.38
CA PRO H 213 40.49 -21.84 15.46
C PRO H 213 40.94 -22.33 14.07
N ILE H 214 40.21 -21.98 13.01
CA ILE H 214 40.66 -22.27 11.65
C ILE H 214 42.09 -21.71 11.38
N GLY H 215 42.50 -20.70 12.15
CA GLY H 215 43.88 -20.28 12.12
C GLY H 215 44.27 -19.19 11.13
N SER H 216 45.25 -19.49 10.27
CA SER H 216 45.87 -18.46 9.44
C SER H 216 45.72 -18.74 7.96
N ASN H 217 45.02 -19.83 7.66
CA ASN H 217 44.75 -20.26 6.28
C ASN H 217 43.36 -20.89 6.23
N GLY H 218 42.77 -20.95 5.04
CA GLY H 218 41.51 -21.65 4.86
C GLY H 218 40.35 -20.76 4.48
N LEU H 219 39.23 -21.41 4.17
CA LEU H 219 38.05 -20.75 3.65
C LEU H 219 38.45 -19.95 2.41
N ALA H 220 38.13 -18.66 2.38
CA ALA H 220 38.59 -17.85 1.28
C ALA H 220 39.99 -17.30 1.57
N ASN H 221 41.00 -17.90 0.94
CA ASN H 221 42.38 -17.42 1.04
C ASN H 221 42.56 -16.13 0.26
N PRO H 222 43.27 -15.15 0.83
CA PRO H 222 43.38 -13.77 0.30
C PRO H 222 44.10 -13.69 -1.02
N ARG H 223 44.98 -14.66 -1.32
CA ARG H 223 45.72 -14.68 -2.59
C ARG H 223 44.80 -14.86 -3.80
N ASP H 224 43.57 -15.30 -3.56
CA ASP H 224 42.61 -15.58 -4.62
C ASP H 224 41.68 -14.38 -4.96
N PHE H 225 41.74 -13.33 -4.15
CA PHE H 225 41.01 -12.11 -4.45
C PHE H 225 41.80 -11.22 -5.42
N LEU H 226 41.18 -10.90 -6.56
CA LEU H 226 41.88 -10.30 -7.71
C LEU H 226 41.39 -8.91 -8.09
N THR H 227 42.32 -8.02 -8.31
CA THR H 227 42.00 -6.64 -8.65
C THR H 227 42.60 -6.31 -10.01
N PRO H 228 41.84 -5.62 -10.87
CA PRO H 228 42.26 -5.29 -12.24
C PRO H 228 43.42 -4.28 -12.28
N VAL H 229 44.28 -4.40 -13.30
CA VAL H 229 45.32 -3.42 -13.53
C VAL H 229 44.74 -2.19 -14.23
N ALA H 230 45.45 -1.07 -14.14
CA ALA H 230 44.95 0.19 -14.69
C ALA H 230 44.61 0.11 -16.19
N HIS H 231 43.51 0.75 -16.55
CA HIS H 231 43.11 0.89 -17.94
C HIS H 231 42.35 2.18 -18.05
N TYR H 232 42.69 3.00 -19.04
CA TYR H 232 42.00 4.28 -19.24
C TYR H 232 41.41 4.44 -20.64
N GLU H 233 40.41 5.29 -20.76
CA GLU H 233 39.77 5.54 -22.04
C GLU H 233 39.93 7.02 -22.38
N GLU H 234 40.03 7.32 -23.68
CA GLU H 234 40.19 8.69 -24.10
C GLU H 234 39.09 9.13 -25.05
N ALA H 235 38.03 8.32 -25.13
CA ALA H 235 36.90 8.65 -26.00
C ALA H 235 36.39 10.07 -25.72
N GLU H 236 36.22 10.82 -26.80
CA GLU H 236 35.63 12.16 -26.72
C GLU H 236 34.23 12.11 -27.34
N GLY H 237 33.37 13.01 -26.89
CA GLY H 237 31.96 12.95 -27.26
C GLY H 237 31.17 12.63 -26.01
N PRO H 238 29.85 12.88 -26.04
CA PRO H 238 28.98 12.74 -24.87
C PRO H 238 29.06 11.37 -24.18
N VAL H 239 28.97 11.40 -22.86
CA VAL H 239 28.84 10.22 -22.03
C VAL H 239 27.95 10.61 -20.87
N GLN H 240 26.91 9.82 -20.62
CA GLN H 240 26.07 10.03 -19.46
C GLN H 240 26.74 9.41 -18.23
N LEU H 241 26.73 10.15 -17.13
CA LEU H 241 27.16 9.61 -15.84
C LEU H 241 25.92 9.52 -14.94
N VAL H 242 25.64 8.33 -14.44
CA VAL H 242 24.48 8.13 -13.56
C VAL H 242 24.96 7.83 -12.17
N GLN H 243 24.37 8.48 -11.17
CA GLN H 243 24.64 8.05 -9.81
C GLN H 243 23.36 7.56 -9.13
N LYS H 244 23.50 6.54 -8.29
CA LYS H 244 22.43 6.15 -7.39
C LYS H 244 22.60 6.91 -6.09
N PHE H 245 21.59 7.68 -5.70
CA PHE H 245 21.64 8.40 -4.43
C PHE H 245 20.29 8.33 -3.75
N LEU H 246 20.30 7.77 -2.54
CA LEU H 246 19.09 7.56 -1.75
C LEU H 246 18.04 6.89 -2.61
N GLY H 247 18.47 5.86 -3.35
CA GLY H 247 17.57 5.04 -4.13
C GLY H 247 17.28 5.50 -5.54
N GLU H 248 17.54 6.79 -5.81
CA GLU H 248 17.19 7.39 -7.11
C GLU H 248 18.37 7.44 -8.08
N HIS H 249 18.06 7.25 -9.36
CA HIS H 249 19.04 7.45 -10.40
C HIS H 249 19.02 8.92 -10.77
N TRP H 250 20.19 9.56 -10.71
CA TRP H 250 20.36 10.94 -11.17
C TRP H 250 21.45 10.95 -12.25
N ALA H 251 21.39 11.91 -13.17
CA ALA H 251 22.32 11.88 -14.30
C ALA H 251 22.82 13.23 -14.79
N CYS H 252 24.01 13.20 -15.38
CA CYS H 252 24.54 14.37 -16.05
C CYS H 252 25.30 13.93 -17.29
N GLU H 253 25.64 14.88 -18.16
CA GLU H 253 26.38 14.53 -19.36
C GLU H 253 27.79 15.10 -19.32
N LEU H 254 28.75 14.27 -19.70
CA LEU H 254 30.14 14.67 -19.74
C LEU H 254 30.58 14.70 -21.19
N GLN H 255 31.61 15.48 -21.49
CA GLN H 255 32.19 15.50 -22.82
C GLN H 255 33.45 14.62 -22.90
N HIS H 256 33.68 13.85 -21.85
CA HIS H 256 34.82 12.95 -21.81
C HIS H 256 34.44 11.65 -21.09
N SER H 257 35.26 10.63 -21.25
CA SER H 257 35.09 9.37 -20.54
C SER H 257 35.59 9.49 -19.11
N PRO H 258 34.72 9.21 -18.13
CA PRO H 258 35.12 9.28 -16.72
C PRO H 258 36.02 8.12 -16.32
N LEU H 259 36.17 7.12 -17.19
CA LEU H 259 37.11 6.04 -16.94
C LEU H 259 38.47 6.45 -17.49
N ASP H 260 39.03 7.52 -16.93
CA ASP H 260 40.25 8.10 -17.45
C ASP H 260 41.41 8.08 -16.45
N VAL H 261 41.45 7.06 -15.59
CA VAL H 261 42.52 6.91 -14.61
C VAL H 261 43.72 6.19 -15.22
N VAL H 262 44.84 6.89 -15.36
CA VAL H 262 46.05 6.30 -15.95
C VAL H 262 46.84 5.49 -14.94
N ALA H 263 46.82 5.92 -13.68
CA ALA H 263 47.55 5.23 -12.63
C ALA H 263 46.82 5.37 -11.33
N TRP H 264 47.00 4.40 -10.44
CA TRP H 264 46.39 4.47 -9.12
C TRP H 264 47.20 3.69 -8.10
N HIS H 265 46.99 4.02 -6.82
CA HIS H 265 47.50 3.18 -5.76
C HIS H 265 46.62 3.23 -4.52
N GLY H 266 46.58 2.14 -3.79
CA GLY H 266 45.86 2.09 -2.54
C GLY H 266 45.03 0.83 -2.39
N SER H 267 44.05 0.90 -1.50
CA SER H 267 43.35 -0.27 -1.03
C SER H 267 41.84 -0.22 -1.23
N ASN H 268 41.34 0.89 -1.76
CA ASN H 268 39.90 0.96 -2.07
C ASN H 268 39.68 0.56 -3.53
N VAL H 269 39.41 -0.74 -3.75
CA VAL H 269 39.52 -1.35 -5.08
C VAL H 269 38.38 -2.34 -5.43
N PRO H 270 38.05 -2.46 -6.73
CA PRO H 270 37.10 -3.50 -7.12
C PRO H 270 37.84 -4.82 -7.12
N TYR H 271 37.15 -5.93 -6.92
CA TYR H 271 37.83 -7.21 -6.89
C TYR H 271 36.88 -8.32 -7.26
N LYS H 272 37.46 -9.45 -7.65
CA LYS H 272 36.66 -10.63 -7.91
C LYS H 272 37.27 -11.82 -7.22
N TYR H 273 36.49 -12.89 -7.16
CA TYR H 273 36.86 -14.07 -6.43
C TYR H 273 36.08 -15.26 -6.98
N ASP H 274 36.80 -16.35 -7.18
CA ASP H 274 36.24 -17.56 -7.78
C ASP H 274 35.85 -18.50 -6.66
N LEU H 275 34.55 -18.70 -6.45
CA LEU H 275 34.06 -19.58 -5.38
C LEU H 275 34.59 -21.01 -5.49
N ARG H 276 35.11 -21.39 -6.65
CA ARG H 276 35.63 -22.74 -6.84
C ARG H 276 36.97 -22.94 -6.15
N ARG H 277 37.53 -21.85 -5.66
CA ARG H 277 38.79 -21.89 -4.91
C ARG H 277 38.60 -21.87 -3.38
N PHE H 278 37.35 -21.81 -2.94
CA PHE H 278 37.03 -21.80 -1.52
C PHE H 278 37.54 -23.06 -0.81
N ASN H 279 38.44 -22.89 0.16
CA ASN H 279 38.98 -23.99 0.96
C ASN H 279 37.94 -24.43 2.00
N THR H 280 37.01 -25.28 1.57
CA THR H 280 35.85 -25.62 2.40
C THR H 280 36.24 -26.39 3.66
N ILE H 281 35.75 -25.91 4.79
CA ILE H 281 35.99 -26.53 6.09
C ILE H 281 34.67 -27.09 6.63
N GLY H 282 34.71 -28.29 7.18
CA GLY H 282 33.49 -28.95 7.60
C GLY H 282 33.78 -30.01 8.62
N THR H 283 32.78 -30.83 8.92
CA THR H 283 32.98 -31.86 9.90
C THR H 283 33.81 -32.99 9.31
N VAL H 284 34.75 -33.50 10.11
CA VAL H 284 35.46 -34.74 9.78
C VAL H 284 35.15 -35.81 10.83
N SER H 285 34.01 -35.68 11.51
CA SER H 285 33.67 -36.56 12.61
C SER H 285 32.18 -36.89 12.64
N PHE H 286 31.39 -35.96 13.15
CA PHE H 286 29.96 -36.17 13.22
C PHE H 286 29.29 -34.82 13.27
N ASP H 287 27.97 -34.85 13.42
CA ASP H 287 27.12 -33.64 13.46
C ASP H 287 27.16 -32.78 12.19
N HIS H 288 26.43 -31.66 12.21
CA HIS H 288 26.28 -30.82 11.04
C HIS H 288 26.67 -29.42 11.48
N PRO H 289 27.85 -28.94 11.05
CA PRO H 289 28.35 -27.63 11.45
C PRO H 289 27.44 -26.45 11.14
N ASP H 290 27.45 -25.44 12.02
CA ASP H 290 26.76 -24.17 11.78
C ASP H 290 27.22 -23.62 10.41
N PRO H 291 26.29 -22.99 9.66
CA PRO H 291 26.55 -22.50 8.30
C PRO H 291 27.51 -21.31 8.23
N SER H 292 27.76 -20.70 9.38
CA SER H 292 28.72 -19.60 9.44
C SER H 292 30.11 -20.05 9.04
N ILE H 293 30.33 -21.37 9.04
CA ILE H 293 31.64 -21.96 8.74
C ILE H 293 31.95 -21.91 7.25
N PHE H 294 30.91 -21.62 6.46
CA PHE H 294 31.00 -21.45 5.02
C PHE H 294 31.14 -19.96 4.65
N THR H 295 31.55 -19.12 5.61
CA THR H 295 31.59 -17.69 5.33
C THR H 295 32.69 -17.32 4.33
N VAL H 296 32.29 -16.63 3.27
CA VAL H 296 33.22 -16.11 2.28
C VAL H 296 33.61 -14.70 2.72
N LEU H 297 32.63 -13.79 2.79
CA LEU H 297 32.87 -12.41 3.18
C LEU H 297 31.85 -11.97 4.24
N THR H 298 32.24 -11.04 5.10
CA THR H 298 31.34 -10.52 6.13
C THR H 298 31.42 -8.99 6.25
N SER H 299 30.27 -8.39 6.59
CA SER H 299 30.16 -6.99 6.94
C SER H 299 29.77 -6.87 8.42
N PRO H 300 30.67 -6.34 9.26
CA PRO H 300 30.37 -6.29 10.70
C PRO H 300 29.46 -5.15 11.12
N THR H 301 29.06 -5.14 12.38
CA THR H 301 28.42 -3.97 12.98
C THR H 301 29.33 -3.58 14.12
N SER H 302 28.98 -2.50 14.82
CA SER H 302 29.68 -2.18 16.06
C SER H 302 29.48 -3.25 17.13
N VAL H 303 28.44 -4.06 17.00
CA VAL H 303 28.23 -5.16 17.94
C VAL H 303 29.08 -6.38 17.54
N HIS H 304 30.12 -6.65 18.33
CA HIS H 304 31.05 -7.73 18.00
C HIS H 304 30.32 -9.07 17.98
N GLY H 305 30.63 -9.88 16.97
CA GLY H 305 29.98 -11.16 16.79
C GLY H 305 28.72 -11.15 15.94
N MET H 306 28.07 -9.99 15.84
N MET H 306 28.07 -9.99 15.85
CA MET H 306 26.85 -9.86 15.06
CA MET H 306 26.84 -9.88 15.05
C MET H 306 27.07 -9.07 13.76
C MET H 306 27.03 -9.07 13.75
N ALA H 307 27.11 -9.78 12.64
CA ALA H 307 27.34 -9.13 11.33
C ALA H 307 26.15 -8.29 10.88
N ASN H 308 26.47 -7.23 10.14
CA ASN H 308 25.49 -6.56 9.30
C ASN H 308 24.97 -7.62 8.32
N MET H 309 25.90 -8.29 7.65
CA MET H 309 25.57 -9.45 6.81
C MET H 309 26.75 -10.38 6.68
N ASP H 310 26.46 -11.67 6.54
CA ASP H 310 27.46 -12.65 6.11
C ASP H 310 27.07 -13.14 4.71
N PHE H 311 28.08 -13.34 3.86
CA PHE H 311 27.91 -14.01 2.56
C PHE H 311 28.48 -15.41 2.69
N VAL H 312 27.59 -16.39 2.65
CA VAL H 312 27.90 -17.79 2.90
C VAL H 312 27.60 -18.62 1.65
N ILE H 313 28.47 -19.58 1.30
CA ILE H 313 28.19 -20.45 0.15
C ILE H 313 27.99 -21.90 0.54
N PHE H 314 27.33 -22.67 -0.33
CA PHE H 314 27.14 -24.09 -0.11
C PHE H 314 27.71 -24.80 -1.32
N PRO H 315 29.00 -25.14 -1.25
N PRO H 315 29.00 -25.14 -1.25
CA PRO H 315 29.81 -25.62 -2.37
CA PRO H 315 29.81 -25.62 -2.38
C PRO H 315 29.88 -27.14 -2.46
C PRO H 315 29.88 -27.14 -2.46
N PRO H 316 30.40 -27.67 -3.56
CA PRO H 316 30.75 -29.10 -3.67
C PRO H 316 31.67 -29.45 -2.52
N ARG H 317 31.41 -30.57 -1.84
CA ARG H 317 32.10 -30.87 -0.60
C ARG H 317 31.83 -32.29 -0.14
N TRP H 318 32.77 -32.85 0.63
CA TRP H 318 32.61 -34.18 1.16
C TRP H 318 31.75 -34.17 2.41
N MET H 319 30.78 -35.09 2.45
CA MET H 319 30.00 -35.35 3.66
C MET H 319 30.47 -36.70 4.23
N VAL H 320 31.07 -36.69 5.43
CA VAL H 320 31.58 -37.91 6.04
C VAL H 320 31.05 -38.17 7.46
N ALA H 321 30.15 -37.32 7.94
CA ALA H 321 29.67 -37.42 9.32
C ALA H 321 29.03 -38.77 9.59
N GLU H 322 29.49 -39.46 10.63
CA GLU H 322 28.98 -40.79 10.97
C GLU H 322 27.86 -40.70 11.99
N ASN H 323 26.88 -41.60 11.91
CA ASN H 323 25.77 -41.65 12.86
C ASN H 323 25.19 -40.27 13.10
N THR H 324 24.93 -39.59 11.99
CA THR H 324 24.54 -38.18 11.97
C THR H 324 23.39 -37.95 10.98
N PHE H 325 22.48 -37.03 11.31
CA PHE H 325 21.52 -36.50 10.35
C PHE H 325 22.27 -35.47 9.51
N ARG H 326 22.61 -35.83 8.28
CA ARG H 326 23.48 -34.99 7.45
C ARG H 326 22.87 -33.70 6.85
N PRO H 327 21.56 -33.70 6.52
CA PRO H 327 21.04 -32.42 6.05
C PRO H 327 20.96 -31.38 7.18
N PRO H 328 20.87 -30.09 6.81
CA PRO H 328 20.70 -29.00 7.79
C PRO H 328 19.57 -29.29 8.77
N TRP H 329 19.84 -29.09 10.06
CA TRP H 329 18.86 -29.34 11.09
C TRP H 329 17.67 -28.40 10.97
N PHE H 330 16.57 -28.76 11.61
CA PHE H 330 15.46 -27.81 11.73
C PHE H 330 15.97 -26.63 12.54
N HIS H 331 15.55 -25.43 12.15
CA HIS H 331 16.18 -24.22 12.64
C HIS H 331 15.15 -23.11 12.85
N ARG H 332 15.33 -22.33 13.91
CA ARG H 332 14.72 -21.01 14.06
C ARG H 332 15.87 -20.07 14.46
N ASN H 333 15.91 -18.89 13.82
CA ASN H 333 17.08 -18.02 13.89
C ASN H 333 16.72 -16.56 14.22
N LEU H 334 17.59 -15.89 14.95
CA LEU H 334 17.44 -14.45 15.16
C LEU H 334 17.70 -13.74 13.83
N MET H 335 18.71 -14.21 13.14
CA MET H 335 19.17 -13.63 11.89
C MET H 335 18.22 -13.94 10.74
N ASN H 336 18.42 -13.25 9.62
CA ASN H 336 17.49 -13.39 8.50
C ASN H 336 18.16 -14.03 7.29
N GLU H 337 17.58 -15.13 6.82
CA GLU H 337 18.25 -15.97 5.84
C GLU H 337 17.68 -15.81 4.44
N PHE H 338 18.42 -15.14 3.57
CA PHE H 338 18.06 -15.02 2.17
C PHE H 338 18.94 -15.96 1.35
N MET H 339 18.32 -16.96 0.73
CA MET H 339 19.07 -17.97 0.00
C MET H 339 18.91 -17.79 -1.50
N GLY H 340 19.97 -18.12 -2.23
CA GLY H 340 19.97 -18.13 -3.68
C GLY H 340 20.63 -19.39 -4.17
N LEU H 341 20.62 -19.60 -5.49
CA LEU H 341 21.22 -20.77 -6.09
C LEU H 341 21.85 -20.36 -7.42
N ILE H 342 23.12 -20.71 -7.60
CA ILE H 342 23.87 -20.29 -8.78
C ILE H 342 23.82 -21.37 -9.88
N ASN H 343 24.02 -22.62 -9.48
CA ASN H 343 23.81 -23.73 -10.40
C ASN H 343 23.48 -25.01 -9.65
N GLY H 344 22.88 -25.95 -10.36
CA GLY H 344 22.51 -27.24 -9.80
C GLY H 344 21.26 -27.14 -8.92
N ALA H 345 21.12 -28.09 -8.00
CA ALA H 345 20.10 -28.00 -6.97
C ALA H 345 20.75 -27.98 -5.59
N TYR H 346 20.07 -27.38 -4.63
CA TYR H 346 20.51 -27.38 -3.25
C TYR H 346 19.61 -28.29 -2.43
N GLY H 352 10.96 -26.64 -7.25
CA GLY H 352 10.87 -25.77 -6.08
C GLY H 352 11.94 -24.70 -6.07
N PHE H 353 13.18 -25.13 -5.87
CA PHE H 353 14.32 -24.21 -5.80
C PHE H 353 15.27 -24.41 -6.99
N LEU H 354 15.22 -23.51 -7.97
CA LEU H 354 16.04 -23.59 -9.19
C LEU H 354 17.07 -22.46 -9.26
N PRO H 355 18.07 -22.57 -10.16
CA PRO H 355 19.04 -21.47 -10.27
C PRO H 355 18.34 -20.17 -10.58
N GLY H 356 18.66 -19.11 -9.86
CA GLY H 356 18.00 -17.83 -10.07
C GLY H 356 16.89 -17.60 -9.07
N GLY H 357 16.40 -18.67 -8.45
CA GLY H 357 15.33 -18.58 -7.47
C GLY H 357 15.85 -18.07 -6.14
N ALA H 358 14.96 -17.93 -5.17
CA ALA H 358 15.34 -17.39 -3.86
C ALA H 358 14.37 -17.86 -2.79
N SER H 359 14.84 -17.84 -1.55
CA SER H 359 13.94 -18.02 -0.41
C SER H 359 14.26 -17.03 0.70
N LEU H 360 13.26 -16.65 1.48
CA LEU H 360 13.48 -15.77 2.61
C LEU H 360 12.85 -16.39 3.85
N HIS H 361 13.72 -16.72 4.81
CA HIS H 361 13.30 -17.24 6.09
C HIS H 361 13.75 -16.21 7.13
N GLY H 362 12.82 -15.33 7.50
CA GLY H 362 13.14 -14.20 8.36
C GLY H 362 13.15 -14.55 9.82
N VAL H 363 13.43 -13.55 10.66
CA VAL H 363 13.61 -13.73 12.10
C VAL H 363 12.59 -14.70 12.74
N MET H 364 13.11 -15.79 13.31
CA MET H 364 12.33 -16.78 14.08
C MET H 364 11.31 -17.58 13.29
N SER H 365 11.40 -17.53 11.95
CA SER H 365 10.52 -18.35 11.16
C SER H 365 11.10 -19.76 11.14
N ALA H 366 10.24 -20.76 11.34
CA ALA H 366 10.69 -22.15 11.41
C ALA H 366 11.03 -22.73 10.04
N HIS H 367 12.26 -23.26 9.90
CA HIS H 367 12.62 -23.95 8.67
C HIS H 367 13.35 -25.27 8.89
N GLY H 368 13.82 -25.86 7.80
CA GLY H 368 14.51 -27.13 7.86
C GLY H 368 14.14 -28.03 6.68
N PRO H 369 14.55 -29.30 6.73
CA PRO H 369 14.32 -30.31 5.68
C PRO H 369 12.85 -30.69 5.53
N ASP H 370 12.49 -31.32 4.42
CA ASP H 370 11.12 -31.82 4.26
C ASP H 370 11.05 -33.27 4.65
N ALA H 371 9.86 -33.87 4.54
CA ALA H 371 9.63 -35.23 5.00
C ALA H 371 10.44 -36.22 4.19
N GLU H 372 10.59 -35.94 2.90
CA GLU H 372 11.32 -36.82 2.01
C GLU H 372 12.81 -36.85 2.35
N THR H 373 13.44 -35.68 2.46
N THR H 373 13.41 -35.66 2.46
CA THR H 373 14.86 -35.62 2.81
CA THR H 373 14.81 -35.51 2.82
C THR H 373 15.12 -36.20 4.19
C THR H 373 15.10 -36.16 4.18
N CYS H 374 14.16 -36.03 5.11
CA CYS H 374 14.27 -36.61 6.43
C CYS H 374 14.24 -38.13 6.38
N GLU H 375 13.24 -38.68 5.69
CA GLU H 375 13.10 -40.12 5.57
C GLU H 375 14.36 -40.75 4.96
N LYS H 376 14.86 -40.14 3.90
CA LYS H 376 16.05 -40.59 3.19
C LYS H 376 17.33 -40.51 4.04
N ALA H 377 17.42 -39.46 4.87
CA ALA H 377 18.61 -39.26 5.70
C ALA H 377 18.65 -40.22 6.88
N ILE H 378 17.48 -40.46 7.47
CA ILE H 378 17.38 -41.35 8.61
C ILE H 378 17.64 -42.80 8.17
N ALA H 379 17.20 -43.13 6.96
CA ALA H 379 17.32 -44.50 6.47
C ALA H 379 18.74 -44.79 5.98
N ALA H 380 19.38 -43.74 5.44
CA ALA H 380 20.64 -43.80 4.74
C ALA H 380 21.72 -44.66 5.38
N ASP H 381 22.42 -45.41 4.54
CA ASP H 381 23.58 -46.18 4.95
C ASP H 381 24.81 -45.29 4.79
N LEU H 382 25.28 -44.68 5.88
CA LEU H 382 26.19 -43.54 5.77
C LEU H 382 27.64 -43.93 5.43
N ALA H 383 28.19 -43.29 4.41
CA ALA H 383 29.58 -43.41 4.02
C ALA H 383 29.99 -42.03 3.49
N PRO H 384 31.31 -41.80 3.26
CA PRO H 384 31.70 -40.55 2.59
C PRO H 384 30.95 -40.35 1.28
N HIS H 385 30.45 -39.13 1.09
CA HIS H 385 29.70 -38.81 -0.10
C HIS H 385 30.06 -37.42 -0.60
N LYS H 386 30.46 -37.33 -1.86
CA LYS H 386 30.80 -36.06 -2.45
C LYS H 386 29.59 -35.36 -3.09
N ILE H 387 29.18 -34.28 -2.44
CA ILE H 387 28.22 -33.35 -3.01
C ILE H 387 28.93 -32.61 -4.12
N ASP H 388 28.33 -32.61 -5.31
CA ASP H 388 28.96 -31.98 -6.47
C ASP H 388 27.96 -31.26 -7.37
N ASN H 389 28.49 -30.46 -8.30
CA ASN H 389 27.67 -29.78 -9.31
C ASN H 389 26.54 -28.94 -8.71
N THR H 390 26.87 -28.23 -7.64
CA THR H 390 25.90 -27.36 -7.01
C THR H 390 26.63 -26.21 -6.34
N MET H 391 25.95 -25.09 -6.25
CA MET H 391 26.49 -23.93 -5.58
C MET H 391 25.33 -23.03 -5.22
N ALA H 392 24.92 -23.13 -3.96
CA ALA H 392 23.93 -22.24 -3.38
C ALA H 392 24.66 -21.26 -2.47
N PHE H 393 23.92 -20.32 -1.91
CA PHE H 393 24.51 -19.33 -1.04
C PHE H 393 23.45 -18.65 -0.23
N MET H 394 23.90 -17.93 0.80
CA MET H 394 23.00 -17.15 1.61
C MET H 394 23.60 -15.77 1.88
N PHE H 395 22.75 -14.74 1.81
CA PHE H 395 23.02 -13.48 2.47
C PHE H 395 22.22 -13.56 3.76
N GLU H 396 22.93 -13.61 4.89
CA GLU H 396 22.28 -13.61 6.19
C GLU H 396 22.45 -12.24 6.82
N THR H 397 21.37 -11.66 7.31
CA THR H 397 21.45 -10.30 7.83
C THR H 397 20.91 -10.22 9.25
N SER H 398 21.52 -9.34 10.05
CA SER H 398 21.04 -9.11 11.40
C SER H 398 19.68 -8.39 11.45
N GLN H 399 19.52 -7.33 10.67
CA GLN H 399 18.23 -6.64 10.61
C GLN H 399 17.21 -7.41 9.74
N VAL H 400 15.94 -7.29 10.12
CA VAL H 400 14.84 -7.87 9.33
C VAL H 400 14.89 -7.45 7.86
N LEU H 401 14.66 -8.39 6.97
CA LEU H 401 14.62 -8.09 5.54
C LEU H 401 13.16 -7.94 5.09
N ARG H 402 12.74 -6.70 4.82
CA ARG H 402 11.39 -6.45 4.29
C ARG H 402 11.31 -6.70 2.78
N PRO H 403 10.52 -7.71 2.35
CA PRO H 403 10.32 -7.91 0.90
C PRO H 403 9.67 -6.68 0.28
N SER H 404 9.95 -6.40 -0.99
CA SER H 404 9.39 -5.23 -1.65
C SER H 404 7.99 -5.55 -2.16
N LEU H 405 7.22 -4.53 -2.48
CA LEU H 405 5.86 -4.74 -2.99
C LEU H 405 5.96 -5.53 -4.28
N GLN H 406 6.92 -5.14 -5.11
N GLN H 406 6.91 -5.16 -5.12
CA GLN H 406 7.17 -5.78 -6.40
CA GLN H 406 7.10 -5.82 -6.41
C GLN H 406 7.44 -7.27 -6.23
C GLN H 406 7.44 -7.29 -6.24
N ALA H 407 8.19 -7.62 -5.19
CA ALA H 407 8.57 -9.00 -4.96
C ALA H 407 7.42 -9.82 -4.34
N LEU H 408 6.53 -9.15 -3.60
CA LEU H 408 5.40 -9.84 -3.01
C LEU H 408 4.26 -10.03 -4.03
N GLU H 409 4.25 -9.24 -5.08
CA GLU H 409 3.15 -9.28 -6.05
C GLU H 409 3.53 -9.94 -7.38
N CYS H 410 4.83 -10.14 -7.62
CA CYS H 410 5.26 -10.74 -8.88
C CYS H 410 4.75 -12.16 -8.99
N PRO H 411 4.55 -12.65 -10.22
CA PRO H 411 4.01 -13.99 -10.43
C PRO H 411 4.98 -15.07 -9.99
N GLN H 412 6.25 -14.70 -9.85
N GLN H 412 6.24 -14.71 -9.86
CA GLN H 412 7.31 -15.64 -9.55
CA GLN H 412 7.30 -15.68 -9.57
C GLN H 412 7.21 -16.20 -8.13
C GLN H 412 7.26 -16.17 -8.11
N LEU H 413 6.59 -15.43 -7.24
CA LEU H 413 6.43 -15.86 -5.85
C LEU H 413 5.56 -17.10 -5.86
N GLN H 414 6.02 -18.16 -5.20
CA GLN H 414 5.29 -19.42 -5.11
C GLN H 414 4.20 -19.34 -4.05
N ALA H 415 2.98 -19.69 -4.45
CA ALA H 415 1.81 -19.45 -3.60
C ALA H 415 1.67 -20.40 -2.40
N ASP H 416 2.09 -21.66 -2.57
CA ASP H 416 1.87 -22.67 -1.53
C ASP H 416 3.19 -23.22 -0.98
N TYR H 417 4.14 -22.31 -0.72
CA TYR H 417 5.46 -22.70 -0.23
C TYR H 417 5.38 -23.49 1.08
N ASP H 418 4.43 -23.14 1.95
CA ASP H 418 4.33 -23.79 3.26
C ASP H 418 4.01 -25.27 3.15
N SER H 419 3.33 -25.67 2.08
N SER H 419 3.33 -25.67 2.08
CA SER H 419 2.92 -27.06 1.92
CA SER H 419 2.92 -27.06 1.91
C SER H 419 4.10 -27.99 1.69
C SER H 419 4.11 -27.99 1.73
N CYS H 420 5.29 -27.42 1.54
CA CYS H 420 6.50 -28.22 1.42
C CYS H 420 6.80 -28.99 2.70
N TRP H 421 6.35 -28.47 3.84
CA TRP H 421 6.59 -29.12 5.12
C TRP H 421 5.36 -29.87 5.63
N ALA H 422 4.29 -29.89 4.85
CA ALA H 422 3.00 -30.35 5.34
C ALA H 422 2.97 -31.85 5.69
N THR H 423 3.79 -32.64 5.01
CA THR H 423 3.77 -34.09 5.18
C THR H 423 4.69 -34.64 6.27
N LEU H 424 5.38 -33.75 6.99
CA LEU H 424 6.24 -34.17 8.11
C LEU H 424 5.48 -34.99 9.16
N PRO H 425 5.92 -36.24 9.39
CA PRO H 425 5.21 -37.12 10.34
C PRO H 425 5.77 -37.07 11.75
N SER H 426 4.96 -37.54 12.70
CA SER H 426 5.47 -37.85 14.01
C SER H 426 6.10 -39.24 13.92
N THR H 427 7.31 -39.37 14.46
CA THR H 427 7.92 -40.69 14.56
C THR H 427 8.20 -41.02 16.02
N PHE H 428 7.64 -40.20 16.90
CA PHE H 428 7.82 -40.34 18.34
C PHE H 428 7.23 -41.67 18.81
N ASN H 429 8.06 -42.47 19.46
CA ASN H 429 7.60 -43.65 20.15
C ASN H 429 8.10 -43.61 21.59
N PRO H 430 7.25 -43.10 22.50
CA PRO H 430 7.66 -42.94 23.91
C PRO H 430 8.12 -44.23 24.57
N ASN H 431 7.69 -45.39 24.07
CA ASN H 431 8.11 -46.66 24.66
C ASN H 431 9.44 -47.21 24.15
N ARG H 432 9.85 -46.78 22.96
N ARG H 432 9.85 -46.77 22.96
CA ARG H 432 11.12 -47.25 22.39
CA ARG H 432 11.10 -47.22 22.37
C ARG H 432 12.12 -46.13 22.14
C ARG H 432 12.09 -46.08 22.16
N ARG H 433 13.15 -46.07 22.97
CA ARG H 433 14.21 -45.06 22.83
C ARG H 433 15.17 -45.43 21.70
N PRO I 7 4.41 -33.23 43.12
CA PRO I 7 3.36 -32.73 42.23
C PRO I 7 3.65 -31.31 41.79
N ASP I 8 4.79 -30.79 42.25
CA ASP I 8 5.12 -29.38 42.10
C ASP I 8 6.11 -29.18 40.96
N LEU I 9 6.31 -27.92 40.58
CA LEU I 9 7.21 -27.59 39.49
C LEU I 9 8.67 -27.62 39.92
N HIS I 10 9.52 -28.14 39.02
CA HIS I 10 10.95 -28.21 39.29
C HIS I 10 11.72 -27.27 38.37
N TYR I 11 12.78 -26.67 38.91
CA TYR I 11 13.58 -25.69 38.18
C TYR I 11 15.07 -26.05 38.24
N LEU I 12 15.83 -25.54 37.27
CA LEU I 12 17.30 -25.61 37.27
C LEU I 12 17.86 -24.21 37.56
N SER I 13 19.00 -24.13 38.26
CA SER I 13 19.49 -22.82 38.72
C SER I 13 20.78 -22.40 38.05
N GLY I 14 21.00 -21.09 37.97
CA GLY I 14 22.25 -20.58 37.45
C GLY I 14 22.08 -19.79 36.17
N PHE I 15 22.06 -18.47 36.28
CA PHE I 15 21.89 -17.62 35.11
C PHE I 15 23.01 -17.80 34.09
N GLY I 16 22.63 -18.00 32.82
CA GLY I 16 23.59 -18.16 31.74
C GLY I 16 24.13 -19.57 31.56
N ASN I 17 23.68 -20.51 32.38
CA ASN I 17 24.21 -21.87 32.35
C ASN I 17 23.92 -22.57 31.03
N GLU I 18 24.76 -23.54 30.69
CA GLU I 18 24.40 -24.56 29.70
C GLU I 18 23.64 -25.64 30.45
N PHE I 19 22.33 -25.61 30.28
CA PHE I 19 21.42 -26.53 30.95
C PHE I 19 21.16 -27.75 30.09
N ALA I 20 20.67 -28.81 30.71
CA ALA I 20 20.29 -30.01 29.99
C ALA I 20 19.18 -30.67 30.77
N SER I 21 18.10 -31.03 30.08
CA SER I 21 16.89 -31.50 30.72
C SER I 21 16.15 -32.47 29.81
N GLU I 22 15.76 -33.63 30.34
CA GLU I 22 15.03 -34.60 29.54
C GLU I 22 13.79 -35.17 30.28
N ALA I 23 12.64 -35.17 29.59
CA ALA I 23 11.38 -35.63 30.19
C ALA I 23 11.22 -37.14 30.10
N LEU I 24 12.01 -37.77 29.25
CA LEU I 24 12.10 -39.23 29.20
C LEU I 24 13.59 -39.60 29.22
N PRO I 25 13.94 -40.70 29.92
CA PRO I 25 15.35 -41.08 30.09
C PRO I 25 16.12 -41.29 28.77
N GLY I 26 17.16 -40.50 28.57
CA GLY I 26 17.96 -40.60 27.37
C GLY I 26 17.37 -39.98 26.12
N ALA I 27 16.32 -39.18 26.27
CA ALA I 27 15.79 -38.46 25.11
C ALA I 27 16.79 -37.42 24.57
N LEU I 28 17.77 -37.04 25.39
CA LEU I 28 18.90 -36.23 24.93
C LEU I 28 19.94 -37.14 24.33
N PRO I 29 20.31 -36.89 23.08
CA PRO I 29 21.43 -37.60 22.47
C PRO I 29 22.69 -37.32 23.25
N VAL I 30 23.44 -38.37 23.55
CA VAL I 30 24.69 -38.25 24.28
C VAL I 30 25.90 -38.13 23.32
N GLY I 31 26.73 -37.13 23.56
CA GLY I 31 27.95 -36.98 22.80
C GLY I 31 27.82 -36.30 21.46
N GLN I 32 26.61 -35.88 21.09
CA GLN I 32 26.40 -35.14 19.84
C GLN I 32 25.05 -34.46 19.90
N ASN I 33 24.77 -33.60 18.92
CA ASN I 33 23.52 -32.85 18.86
C ASN I 33 22.56 -33.41 17.82
N SER I 34 23.12 -34.02 16.78
CA SER I 34 22.36 -34.39 15.58
C SER I 34 22.52 -35.84 15.15
N PRO I 35 22.04 -36.78 15.97
CA PRO I 35 22.16 -38.19 15.55
C PRO I 35 21.27 -38.50 14.33
N GLN I 36 21.62 -39.54 13.58
CA GLN I 36 20.79 -40.02 12.49
C GLN I 36 19.51 -40.65 13.07
N LYS I 37 19.67 -41.39 14.16
CA LYS I 37 18.54 -42.04 14.82
C LYS I 37 18.41 -41.52 16.23
N ALA I 38 17.60 -40.47 16.37
CA ALA I 38 17.49 -39.76 17.60
C ALA I 38 16.69 -40.63 18.57
N PRO I 39 17.02 -40.55 19.86
CA PRO I 39 16.24 -41.25 20.87
C PRO I 39 14.73 -40.98 20.75
N TYR I 40 13.94 -42.05 20.83
CA TYR I 40 12.49 -42.00 20.78
C TYR I 40 11.95 -41.45 19.46
N GLY I 41 12.80 -41.41 18.43
CA GLY I 41 12.39 -40.88 17.13
C GLY I 41 11.95 -39.43 17.19
N LEU I 42 12.65 -38.64 18.00
CA LEU I 42 12.41 -37.21 18.09
C LEU I 42 13.16 -36.44 16.98
N TYR I 43 12.65 -35.27 16.63
CA TYR I 43 13.35 -34.38 15.71
C TYR I 43 14.24 -33.40 16.45
N ALA I 44 15.45 -33.20 15.93
CA ALA I 44 16.37 -32.23 16.48
C ALA I 44 16.12 -30.86 15.84
N GLU I 45 16.14 -29.81 16.65
CA GLU I 45 15.84 -28.46 16.21
C GLU I 45 16.64 -27.44 16.97
N LEU I 46 17.35 -26.59 16.24
CA LEU I 46 18.17 -25.59 16.90
C LEU I 46 17.45 -24.26 16.94
N LEU I 47 17.42 -23.66 18.12
CA LEU I 47 16.87 -22.34 18.33
C LEU I 47 18.02 -21.38 18.60
N SER I 48 18.42 -20.62 17.58
CA SER I 48 19.54 -19.70 17.69
C SER I 48 19.00 -18.34 18.10
N GLY I 49 19.30 -17.93 19.34
CA GLY I 49 18.83 -16.66 19.87
C GLY I 49 19.76 -15.51 19.56
N THR I 50 20.96 -15.82 19.12
CA THR I 50 21.96 -14.82 18.73
C THR I 50 22.64 -15.30 17.47
N ALA I 51 23.41 -14.40 16.86
CA ALA I 51 24.24 -14.75 15.72
C ALA I 51 25.14 -15.94 16.09
N PHE I 52 25.41 -16.82 15.14
CA PHE I 52 26.31 -17.96 15.36
C PHE I 52 27.68 -17.54 15.93
N THR I 53 28.14 -16.35 15.54
CA THR I 53 29.51 -15.93 15.81
C THR I 53 29.67 -15.03 17.02
N MET I 54 28.67 -14.98 17.88
CA MET I 54 28.75 -14.14 19.06
C MET I 54 29.86 -14.67 19.97
N ALA I 55 30.46 -13.81 20.78
CA ALA I 55 31.36 -14.27 21.82
C ALA I 55 30.56 -15.28 22.63
N ARG I 56 31.22 -16.32 23.11
CA ARG I 56 30.49 -17.39 23.80
C ARG I 56 29.81 -16.87 25.06
N SER I 57 30.41 -15.87 25.70
CA SER I 57 29.80 -15.21 26.85
C SER I 57 28.43 -14.65 26.50
N GLU I 58 28.25 -14.28 25.23
CA GLU I 58 27.00 -13.70 24.74
C GLU I 58 26.14 -14.67 23.93
N LEU I 59 26.62 -15.88 23.73
CA LEU I 59 25.86 -16.89 22.99
C LEU I 59 24.57 -17.28 23.70
N ARG I 60 23.50 -17.45 22.94
CA ARG I 60 22.24 -17.95 23.46
C ARG I 60 21.66 -18.86 22.40
N ARG I 61 21.77 -20.18 22.61
CA ARG I 61 21.25 -21.15 21.68
C ARG I 61 20.73 -22.40 22.39
N THR I 62 19.65 -22.96 21.89
CA THR I 62 19.05 -24.11 22.53
C THR I 62 18.68 -25.21 21.55
N TRP I 63 19.18 -26.42 21.82
CA TRP I 63 18.86 -27.59 21.05
C TRP I 63 17.60 -28.26 21.59
N LEU I 64 16.66 -28.52 20.69
CA LEU I 64 15.35 -29.06 21.04
C LEU I 64 15.18 -30.43 20.40
N TYR I 65 14.54 -31.33 21.13
CA TYR I 65 14.25 -32.67 20.64
C TYR I 65 12.75 -32.94 20.76
N ARG I 66 12.07 -32.80 19.63
CA ARG I 66 10.63 -32.58 19.64
C ARG I 66 9.82 -33.57 18.81
N ILE I 67 8.53 -33.68 19.14
CA ILE I 67 7.63 -34.61 18.47
C ILE I 67 7.41 -34.21 17.01
N ARG I 68 7.10 -32.93 16.78
CA ARG I 68 6.99 -32.41 15.43
C ARG I 68 7.81 -31.14 15.30
N PRO I 69 8.47 -30.97 14.15
CA PRO I 69 9.25 -29.75 13.90
C PRO I 69 8.38 -28.50 13.89
N SER I 70 8.93 -27.35 14.26
CA SER I 70 8.19 -26.11 14.22
C SER I 70 7.79 -25.74 12.79
N ALA I 71 8.54 -26.22 11.81
CA ALA I 71 8.31 -25.94 10.40
C ALA I 71 7.05 -26.61 9.85
N LEU I 72 6.47 -27.54 10.60
CA LEU I 72 5.17 -28.07 10.22
C LEU I 72 4.08 -27.10 10.67
N HIS I 73 3.75 -26.14 9.82
CA HIS I 73 2.66 -25.18 10.07
C HIS I 73 2.23 -24.60 8.74
N PRO I 74 0.94 -24.25 8.61
CA PRO I 74 0.53 -23.65 7.34
C PRO I 74 0.86 -22.16 7.32
N ARG I 75 0.58 -21.51 6.20
CA ARG I 75 0.77 -20.08 6.05
C ARG I 75 0.14 -19.27 7.18
N PHE I 76 0.89 -18.29 7.69
CA PHE I 76 0.35 -17.35 8.67
C PHE I 76 -0.50 -16.31 7.96
N GLU I 77 -1.54 -15.85 8.64
CA GLU I 77 -2.45 -14.83 8.11
C GLU I 77 -2.69 -13.71 9.12
N ARG I 78 -2.75 -12.47 8.64
CA ARG I 78 -2.89 -11.33 9.54
C ARG I 78 -4.27 -11.29 10.19
N LEU I 79 -4.31 -11.22 11.51
CA LEU I 79 -5.60 -11.18 12.23
C LEU I 79 -6.29 -9.83 12.11
N ALA I 80 -7.61 -9.83 12.27
CA ALA I 80 -8.36 -8.57 12.25
C ALA I 80 -8.21 -7.83 13.56
N ARG I 81 -8.08 -8.58 14.65
CA ARG I 81 -7.83 -8.01 15.97
C ARG I 81 -6.34 -7.65 16.13
N GLN I 82 -6.06 -6.37 16.37
CA GLN I 82 -4.68 -5.90 16.46
C GLN I 82 -4.49 -4.91 17.60
N PRO I 83 -4.33 -5.44 18.82
CA PRO I 83 -4.28 -4.61 20.04
C PRO I 83 -3.13 -3.60 20.06
N LEU I 84 -2.07 -3.90 19.33
CA LEU I 84 -0.85 -3.10 19.42
C LEU I 84 -0.76 -2.07 18.30
N GLY I 85 -1.78 -2.05 17.44
CA GLY I 85 -1.75 -1.27 16.22
C GLY I 85 -2.07 0.21 16.30
N GLY I 86 -2.45 0.68 17.48
CA GLY I 86 -2.74 2.10 17.66
C GLY I 86 -1.47 2.91 17.47
N PRO I 87 -1.62 4.18 17.05
CA PRO I 87 -0.49 5.04 16.67
C PRO I 87 0.29 5.65 17.82
N LEU I 88 1.48 6.15 17.51
CA LEU I 88 2.28 6.96 18.43
C LEU I 88 1.49 8.21 18.85
N GLY I 89 1.67 8.61 20.11
CA GLY I 89 1.06 9.82 20.61
C GLY I 89 1.83 11.02 20.11
N GLY I 90 1.24 12.20 20.19
CA GLY I 90 1.90 13.41 19.73
C GLY I 90 3.16 13.68 20.53
N ILE I 91 4.03 14.55 20.00
CA ILE I 91 5.23 14.96 20.72
C ILE I 91 4.81 15.65 22.00
N ASN I 92 5.41 15.26 23.12
CA ASN I 92 5.06 15.84 24.41
C ASN I 92 6.20 15.64 25.43
N PRO I 93 6.86 16.72 25.86
CA PRO I 93 8.02 16.64 26.74
C PRO I 93 7.65 16.52 28.23
N ASN I 94 6.37 16.70 28.52
CA ASN I 94 5.90 16.72 29.90
C ASN I 94 6.15 15.49 30.76
N ARG I 95 6.29 15.75 32.05
CA ARG I 95 6.25 14.71 33.06
C ARG I 95 4.85 14.13 33.08
N LEU I 96 4.77 12.81 33.10
CA LEU I 96 3.50 12.10 32.97
C LEU I 96 3.36 11.08 34.08
N ARG I 97 2.17 10.99 34.67
CA ARG I 97 1.88 9.91 35.60
C ARG I 97 0.50 9.32 35.31
N TRP I 98 0.42 7.99 35.32
CA TRP I 98 -0.86 7.31 35.17
C TRP I 98 -1.30 6.64 36.47
N SER I 99 -2.59 6.74 36.78
CA SER I 99 -3.20 5.88 37.81
C SER I 99 -3.26 4.43 37.29
N PRO I 100 -3.52 3.45 38.18
CA PRO I 100 -3.62 2.03 37.77
C PRO I 100 -4.65 1.77 36.68
N GLN I 101 -4.38 0.77 35.84
CA GLN I 101 -5.20 0.51 34.65
C GLN I 101 -6.21 -0.59 34.91
N PRO I 102 -7.50 -0.28 34.74
CA PRO I 102 -8.57 -1.23 35.06
C PRO I 102 -8.50 -2.40 34.11
N ILE I 103 -8.88 -3.59 34.58
CA ILE I 103 -8.91 -4.74 33.71
C ILE I 103 -10.19 -4.66 32.89
N PRO I 104 -10.07 -4.74 31.56
CA PRO I 104 -11.21 -4.68 30.64
C PRO I 104 -12.28 -5.72 30.99
N ALA I 105 -13.51 -5.48 30.56
CA ALA I 105 -14.60 -6.41 30.84
C ALA I 105 -14.66 -7.50 29.75
N GLU I 106 -14.62 -7.06 28.51
CA GLU I 106 -14.61 -7.95 27.35
C GLU I 106 -13.47 -8.98 27.42
N PRO I 107 -13.70 -10.19 26.86
CA PRO I 107 -12.73 -11.29 26.87
C PRO I 107 -11.35 -10.82 26.40
N THR I 108 -10.33 -11.06 27.21
CA THR I 108 -9.00 -10.57 26.95
C THR I 108 -7.97 -11.50 27.57
N ASP I 109 -7.28 -12.29 26.72
CA ASP I 109 -6.20 -13.12 27.22
C ASP I 109 -4.92 -12.30 27.36
N PHE I 110 -3.80 -12.99 27.62
CA PHE I 110 -2.54 -12.31 27.88
C PHE I 110 -2.05 -11.47 26.71
N ILE I 111 -2.07 -12.05 25.52
CA ILE I 111 -1.47 -11.35 24.38
C ILE I 111 -2.39 -10.26 23.86
N GLU I 112 -3.69 -10.47 24.04
CA GLU I 112 -4.69 -9.45 23.69
C GLU I 112 -4.70 -8.28 24.67
N GLY I 113 -4.07 -8.46 25.83
CA GLY I 113 -4.20 -7.51 26.92
C GLY I 113 -3.10 -6.49 27.14
N TRP I 114 -2.15 -6.41 26.21
CA TRP I 114 -1.05 -5.44 26.32
C TRP I 114 -1.50 -4.04 25.90
N LEU I 115 -1.43 -3.10 26.85
CA LEU I 115 -1.67 -1.69 26.59
C LEU I 115 -0.32 -1.03 26.35
N PRO I 116 -0.04 -0.58 25.11
CA PRO I 116 1.22 0.12 24.87
C PRO I 116 1.28 1.41 25.66
N MET I 117 2.22 1.50 26.60
CA MET I 117 2.38 2.71 27.39
C MET I 117 3.31 3.75 26.70
N ALA I 118 4.51 3.30 26.34
CA ALA I 118 5.52 4.18 25.76
C ALA I 118 6.57 3.31 25.07
N ALA I 119 7.16 3.79 23.99
CA ALA I 119 8.14 2.96 23.27
C ALA I 119 9.19 3.84 22.58
N ASN I 120 10.39 3.28 22.38
CA ASN I 120 11.42 3.95 21.60
C ASN I 120 11.06 4.15 20.12
N ALA I 121 10.16 3.32 19.61
CA ALA I 121 9.79 3.42 18.20
C ALA I 121 8.38 2.90 17.97
N GLY I 122 7.88 3.12 16.77
CA GLY I 122 6.60 2.56 16.36
C GLY I 122 6.72 1.06 16.27
N ALA I 123 5.66 0.37 16.68
CA ALA I 123 5.64 -1.09 16.73
C ALA I 123 6.02 -1.74 15.40
N GLU I 124 5.74 -1.05 14.29
CA GLU I 124 6.05 -1.59 12.97
C GLU I 124 7.56 -1.56 12.68
N LYS I 125 8.30 -0.84 13.51
CA LYS I 125 9.75 -0.73 13.36
C LYS I 125 10.47 -0.92 14.69
N PRO I 126 10.47 -2.16 15.22
CA PRO I 126 10.94 -2.39 16.61
C PRO I 126 12.41 -2.05 16.80
N ALA I 127 12.70 -1.32 17.88
CA ALA I 127 14.06 -0.89 18.20
C ALA I 127 14.14 -0.48 19.66
N GLY I 128 15.24 -0.80 20.32
CA GLY I 128 15.40 -0.43 21.73
C GLY I 128 14.44 -1.17 22.64
N VAL I 129 13.49 -0.45 23.23
CA VAL I 129 12.56 -1.02 24.19
C VAL I 129 11.13 -0.53 23.94
N SER I 130 10.16 -1.44 24.07
CA SER I 130 8.73 -1.08 24.09
C SER I 130 8.12 -1.52 25.43
N ILE I 131 7.36 -0.62 26.06
CA ILE I 131 6.80 -0.86 27.39
C ILE I 131 5.29 -0.94 27.32
N TYR I 132 4.72 -1.97 27.97
CA TYR I 132 3.27 -2.14 28.01
C TYR I 132 2.80 -2.37 29.44
N ILE I 133 1.51 -2.21 29.67
CA ILE I 133 0.88 -2.81 30.84
C ILE I 133 -0.12 -3.86 30.35
N TYR I 134 0.06 -5.11 30.79
CA TYR I 134 -0.88 -6.16 30.41
C TYR I 134 -2.05 -6.21 31.39
N ARG I 135 -3.23 -6.43 30.84
CA ARG I 135 -4.44 -6.66 31.61
C ARG I 135 -5.15 -7.85 30.97
N ALA I 136 -5.43 -8.89 31.74
CA ALA I 136 -6.07 -10.06 31.19
C ALA I 136 -7.14 -10.63 32.10
N ASN I 137 -8.13 -11.28 31.51
CA ASN I 137 -9.19 -11.90 32.30
C ASN I 137 -9.55 -13.29 31.78
N ARG I 138 -8.67 -13.86 30.98
CA ARG I 138 -8.85 -15.19 30.40
C ARG I 138 -7.51 -15.87 30.29
N SER I 139 -7.47 -17.18 30.46
CA SER I 139 -6.24 -17.93 30.22
C SER I 139 -6.09 -18.15 28.72
N MET I 140 -4.87 -18.33 28.23
CA MET I 140 -4.68 -18.48 26.79
C MET I 140 -5.12 -19.85 26.28
N GLU I 141 -5.97 -19.80 25.26
CA GLU I 141 -6.55 -20.95 24.57
C GLU I 141 -5.79 -21.12 23.26
N ARG I 142 -4.52 -20.70 23.28
CA ARG I 142 -3.65 -20.73 22.12
C ARG I 142 -2.19 -20.60 22.56
N VAL I 143 -1.26 -20.64 21.60
CA VAL I 143 0.17 -20.55 21.88
C VAL I 143 0.78 -19.44 21.03
N PHE I 144 1.80 -18.77 21.57
CA PHE I 144 2.26 -17.50 21.04
C PHE I 144 3.78 -17.48 21.05
N PHE I 145 4.39 -16.94 20.01
CA PHE I 145 5.78 -16.48 20.14
C PHE I 145 5.94 -15.07 19.64
N ASN I 146 6.95 -14.39 20.17
CA ASN I 146 7.21 -13.00 19.82
C ASN I 146 8.48 -12.89 18.97
N ALA I 147 8.31 -12.52 17.71
CA ALA I 147 9.44 -12.42 16.80
C ALA I 147 10.23 -11.14 16.99
N ASP I 148 9.61 -10.13 17.61
CA ASP I 148 10.21 -8.80 17.69
C ASP I 148 11.18 -8.63 18.84
N GLY I 149 11.24 -9.58 19.75
CA GLY I 149 12.19 -9.48 20.84
C GLY I 149 11.87 -10.29 22.09
N GLU I 150 12.61 -9.97 23.15
CA GLU I 150 12.58 -10.70 24.38
C GLU I 150 11.62 -9.99 25.33
N LEU I 151 10.91 -10.74 26.16
CA LEU I 151 9.91 -10.16 27.05
C LEU I 151 10.29 -10.28 28.51
N LEU I 152 10.36 -9.14 29.20
CA LEU I 152 10.52 -9.13 30.65
C LEU I 152 9.17 -8.86 31.31
N LEU I 153 8.63 -9.87 32.02
CA LEU I 153 7.32 -9.76 32.69
C LEU I 153 7.49 -9.39 34.15
N VAL I 154 6.71 -8.41 34.61
CA VAL I 154 6.73 -7.93 35.99
C VAL I 154 5.29 -7.95 36.51
N PRO I 155 4.84 -9.10 37.00
CA PRO I 155 3.50 -9.26 37.56
C PRO I 155 3.21 -8.26 38.68
N GLU I 156 2.01 -7.71 38.71
CA GLU I 156 1.64 -6.81 39.79
C GLU I 156 0.41 -7.33 40.56
N GLN I 157 -0.57 -7.85 39.83
CA GLN I 157 -1.72 -8.53 40.43
C GLN I 157 -1.90 -9.88 39.76
N GLY I 158 -1.96 -10.94 40.54
CA GLY I 158 -2.29 -12.23 39.99
C GLY I 158 -1.08 -13.01 39.51
N ARG I 159 -1.13 -14.31 39.76
CA ARG I 159 -0.04 -15.20 39.41
C ARG I 159 -0.21 -15.72 37.99
N LEU I 160 0.90 -16.08 37.36
CA LEU I 160 0.85 -16.57 35.99
C LEU I 160 1.43 -17.96 35.93
N ARG I 161 0.75 -18.88 35.25
CA ARG I 161 1.33 -20.17 34.95
C ARG I 161 1.75 -20.17 33.49
N ILE I 162 3.05 -19.99 33.26
CA ILE I 162 3.56 -19.82 31.91
C ILE I 162 4.20 -21.08 31.37
N ALA I 163 3.50 -21.73 30.45
CA ALA I 163 3.97 -22.95 29.80
C ALA I 163 4.75 -22.61 28.53
N THR I 164 6.06 -22.88 28.56
CA THR I 164 6.94 -22.54 27.44
C THR I 164 7.39 -23.84 26.79
N GLU I 165 8.02 -23.73 25.62
CA GLU I 165 8.62 -24.89 24.96
C GLU I 165 9.55 -25.70 25.84
N LEU I 166 10.21 -25.05 26.80
CA LEU I 166 11.23 -25.75 27.60
C LEU I 166 10.69 -26.24 28.95
N GLY I 167 9.41 -25.97 29.21
CA GLY I 167 8.82 -26.37 30.46
C GLY I 167 7.95 -25.28 31.05
N VAL I 168 7.38 -25.58 32.22
CA VAL I 168 6.40 -24.71 32.86
C VAL I 168 6.99 -23.90 33.99
N MET I 169 6.70 -22.61 34.03
CA MET I 169 7.04 -21.84 35.20
C MET I 169 5.86 -21.01 35.68
N GLU I 170 5.75 -20.88 37.00
CA GLU I 170 4.74 -20.05 37.64
C GLU I 170 5.36 -18.79 38.24
N VAL I 171 4.74 -17.65 37.98
CA VAL I 171 5.27 -16.38 38.43
C VAL I 171 4.21 -15.59 39.20
N GLU I 172 4.59 -15.04 40.35
CA GLU I 172 3.69 -14.19 41.11
C GLU I 172 4.32 -12.80 41.27
N PRO I 173 3.53 -11.79 41.68
CA PRO I 173 4.12 -10.48 41.90
C PRO I 173 5.26 -10.54 42.94
N LEU I 174 6.31 -9.76 42.67
CA LEU I 174 7.60 -9.72 43.39
C LEU I 174 8.62 -10.65 42.73
N GLU I 175 8.15 -11.43 41.77
CA GLU I 175 9.02 -12.22 40.91
C GLU I 175 8.98 -11.59 39.51
N ILE I 176 9.97 -11.90 38.70
CA ILE I 176 9.94 -11.48 37.31
C ILE I 176 10.21 -12.67 36.41
N ALA I 177 9.83 -12.55 35.14
CA ALA I 177 10.09 -13.62 34.18
C ALA I 177 10.55 -13.06 32.85
N VAL I 178 11.44 -13.82 32.21
CA VAL I 178 11.91 -13.50 30.88
C VAL I 178 11.68 -14.66 29.92
N ILE I 179 11.13 -14.33 28.76
CA ILE I 179 10.87 -15.29 27.70
C ILE I 179 11.65 -14.85 26.48
N PRO I 180 12.53 -15.73 25.98
CA PRO I 180 13.36 -15.38 24.83
C PRO I 180 12.55 -15.14 23.55
N ARG I 181 13.04 -14.23 22.72
CA ARG I 181 12.46 -13.97 21.40
C ARG I 181 12.24 -15.27 20.63
N GLY I 182 11.10 -15.38 19.95
CA GLY I 182 10.75 -16.55 19.18
C GLY I 182 10.33 -17.79 19.95
N MET I 183 10.41 -17.76 21.28
CA MET I 183 10.08 -18.95 22.05
C MET I 183 8.59 -19.03 22.27
N LYS I 184 8.00 -20.19 21.98
CA LYS I 184 6.56 -20.38 22.06
C LYS I 184 6.07 -20.66 23.48
N PHE I 185 4.96 -20.01 23.82
CA PHE I 185 4.42 -20.12 25.17
C PHE I 185 2.94 -19.84 25.29
N ARG I 186 2.38 -20.24 26.43
CA ARG I 186 0.94 -20.13 26.67
C ARG I 186 0.72 -19.70 28.11
N VAL I 187 0.04 -18.57 28.30
CA VAL I 187 -0.15 -18.03 29.65
C VAL I 187 -1.50 -18.38 30.28
N GLU I 188 -1.47 -19.05 31.43
CA GLU I 188 -2.67 -19.33 32.21
C GLU I 188 -2.74 -18.39 33.40
N LEU I 189 -3.96 -17.99 33.74
CA LEU I 189 -4.22 -17.08 34.82
C LEU I 189 -4.68 -17.89 36.02
N LEU I 190 -3.81 -18.04 37.00
CA LEU I 190 -4.15 -18.84 38.16
C LEU I 190 -5.27 -18.19 38.99
N ASP I 191 -5.32 -16.86 39.00
CA ASP I 191 -6.32 -16.14 39.79
C ASP I 191 -7.43 -15.51 38.97
N GLY I 192 -7.79 -16.12 37.85
CA GLY I 192 -8.88 -15.61 37.03
C GLY I 192 -8.54 -14.38 36.19
N GLN I 193 -7.78 -13.47 36.78
CA GLN I 193 -7.37 -12.27 36.08
C GLN I 193 -5.97 -11.86 36.49
N ALA I 194 -5.37 -10.94 35.73
CA ALA I 194 -3.97 -10.58 35.92
C ALA I 194 -3.62 -9.22 35.35
N ARG I 195 -2.62 -8.60 35.97
CA ARG I 195 -2.16 -7.29 35.54
C ARG I 195 -0.71 -7.10 35.93
N GLY I 196 0.04 -6.46 35.06
CA GLY I 196 1.44 -6.17 35.34
C GLY I 196 2.10 -5.42 34.22
N TYR I 197 3.43 -5.33 34.29
CA TYR I 197 4.21 -4.55 33.35
C TYR I 197 5.03 -5.43 32.42
N ILE I 198 5.35 -4.88 31.26
CA ILE I 198 6.21 -5.59 30.32
C ILE I 198 7.17 -4.58 29.74
N ALA I 199 8.44 -4.93 29.76
CA ALA I 199 9.43 -4.24 28.96
C ALA I 199 9.73 -5.21 27.83
N GLU I 200 9.46 -4.80 26.60
CA GLU I 200 9.79 -5.65 25.48
C GLU I 200 11.14 -5.21 24.94
N ASN I 201 12.13 -6.09 25.08
CA ASN I 201 13.49 -5.78 24.68
C ASN I 201 13.79 -6.21 23.25
N HIS I 202 13.94 -5.23 22.35
CA HIS I 202 14.29 -5.51 20.95
C HIS I 202 15.80 -5.58 20.69
N GLY I 203 16.62 -5.21 21.68
CA GLY I 203 18.05 -5.19 21.50
C GLY I 203 18.80 -6.40 22.04
N ALA I 204 20.04 -6.20 22.47
CA ALA I 204 20.82 -7.28 23.06
C ALA I 204 20.10 -7.84 24.29
N PRO I 205 20.10 -9.17 24.45
CA PRO I 205 19.34 -9.80 25.53
C PRO I 205 19.73 -9.30 26.91
N LEU I 206 18.77 -9.28 27.83
CA LEU I 206 19.06 -8.94 29.22
C LEU I 206 20.08 -9.90 29.82
N ARG I 207 21.04 -9.36 30.57
CA ARG I 207 21.94 -10.17 31.35
C ARG I 207 22.29 -9.45 32.65
N LEU I 208 23.12 -10.09 33.47
CA LEU I 208 23.57 -9.49 34.72
C LEU I 208 24.54 -8.34 34.45
N PRO I 209 24.46 -7.27 35.26
CA PRO I 209 25.35 -6.12 35.05
C PRO I 209 26.77 -6.43 35.49
N ASP I 210 27.74 -5.70 34.93
CA ASP I 210 29.12 -5.70 35.40
C ASP I 210 29.03 -5.25 36.84
N LEU I 211 29.68 -5.95 37.76
CA LEU I 211 29.56 -5.58 39.17
C LEU I 211 30.57 -4.53 39.64
N GLY I 212 31.58 -4.22 38.83
CA GLY I 212 32.60 -3.28 39.25
C GLY I 212 33.22 -3.65 40.58
N PRO I 213 33.38 -2.67 41.49
CA PRO I 213 34.00 -2.91 42.79
C PRO I 213 33.17 -3.84 43.68
N ILE I 214 31.88 -4.00 43.41
CA ILE I 214 31.05 -4.95 44.15
C ILE I 214 31.61 -6.37 44.01
N GLY I 215 32.37 -6.61 42.96
CA GLY I 215 33.21 -7.80 42.88
C GLY I 215 32.58 -9.00 42.20
N SER I 216 32.49 -10.10 42.95
CA SER I 216 32.11 -11.39 42.40
C SER I 216 30.79 -11.93 42.97
N ASN I 217 30.17 -11.15 43.86
CA ASN I 217 28.95 -11.57 44.52
C ASN I 217 28.05 -10.38 44.74
N GLY I 218 26.75 -10.61 44.86
CA GLY I 218 25.86 -9.53 45.25
C GLY I 218 24.93 -9.02 44.17
N LEU I 219 24.10 -8.05 44.54
CA LEU I 219 22.94 -7.71 43.72
C LEU I 219 22.17 -8.99 43.38
N ALA I 220 21.89 -9.23 42.11
CA ALA I 220 21.27 -10.50 41.77
C ALA I 220 22.32 -11.59 41.69
N ASN I 221 22.30 -12.53 42.63
CA ASN I 221 23.17 -13.69 42.53
C ASN I 221 22.59 -14.65 41.49
N PRO I 222 23.46 -15.24 40.65
CA PRO I 222 23.03 -16.04 39.49
C PRO I 222 22.37 -17.38 39.86
N ARG I 223 22.69 -17.88 41.04
CA ARG I 223 22.09 -19.09 41.60
C ARG I 223 20.57 -18.96 41.80
N ASP I 224 20.08 -17.71 41.81
CA ASP I 224 18.67 -17.46 42.04
C ASP I 224 17.82 -17.35 40.78
N PHE I 225 18.45 -17.48 39.62
CA PHE I 225 17.71 -17.49 38.36
C PHE I 225 17.34 -18.90 37.98
N LEU I 226 16.04 -19.13 37.87
CA LEU I 226 15.50 -20.48 37.76
C LEU I 226 14.87 -20.76 36.41
N THR I 227 15.22 -21.90 35.82
CA THR I 227 14.71 -22.29 34.52
C THR I 227 13.90 -23.57 34.68
N PRO I 228 12.71 -23.65 34.07
CA PRO I 228 11.88 -24.85 34.25
C PRO I 228 12.54 -26.06 33.61
N VAL I 229 12.08 -27.26 33.99
CA VAL I 229 12.56 -28.50 33.41
C VAL I 229 11.67 -28.89 32.26
N ALA I 230 12.13 -29.85 31.45
CA ALA I 230 11.42 -30.25 30.25
C ALA I 230 10.01 -30.74 30.54
N HIS I 231 9.05 -30.28 29.75
CA HIS I 231 7.69 -30.77 29.85
C HIS I 231 6.99 -30.68 28.51
N TYR I 232 6.35 -31.76 28.11
CA TYR I 232 5.70 -31.81 26.81
C TYR I 232 4.24 -32.25 26.86
N GLU I 233 3.50 -31.89 25.82
CA GLU I 233 2.08 -32.18 25.69
C GLU I 233 1.83 -32.97 24.40
N GLU I 234 0.78 -33.79 24.40
CA GLU I 234 0.48 -34.58 23.19
C GLU I 234 -0.95 -34.40 22.70
N ALA I 235 -1.59 -33.31 23.13
CA ALA I 235 -2.94 -32.96 22.70
C ALA I 235 -3.06 -32.99 21.18
N GLU I 236 -4.07 -33.71 20.69
CA GLU I 236 -4.32 -33.83 19.27
C GLU I 236 -5.59 -33.08 18.93
N GLY I 237 -5.50 -32.15 17.98
CA GLY I 237 -6.62 -31.29 17.65
C GLY I 237 -6.15 -29.86 17.44
N PRO I 238 -6.99 -29.03 16.80
CA PRO I 238 -6.59 -27.69 16.35
C PRO I 238 -6.11 -26.73 17.45
N VAL I 239 -4.88 -26.25 17.31
CA VAL I 239 -4.34 -25.21 18.18
C VAL I 239 -4.02 -24.00 17.32
N GLN I 240 -4.47 -22.82 17.74
CA GLN I 240 -4.00 -21.62 17.08
C GLN I 240 -2.61 -21.24 17.58
N LEU I 241 -1.72 -20.96 16.64
CA LEU I 241 -0.39 -20.45 16.96
C LEU I 241 -0.27 -19.04 16.42
N VAL I 242 0.05 -18.10 17.32
CA VAL I 242 0.10 -16.68 16.99
C VAL I 242 1.53 -16.17 17.15
N GLN I 243 1.97 -15.31 16.25
CA GLN I 243 3.26 -14.64 16.43
C GLN I 243 3.11 -13.14 16.31
N LYS I 244 3.85 -12.41 17.15
CA LYS I 244 3.98 -10.98 17.01
C LYS I 244 5.15 -10.74 16.07
N PHE I 245 4.85 -10.12 14.92
CA PHE I 245 5.88 -9.74 13.95
C PHE I 245 5.63 -8.29 13.52
N LEU I 246 6.64 -7.45 13.72
CA LEU I 246 6.58 -6.03 13.41
C LEU I 246 5.34 -5.36 13.99
N GLY I 247 4.97 -5.76 15.19
CA GLY I 247 3.84 -5.17 15.88
C GLY I 247 2.51 -5.88 15.65
N GLU I 248 2.43 -6.68 14.59
CA GLU I 248 1.17 -7.32 14.24
C GLU I 248 1.06 -8.74 14.77
N HIS I 249 -0.17 -9.12 15.13
CA HIS I 249 -0.46 -10.53 15.42
C HIS I 249 -0.80 -11.26 14.12
N TRP I 250 -0.01 -12.28 13.79
CA TRP I 250 -0.33 -13.20 12.69
C TRP I 250 -0.56 -14.60 13.23
N ALA I 251 -1.48 -15.35 12.62
CA ALA I 251 -1.83 -16.66 13.17
C ALA I 251 -2.00 -17.77 12.14
N CYS I 252 -1.83 -19.00 12.59
CA CYS I 252 -2.09 -20.15 11.75
C CYS I 252 -2.65 -21.20 12.66
N GLU I 253 -3.24 -22.24 12.07
CA GLU I 253 -3.76 -23.33 12.86
C GLU I 253 -2.88 -24.57 12.71
N LEU I 254 -2.49 -25.15 13.84
CA LEU I 254 -1.81 -26.43 13.88
C LEU I 254 -2.79 -27.55 14.24
N GLN I 255 -2.43 -28.78 13.91
CA GLN I 255 -3.25 -29.93 14.26
C GLN I 255 -2.54 -30.78 15.31
N HIS I 256 -1.61 -30.13 16.03
CA HIS I 256 -0.89 -30.76 17.12
C HIS I 256 -0.43 -29.65 18.04
N SER I 257 -0.09 -30.01 19.27
CA SER I 257 0.45 -29.04 20.21
C SER I 257 1.90 -28.68 19.86
N PRO I 258 2.20 -27.37 19.88
CA PRO I 258 3.56 -26.88 19.64
C PRO I 258 4.45 -26.97 20.88
N LEU I 259 3.84 -27.26 22.04
CA LEU I 259 4.63 -27.48 23.25
C LEU I 259 4.93 -28.97 23.44
N ASP I 260 5.74 -29.49 22.51
CA ASP I 260 5.95 -30.91 22.31
C ASP I 260 7.45 -31.24 22.29
N VAL I 261 8.21 -30.50 23.11
CA VAL I 261 9.64 -30.72 23.29
C VAL I 261 9.89 -31.65 24.48
N VAL I 262 10.40 -32.85 24.19
CA VAL I 262 10.60 -33.90 25.19
C VAL I 262 11.95 -33.76 25.91
N ALA I 263 12.95 -33.22 25.20
CA ALA I 263 14.27 -32.97 25.79
C ALA I 263 14.91 -31.75 25.12
N TRP I 264 15.76 -31.06 25.86
CA TRP I 264 16.48 -29.92 25.33
C TRP I 264 17.80 -29.70 26.11
N HIS I 265 18.73 -28.95 25.51
CA HIS I 265 19.91 -28.47 26.20
C HIS I 265 20.42 -27.15 25.61
N GLY I 266 21.14 -26.40 26.44
CA GLY I 266 21.72 -25.15 26.02
C GLY I 266 21.40 -23.98 26.93
N SER I 267 21.44 -22.78 26.35
CA SER I 267 21.47 -21.53 27.09
C SER I 267 20.39 -20.49 26.70
N ASN I 268 19.67 -20.69 25.60
CA ASN I 268 18.58 -19.80 25.24
C ASN I 268 17.30 -20.27 25.95
N VAL I 269 17.05 -19.74 27.14
CA VAL I 269 16.01 -20.30 28.04
C VAL I 269 15.09 -19.30 28.75
N PRO I 270 13.83 -19.73 29.00
CA PRO I 270 12.98 -18.93 29.90
C PRO I 270 13.54 -19.01 31.30
N TYR I 271 13.28 -17.99 32.10
CA TYR I 271 13.74 -18.01 33.47
C TYR I 271 12.91 -17.09 34.33
N LYS I 272 12.96 -17.29 35.63
CA LYS I 272 12.29 -16.38 36.55
C LYS I 272 13.27 -16.06 37.68
N TYR I 273 12.96 -15.02 38.42
CA TYR I 273 13.82 -14.54 39.50
C TYR I 273 12.95 -13.89 40.54
N ASP I 274 13.23 -14.18 41.81
CA ASP I 274 12.47 -13.62 42.93
C ASP I 274 13.17 -12.38 43.46
N LEU I 275 12.58 -11.21 43.24
CA LEU I 275 13.21 -9.96 43.64
C LEU I 275 13.54 -9.88 45.14
N ARG I 276 12.94 -10.76 45.93
CA ARG I 276 13.15 -10.75 47.37
C ARG I 276 14.51 -11.33 47.74
N ARG I 277 15.14 -12.01 46.79
CA ARG I 277 16.47 -12.57 47.01
C ARG I 277 17.60 -11.62 46.59
N PHE I 278 17.23 -10.42 46.17
CA PHE I 278 18.21 -9.45 45.67
C PHE I 278 19.12 -9.02 46.80
N ASN I 279 20.43 -9.21 46.63
CA ASN I 279 21.41 -8.78 47.65
C ASN I 279 21.64 -7.26 47.53
N THR I 280 20.69 -6.48 48.06
CA THR I 280 20.71 -5.04 47.90
C THR I 280 21.97 -4.37 48.47
N ILE I 281 22.66 -3.59 47.63
CA ILE I 281 23.85 -2.84 48.01
C ILE I 281 23.52 -1.36 48.10
N GLY I 282 24.10 -0.65 49.07
CA GLY I 282 23.84 0.77 49.20
C GLY I 282 24.86 1.48 50.06
N THR I 283 24.50 2.64 50.58
CA THR I 283 25.44 3.38 51.40
C THR I 283 25.41 2.98 52.88
N VAL I 284 26.59 2.77 53.46
CA VAL I 284 26.73 2.45 54.88
C VAL I 284 27.48 3.59 55.56
N SER I 285 27.39 4.78 54.96
CA SER I 285 28.12 5.95 55.44
C SER I 285 27.30 7.21 55.35
N PHE I 286 27.28 7.83 54.16
CA PHE I 286 26.52 9.04 53.88
C PHE I 286 26.07 9.08 52.42
N ASP I 287 25.42 10.18 52.04
CA ASP I 287 24.96 10.42 50.67
C ASP I 287 23.91 9.42 50.16
N HIS I 288 23.58 9.54 48.88
CA HIS I 288 22.50 8.79 48.25
C HIS I 288 22.99 8.21 46.94
N PRO I 289 23.39 6.93 46.93
CA PRO I 289 23.94 6.28 45.74
C PRO I 289 23.04 6.39 44.51
N ASP I 290 23.66 6.47 43.35
CA ASP I 290 22.98 6.46 42.07
C ASP I 290 22.11 5.21 41.93
N PRO I 291 20.91 5.35 41.37
CA PRO I 291 19.95 4.25 41.35
C PRO I 291 20.41 3.05 40.51
N SER I 292 21.42 3.26 39.67
CA SER I 292 22.06 2.15 38.94
C SER I 292 22.61 1.09 39.90
N ILE I 293 22.85 1.48 41.14
CA ILE I 293 23.34 0.54 42.15
C ILE I 293 22.34 -0.59 42.39
N PHE I 294 21.08 -0.36 41.98
CA PHE I 294 19.96 -1.28 42.17
C PHE I 294 19.65 -2.12 40.92
N THR I 295 20.60 -2.24 40.00
CA THR I 295 20.32 -2.92 38.74
C THR I 295 20.19 -4.43 38.88
N VAL I 296 19.08 -4.97 38.38
CA VAL I 296 18.81 -6.41 38.40
C VAL I 296 19.27 -7.03 37.09
N LEU I 297 18.74 -6.51 35.99
CA LEU I 297 19.09 -6.93 34.63
C LEU I 297 19.39 -5.73 33.74
N THR I 298 20.31 -5.90 32.80
CA THR I 298 20.59 -4.83 31.86
C THR I 298 20.70 -5.34 30.42
N SER I 299 20.32 -4.48 29.47
CA SER I 299 20.47 -4.75 28.04
C SER I 299 21.42 -3.70 27.47
N PRO I 300 22.61 -4.12 27.03
CA PRO I 300 23.65 -3.20 26.55
C PRO I 300 23.40 -2.69 25.14
N THR I 301 24.13 -1.64 24.74
CA THR I 301 24.24 -1.24 23.33
C THR I 301 25.69 -1.47 22.92
N SER I 302 26.04 -1.14 21.69
CA SER I 302 27.43 -1.17 21.29
C SER I 302 28.23 0.00 21.89
N VAL I 303 27.53 0.94 22.51
CA VAL I 303 28.23 2.00 23.23
C VAL I 303 28.46 1.58 24.67
N HIS I 304 29.71 1.38 25.03
CA HIS I 304 30.05 0.87 26.34
C HIS I 304 29.56 1.81 27.44
N GLY I 305 28.90 1.23 28.43
CA GLY I 305 28.42 2.00 29.57
C GLY I 305 27.04 2.58 29.36
N MET I 306 26.59 2.64 28.11
N MET I 306 26.57 2.65 28.11
CA MET I 306 25.23 3.12 27.81
CA MET I 306 25.21 3.14 27.88
C MET I 306 24.30 1.96 27.47
C MET I 306 24.25 2.04 27.47
N ALA I 307 23.49 1.55 28.44
CA ALA I 307 22.56 0.44 28.22
C ALA I 307 21.43 0.86 27.32
N ASN I 308 20.92 -0.11 26.56
CA ASN I 308 19.64 -0.02 25.90
C ASN I 308 18.57 0.23 26.97
N MET I 309 18.59 -0.61 28.00
CA MET I 309 17.74 -0.43 29.16
C MET I 309 18.36 -1.09 30.39
N ASP I 310 18.10 -0.49 31.55
CA ASP I 310 18.42 -1.10 32.82
C ASP I 310 17.09 -1.37 33.55
N PHE I 311 16.91 -2.61 34.01
CA PHE I 311 15.83 -2.92 34.95
C PHE I 311 16.35 -2.71 36.36
N VAL I 312 15.82 -1.69 37.04
CA VAL I 312 16.26 -1.34 38.39
C VAL I 312 15.10 -1.52 39.36
N ILE I 313 15.38 -1.99 40.59
CA ILE I 313 14.34 -2.05 41.63
C ILE I 313 14.61 -1.22 42.87
N PHE I 314 13.55 -0.89 43.59
CA PHE I 314 13.69 -0.19 44.85
C PHE I 314 13.04 -1.04 45.93
N PRO I 315 13.83 -1.95 46.54
CA PRO I 315 13.34 -2.96 47.48
C PRO I 315 13.45 -2.49 48.91
N PRO I 316 12.84 -3.23 49.86
CA PRO I 316 13.09 -2.98 51.29
C PRO I 316 14.59 -3.01 51.55
N ARG I 317 15.06 -1.99 52.27
CA ARG I 317 16.49 -1.81 52.47
C ARG I 317 16.72 -0.99 53.74
N TRP I 318 17.93 -1.08 54.28
CA TRP I 318 18.31 -0.26 55.42
C TRP I 318 18.82 1.09 54.98
N MET I 319 18.28 2.15 55.58
CA MET I 319 18.73 3.51 55.35
C MET I 319 19.54 3.98 56.56
N VAL I 320 20.85 4.22 56.38
CA VAL I 320 21.70 4.61 57.50
C VAL I 320 22.51 5.91 57.30
N ALA I 321 22.48 6.47 56.10
CA ALA I 321 23.29 7.65 55.77
C ALA I 321 23.15 8.80 56.78
N GLU I 322 24.28 9.23 57.33
CA GLU I 322 24.31 10.30 58.32
C GLU I 322 24.48 11.67 57.65
N ASN I 323 23.88 12.69 58.26
CA ASN I 323 23.98 14.07 57.77
C ASN I 323 23.71 14.14 56.27
N THR I 324 22.62 13.50 55.87
CA THR I 324 22.32 13.26 54.47
C THR I 324 20.86 13.49 54.16
N PHE I 325 20.57 14.20 53.07
CA PHE I 325 19.22 14.18 52.51
C PHE I 325 18.99 12.79 51.92
N ARG I 326 18.16 12.00 52.60
CA ARG I 326 17.96 10.57 52.27
C ARG I 326 17.09 10.23 51.04
N PRO I 327 16.06 11.05 50.74
CA PRO I 327 15.28 10.78 49.52
C PRO I 327 16.11 11.00 48.26
N PRO I 328 15.65 10.44 47.13
CA PRO I 328 16.33 10.68 45.85
C PRO I 328 16.52 12.18 45.59
N TRP I 329 17.74 12.55 45.22
CA TRP I 329 18.03 13.95 44.97
C TRP I 329 17.24 14.48 43.78
N PHE I 330 17.12 15.80 43.71
CA PHE I 330 16.60 16.45 42.53
C PHE I 330 17.47 16.07 41.36
N HIS I 331 16.86 15.85 40.20
CA HIS I 331 17.55 15.17 39.12
C HIS I 331 17.09 15.56 37.73
N ARG I 332 18.06 15.74 36.83
CA ARG I 332 17.81 15.84 35.40
C ARG I 332 18.78 14.85 34.73
N ASN I 333 18.30 14.16 33.71
CA ASN I 333 18.94 12.94 33.19
C ASN I 333 18.83 12.85 31.66
N LEU I 334 19.93 12.49 31.01
CA LEU I 334 19.89 12.15 29.58
C LEU I 334 19.00 10.91 29.34
N MET I 335 19.04 9.97 30.28
CA MET I 335 18.23 8.77 30.19
C MET I 335 16.75 9.05 30.49
N ASN I 336 15.89 8.11 30.10
CA ASN I 336 14.45 8.26 30.26
C ASN I 336 13.94 7.29 31.32
N GLU I 337 13.24 7.82 32.32
CA GLU I 337 12.87 7.01 33.49
C GLU I 337 11.38 6.69 33.56
N PHE I 338 11.08 5.41 33.47
CA PHE I 338 9.70 4.93 33.57
C PHE I 338 9.62 4.12 34.86
N MET I 339 8.85 4.63 35.82
CA MET I 339 8.69 3.95 37.11
C MET I 339 7.39 3.14 37.18
N GLY I 340 7.44 2.00 37.83
CA GLY I 340 6.25 1.23 38.12
C GLY I 340 6.22 0.89 39.58
N LEU I 341 5.15 0.27 40.04
CA LEU I 341 4.98 -0.08 41.44
C LEU I 341 4.27 -1.43 41.58
N ILE I 342 4.94 -2.38 42.21
CA ILE I 342 4.40 -3.74 42.31
C ILE I 342 3.53 -3.89 43.56
N ASN I 343 4.00 -3.36 44.68
CA ASN I 343 3.20 -3.37 45.90
C ASN I 343 3.70 -2.34 46.92
N GLY I 344 2.79 -1.91 47.80
CA GLY I 344 3.14 -1.04 48.91
C GLY I 344 3.30 0.41 48.50
N GLY I 352 -0.34 9.73 44.87
CA GLY I 352 -1.09 9.37 43.69
C GLY I 352 -0.35 8.32 42.88
N PHE I 353 0.63 7.69 43.52
CA PHE I 353 1.43 6.64 42.88
C PHE I 353 1.09 5.29 43.49
N LEU I 354 0.21 4.55 42.84
CA LEU I 354 -0.32 3.30 43.37
C LEU I 354 0.24 2.09 42.64
N PRO I 355 0.10 0.89 43.24
CA PRO I 355 0.50 -0.31 42.49
C PRO I 355 -0.23 -0.37 41.14
N GLY I 356 0.52 -0.62 40.06
CA GLY I 356 -0.05 -0.59 38.74
C GLY I 356 0.13 0.78 38.11
N GLY I 357 0.44 1.77 38.93
CA GLY I 357 0.69 3.10 38.45
C GLY I 357 1.98 3.19 37.65
N ALA I 358 2.15 4.29 36.94
CA ALA I 358 3.36 4.53 36.16
C ALA I 358 3.71 6.01 36.11
N SER I 359 4.98 6.31 35.89
CA SER I 359 5.37 7.68 35.68
C SER I 359 6.52 7.71 34.69
N LEU I 360 6.46 8.63 33.74
CA LEU I 360 7.52 8.76 32.74
C LEU I 360 8.20 10.12 32.87
N HIS I 361 9.49 10.10 33.14
CA HIS I 361 10.28 11.32 33.20
C HIS I 361 11.30 11.24 32.09
N GLY I 362 10.97 11.87 30.97
CA GLY I 362 11.80 11.85 29.77
C GLY I 362 13.08 12.64 29.87
N VAL I 363 13.86 12.62 28.79
CA VAL I 363 15.16 13.27 28.71
C VAL I 363 15.16 14.73 29.17
N MET I 364 16.01 14.98 30.17
CA MET I 364 16.21 16.29 30.76
C MET I 364 14.98 16.89 31.46
N SER I 365 13.97 16.08 31.75
CA SER I 365 12.84 16.59 32.51
C SER I 365 13.29 16.73 33.96
N ALA I 366 12.82 17.76 34.64
CA ALA I 366 13.26 18.01 36.00
C ALA I 366 12.42 17.27 37.03
N HIS I 367 13.03 16.34 37.76
CA HIS I 367 12.30 15.61 38.79
C HIS I 367 12.99 15.64 40.15
N GLY I 368 12.55 14.77 41.05
CA GLY I 368 12.95 14.83 42.44
C GLY I 368 11.73 14.83 43.37
N PRO I 369 11.94 15.07 44.66
CA PRO I 369 10.90 14.98 45.69
C PRO I 369 9.98 16.21 45.73
N ASP I 370 8.91 16.12 46.50
CA ASP I 370 8.02 17.27 46.67
C ASP I 370 8.40 18.08 47.91
N ALA I 371 7.62 19.13 48.17
CA ALA I 371 7.84 20.01 49.31
C ALA I 371 7.75 19.25 50.62
N GLU I 372 6.78 18.34 50.69
CA GLU I 372 6.54 17.53 51.87
C GLU I 372 7.72 16.63 52.22
N THR I 373 8.12 15.80 51.26
CA THR I 373 9.28 14.93 51.42
C THR I 373 10.51 15.71 51.88
N CYS I 374 10.74 16.86 51.25
CA CYS I 374 11.92 17.70 51.55
C CYS I 374 11.90 18.19 52.97
N GLU I 375 10.76 18.74 53.38
CA GLU I 375 10.59 19.31 54.72
C GLU I 375 10.84 18.27 55.80
N LYS I 376 10.39 17.04 55.57
CA LYS I 376 10.52 16.00 56.56
C LYS I 376 11.93 15.41 56.61
N ALA I 377 12.56 15.26 55.45
CA ALA I 377 13.91 14.71 55.37
C ALA I 377 14.93 15.69 55.94
N ILE I 378 14.79 16.95 55.55
CA ILE I 378 15.66 18.01 56.07
C ILE I 378 15.55 18.09 57.59
N ALA I 379 14.34 17.91 58.11
CA ALA I 379 14.09 18.03 59.54
C ALA I 379 14.37 16.75 60.32
N ALA I 380 14.21 15.61 59.66
CA ALA I 380 14.35 14.30 60.30
C ALA I 380 15.60 14.14 61.17
N ASP I 381 15.40 13.50 62.32
CA ASP I 381 16.49 13.10 63.18
C ASP I 381 17.00 11.79 62.58
N LEU I 382 18.20 11.81 62.03
CA LEU I 382 18.69 10.66 61.29
C LEU I 382 19.06 9.49 62.21
N ALA I 383 18.45 8.36 61.92
CA ALA I 383 18.72 7.12 62.63
C ALA I 383 18.60 6.02 61.60
N PRO I 384 19.23 4.86 61.84
CA PRO I 384 19.07 3.73 60.93
C PRO I 384 17.60 3.34 60.82
N HIS I 385 17.12 3.25 59.60
CA HIS I 385 15.70 3.01 59.36
C HIS I 385 15.57 1.99 58.26
N LYS I 386 14.79 0.94 58.52
CA LYS I 386 14.53 -0.09 57.54
C LYS I 386 13.26 0.22 56.75
N ILE I 387 13.39 0.44 55.45
CA ILE I 387 12.23 0.54 54.59
C ILE I 387 11.76 -0.88 54.35
N ASP I 388 10.44 -1.09 54.43
CA ASP I 388 9.87 -2.41 54.26
C ASP I 388 8.53 -2.36 53.52
N ASN I 389 8.04 -3.52 53.10
CA ASN I 389 6.69 -3.68 52.56
C ASN I 389 6.37 -2.81 51.35
N THR I 390 7.35 -2.71 50.45
CA THR I 390 7.20 -1.95 49.22
C THR I 390 8.18 -2.50 48.19
N MET I 391 7.83 -2.37 46.92
CA MET I 391 8.75 -2.75 45.85
C MET I 391 8.39 -1.98 44.59
N ALA I 392 9.22 -0.99 44.26
CA ALA I 392 9.03 -0.24 43.02
C ALA I 392 10.15 -0.63 42.07
N PHE I 393 10.03 -0.24 40.81
CA PHE I 393 11.07 -0.51 39.84
C PHE I 393 11.11 0.59 38.80
N MET I 394 12.17 0.58 38.00
CA MET I 394 12.27 1.50 36.87
C MET I 394 12.78 0.77 35.63
N PHE I 395 12.16 1.05 34.49
CA PHE I 395 12.79 0.74 33.22
C PHE I 395 13.47 2.05 32.77
N GLU I 396 14.80 2.10 32.84
CA GLU I 396 15.50 3.28 32.34
C GLU I 396 16.09 2.98 30.97
N THR I 397 15.80 3.83 29.99
CA THR I 397 16.28 3.59 28.63
C THR I 397 17.06 4.78 28.08
N SER I 398 18.07 4.49 27.26
CA SER I 398 18.85 5.52 26.61
C SER I 398 18.08 6.28 25.52
N GLN I 399 17.31 5.57 24.70
CA GLN I 399 16.51 6.24 23.69
C GLN I 399 15.28 6.91 24.32
N VAL I 400 14.76 7.96 23.66
CA VAL I 400 13.55 8.61 24.11
C VAL I 400 12.34 7.66 24.05
N LEU I 401 11.57 7.63 25.13
CA LEU I 401 10.35 6.83 25.15
C LEU I 401 9.15 7.68 24.74
N ARG I 402 8.47 7.29 23.67
CA ARG I 402 7.32 8.06 23.19
C ARG I 402 6.02 7.40 23.64
N PRO I 403 5.21 8.11 24.45
CA PRO I 403 3.92 7.53 24.87
C PRO I 403 3.02 7.27 23.67
N SER I 404 2.27 6.17 23.70
CA SER I 404 1.34 5.84 22.64
C SER I 404 0.12 6.73 22.75
N LEU I 405 -0.64 6.89 21.66
CA LEU I 405 -1.83 7.73 21.71
C LEU I 405 -2.78 7.24 22.80
N GLN I 406 -3.03 5.93 22.82
CA GLN I 406 -3.93 5.34 23.81
C GLN I 406 -3.53 5.74 25.23
N ALA I 407 -2.25 5.70 25.52
CA ALA I 407 -1.73 6.12 26.82
C ALA I 407 -2.04 7.58 27.13
N LEU I 408 -1.98 8.43 26.11
CA LEU I 408 -2.20 9.86 26.32
C LEU I 408 -3.69 10.21 26.32
N GLU I 409 -4.52 9.33 25.76
CA GLU I 409 -5.96 9.60 25.68
C GLU I 409 -6.74 8.90 26.78
N CYS I 410 -6.13 7.89 27.38
CA CYS I 410 -6.78 7.11 28.43
C CYS I 410 -7.05 7.98 29.67
N PRO I 411 -8.10 7.63 30.43
CA PRO I 411 -8.55 8.42 31.58
C PRO I 411 -7.68 8.29 32.82
N GLN I 412 -6.73 7.35 32.80
N GLN I 412 -6.75 7.34 32.80
CA GLN I 412 -5.89 7.09 33.95
CA GLN I 412 -5.88 7.06 33.94
C GLN I 412 -4.70 8.04 34.03
C GLN I 412 -4.70 8.03 34.02
N LEU I 413 -4.46 8.76 32.94
CA LEU I 413 -3.44 9.80 32.90
C LEU I 413 -3.82 10.98 33.81
N GLN I 414 -3.04 11.21 34.86
CA GLN I 414 -3.29 12.34 35.75
C GLN I 414 -3.02 13.64 35.03
N ALA I 415 -3.99 14.56 35.03
CA ALA I 415 -3.85 15.81 34.28
C ALA I 415 -3.18 16.96 35.05
N ASP I 416 -2.91 16.78 36.33
CA ASP I 416 -2.27 17.85 37.10
C ASP I 416 -1.01 17.39 37.83
N TYR I 417 -0.29 16.47 37.20
CA TYR I 417 0.91 15.87 37.78
C TYR I 417 1.93 16.96 38.17
N ASP I 418 2.10 17.95 37.31
CA ASP I 418 3.06 19.04 37.55
C ASP I 418 2.85 19.75 38.88
N SER I 419 1.61 19.76 39.38
CA SER I 419 1.29 20.48 40.62
C SER I 419 1.87 19.81 41.86
N CYS I 420 2.34 18.58 41.70
CA CYS I 420 3.04 17.90 42.78
C CYS I 420 4.27 18.68 43.28
N TRP I 421 4.81 19.56 42.43
CA TRP I 421 6.05 20.28 42.75
C TRP I 421 5.83 21.77 42.96
N ALA I 422 4.58 22.21 42.82
CA ALA I 422 4.24 23.63 42.80
C ALA I 422 4.58 24.35 44.10
N THR I 423 4.50 23.63 45.22
CA THR I 423 4.70 24.24 46.55
C THR I 423 6.12 24.18 47.07
N LEU I 424 7.08 23.88 46.21
CA LEU I 424 8.49 23.93 46.61
C LEU I 424 8.90 25.37 46.92
N PRO I 425 9.41 25.60 48.14
CA PRO I 425 9.78 26.94 48.60
C PRO I 425 11.28 27.18 48.48
N SER I 426 11.67 28.44 48.48
CA SER I 426 13.08 28.77 48.65
C SER I 426 13.37 28.86 50.13
N THR I 427 14.40 28.15 50.56
CA THR I 427 14.85 28.16 51.93
C THR I 427 16.20 28.83 51.96
N PHE I 428 16.49 29.60 50.90
CA PHE I 428 17.82 30.14 50.67
C PHE I 428 18.08 31.37 51.50
N ASN I 429 19.14 31.31 52.31
CA ASN I 429 19.58 32.47 53.09
C ASN I 429 21.06 32.78 52.85
N PRO I 430 21.32 33.87 52.14
CA PRO I 430 22.68 34.31 51.82
C PRO I 430 23.46 34.80 53.05
N ASN I 431 22.78 35.00 54.17
CA ASN I 431 23.44 35.54 55.36
C ASN I 431 23.75 34.49 56.41
N ARG I 432 23.45 33.24 56.09
CA ARG I 432 23.77 32.13 57.00
C ARG I 432 24.08 30.84 56.26
N ARG I 433 25.35 30.50 56.13
CA ARG I 433 25.73 29.23 55.54
C ARG I 433 25.24 28.06 56.40
N ASP J 8 49.35 27.54 56.79
CA ASP J 8 48.12 27.36 56.03
C ASP J 8 48.40 27.13 54.54
N LEU J 9 48.21 25.88 54.09
CA LEU J 9 48.50 25.49 52.71
C LEU J 9 47.25 25.52 51.84
N HIS J 10 47.44 25.83 50.56
CA HIS J 10 46.32 25.84 49.63
C HIS J 10 46.45 24.67 48.67
N TYR J 11 45.33 24.27 48.11
CA TYR J 11 45.26 23.09 47.27
C TYR J 11 44.28 23.29 46.12
N LEU J 12 44.55 22.62 45.01
CA LEU J 12 43.66 22.48 43.87
C LEU J 12 42.93 21.13 43.94
N SER J 13 41.66 21.08 43.54
CA SER J 13 40.87 19.84 43.69
C SER J 13 40.50 19.16 42.38
N GLY J 14 40.29 17.84 42.43
CA GLY J 14 39.78 17.12 41.28
C GLY J 14 40.74 16.11 40.67
N PHE J 15 40.58 14.84 41.02
CA PHE J 15 41.47 13.79 40.55
C PHE J 15 41.59 13.74 39.01
N GLY J 16 42.82 13.61 38.52
CA GLY J 16 43.07 13.51 37.09
C GLY J 16 42.96 14.81 36.32
N ASN J 17 42.79 15.92 37.04
CA ASN J 17 42.61 17.23 36.39
C ASN J 17 43.83 17.73 35.63
N GLU J 18 43.57 18.48 34.56
CA GLU J 18 44.62 19.30 33.94
C GLU J 18 44.71 20.56 34.78
N PHE J 19 45.64 20.56 35.73
CA PHE J 19 45.82 21.69 36.61
C PHE J 19 46.66 22.81 35.99
N ALA J 20 46.60 24.00 36.58
CA ALA J 20 47.40 25.13 36.13
C ALA J 20 47.66 26.03 37.34
N SER J 21 48.93 26.18 37.71
CA SER J 21 49.24 26.94 38.92
C SER J 21 50.51 27.77 38.74
N GLU J 22 50.49 29.00 39.23
CA GLU J 22 51.63 29.90 39.11
C GLU J 22 51.90 30.72 40.38
N ALA J 23 53.16 30.77 40.81
CA ALA J 23 53.54 31.47 42.03
C ALA J 23 53.77 32.95 41.76
N LEU J 24 53.94 33.31 40.49
CA LEU J 24 54.02 34.70 40.06
C LEU J 24 52.97 34.95 38.98
N PRO J 25 52.40 36.17 38.92
CA PRO J 25 51.37 36.41 37.91
C PRO J 25 51.92 36.31 36.50
N GLY J 26 51.25 35.52 35.66
CA GLY J 26 51.63 35.36 34.27
C GLY J 26 52.92 34.59 34.05
N ALA J 27 53.39 33.90 35.08
CA ALA J 27 54.57 33.04 34.90
C ALA J 27 54.27 31.84 33.98
N LEU J 28 53.02 31.41 33.95
CA LEU J 28 52.56 30.40 33.01
C LEU J 28 52.37 31.04 31.62
N PRO J 29 53.07 30.50 30.60
CA PRO J 29 52.90 31.06 29.25
C PRO J 29 51.46 30.95 28.82
N VAL J 30 50.87 32.02 28.31
CA VAL J 30 49.51 31.92 27.86
C VAL J 30 49.43 31.51 26.39
N GLY J 31 48.69 30.44 26.12
CA GLY J 31 48.34 30.07 24.77
C GLY J 31 49.32 29.13 24.12
N GLN J 32 50.36 28.75 24.84
CA GLN J 32 51.32 27.78 24.33
C GLN J 32 52.13 27.22 25.49
N ASN J 33 52.96 26.20 25.22
CA ASN J 33 53.81 25.65 26.26
C ASN J 33 55.26 26.13 26.18
N SER J 34 55.71 26.47 24.97
CA SER J 34 57.14 26.69 24.75
C SER J 34 57.45 28.03 24.09
N PRO J 35 57.27 29.13 24.83
CA PRO J 35 57.64 30.42 24.26
C PRO J 35 59.16 30.54 24.05
N GLN J 36 59.58 31.43 23.14
CA GLN J 36 61.00 31.75 22.98
C GLN J 36 61.48 32.50 24.21
N LYS J 37 60.72 33.51 24.59
CA LYS J 37 61.06 34.30 25.77
C LYS J 37 60.03 34.03 26.86
N ALA J 38 60.27 32.97 27.61
CA ALA J 38 59.40 32.58 28.71
C ALA J 38 59.29 33.67 29.76
N PRO J 39 58.08 33.90 30.28
CA PRO J 39 57.87 34.89 31.35
C PRO J 39 58.84 34.70 32.53
N TYR J 40 59.41 35.83 32.99
CA TYR J 40 60.40 35.87 34.07
C TYR J 40 61.72 35.17 33.73
N GLY J 41 61.92 34.84 32.46
CA GLY J 41 63.16 34.17 32.06
C GLY J 41 63.27 32.77 32.66
N LEU J 42 62.11 32.12 32.81
CA LEU J 42 62.04 30.73 33.25
C LEU J 42 62.35 29.76 32.12
N TYR J 43 62.69 28.52 32.47
CA TYR J 43 62.91 27.45 31.51
C TYR J 43 61.69 26.53 31.50
N ALA J 44 61.23 26.13 30.31
CA ALA J 44 60.18 25.14 30.17
C ALA J 44 60.75 23.74 30.27
N GLU J 45 60.07 22.87 31.02
CA GLU J 45 60.50 21.49 31.16
C GLU J 45 59.31 20.54 31.19
N LEU J 46 59.36 19.52 30.35
CA LEU J 46 58.28 18.55 30.27
C LEU J 46 58.58 17.32 31.10
N LEU J 47 57.69 17.01 32.05
CA LEU J 47 57.82 15.78 32.83
C LEU J 47 56.77 14.80 32.33
N SER J 48 57.23 13.84 31.54
CA SER J 48 56.35 12.91 30.87
C SER J 48 56.18 11.67 31.73
N GLY J 49 55.03 11.60 32.41
CA GLY J 49 54.77 10.50 33.33
C GLY J 49 54.36 9.22 32.62
N THR J 50 54.01 9.32 31.35
CA THR J 50 53.55 8.16 30.60
C THR J 50 54.13 8.25 29.21
N ALA J 51 54.02 7.18 28.43
CA ALA J 51 54.34 7.26 27.01
C ALA J 51 53.54 8.40 26.42
N PHE J 52 54.11 9.09 25.42
CA PHE J 52 53.39 10.15 24.71
C PHE J 52 52.04 9.70 24.16
N THR J 53 51.97 8.45 23.71
CA THR J 53 50.85 7.98 22.91
C THR J 53 49.78 7.22 23.68
N MET J 54 49.71 7.45 24.99
CA MET J 54 48.66 6.85 25.81
C MET J 54 47.30 7.45 25.42
N ALA J 55 46.24 6.68 25.62
CA ALA J 55 44.90 7.24 25.51
C ALA J 55 44.85 8.43 26.45
N ARG J 56 44.23 9.53 26.02
CA ARG J 56 44.20 10.75 26.82
C ARG J 56 43.78 10.53 28.28
N SER J 57 42.84 9.63 28.51
CA SER J 57 42.38 9.36 29.87
C SER J 57 43.50 8.77 30.75
N GLU J 58 44.49 8.15 30.10
CA GLU J 58 45.58 7.50 30.82
C GLU J 58 46.85 8.35 30.81
N LEU J 59 46.81 9.47 30.08
CA LEU J 59 47.98 10.34 29.95
C LEU J 59 48.28 11.06 31.25
N ARG J 60 49.57 11.18 31.58
CA ARG J 60 50.00 12.01 32.70
C ARG J 60 51.29 12.75 32.31
N ARG J 61 51.19 14.08 32.20
CA ARG J 61 52.35 14.87 31.83
C ARG J 61 52.23 16.28 32.39
N THR J 62 53.35 16.81 32.87
CA THR J 62 53.34 18.12 33.48
C THR J 62 54.44 19.01 32.88
N TRP J 63 54.05 20.23 32.53
CA TRP J 63 54.98 21.25 32.06
C TRP J 63 55.39 22.11 33.25
N LEU J 64 56.69 22.30 33.41
CA LEU J 64 57.25 23.05 34.53
C LEU J 64 57.99 24.28 34.00
N TYR J 65 57.85 25.39 34.72
CA TYR J 65 58.52 26.63 34.35
C TYR J 65 59.41 27.04 35.53
N ARG J 66 60.68 26.66 35.43
CA ARG J 66 61.58 26.60 36.56
C ARG J 66 62.85 27.47 36.38
N ILE J 67 63.49 27.78 37.50
CA ILE J 67 64.65 28.66 37.48
C ILE J 67 65.87 28.04 36.77
N ARG J 68 66.16 26.77 37.05
CA ARG J 68 67.22 26.03 36.37
C ARG J 68 66.71 24.67 35.90
N PRO J 69 67.11 24.24 34.69
CA PRO J 69 66.61 22.95 34.20
C PRO J 69 67.11 21.79 35.06
N SER J 70 66.41 20.67 35.01
CA SER J 70 66.82 19.52 35.79
C SER J 70 68.15 18.97 35.27
N ALA J 71 68.40 19.19 33.99
CA ALA J 71 69.63 18.73 33.34
C ALA J 71 70.90 19.24 34.02
N LEU J 72 70.80 20.36 34.74
CA LEU J 72 71.97 20.93 35.41
C LEU J 72 72.33 20.15 36.66
N HIS J 73 73.10 19.08 36.47
CA HIS J 73 73.58 18.30 37.58
C HIS J 73 74.84 17.56 37.16
N PRO J 74 75.78 17.36 38.09
CA PRO J 74 76.95 16.55 37.76
C PRO J 74 76.62 15.06 37.82
N ARG J 75 77.63 14.23 37.59
CA ARG J 75 77.47 12.77 37.62
C ARG J 75 76.98 12.19 38.97
N PHE J 76 75.91 11.40 38.89
CA PHE J 76 75.44 10.63 40.04
C PHE J 76 76.43 9.57 40.43
N GLU J 77 76.68 9.45 41.73
CA GLU J 77 77.51 8.37 42.28
C GLU J 77 76.72 7.55 43.30
N ARG J 78 77.02 6.26 43.34
CA ARG J 78 76.36 5.36 44.26
C ARG J 78 76.77 5.69 45.70
N LEU J 79 75.79 5.83 46.57
CA LEU J 79 76.06 6.04 47.97
C LEU J 79 76.50 4.72 48.59
N ALA J 80 77.25 4.80 49.69
CA ALA J 80 77.61 3.60 50.45
C ALA J 80 76.42 3.08 51.22
N ARG J 81 75.65 3.98 51.81
CA ARG J 81 74.48 3.60 52.58
C ARG J 81 73.35 3.17 51.62
N GLN J 82 72.88 1.93 51.77
CA GLN J 82 71.89 1.34 50.87
C GLN J 82 70.75 0.60 51.59
N PRO J 83 69.70 1.33 52.02
CA PRO J 83 68.64 0.75 52.86
C PRO J 83 67.91 -0.43 52.22
N LEU J 84 68.02 -0.57 50.90
CA LEU J 84 67.23 -1.54 50.17
C LEU J 84 68.11 -2.58 49.49
N GLY J 85 69.33 -2.75 49.98
CA GLY J 85 70.29 -3.64 49.38
C GLY J 85 70.21 -5.09 49.85
N GLY J 86 69.47 -5.33 50.93
CA GLY J 86 69.35 -6.65 51.49
C GLY J 86 68.59 -7.60 50.59
N PRO J 87 68.89 -8.90 50.71
CA PRO J 87 68.39 -9.90 49.77
C PRO J 87 66.92 -10.25 49.99
N LEU J 88 66.34 -10.93 48.99
CA LEU J 88 65.02 -11.49 49.15
C LEU J 88 65.10 -12.59 50.21
N GLY J 89 64.04 -12.76 50.98
CA GLY J 89 63.96 -13.88 51.90
C GLY J 89 63.78 -15.17 51.13
N GLY J 90 63.83 -16.29 51.83
CA GLY J 90 63.64 -17.59 51.18
C GLY J 90 62.18 -17.89 50.88
N ILE J 91 61.94 -18.89 50.05
CA ILE J 91 60.58 -19.31 49.70
C ILE J 91 59.87 -19.69 50.99
N ASN J 92 58.64 -19.19 51.16
CA ASN J 92 57.87 -19.43 52.39
C ASN J 92 56.39 -19.16 52.16
N PRO J 93 55.56 -20.22 52.11
CA PRO J 93 54.12 -20.14 51.84
C PRO J 93 53.31 -19.79 53.07
N ASN J 94 53.96 -19.62 54.21
CA ASN J 94 53.24 -19.44 55.45
C ASN J 94 52.52 -18.13 55.61
N ARG J 95 51.49 -18.14 56.45
CA ARG J 95 50.78 -16.94 56.85
C ARG J 95 51.66 -16.17 57.81
N LEU J 96 51.87 -14.89 57.55
CA LEU J 96 52.83 -14.12 58.33
C LEU J 96 52.17 -12.90 58.95
N ARG J 97 52.60 -12.57 60.16
CA ARG J 97 52.10 -11.38 60.85
C ARG J 97 53.22 -10.69 61.62
N TRP J 98 53.39 -9.38 61.39
CA TRP J 98 54.42 -8.62 62.10
C TRP J 98 53.84 -7.66 63.14
N SER J 99 54.54 -7.55 64.27
CA SER J 99 54.29 -6.50 65.25
C SER J 99 54.74 -5.13 64.71
N PRO J 100 54.36 -4.02 65.37
CA PRO J 100 54.79 -2.71 64.86
C PRO J 100 56.30 -2.53 64.87
N GLN J 101 56.83 -1.78 63.90
CA GLN J 101 58.28 -1.62 63.78
C GLN J 101 58.79 -0.49 64.66
N PRO J 102 59.83 -0.75 65.48
CA PRO J 102 60.45 0.32 66.27
C PRO J 102 61.23 1.32 65.39
N ILE J 103 61.13 2.60 65.70
CA ILE J 103 61.91 3.60 64.99
C ILE J 103 63.36 3.51 65.44
N PRO J 104 64.29 3.34 64.50
CA PRO J 104 65.70 3.14 64.86
C PRO J 104 66.29 4.35 65.58
N ALA J 105 67.40 4.12 66.29
CA ALA J 105 68.03 5.15 67.09
C ALA J 105 69.02 5.94 66.24
N GLU J 106 69.69 5.24 65.33
CA GLU J 106 70.61 5.92 64.43
C GLU J 106 69.85 6.91 63.57
N PRO J 107 70.52 8.01 63.17
CA PRO J 107 69.91 9.04 62.33
C PRO J 107 69.38 8.44 61.04
N THR J 108 68.11 8.70 60.75
CA THR J 108 67.46 8.08 59.61
C THR J 108 66.40 9.02 59.05
N ASP J 109 66.62 9.54 57.84
CA ASP J 109 65.58 10.34 57.19
C ASP J 109 64.56 9.45 56.48
N PHE J 110 63.55 10.06 55.88
CA PHE J 110 62.46 9.33 55.27
C PHE J 110 62.92 8.26 54.29
N ILE J 111 63.87 8.59 53.43
CA ILE J 111 64.32 7.63 52.40
C ILE J 111 65.23 6.56 52.96
N GLU J 112 66.02 6.95 53.97
CA GLU J 112 66.93 6.01 54.64
C GLU J 112 66.18 4.96 55.46
N GLY J 113 64.91 5.21 55.76
CA GLY J 113 64.14 4.36 56.66
C GLY J 113 63.17 3.33 56.11
N TRP J 114 63.06 3.19 54.81
CA TRP J 114 62.18 2.18 54.25
C TRP J 114 62.67 0.79 54.64
N LEU J 115 61.87 0.08 55.43
CA LEU J 115 62.15 -1.29 55.80
C LEU J 115 61.42 -2.15 54.78
N PRO J 116 62.17 -2.83 53.88
CA PRO J 116 61.52 -3.70 52.90
C PRO J 116 60.73 -4.81 53.59
N MET J 117 59.44 -4.89 53.32
CA MET J 117 58.58 -5.91 53.94
C MET J 117 58.34 -7.09 53.00
N ALA J 118 57.64 -6.84 51.90
CA ALA J 118 57.47 -7.84 50.85
C ALA J 118 57.30 -7.15 49.48
N ALA J 119 57.68 -7.86 48.43
CA ALA J 119 57.70 -7.26 47.10
C ALA J 119 57.55 -8.33 46.00
N ASN J 120 57.06 -7.90 44.84
CA ASN J 120 56.85 -8.83 43.74
C ASN J 120 58.16 -9.26 43.09
N ALA J 121 59.21 -8.48 43.31
CA ALA J 121 60.49 -8.74 42.66
C ALA J 121 61.65 -8.10 43.41
N GLY J 122 62.85 -8.60 43.16
CA GLY J 122 64.06 -8.03 43.72
C GLY J 122 64.13 -6.55 43.38
N ALA J 123 64.79 -5.78 44.25
CA ALA J 123 64.88 -4.33 44.08
C ALA J 123 65.62 -3.97 42.80
N GLU J 124 66.48 -4.87 42.33
CA GLU J 124 67.31 -4.60 41.16
C GLU J 124 66.52 -4.81 39.86
N LYS J 125 65.38 -5.49 39.95
CA LYS J 125 64.51 -5.66 38.79
C LYS J 125 63.07 -5.31 39.13
N PRO J 126 62.78 -4.04 39.39
CA PRO J 126 61.44 -3.69 39.88
C PRO J 126 60.31 -3.99 38.87
N ALA J 127 59.23 -4.53 39.42
CA ALA J 127 58.06 -4.91 38.66
C ALA J 127 56.93 -5.02 39.68
N GLY J 128 55.71 -4.74 39.24
CA GLY J 128 54.55 -4.91 40.10
C GLY J 128 54.59 -3.92 41.23
N VAL J 129 54.62 -4.42 42.45
CA VAL J 129 54.61 -3.58 43.64
C VAL J 129 55.62 -4.04 44.70
N SER J 130 56.30 -3.07 45.31
CA SER J 130 57.16 -3.32 46.45
C SER J 130 56.59 -2.63 47.69
N ILE J 131 56.58 -3.35 48.79
CA ILE J 131 55.96 -2.87 50.02
C ILE J 131 57.00 -2.60 51.10
N TYR J 132 56.87 -1.45 51.74
CA TYR J 132 57.82 -1.05 52.77
C TYR J 132 57.09 -0.49 53.98
N ILE J 133 57.75 -0.53 55.13
CA ILE J 133 57.32 0.28 56.27
C ILE J 133 58.41 1.32 56.54
N TYR J 134 58.02 2.59 56.60
CA TYR J 134 59.03 3.62 56.81
C TYR J 134 59.14 4.02 58.28
N ARG J 135 60.38 4.12 58.75
CA ARG J 135 60.67 4.56 60.10
C ARG J 135 61.72 5.67 60.03
N ALA J 136 61.42 6.81 60.62
CA ALA J 136 62.29 7.97 60.46
C ALA J 136 62.29 8.84 61.70
N ASN J 137 63.47 9.41 61.98
CA ASN J 137 63.66 10.25 63.16
C ASN J 137 64.37 11.55 62.84
N ARG J 138 64.51 11.84 61.55
CA ARG J 138 65.17 13.05 61.08
C ARG J 138 64.45 13.59 59.87
N SER J 139 64.34 14.91 59.77
CA SER J 139 63.88 15.54 58.55
C SER J 139 64.96 15.43 57.47
N MET J 140 64.55 15.58 56.21
CA MET J 140 65.45 15.43 55.07
C MET J 140 66.17 16.76 54.76
N GLU J 141 67.50 16.72 54.73
CA GLU J 141 68.27 17.86 54.28
C GLU J 141 68.90 17.52 52.95
N ARG J 142 68.03 17.13 52.02
CA ARG J 142 68.37 16.79 50.65
C ARG J 142 67.07 16.56 49.90
N VAL J 143 67.16 16.49 48.58
CA VAL J 143 66.02 16.29 47.70
C VAL J 143 66.16 14.93 47.01
N PHE J 144 65.04 14.23 46.84
CA PHE J 144 65.06 12.85 46.34
C PHE J 144 64.05 12.68 45.20
N PHE J 145 64.35 11.79 44.25
CA PHE J 145 63.31 11.30 43.33
C PHE J 145 63.41 9.79 43.10
N ASN J 146 62.27 9.18 42.80
CA ASN J 146 62.23 7.73 42.61
C ASN J 146 62.04 7.38 41.15
N ALA J 147 63.06 6.81 40.52
CA ALA J 147 62.96 6.49 39.10
C ALA J 147 62.27 5.14 38.87
N ASP J 148 62.11 4.39 39.96
CA ASP J 148 61.59 3.02 39.92
C ASP J 148 60.05 2.90 39.98
N GLY J 149 59.39 3.97 40.41
CA GLY J 149 57.95 3.95 40.43
C GLY J 149 57.27 5.04 41.25
N GLU J 150 55.94 4.99 41.23
CA GLU J 150 55.10 5.96 41.91
C GLU J 150 54.96 5.52 43.39
N LEU J 151 54.92 6.49 44.32
CA LEU J 151 54.87 6.13 45.75
C LEU J 151 53.54 6.45 46.39
N LEU J 152 52.91 5.44 46.99
CA LEU J 152 51.70 5.61 47.81
C LEU J 152 52.08 5.54 49.29
N LEU J 153 51.88 6.66 49.99
CA LEU J 153 52.29 6.81 51.38
C LEU J 153 51.08 6.73 52.31
N VAL J 154 51.18 5.89 53.32
CA VAL J 154 50.10 5.73 54.31
C VAL J 154 50.66 5.90 55.71
N PRO J 155 50.71 7.15 56.20
CA PRO J 155 51.31 7.49 57.50
C PRO J 155 50.54 6.87 58.66
N GLU J 156 51.25 6.31 59.64
CA GLU J 156 50.60 5.70 60.79
C GLU J 156 50.84 6.51 62.07
N GLN J 157 52.09 6.95 62.27
CA GLN J 157 52.44 7.84 63.37
C GLN J 157 53.19 9.07 62.86
N GLY J 158 52.68 10.25 63.15
CA GLY J 158 53.40 11.50 62.89
C GLY J 158 53.05 12.15 61.56
N ARG J 159 53.04 13.49 61.53
CA ARG J 159 52.74 14.21 60.30
C ARG J 159 53.96 14.40 59.44
N LEU J 160 53.74 14.41 58.12
CA LEU J 160 54.79 14.73 57.18
C LEU J 160 54.51 16.08 56.50
N ARG J 161 55.55 16.87 56.26
CA ARG J 161 55.41 18.01 55.37
C ARG J 161 56.21 17.73 54.12
N ILE J 162 55.51 17.61 53.00
CA ILE J 162 56.15 17.10 51.80
C ILE J 162 56.27 18.19 50.78
N ALA J 163 57.51 18.65 50.57
CA ALA J 163 57.80 19.66 49.57
C ALA J 163 58.16 18.99 48.26
N THR J 164 57.27 19.10 47.28
CA THR J 164 57.48 18.51 45.98
C THR J 164 57.81 19.60 44.98
N GLU J 165 58.17 19.23 43.76
CA GLU J 165 58.38 20.22 42.72
C GLU J 165 57.14 21.09 42.50
N LEU J 166 55.94 20.52 42.64
CA LEU J 166 54.71 21.30 42.33
C LEU J 166 54.14 22.08 43.53
N GLY J 167 54.82 21.99 44.66
CA GLY J 167 54.36 22.68 45.84
C GLY J 167 54.38 21.74 47.02
N VAL J 168 53.88 22.21 48.16
CA VAL J 168 54.02 21.50 49.43
C VAL J 168 52.68 20.97 49.96
N MET J 169 52.69 19.74 50.47
CA MET J 169 51.51 19.19 51.14
C MET J 169 51.84 18.59 52.49
N GLU J 170 50.88 18.66 53.41
CA GLU J 170 50.96 17.97 54.69
C GLU J 170 49.95 16.81 54.77
N VAL J 171 50.44 15.65 55.18
CA VAL J 171 49.67 14.42 55.29
C VAL J 171 49.80 13.94 56.71
N GLU J 172 48.67 13.66 57.34
CA GLU J 172 48.65 13.08 58.68
C GLU J 172 47.98 11.73 58.58
N PRO J 173 48.17 10.87 59.60
CA PRO J 173 47.44 9.59 59.61
C PRO J 173 45.94 9.78 59.31
N LEU J 174 45.37 8.78 58.64
CA LEU J 174 44.02 8.84 58.05
C LEU J 174 43.96 9.60 56.71
N GLU J 175 45.08 10.19 56.33
CA GLU J 175 45.24 10.71 54.97
C GLU J 175 46.25 9.84 54.24
N ILE J 176 46.20 9.89 52.91
CA ILE J 176 47.25 9.27 52.12
C ILE J 176 47.79 10.34 51.17
N ALA J 177 48.94 10.04 50.60
CA ALA J 177 49.49 10.92 49.58
C ALA J 177 50.23 10.08 48.55
N VAL J 178 50.22 10.56 47.31
CA VAL J 178 50.87 9.89 46.20
C VAL J 178 51.85 10.84 45.50
N ILE J 179 53.07 10.35 45.26
CA ILE J 179 54.09 11.07 44.51
C ILE J 179 54.41 10.34 43.19
N PRO J 180 54.25 11.03 42.05
CA PRO J 180 54.52 10.39 40.77
C PRO J 180 55.98 10.01 40.61
N ARG J 181 56.24 8.99 39.80
CA ARG J 181 57.59 8.55 39.55
C ARG J 181 58.43 9.72 39.02
N GLY J 182 59.68 9.83 39.48
CA GLY J 182 60.62 10.80 38.94
C GLY J 182 60.46 12.21 39.47
N MET J 183 59.42 12.44 40.26
CA MET J 183 59.19 13.77 40.79
C MET J 183 60.03 13.99 42.04
N LYS J 184 60.62 15.18 42.13
CA LYS J 184 61.51 15.48 43.25
C LYS J 184 60.76 16.01 44.46
N PHE J 185 61.17 15.52 45.63
CA PHE J 185 60.53 15.92 46.88
C PHE J 185 61.44 15.78 48.09
N ARG J 186 60.99 16.40 49.18
CA ARG J 186 61.73 16.51 50.43
C ARG J 186 60.75 16.37 51.60
N VAL J 187 61.03 15.43 52.49
CA VAL J 187 60.12 15.14 53.59
C VAL J 187 60.59 15.71 54.93
N GLU J 188 59.88 16.71 55.44
CA GLU J 188 60.14 17.18 56.80
C GLU J 188 59.18 16.52 57.79
N LEU J 189 59.72 16.00 58.88
CA LEU J 189 58.89 15.38 59.91
C LEU J 189 58.43 16.42 60.92
N LEU J 190 57.15 16.78 60.85
CA LEU J 190 56.56 17.80 61.73
C LEU J 190 56.48 17.43 63.20
N ASP J 191 56.53 16.14 63.52
CA ASP J 191 56.48 15.73 64.92
C ASP J 191 57.76 15.04 65.38
N GLY J 192 58.89 15.38 64.77
CA GLY J 192 60.18 14.86 65.23
C GLY J 192 60.54 13.47 64.70
N GLN J 193 59.58 12.56 64.74
CA GLN J 193 59.79 11.25 64.17
C GLN J 193 58.52 10.78 63.45
N ALA J 194 58.66 9.79 62.58
CA ALA J 194 57.51 9.33 61.79
C ALA J 194 57.51 7.83 61.55
N ARG J 195 56.33 7.29 61.28
CA ARG J 195 56.21 5.89 60.93
C ARG J 195 54.97 5.73 60.06
N GLY J 196 55.04 4.85 59.06
CA GLY J 196 53.94 4.61 58.16
C GLY J 196 54.22 3.54 57.12
N TYR J 197 53.28 3.36 56.19
CA TYR J 197 53.41 2.31 55.18
C TYR J 197 53.62 2.91 53.82
N ILE J 198 54.23 2.14 52.92
CA ILE J 198 54.44 2.54 51.53
C ILE J 198 54.16 1.41 50.54
N ALA J 199 53.29 1.67 49.56
CA ALA J 199 53.20 0.82 48.39
C ALA J 199 53.96 1.52 47.26
N GLU J 200 55.10 0.96 46.85
CA GLU J 200 55.81 1.47 45.68
C GLU J 200 55.24 0.77 44.46
N ASN J 201 54.69 1.55 43.54
CA ASN J 201 54.01 1.03 42.36
C ASN J 201 54.85 1.11 41.09
N HIS J 202 55.32 -0.04 40.63
CA HIS J 202 56.20 -0.08 39.47
C HIS J 202 55.40 -0.17 38.19
N GLY J 203 54.07 -0.25 38.31
CA GLY J 203 53.20 -0.50 37.17
C GLY J 203 52.43 0.71 36.70
N ALA J 204 51.26 0.47 36.11
CA ALA J 204 50.40 1.56 35.64
C ALA J 204 49.99 2.43 36.81
N PRO J 205 50.02 3.75 36.62
CA PRO J 205 49.73 4.70 37.71
C PRO J 205 48.39 4.41 38.39
N LEU J 206 48.36 4.56 39.71
CA LEU J 206 47.14 4.43 40.48
C LEU J 206 46.03 5.35 39.95
N ARG J 207 44.80 4.86 39.91
CA ARG J 207 43.69 5.71 39.53
C ARG J 207 42.39 5.25 40.21
N LEU J 208 41.30 5.99 40.02
CA LEU J 208 40.05 5.64 40.66
C LEU J 208 39.46 4.38 40.00
N PRO J 209 38.86 3.50 40.81
CA PRO J 209 38.35 2.24 40.23
C PRO J 209 37.18 2.53 39.31
N ASP J 210 36.94 1.67 38.32
CA ASP J 210 35.69 1.68 37.56
C ASP J 210 34.59 1.45 38.61
N LEU J 211 33.51 2.22 38.58
CA LEU J 211 32.48 2.09 39.61
C LEU J 211 31.40 1.05 39.33
N GLY J 212 31.31 0.59 38.09
CA GLY J 212 30.24 -0.33 37.72
C GLY J 212 28.87 0.22 38.11
N PRO J 213 28.03 -0.62 38.74
CA PRO J 213 26.65 -0.26 39.08
C PRO J 213 26.59 0.88 40.08
N ILE J 214 27.68 1.08 40.82
CA ILE J 214 27.78 2.20 41.75
C ILE J 214 27.65 3.53 40.99
N GLY J 215 28.01 3.54 39.72
CA GLY J 215 27.64 4.65 38.85
C GLY J 215 28.59 5.83 38.70
N SER J 216 28.08 7.05 38.96
CA SER J 216 28.85 8.26 38.70
C SER J 216 29.33 8.97 39.96
N ASN J 217 29.01 8.39 41.13
CA ASN J 217 29.36 8.99 42.41
C ASN J 217 29.62 7.89 43.43
N GLY J 218 30.40 8.19 44.48
CA GLY J 218 30.65 7.21 45.53
C GLY J 218 32.10 6.81 45.72
N LEU J 219 32.34 5.96 46.72
CA LEU J 219 33.71 5.62 47.13
C LEU J 219 34.53 6.91 47.22
N ALA J 220 35.74 6.91 46.69
CA ALA J 220 36.54 8.13 46.67
C ALA J 220 36.02 9.12 45.62
N ASN J 221 35.37 10.18 46.07
CA ASN J 221 34.91 11.22 45.16
C ASN J 221 36.12 12.02 44.67
N PRO J 222 36.16 12.33 43.36
CA PRO J 222 37.34 12.99 42.79
C PRO J 222 37.58 14.40 43.34
N ARG J 223 36.53 15.04 43.84
CA ARG J 223 36.64 16.40 44.37
C ARG J 223 37.55 16.48 45.61
N ASP J 224 37.72 15.34 46.28
CA ASP J 224 38.49 15.24 47.52
C ASP J 224 40.00 15.01 47.29
N PHE J 225 40.39 14.90 46.03
CA PHE J 225 41.80 14.69 45.72
C PHE J 225 42.51 16.03 45.52
N LEU J 226 43.42 16.30 46.42
CA LEU J 226 44.03 17.61 46.61
C LEU J 226 45.50 17.66 46.22
N THR J 227 45.81 18.60 45.34
CA THR J 227 47.14 18.78 44.78
C THR J 227 47.64 20.18 45.22
N PRO J 228 48.92 20.31 45.60
CA PRO J 228 49.42 21.59 46.14
C PRO J 228 49.57 22.69 45.09
N VAL J 229 49.58 23.95 45.55
CA VAL J 229 49.83 25.07 44.63
C VAL J 229 51.32 25.24 44.45
N ALA J 230 51.73 25.91 43.38
CA ALA J 230 53.14 26.06 43.07
C ALA J 230 53.89 26.78 44.18
N HIS J 231 55.04 26.25 44.54
CA HIS J 231 55.90 26.90 45.52
C HIS J 231 57.37 26.65 45.18
N TYR J 232 58.14 27.71 45.08
CA TYR J 232 59.55 27.59 44.68
C TYR J 232 60.50 28.14 45.74
N GLU J 233 61.64 27.46 45.89
CA GLU J 233 62.73 27.87 46.78
C GLU J 233 63.91 28.47 46.00
N GLU J 234 64.62 29.41 46.61
CA GLU J 234 65.74 30.05 45.93
C GLU J 234 67.05 30.01 46.72
N ALA J 235 67.11 29.17 47.75
CA ALA J 235 68.31 29.06 48.56
C ALA J 235 69.56 28.76 47.73
N GLU J 236 70.61 29.53 47.97
CA GLU J 236 71.88 29.34 47.29
C GLU J 236 72.76 28.50 48.21
N GLY J 237 73.50 27.57 47.63
CA GLY J 237 74.33 26.67 48.43
C GLY J 237 74.10 25.23 48.04
N PRO J 238 75.03 24.34 48.43
CA PRO J 238 74.99 22.94 47.98
C PRO J 238 73.78 22.17 48.52
N VAL J 239 73.17 21.37 47.65
CA VAL J 239 72.06 20.51 48.07
C VAL J 239 72.27 19.15 47.45
N GLN J 240 72.18 18.10 48.26
CA GLN J 240 72.35 16.76 47.71
C GLN J 240 71.07 16.36 47.00
N LEU J 241 71.20 15.83 45.79
CA LEU J 241 70.08 15.22 45.07
C LEU J 241 70.29 13.72 45.00
N VAL J 242 69.29 12.97 45.43
CA VAL J 242 69.41 11.53 45.50
C VAL J 242 68.35 10.97 44.58
N GLN J 243 68.65 9.85 43.93
CA GLN J 243 67.60 9.15 43.22
C GLN J 243 67.63 7.66 43.58
N LYS J 244 66.45 7.04 43.58
CA LYS J 244 66.37 5.59 43.70
C LYS J 244 66.29 5.05 42.28
N PHE J 245 67.23 4.19 41.93
CA PHE J 245 67.24 3.57 40.60
C PHE J 245 67.62 2.11 40.73
N LEU J 246 66.73 1.24 40.24
CA LEU J 246 66.88 -0.21 40.36
C LEU J 246 67.22 -0.62 41.78
N GLY J 247 66.59 0.05 42.73
CA GLY J 247 66.75 -0.27 44.14
C GLY J 247 67.92 0.40 44.82
N GLU J 248 68.79 1.06 44.05
CA GLU J 248 69.96 1.70 44.64
C GLU J 248 69.84 3.21 44.79
N HIS J 249 70.45 3.75 45.85
CA HIS J 249 70.53 5.17 46.10
C HIS J 249 71.78 5.78 45.45
N TRP J 250 71.56 6.60 44.43
CA TRP J 250 72.66 7.34 43.80
C TRP J 250 72.47 8.82 44.09
N ALA J 251 73.57 9.53 44.32
CA ALA J 251 73.48 10.95 44.62
C ALA J 251 74.51 11.80 43.88
N CYS J 252 74.17 13.07 43.74
CA CYS J 252 75.08 14.06 43.19
C CYS J 252 74.93 15.33 44.02
N GLU J 253 75.73 16.35 43.74
CA GLU J 253 75.58 17.59 44.47
C GLU J 253 75.16 18.74 43.57
N LEU J 254 74.13 19.46 44.00
CA LEU J 254 73.66 20.61 43.27
C LEU J 254 74.09 21.86 44.02
N GLN J 255 74.26 22.97 43.31
CA GLN J 255 74.60 24.24 43.94
C GLN J 255 73.40 25.18 43.99
N HIS J 256 72.23 24.66 43.60
CA HIS J 256 70.98 25.42 43.62
C HIS J 256 69.90 24.55 44.24
N SER J 257 68.67 25.06 44.34
CA SER J 257 67.59 24.20 44.78
C SER J 257 66.90 23.62 43.56
N PRO J 258 66.66 22.30 43.56
CA PRO J 258 65.90 21.64 42.51
C PRO J 258 64.40 21.87 42.65
N LEU J 259 63.96 22.30 43.82
CA LEU J 259 62.56 22.69 44.00
C LEU J 259 62.41 24.19 43.63
N ASP J 260 62.65 24.49 42.37
CA ASP J 260 62.67 25.86 41.88
C ASP J 260 61.62 26.08 40.80
N VAL J 261 60.54 25.30 40.85
CA VAL J 261 59.46 25.46 39.87
C VAL J 261 58.51 26.60 40.25
N VAL J 262 58.43 27.60 39.37
CA VAL J 262 57.68 28.82 39.63
C VAL J 262 56.23 28.69 39.20
N ALA J 263 56.03 27.93 38.12
CA ALA J 263 54.69 27.67 37.62
C ALA J 263 54.68 26.36 36.85
N TRP J 264 53.49 25.78 36.76
CA TRP J 264 53.35 24.49 36.11
C TRP J 264 51.90 24.28 35.71
N HIS J 265 51.69 23.41 34.73
CA HIS J 265 50.35 23.00 34.38
C HIS J 265 50.39 21.56 33.90
N GLY J 266 49.27 20.84 34.08
CA GLY J 266 49.18 19.46 33.64
C GLY J 266 48.58 18.52 34.68
N SER J 267 48.91 17.23 34.54
CA SER J 267 48.15 16.16 35.19
C SER J 267 49.05 15.15 35.88
N ASN J 268 50.38 15.32 35.76
CA ASN J 268 51.27 14.46 36.52
C ASN J 268 51.56 15.21 37.79
N VAL J 269 50.80 14.92 38.83
CA VAL J 269 50.88 15.72 40.05
C VAL J 269 50.95 14.91 41.34
N PRO J 270 51.55 15.49 42.38
CA PRO J 270 51.41 14.91 43.71
C PRO J 270 50.00 15.23 44.23
N TYR J 271 49.44 14.34 45.03
CA TYR J 271 48.14 14.64 45.64
C TYR J 271 47.98 13.94 46.98
N LYS J 272 47.10 14.47 47.82
CA LYS J 272 46.69 13.80 49.05
C LYS J 272 45.16 13.62 49.14
N TYR J 273 44.73 12.58 49.83
CA TYR J 273 43.31 12.27 50.02
C TYR J 273 43.01 11.91 51.47
N ASP J 274 41.95 12.47 52.03
CA ASP J 274 41.52 12.15 53.41
C ASP J 274 40.61 10.93 53.41
N LEU J 275 41.08 9.83 53.98
CA LEU J 275 40.33 8.58 54.01
C LEU J 275 38.98 8.72 54.70
N ARG J 276 38.93 9.64 55.66
CA ARG J 276 37.70 9.93 56.39
C ARG J 276 36.59 10.49 55.49
N ARG J 277 36.90 10.79 54.23
CA ARG J 277 35.89 11.33 53.31
C ARG J 277 35.34 10.28 52.36
N PHE J 278 35.78 9.04 52.53
CA PHE J 278 35.37 7.92 51.70
C PHE J 278 33.89 7.62 51.83
N ASN J 279 33.18 7.71 50.70
CA ASN J 279 31.77 7.38 50.64
C ASN J 279 31.57 5.87 50.65
N THR J 280 31.68 5.28 51.84
CA THR J 280 31.62 3.83 52.01
C THR J 280 30.30 3.24 51.55
N ILE J 281 30.39 2.30 50.61
CA ILE J 281 29.21 1.60 50.10
C ILE J 281 29.27 0.20 50.69
N GLY J 282 28.12 -0.33 51.08
CA GLY J 282 28.11 -1.68 51.63
C GLY J 282 26.79 -2.40 51.42
N THR J 283 26.59 -3.47 52.17
CA THR J 283 25.31 -4.15 52.12
C THR J 283 24.28 -3.34 52.90
N VAL J 284 23.08 -3.18 52.35
CA VAL J 284 21.96 -2.63 53.11
C VAL J 284 20.85 -3.68 53.27
N SER J 285 21.24 -4.96 53.29
CA SER J 285 20.31 -6.09 53.22
C SER J 285 20.82 -7.27 54.01
N PHE J 286 21.71 -8.05 53.39
CA PHE J 286 22.29 -9.25 53.99
C PHE J 286 23.63 -9.58 53.34
N ASP J 287 24.28 -10.62 53.85
CA ASP J 287 25.60 -11.08 53.39
C ASP J 287 26.73 -10.09 53.64
N HIS J 288 27.92 -10.40 53.10
CA HIS J 288 29.16 -9.65 53.39
C HIS J 288 29.91 -9.39 52.07
N PRO J 289 29.73 -8.20 51.49
CA PRO J 289 30.29 -7.82 50.19
C PRO J 289 31.79 -8.02 50.12
N ASP J 290 32.25 -8.47 48.94
CA ASP J 290 33.67 -8.58 48.64
C ASP J 290 34.38 -7.27 48.99
N PRO J 291 35.62 -7.37 49.51
CA PRO J 291 36.33 -6.18 49.99
C PRO J 291 36.81 -5.28 48.85
N SER J 292 36.70 -5.75 47.61
CA SER J 292 36.89 -4.89 46.46
C SER J 292 35.98 -3.68 46.51
N ILE J 293 34.81 -3.81 47.14
CA ILE J 293 33.86 -2.70 47.25
C ILE J 293 34.44 -1.51 48.03
N PHE J 294 35.55 -1.75 48.74
CA PHE J 294 36.21 -0.71 49.53
C PHE J 294 37.44 -0.09 48.84
N THR J 295 37.51 -0.26 47.53
CA THR J 295 38.66 0.18 46.76
C THR J 295 38.77 1.71 46.73
N VAL J 296 39.90 2.23 47.15
CA VAL J 296 40.15 3.67 47.11
C VAL J 296 40.88 4.06 45.82
N LEU J 297 41.94 3.33 45.52
CA LEU J 297 42.71 3.54 44.29
C LEU J 297 43.15 2.19 43.75
N THR J 298 43.30 2.09 42.44
CA THR J 298 43.73 0.83 41.83
C THR J 298 44.72 1.02 40.67
N SER J 299 45.59 0.03 40.52
CA SER J 299 46.62 0.03 39.49
C SER J 299 46.37 -1.15 38.57
N PRO J 300 45.91 -0.89 37.36
CA PRO J 300 45.59 -2.01 36.46
C PRO J 300 46.82 -2.71 35.87
N THR J 301 46.58 -3.87 35.25
CA THR J 301 47.49 -4.52 34.32
C THR J 301 46.77 -4.55 33.00
N SER J 302 47.43 -5.05 31.97
CA SER J 302 46.80 -5.27 30.66
C SER J 302 45.76 -6.40 30.67
N VAL J 303 45.70 -7.17 31.75
CA VAL J 303 44.62 -8.15 31.88
C VAL J 303 43.42 -7.44 32.51
N HIS J 304 42.39 -7.19 31.73
CA HIS J 304 41.24 -6.43 32.22
C HIS J 304 40.58 -7.12 33.43
N GLY J 305 40.39 -6.37 34.51
CA GLY J 305 39.84 -6.93 35.72
C GLY J 305 40.82 -7.44 36.77
N MET J 306 42.06 -7.70 36.35
N MET J 306 42.07 -7.69 36.38
CA MET J 306 43.10 -8.11 37.29
CA MET J 306 43.07 -8.14 37.35
C MET J 306 44.11 -6.99 37.50
C MET J 306 44.15 -7.08 37.57
N ALA J 307 43.96 -6.28 38.61
CA ALA J 307 44.85 -5.18 38.92
C ALA J 307 46.23 -5.68 39.34
N ASN J 308 47.23 -4.87 39.01
CA ASN J 308 48.54 -4.93 39.62
C ASN J 308 48.37 -4.84 41.14
N MET J 309 47.62 -3.84 41.59
CA MET J 309 47.27 -3.73 43.00
C MET J 309 45.99 -2.93 43.23
N ASP J 310 45.29 -3.26 44.30
CA ASP J 310 44.15 -2.47 44.74
C ASP J 310 44.51 -1.97 46.13
N PHE J 311 44.32 -0.68 46.37
CA PHE J 311 44.42 -0.14 47.72
C PHE J 311 43.01 -0.03 48.29
N VAL J 312 42.74 -0.84 49.30
CA VAL J 312 41.42 -1.01 49.85
C VAL J 312 41.46 -0.62 51.32
N ILE J 313 40.42 0.07 51.80
CA ILE J 313 40.41 0.42 53.21
C ILE J 313 39.30 -0.28 53.97
N PHE J 314 39.40 -0.28 55.30
CA PHE J 314 38.35 -0.83 56.14
C PHE J 314 38.02 0.23 57.19
N PRO J 315 37.08 1.13 56.86
CA PRO J 315 36.82 2.37 57.58
C PRO J 315 35.63 2.25 58.53
N PRO J 316 35.39 3.28 59.33
CA PRO J 316 34.15 3.28 60.11
C PRO J 316 32.96 3.15 59.16
N ARG J 317 31.97 2.34 59.53
CA ARG J 317 30.84 2.03 58.66
C ARG J 317 29.73 1.35 59.41
N TRP J 318 28.50 1.52 58.94
CA TRP J 318 27.35 0.82 59.49
C TRP J 318 27.28 -0.62 58.98
N MET J 319 27.10 -1.54 59.93
CA MET J 319 26.84 -2.95 59.63
C MET J 319 25.36 -3.24 59.89
N VAL J 320 24.60 -3.60 58.86
CA VAL J 320 23.15 -3.81 59.04
C VAL J 320 22.65 -5.18 58.61
N ALA J 321 23.56 -6.05 58.18
CA ALA J 321 23.21 -7.35 57.64
C ALA J 321 22.35 -8.16 58.61
N GLU J 322 21.15 -8.50 58.17
CA GLU J 322 20.26 -9.39 58.90
C GLU J 322 20.57 -10.84 58.57
N ASN J 323 20.35 -11.72 59.54
CA ASN J 323 20.53 -13.16 59.34
C ASN J 323 21.82 -13.51 58.61
N THR J 324 22.89 -12.84 59.01
CA THR J 324 24.15 -12.88 58.30
C THR J 324 25.33 -13.03 59.26
N PHE J 325 26.33 -13.82 58.86
CA PHE J 325 27.61 -13.85 59.54
C PHE J 325 28.40 -12.64 59.06
N ARG J 326 28.50 -11.65 59.94
CA ARG J 326 29.05 -10.34 59.56
C ARG J 326 30.58 -10.20 59.36
N PRO J 327 31.38 -10.87 60.19
CA PRO J 327 32.83 -10.78 59.95
C PRO J 327 33.23 -11.35 58.59
N PRO J 328 34.38 -10.90 58.04
CA PRO J 328 34.85 -11.40 56.73
C PRO J 328 34.80 -12.92 56.75
N TRP J 329 34.42 -13.52 55.63
CA TRP J 329 34.30 -14.96 55.58
C TRP J 329 35.65 -15.63 55.49
N PHE J 330 35.67 -16.92 55.80
CA PHE J 330 36.84 -17.74 55.47
C PHE J 330 37.10 -17.63 53.98
N HIS J 331 38.37 -17.68 53.61
CA HIS J 331 38.76 -17.19 52.28
C HIS J 331 40.06 -17.83 51.84
N ARG J 332 40.10 -18.20 50.57
CA ARG J 332 41.31 -18.57 49.88
C ARG J 332 41.26 -17.85 48.54
N ASN J 333 42.36 -17.22 48.18
CA ASN J 333 42.36 -16.20 47.13
C ASN J 333 43.55 -16.33 46.21
N LEU J 334 43.33 -16.16 44.91
CA LEU J 334 44.42 -16.08 43.95
C LEU J 334 45.34 -14.94 44.32
N MET J 335 44.75 -13.81 44.66
CA MET J 335 45.52 -12.60 44.93
C MET J 335 46.18 -12.69 46.28
N ASN J 336 47.04 -11.72 46.55
CA ASN J 336 47.89 -11.74 47.71
C ASN J 336 47.53 -10.58 48.61
N GLU J 337 47.21 -10.88 49.88
CA GLU J 337 46.67 -9.88 50.78
C GLU J 337 47.68 -9.45 51.84
N PHE J 338 48.10 -8.19 51.76
CA PHE J 338 48.94 -7.56 52.76
C PHE J 338 48.11 -6.52 53.51
N MET J 339 47.89 -6.77 54.79
CA MET J 339 47.04 -5.90 55.61
C MET J 339 47.85 -5.00 56.54
N GLY J 340 47.38 -3.78 56.74
CA GLY J 340 47.97 -2.88 57.71
C GLY J 340 46.88 -2.15 58.46
N LEU J 341 47.27 -1.46 59.52
CA LEU J 341 46.30 -0.76 60.36
C LEU J 341 46.83 0.62 60.73
N ILE J 342 46.02 1.63 60.47
CA ILE J 342 46.41 3.01 60.75
C ILE J 342 46.07 3.38 62.18
N ASN J 343 44.86 3.07 62.63
CA ASN J 343 44.51 3.33 64.02
C ASN J 343 43.36 2.44 64.49
N GLY J 344 43.31 2.19 65.78
CA GLY J 344 42.27 1.36 66.38
C GLY J 344 42.60 -0.11 66.36
N ALA J 345 41.55 -0.93 66.35
CA ALA J 345 41.69 -2.37 66.20
C ALA J 345 40.97 -2.80 64.93
N GLY J 352 47.28 -8.64 69.07
CA GLY J 352 48.25 -9.14 68.11
C GLY J 352 48.41 -8.23 66.90
N PHE J 353 47.29 -7.68 66.43
CA PHE J 353 47.27 -6.76 65.30
C PHE J 353 47.15 -5.32 65.81
N LEU J 354 48.28 -4.62 65.89
CA LEU J 354 48.32 -3.25 66.42
C LEU J 354 48.61 -2.26 65.31
N PRO J 355 48.33 -0.94 65.54
CA PRO J 355 48.64 0.04 64.51
C PRO J 355 50.11 0.00 64.18
N GLY J 356 50.47 -0.02 62.91
CA GLY J 356 51.84 -0.24 62.51
C GLY J 356 52.08 -1.70 62.17
N GLY J 357 51.19 -2.58 62.63
CA GLY J 357 51.31 -4.00 62.38
C GLY J 357 51.10 -4.38 60.92
N ALA J 358 51.33 -5.64 60.58
CA ALA J 358 51.08 -6.09 59.22
C ALA J 358 50.85 -7.59 59.17
N SER J 359 50.04 -8.02 58.23
CA SER J 359 49.92 -9.44 57.96
C SER J 359 49.97 -9.71 56.45
N LEU J 360 50.53 -10.86 56.09
CA LEU J 360 50.62 -11.28 54.70
C LEU J 360 49.97 -12.65 54.55
N HIS J 361 48.90 -12.68 53.76
CA HIS J 361 48.22 -13.93 53.42
C HIS J 361 48.37 -14.10 51.93
N GLY J 362 49.26 -15.01 51.54
CA GLY J 362 49.65 -15.17 50.16
C GLY J 362 48.68 -16.02 49.36
N VAL J 363 48.91 -16.08 48.05
CA VAL J 363 48.07 -16.84 47.13
C VAL J 363 47.64 -18.21 47.70
N MET J 364 46.34 -18.41 47.78
CA MET J 364 45.74 -19.67 48.24
C MET J 364 46.02 -20.06 49.69
N SER J 365 46.59 -19.14 50.49
CA SER J 365 46.68 -19.37 51.92
C SER J 365 45.26 -19.30 52.46
N ALA J 366 44.96 -20.13 53.44
CA ALA J 366 43.64 -20.12 54.04
C ALA J 366 43.66 -19.06 55.14
N HIS J 367 42.72 -18.13 55.10
CA HIS J 367 42.56 -17.14 56.16
C HIS J 367 41.10 -16.98 56.54
N GLY J 368 40.83 -16.04 57.45
CA GLY J 368 39.49 -15.88 58.00
C GLY J 368 39.50 -15.57 59.48
N PRO J 369 38.32 -15.57 60.12
CA PRO J 369 38.19 -15.18 61.52
C PRO J 369 38.59 -16.28 62.51
N ASP J 370 39.01 -15.91 63.71
CA ASP J 370 39.30 -16.95 64.71
C ASP J 370 38.04 -17.53 65.35
N ALA J 371 38.25 -18.39 66.34
CA ALA J 371 37.12 -19.07 66.98
C ALA J 371 36.31 -18.09 67.81
N GLU J 372 37.00 -17.20 68.52
CA GLU J 372 36.34 -16.20 69.33
C GLU J 372 35.33 -15.40 68.52
N THR J 373 35.80 -14.84 67.41
CA THR J 373 35.01 -14.02 66.49
C THR J 373 33.83 -14.80 65.92
N CYS J 374 34.07 -16.05 65.55
CA CYS J 374 33.03 -16.94 65.06
C CYS J 374 31.95 -17.17 66.10
N GLU J 375 32.37 -17.48 67.33
CA GLU J 375 31.42 -17.73 68.42
C GLU J 375 30.52 -16.53 68.64
N LYS J 376 31.13 -15.34 68.63
CA LYS J 376 30.41 -14.11 68.93
C LYS J 376 29.48 -13.73 67.80
N ALA J 377 29.94 -13.93 66.57
CA ALA J 377 29.19 -13.49 65.41
C ALA J 377 27.96 -14.37 65.18
N ILE J 378 28.08 -15.64 65.54
CA ILE J 378 27.01 -16.60 65.32
C ILE J 378 25.88 -16.48 66.36
N ALA J 379 26.24 -16.08 67.57
CA ALA J 379 25.27 -15.96 68.66
C ALA J 379 24.73 -14.54 68.83
N ALA J 380 25.31 -13.58 68.11
CA ALA J 380 24.92 -12.17 68.23
C ALA J 380 23.47 -11.92 67.85
N ASP J 381 22.80 -11.05 68.61
CA ASP J 381 21.47 -10.58 68.27
C ASP J 381 21.60 -9.46 67.26
N LEU J 382 21.41 -9.77 65.98
CA LEU J 382 21.76 -8.85 64.91
C LEU J 382 20.95 -7.57 64.89
N ALA J 383 21.66 -6.45 64.91
CA ALA J 383 21.05 -5.13 64.85
C ALA J 383 22.04 -4.16 64.19
N PRO J 384 21.55 -3.04 63.66
CA PRO J 384 22.43 -1.99 63.13
C PRO J 384 23.49 -1.59 64.14
N HIS J 385 24.73 -1.60 63.69
CA HIS J 385 25.87 -1.37 64.55
C HIS J 385 26.88 -0.53 63.79
N LYS J 386 27.30 0.57 64.41
CA LYS J 386 28.25 1.48 63.78
C LYS J 386 29.68 1.10 64.14
N ILE J 387 30.39 0.48 63.21
CA ILE J 387 31.82 0.28 63.36
C ILE J 387 32.48 1.65 63.38
N ASP J 388 33.24 1.93 64.44
CA ASP J 388 33.77 3.27 64.61
C ASP J 388 35.20 3.27 65.15
N ASN J 389 35.89 4.39 64.96
CA ASN J 389 37.20 4.59 65.57
C ASN J 389 38.23 3.54 65.20
N THR J 390 38.29 3.23 63.90
CA THR J 390 39.22 2.24 63.42
C THR J 390 39.48 2.55 61.95
N MET J 391 40.63 2.12 61.45
CA MET J 391 40.93 2.27 60.03
C MET J 391 42.04 1.33 59.65
N ALA J 392 41.69 0.20 59.05
CA ALA J 392 42.68 -0.70 58.49
C ALA J 392 42.70 -0.55 56.98
N PHE J 393 43.59 -1.28 56.33
CA PHE J 393 43.68 -1.21 54.88
C PHE J 393 44.43 -2.40 54.36
N MET J 394 44.31 -2.63 53.06
CA MET J 394 44.99 -3.72 52.41
C MET J 394 45.64 -3.22 51.11
N PHE J 395 46.85 -3.68 50.86
CA PHE J 395 47.44 -3.66 49.54
C PHE J 395 47.25 -5.07 49.01
N GLU J 396 46.36 -5.23 48.03
CA GLU J 396 46.16 -6.55 47.43
C GLU J 396 46.84 -6.59 46.08
N THR J 397 47.66 -7.61 45.86
CA THR J 397 48.40 -7.65 44.60
C THR J 397 48.17 -8.95 43.86
N SER J 398 48.19 -8.88 42.53
CA SER J 398 48.02 -10.08 41.71
C SER J 398 49.28 -10.96 41.75
N GLN J 399 50.45 -10.33 41.73
CA GLN J 399 51.71 -11.07 41.82
C GLN J 399 52.02 -11.45 43.28
N VAL J 400 52.70 -12.57 43.44
CA VAL J 400 53.11 -13.05 44.76
C VAL J 400 54.06 -12.06 45.43
N LEU J 401 53.88 -11.87 46.74
CA LEU J 401 54.71 -10.95 47.50
C LEU J 401 55.79 -11.75 48.23
N ARG J 402 57.04 -11.54 47.86
CA ARG J 402 58.12 -12.29 48.48
C ARG J 402 58.70 -11.47 49.63
N PRO J 403 58.55 -11.96 50.88
CA PRO J 403 59.13 -11.18 52.00
C PRO J 403 60.65 -11.03 51.87
N SER J 404 61.18 -9.91 52.36
CA SER J 404 62.63 -9.70 52.38
C SER J 404 63.28 -10.59 53.43
N LEU J 405 64.59 -10.75 53.35
CA LEU J 405 65.31 -11.48 54.38
C LEU J 405 65.18 -10.77 55.73
N GLN J 406 65.19 -9.45 55.70
CA GLN J 406 65.10 -8.66 56.93
C GLN J 406 63.75 -8.82 57.62
N ALA J 407 62.69 -8.97 56.84
CA ALA J 407 61.34 -9.15 57.38
C ALA J 407 61.14 -10.54 57.98
N LEU J 408 61.83 -11.53 57.42
CA LEU J 408 61.71 -12.88 57.92
C LEU J 408 62.63 -13.10 59.12
N GLU J 409 63.66 -12.27 59.25
CA GLU J 409 64.60 -12.41 60.36
C GLU J 409 64.45 -11.36 61.46
N CYS J 410 63.51 -10.44 61.31
CA CYS J 410 63.33 -9.42 62.35
C CYS J 410 62.51 -9.94 63.53
N PRO J 411 62.74 -9.38 64.74
CA PRO J 411 62.08 -9.85 65.96
C PRO J 411 60.59 -9.58 65.99
N GLN J 412 60.12 -8.65 65.14
N GLN J 412 60.13 -8.66 65.15
CA GLN J 412 58.72 -8.29 65.10
CA GLN J 412 58.72 -8.28 65.14
C GLN J 412 57.87 -9.42 64.55
C GLN J 412 57.85 -9.33 64.43
N LEU J 413 58.49 -10.31 63.79
CA LEU J 413 57.80 -11.43 63.18
C LEU J 413 57.26 -12.32 64.29
N GLN J 414 55.95 -12.46 64.37
CA GLN J 414 55.32 -13.26 65.42
C GLN J 414 55.45 -14.74 65.12
N ALA J 415 55.95 -15.49 66.09
CA ALA J 415 56.40 -16.86 65.86
C ALA J 415 55.28 -17.90 65.83
N ASP J 416 54.15 -17.60 66.45
CA ASP J 416 53.07 -18.57 66.59
C ASP J 416 51.78 -18.03 65.98
N TYR J 417 51.88 -17.38 64.82
CA TYR J 417 50.72 -16.77 64.16
C TYR J 417 49.66 -17.82 63.85
N ASP J 418 50.10 -19.00 63.42
CA ASP J 418 49.17 -20.05 63.06
C ASP J 418 48.27 -20.45 64.22
N SER J 419 48.74 -20.26 65.45
CA SER J 419 47.96 -20.70 66.61
C SER J 419 46.68 -19.89 66.73
N CYS J 420 46.62 -18.75 66.06
CA CYS J 420 45.41 -17.93 66.08
C CYS J 420 44.17 -18.71 65.65
N TRP J 421 44.38 -19.73 64.82
CA TRP J 421 43.27 -20.49 64.24
C TRP J 421 43.15 -21.88 64.84
N ALA J 422 43.92 -22.16 65.88
CA ALA J 422 44.06 -23.54 66.34
C ALA J 422 42.80 -24.06 67.03
N THR J 423 42.13 -23.19 67.78
CA THR J 423 40.96 -23.58 68.56
C THR J 423 39.65 -23.53 67.78
N LEU J 424 39.72 -23.39 66.46
CA LEU J 424 38.53 -23.42 65.64
C LEU J 424 37.86 -24.77 65.79
N PRO J 425 36.61 -24.80 66.24
CA PRO J 425 35.91 -26.08 66.48
C PRO J 425 35.11 -26.58 65.27
N SER J 426 34.65 -27.82 65.34
CA SER J 426 33.57 -28.27 64.47
C SER J 426 32.26 -27.98 65.19
N THR J 427 31.30 -27.42 64.47
CA THR J 427 29.97 -27.21 65.00
C THR J 427 28.99 -27.95 64.12
N PHE J 428 29.52 -28.92 63.38
CA PHE J 428 28.73 -29.65 62.38
C PHE J 428 27.77 -30.66 63.02
N ASN J 429 26.51 -30.60 62.63
CA ASN J 429 25.54 -31.58 63.11
C ASN J 429 24.70 -32.15 61.96
N PRO J 430 25.01 -33.38 61.56
CA PRO J 430 24.30 -33.97 60.43
C PRO J 430 22.86 -34.35 60.78
N ASN J 431 22.53 -34.36 62.08
CA ASN J 431 21.14 -34.64 62.49
C ASN J 431 20.28 -33.39 62.74
N ARG J 432 20.86 -32.21 62.55
CA ARG J 432 20.08 -30.98 62.66
C ARG J 432 20.47 -29.94 61.63
N ARG J 433 19.62 -29.74 60.63
CA ARG J 433 19.88 -28.73 59.61
C ARG J 433 19.70 -27.33 60.19
N ASP K 8 69.84 -4.70 -11.88
CA ASP K 8 69.03 -4.06 -10.86
C ASP K 8 68.03 -5.03 -10.27
N LEU K 9 67.90 -5.00 -8.94
CA LEU K 9 66.94 -5.85 -8.22
C LEU K 9 65.52 -5.29 -8.29
N HIS K 10 64.54 -6.17 -8.41
CA HIS K 10 63.15 -5.75 -8.42
C HIS K 10 62.53 -5.95 -7.05
N TYR K 11 61.55 -5.12 -6.72
CA TYR K 11 60.90 -5.19 -5.42
C TYR K 11 59.39 -5.12 -5.61
N LEU K 12 58.65 -5.63 -4.63
CA LEU K 12 57.19 -5.53 -4.63
C LEU K 12 56.90 -4.49 -3.56
N SER K 13 55.92 -3.63 -3.77
CA SER K 13 55.61 -2.62 -2.76
C SER K 13 54.32 -2.89 -1.97
N GLY K 14 54.28 -2.39 -0.74
CA GLY K 14 53.05 -2.31 0.04
C GLY K 14 53.19 -2.96 1.41
N PHE K 15 53.43 -2.13 2.43
CA PHE K 15 53.63 -2.67 3.76
C PHE K 15 52.43 -3.51 4.19
N GLY K 16 52.68 -4.75 4.58
CA GLY K 16 51.65 -5.61 5.11
C GLY K 16 50.95 -6.46 4.07
N ASN K 17 51.29 -6.25 2.81
CA ASN K 17 50.65 -6.99 1.71
C ASN K 17 50.77 -8.51 1.75
N GLU K 18 49.71 -9.17 1.30
CA GLU K 18 49.78 -10.56 0.86
C GLU K 18 50.46 -10.60 -0.51
N PHE K 19 51.77 -10.76 -0.49
CA PHE K 19 52.56 -10.80 -1.71
C PHE K 19 52.57 -12.18 -2.34
N ALA K 20 52.90 -12.25 -3.62
CA ALA K 20 53.11 -13.52 -4.28
C ALA K 20 54.17 -13.35 -5.37
N SER K 21 55.17 -14.24 -5.35
CA SER K 21 56.32 -14.13 -6.25
C SER K 21 56.82 -15.52 -6.63
N GLU K 22 57.02 -15.75 -7.92
CA GLU K 22 57.59 -17.01 -8.38
C GLU K 22 58.78 -16.79 -9.31
N ALA K 23 59.87 -17.51 -9.08
CA ALA K 23 61.07 -17.41 -9.93
C ALA K 23 61.03 -18.31 -11.16
N LEU K 24 60.06 -19.22 -11.22
CA LEU K 24 59.75 -19.98 -12.43
C LEU K 24 58.25 -19.87 -12.69
N PRO K 25 57.85 -19.77 -13.97
CA PRO K 25 56.42 -19.70 -14.32
C PRO K 25 55.66 -20.85 -13.71
N GLY K 26 54.64 -20.53 -12.91
CA GLY K 26 53.78 -21.54 -12.33
C GLY K 26 54.31 -22.27 -11.11
N ALA K 27 55.44 -21.82 -10.57
CA ALA K 27 55.97 -22.49 -9.38
C ALA K 27 55.03 -22.36 -8.16
N LEU K 28 54.23 -21.31 -8.14
CA LEU K 28 53.24 -21.17 -7.08
C LEU K 28 52.07 -22.05 -7.41
N PRO K 29 51.61 -22.82 -6.43
CA PRO K 29 50.40 -23.60 -6.73
C PRO K 29 49.23 -22.63 -6.83
N VAL K 30 48.31 -22.86 -7.76
CA VAL K 30 47.17 -21.96 -7.90
C VAL K 30 45.94 -22.55 -7.26
N GLY K 31 45.27 -21.77 -6.41
CA GLY K 31 44.01 -22.18 -5.84
C GLY K 31 44.11 -22.97 -4.55
N GLN K 32 45.33 -23.30 -4.15
CA GLN K 32 45.55 -24.00 -2.89
C GLN K 32 47.00 -23.83 -2.45
N ASN K 33 47.29 -24.17 -1.20
CA ASN K 33 48.63 -24.03 -0.66
C ASN K 33 49.44 -25.32 -0.66
N SER K 34 48.76 -26.45 -0.59
CA SER K 34 49.44 -27.72 -0.33
C SER K 34 49.05 -28.83 -1.32
N PRO K 35 49.46 -28.68 -2.58
CA PRO K 35 49.17 -29.72 -3.59
C PRO K 35 49.83 -31.07 -3.28
N GLN K 36 49.25 -32.14 -3.80
CA GLN K 36 49.91 -33.44 -3.68
C GLN K 36 51.15 -33.45 -4.58
N LYS K 37 50.97 -33.03 -5.82
CA LYS K 37 52.08 -32.91 -6.74
C LYS K 37 52.38 -31.45 -7.04
N ALA K 38 53.25 -30.87 -6.23
CA ALA K 38 53.58 -29.45 -6.35
C ALA K 38 54.33 -29.19 -7.65
N PRO K 39 54.12 -28.01 -8.24
CA PRO K 39 54.79 -27.66 -9.50
C PRO K 39 56.31 -27.70 -9.35
N TYR K 40 56.98 -28.35 -10.31
CA TYR K 40 58.44 -28.47 -10.34
C TYR K 40 59.00 -29.43 -9.29
N GLY K 41 58.11 -30.13 -8.60
CA GLY K 41 58.52 -31.06 -7.57
C GLY K 41 58.98 -30.40 -6.29
N LEU K 42 58.53 -29.17 -6.05
CA LEU K 42 58.99 -28.40 -4.89
C LEU K 42 58.25 -28.78 -3.60
N TYR K 43 58.89 -28.55 -2.46
CA TYR K 43 58.27 -28.77 -1.15
C TYR K 43 57.55 -27.53 -0.66
N ALA K 44 56.37 -27.75 -0.10
CA ALA K 44 55.62 -26.67 0.52
C ALA K 44 56.12 -26.52 1.94
N GLU K 45 56.38 -25.29 2.37
CA GLU K 45 56.79 -25.06 3.76
C GLU K 45 56.22 -23.75 4.32
N LEU K 46 55.50 -23.86 5.43
CA LEU K 46 54.86 -22.71 6.04
C LEU K 46 55.76 -22.11 7.14
N LEU K 47 56.02 -20.80 7.05
CA LEU K 47 56.72 -20.04 8.07
C LEU K 47 55.73 -19.16 8.84
N SER K 48 55.28 -19.66 9.98
CA SER K 48 54.32 -18.94 10.80
C SER K 48 55.09 -17.99 11.70
N GLY K 49 54.97 -16.69 11.46
CA GLY K 49 55.70 -15.72 12.25
C GLY K 49 54.90 -15.27 13.45
N THR K 50 53.66 -15.71 13.53
CA THR K 50 52.79 -15.39 14.66
C THR K 50 51.96 -16.62 15.00
N ALA K 51 51.32 -16.58 16.17
CA ALA K 51 50.31 -17.57 16.56
C ALA K 51 49.26 -17.68 15.45
N PHE K 52 48.69 -18.87 15.27
CA PHE K 52 47.73 -19.10 14.20
C PHE K 52 46.51 -18.20 14.34
N THR K 53 46.15 -17.92 15.58
CA THR K 53 44.86 -17.30 15.86
C THR K 53 44.89 -15.78 16.01
N MET K 54 46.01 -15.15 15.66
CA MET K 54 46.08 -13.68 15.67
C MET K 54 44.99 -13.07 14.82
N ALA K 55 44.57 -11.86 15.17
CA ALA K 55 43.70 -11.10 14.30
C ALA K 55 44.40 -10.99 12.96
N ARG K 56 43.62 -11.00 11.88
CA ARG K 56 44.22 -11.02 10.55
C ARG K 56 45.14 -9.83 10.32
N SER K 57 44.79 -8.69 10.90
CA SER K 57 45.60 -7.48 10.75
C SER K 57 46.98 -7.68 11.36
N GLU K 58 47.08 -8.59 12.33
CA GLU K 58 48.33 -8.87 13.02
C GLU K 58 48.97 -10.20 12.61
N LEU K 59 48.42 -10.83 11.59
CA LEU K 59 48.94 -12.09 11.10
C LEU K 59 50.21 -11.84 10.29
N ARG K 60 51.18 -12.75 10.42
CA ARG K 60 52.37 -12.77 9.58
C ARG K 60 52.71 -14.24 9.29
N ARG K 61 52.41 -14.72 8.09
CA ARG K 61 52.84 -16.05 7.67
C ARG K 61 53.14 -16.10 6.18
N THR K 62 54.12 -16.92 5.83
CA THR K 62 54.56 -17.06 4.45
C THR K 62 54.69 -18.52 4.05
N TRP K 63 54.14 -18.85 2.89
CA TRP K 63 54.25 -20.17 2.32
C TRP K 63 55.42 -20.19 1.35
N LEU K 64 56.28 -21.19 1.47
CA LEU K 64 57.51 -21.29 0.68
C LEU K 64 57.46 -22.54 -0.17
N TYR K 65 57.96 -22.43 -1.39
CA TYR K 65 58.03 -23.58 -2.28
C TYR K 65 59.49 -23.79 -2.65
N ARG K 66 60.08 -24.83 -2.07
CA ARG K 66 61.53 -24.90 -1.95
C ARG K 66 62.10 -26.27 -2.37
N ILE K 67 63.37 -26.24 -2.78
CA ILE K 67 64.01 -27.41 -3.34
C ILE K 67 64.21 -28.48 -2.30
N ARG K 68 64.69 -28.08 -1.13
CA ARG K 68 64.81 -28.98 0.01
C ARG K 68 64.15 -28.35 1.23
N PRO K 69 63.48 -29.18 2.05
CA PRO K 69 62.78 -28.67 3.23
C PRO K 69 63.80 -28.16 4.23
N SER K 70 63.42 -27.19 5.05
CA SER K 70 64.32 -26.68 6.08
C SER K 70 64.63 -27.76 7.13
N ALA K 71 63.76 -28.76 7.26
CA ALA K 71 63.92 -29.81 8.27
C ALA K 71 65.13 -30.72 7.98
N LEU K 72 65.62 -30.71 6.75
CA LEU K 72 66.81 -31.49 6.39
C LEU K 72 68.07 -30.76 6.87
N HIS K 73 68.49 -31.07 8.09
CA HIS K 73 69.69 -30.52 8.70
C HIS K 73 70.15 -31.41 9.85
N PRO K 74 71.48 -31.48 10.06
CA PRO K 74 71.98 -32.31 11.15
C PRO K 74 71.85 -31.55 12.45
N ARG K 75 72.22 -32.18 13.56
CA ARG K 75 72.13 -31.55 14.88
C ARG K 75 72.86 -30.23 14.91
N PHE K 76 72.26 -29.23 15.54
CA PHE K 76 72.94 -27.96 15.77
C PHE K 76 73.93 -28.07 16.91
N GLU K 77 75.10 -27.45 16.79
CA GLU K 77 76.12 -27.48 17.84
C GLU K 77 76.56 -26.08 18.23
N ARG K 78 76.81 -25.86 19.52
CA ARG K 78 77.22 -24.53 19.99
C ARG K 78 78.60 -24.14 19.47
N LEU K 79 78.71 -22.96 18.89
CA LEU K 79 80.01 -22.52 18.34
C LEU K 79 80.93 -22.07 19.46
N ALA K 80 82.22 -22.25 19.29
CA ALA K 80 83.18 -21.71 20.25
C ALA K 80 83.19 -20.19 20.22
N ARG K 81 83.18 -19.61 19.02
CA ARG K 81 83.15 -18.15 18.91
C ARG K 81 81.78 -17.62 19.31
N GLN K 82 81.73 -16.78 20.33
CA GLN K 82 80.44 -16.27 20.84
C GLN K 82 80.46 -14.76 21.06
N PRO K 83 79.87 -14.01 20.11
CA PRO K 83 79.94 -12.55 20.10
C PRO K 83 79.12 -11.89 21.20
N LEU K 84 78.01 -12.50 21.59
CA LEU K 84 77.02 -11.81 22.42
C LEU K 84 76.95 -12.35 23.84
N GLY K 85 77.89 -13.23 24.19
CA GLY K 85 77.83 -13.95 25.45
C GLY K 85 78.24 -13.18 26.68
N GLY K 86 78.79 -11.98 26.49
CA GLY K 86 79.31 -11.19 27.59
C GLY K 86 78.25 -10.69 28.56
N PRO K 87 78.63 -10.51 29.84
CA PRO K 87 77.72 -10.20 30.96
C PRO K 87 77.11 -8.81 30.92
N LEU K 88 76.21 -8.55 31.87
CA LEU K 88 75.48 -7.29 31.93
C LEU K 88 76.26 -6.22 32.65
N GLY K 89 76.02 -4.96 32.26
CA GLY K 89 76.64 -3.84 32.93
C GLY K 89 76.14 -3.74 34.36
N GLY K 90 76.90 -3.05 35.20
CA GLY K 90 76.46 -2.78 36.55
C GLY K 90 75.29 -1.81 36.48
N ILE K 91 74.61 -1.62 37.60
CA ILE K 91 73.52 -0.66 37.64
C ILE K 91 74.08 0.75 37.56
N ASN K 92 73.51 1.57 36.68
CA ASN K 92 74.01 2.93 36.43
C ASN K 92 72.93 3.84 35.80
N PRO K 93 72.42 4.81 36.59
CA PRO K 93 71.33 5.69 36.19
C PRO K 93 71.77 6.86 35.31
N ASN K 94 73.08 7.07 35.21
CA ASN K 94 73.63 8.25 34.54
C ASN K 94 73.30 8.34 33.04
N ARG K 95 73.24 9.58 32.55
CA ARG K 95 73.23 9.86 31.13
C ARG K 95 74.55 9.40 30.52
N LEU K 96 74.48 8.69 29.40
CA LEU K 96 75.66 8.10 28.79
C LEU K 96 75.75 8.44 27.30
N ARG K 97 76.97 8.73 26.83
CA ARG K 97 77.18 8.99 25.41
C ARG K 97 78.46 8.29 24.94
N TRP K 98 78.37 7.64 23.79
CA TRP K 98 79.48 6.91 23.17
C TRP K 98 79.89 7.55 21.85
N SER K 99 81.20 7.64 21.62
CA SER K 99 81.75 8.03 20.33
C SER K 99 81.54 6.88 19.36
N PRO K 100 81.80 7.09 18.06
CA PRO K 100 81.67 5.98 17.10
C PRO K 100 82.56 4.76 17.40
N GLN K 101 82.04 3.57 17.11
CA GLN K 101 82.76 2.33 17.31
C GLN K 101 83.66 2.02 16.12
N PRO K 102 84.94 1.74 16.39
CA PRO K 102 85.86 1.39 15.31
C PRO K 102 85.62 -0.04 14.85
N ILE K 103 85.87 -0.31 13.57
CA ILE K 103 85.77 -1.67 13.07
C ILE K 103 86.97 -2.49 13.51
N PRO K 104 86.73 -3.64 14.15
CA PRO K 104 87.80 -4.52 14.62
C PRO K 104 88.69 -5.00 13.47
N ALA K 105 89.94 -5.34 13.75
CA ALA K 105 90.85 -5.74 12.68
C ALA K 105 90.66 -7.22 12.36
N GLU K 106 90.38 -8.00 13.39
CA GLU K 106 90.18 -9.44 13.23
C GLU K 106 89.01 -9.73 12.29
N PRO K 107 89.10 -10.84 11.53
CA PRO K 107 88.03 -11.20 10.60
C PRO K 107 86.68 -11.29 11.34
N THR K 108 85.69 -10.54 10.87
CA THR K 108 84.43 -10.44 11.58
C THR K 108 83.33 -10.24 10.56
N ASP K 109 82.45 -11.23 10.39
CA ASP K 109 81.35 -11.04 9.45
C ASP K 109 80.18 -10.34 10.13
N PHE K 110 79.03 -10.25 9.44
CA PHE K 110 77.91 -9.47 9.97
C PHE K 110 77.42 -9.95 11.33
N ILE K 111 77.20 -11.26 11.48
CA ILE K 111 76.68 -11.75 12.75
C ILE K 111 77.73 -11.74 13.87
N GLU K 112 79.00 -11.78 13.49
CA GLU K 112 80.09 -11.81 14.46
C GLU K 112 80.40 -10.42 15.03
N GLY K 113 79.86 -9.38 14.41
CA GLY K 113 80.22 -8.01 14.73
C GLY K 113 79.26 -7.22 15.60
N TRP K 114 78.23 -7.87 16.14
CA TRP K 114 77.26 -7.17 16.99
C TRP K 114 77.87 -6.88 18.34
N LEU K 115 77.92 -5.59 18.67
CA LEU K 115 78.37 -5.12 19.97
C LEU K 115 77.13 -4.74 20.74
N PRO K 116 76.78 -5.53 21.76
CA PRO K 116 75.66 -5.15 22.62
C PRO K 116 75.88 -3.77 23.25
N MET K 117 74.95 -2.84 23.02
CA MET K 117 75.04 -1.51 23.62
C MET K 117 74.15 -1.46 24.87
N ALA K 118 72.88 -1.78 24.72
CA ALA K 118 71.94 -1.79 25.84
C ALA K 118 70.74 -2.68 25.53
N ALA K 119 70.29 -3.42 26.53
CA ALA K 119 69.16 -4.32 26.35
C ALA K 119 68.18 -4.24 27.51
N ASN K 120 66.93 -4.65 27.27
CA ASN K 120 65.93 -4.72 28.34
C ASN K 120 66.20 -5.94 29.22
N ALA K 121 66.78 -6.98 28.65
CA ALA K 121 67.03 -8.21 29.39
C ALA K 121 68.38 -8.85 29.03
N GLY K 122 68.83 -9.81 29.85
CA GLY K 122 69.98 -10.63 29.51
C GLY K 122 69.77 -11.39 28.20
N ALA K 123 70.85 -11.62 27.48
CA ALA K 123 70.79 -12.29 26.18
C ALA K 123 70.19 -13.69 26.27
N GLU K 124 70.33 -14.32 27.43
CA GLU K 124 69.84 -15.69 27.64
C GLU K 124 68.34 -15.74 27.91
N LYS K 125 67.79 -14.57 28.26
CA LYS K 125 66.38 -14.45 28.55
C LYS K 125 65.81 -13.25 27.81
N PRO K 126 65.81 -13.31 26.47
CA PRO K 126 65.46 -12.17 25.63
C PRO K 126 64.04 -11.68 25.88
N ALA K 127 63.88 -10.37 25.92
CA ALA K 127 62.57 -9.76 26.13
C ALA K 127 62.65 -8.30 25.75
N GLY K 128 61.59 -7.77 25.17
CA GLY K 128 61.56 -6.37 24.84
C GLY K 128 62.44 -6.11 23.64
N VAL K 129 63.51 -5.34 23.86
CA VAL K 129 64.40 -4.95 22.77
C VAL K 129 65.84 -5.06 23.22
N SER K 130 66.69 -5.55 22.32
CA SER K 130 68.12 -5.50 22.53
C SER K 130 68.75 -4.64 21.43
N ILE K 131 69.65 -3.76 21.85
CA ILE K 131 70.32 -2.83 20.94
C ILE K 131 71.80 -3.14 20.77
N TYR K 132 72.24 -3.16 19.52
CA TYR K 132 73.65 -3.36 19.21
C TYR K 132 74.14 -2.35 18.17
N ILE K 133 75.45 -2.25 18.07
CA ILE K 133 76.07 -1.61 16.92
C ILE K 133 76.91 -2.66 16.22
N TYR K 134 76.58 -2.96 14.96
CA TYR K 134 77.34 -3.96 14.21
C TYR K 134 78.55 -3.33 13.54
N ARG K 135 79.64 -4.08 13.50
CA ARG K 135 80.84 -3.71 12.76
C ARG K 135 81.35 -4.95 12.03
N ALA K 136 81.53 -4.85 10.73
CA ALA K 136 81.96 -6.00 9.95
C ALA K 136 83.00 -5.61 8.90
N ASN K 137 83.90 -6.56 8.61
CA ASN K 137 84.95 -6.32 7.64
C ASN K 137 85.03 -7.47 6.64
N ARG K 138 84.05 -8.36 6.73
CA ARG K 138 83.94 -9.55 5.87
C ARG K 138 82.49 -9.77 5.47
N SER K 139 82.29 -10.24 4.24
CA SER K 139 80.98 -10.74 3.86
C SER K 139 80.77 -12.10 4.51
N MET K 140 79.50 -12.43 4.75
CA MET K 140 79.15 -13.73 5.29
C MET K 140 79.35 -14.82 4.25
N GLU K 141 80.03 -15.89 4.65
CA GLU K 141 80.16 -17.09 3.84
C GLU K 141 79.46 -18.24 4.57
N ARG K 142 78.21 -17.96 4.93
CA ARG K 142 77.36 -18.89 5.64
C ARG K 142 75.97 -18.25 5.68
N VAL K 143 74.98 -18.99 6.19
CA VAL K 143 73.61 -18.52 6.23
C VAL K 143 73.15 -18.52 7.70
N PHE K 144 72.31 -17.55 8.07
CA PHE K 144 72.00 -17.29 9.48
C PHE K 144 70.52 -16.98 9.70
N PHE K 145 69.96 -17.43 10.82
CA PHE K 145 68.65 -16.93 11.25
C PHE K 145 68.58 -16.64 12.75
N ASN K 146 67.79 -15.63 13.12
CA ASN K 146 67.64 -15.25 14.53
C ASN K 146 66.37 -15.87 15.12
N ALA K 147 66.55 -16.80 16.05
CA ALA K 147 65.39 -17.42 16.72
C ALA K 147 64.79 -16.48 17.75
N ASP K 148 65.57 -15.48 18.16
CA ASP K 148 65.26 -14.64 19.32
C ASP K 148 64.38 -13.43 18.98
N GLY K 149 64.26 -13.10 17.70
CA GLY K 149 63.47 -11.93 17.33
C GLY K 149 63.65 -11.34 15.95
N GLU K 150 62.83 -10.33 15.71
CA GLU K 150 62.83 -9.56 14.48
C GLU K 150 64.05 -8.63 14.44
N LEU K 151 64.67 -8.44 13.27
CA LEU K 151 65.82 -7.55 13.22
C LEU K 151 65.54 -6.27 12.45
N LEU K 152 65.65 -5.14 13.14
CA LEU K 152 65.64 -3.82 12.52
C LEU K 152 67.06 -3.32 12.30
N LEU K 153 67.45 -3.16 11.04
CA LEU K 153 68.82 -2.79 10.68
C LEU K 153 68.90 -1.34 10.24
N VAL K 154 69.84 -0.61 10.83
CA VAL K 154 70.02 0.80 10.51
C VAL K 154 71.47 1.08 10.10
N PRO K 155 71.78 0.91 8.80
CA PRO K 155 73.13 1.12 8.24
C PRO K 155 73.61 2.55 8.42
N GLU K 156 74.90 2.74 8.75
CA GLU K 156 75.44 4.08 8.99
C GLU K 156 76.68 4.33 8.11
N GLN K 157 77.50 3.29 7.90
CA GLN K 157 78.56 3.32 6.90
C GLN K 157 78.51 2.04 6.09
N GLY K 158 78.55 2.17 4.77
CA GLY K 158 78.66 1.00 3.93
C GLY K 158 77.34 0.38 3.54
N ARG K 159 77.28 -0.13 2.31
CA ARG K 159 76.06 -0.70 1.77
C ARG K 159 76.04 -2.19 1.99
N LEU K 160 74.85 -2.73 2.21
CA LEU K 160 74.69 -4.16 2.45
C LEU K 160 73.89 -4.82 1.34
N ARG K 161 74.31 -6.01 0.94
CA ARG K 161 73.50 -6.81 0.05
C ARG K 161 72.98 -8.00 0.86
N ILE K 162 71.68 -8.01 1.11
CA ILE K 162 71.08 -9.03 1.96
C ILE K 162 70.26 -10.06 1.19
N ALA K 163 70.88 -11.22 0.98
CA ALA K 163 70.22 -12.35 0.36
C ALA K 163 69.35 -13.06 1.39
N THR K 164 68.03 -13.08 1.17
CA THR K 164 67.11 -13.75 2.09
C THR K 164 66.43 -14.90 1.37
N GLU K 165 65.76 -15.76 2.13
CA GLU K 165 64.91 -16.82 1.56
C GLU K 165 63.92 -16.32 0.52
N LEU K 166 63.41 -15.12 0.74
CA LEU K 166 62.37 -14.53 -0.10
C LEU K 166 62.94 -13.70 -1.25
N GLY K 167 64.26 -13.51 -1.24
CA GLY K 167 64.93 -12.76 -2.29
C GLY K 167 66.03 -11.84 -1.77
N VAL K 168 66.58 -11.04 -2.69
CA VAL K 168 67.73 -10.22 -2.37
C VAL K 168 67.38 -8.74 -2.34
N MET K 169 67.79 -8.07 -1.29
CA MET K 169 67.59 -6.64 -1.18
C MET K 169 68.90 -5.98 -0.75
N GLU K 170 69.13 -4.80 -1.31
CA GLU K 170 70.29 -4.01 -0.95
C GLU K 170 69.82 -2.82 -0.13
N VAL K 171 70.61 -2.47 0.88
CA VAL K 171 70.30 -1.41 1.81
C VAL K 171 71.54 -0.54 1.99
N GLU K 172 71.34 0.78 1.99
CA GLU K 172 72.42 1.73 2.15
C GLU K 172 72.04 2.68 3.29
N PRO K 173 73.02 3.39 3.86
CA PRO K 173 72.70 4.40 4.88
C PRO K 173 71.60 5.33 4.38
N LEU K 174 70.69 5.71 5.28
CA LEU K 174 69.45 6.47 5.01
C LEU K 174 68.30 5.55 4.63
N GLU K 175 68.62 4.28 4.43
CA GLU K 175 67.61 3.23 4.32
C GLU K 175 67.63 2.33 5.56
N ILE K 176 66.49 1.72 5.88
CA ILE K 176 66.45 0.71 6.93
C ILE K 176 65.93 -0.59 6.34
N ALA K 177 66.20 -1.68 7.03
CA ALA K 177 65.72 -2.96 6.58
C ALA K 177 65.27 -3.76 7.78
N VAL K 178 64.33 -4.67 7.55
CA VAL K 178 63.76 -5.51 8.60
C VAL K 178 63.73 -6.96 8.12
N ILE K 179 64.23 -7.85 8.98
CA ILE K 179 64.29 -9.28 8.71
C ILE K 179 63.49 -10.00 9.81
N PRO K 180 62.42 -10.71 9.43
CA PRO K 180 61.59 -11.39 10.43
C PRO K 180 62.33 -12.49 11.16
N ARG K 181 61.95 -12.71 12.41
CA ARG K 181 62.43 -13.83 13.22
C ARG K 181 62.38 -15.15 12.45
N GLY K 182 63.43 -15.95 12.53
CA GLY K 182 63.45 -17.27 11.95
C GLY K 182 63.84 -17.32 10.48
N MET K 183 63.77 -16.17 9.82
CA MET K 183 64.07 -16.06 8.40
C MET K 183 65.55 -16.12 8.15
N LYS K 184 65.97 -16.97 7.22
CA LYS K 184 67.38 -17.18 6.96
C LYS K 184 67.91 -16.17 5.95
N PHE K 185 69.11 -15.68 6.19
CA PHE K 185 69.69 -14.67 5.30
C PHE K 185 71.21 -14.68 5.30
N ARG K 186 71.77 -13.97 4.33
CA ARG K 186 73.22 -13.84 4.20
C ARG K 186 73.53 -12.38 3.92
N VAL K 187 74.45 -11.81 4.68
CA VAL K 187 74.83 -10.41 4.48
C VAL K 187 76.18 -10.25 3.79
N GLU K 188 76.12 -9.79 2.55
CA GLU K 188 77.30 -9.46 1.78
C GLU K 188 77.58 -7.97 1.94
N LEU K 189 78.87 -7.61 1.98
CA LEU K 189 79.26 -6.22 2.14
C LEU K 189 79.68 -5.68 0.78
N LEU K 190 79.05 -4.59 0.35
CA LEU K 190 79.32 -4.06 -0.98
C LEU K 190 80.50 -3.11 -0.99
N ASP K 191 80.91 -2.67 0.19
CA ASP K 191 81.94 -1.65 0.31
C ASP K 191 83.07 -2.12 1.20
N GLY K 192 83.22 -3.44 1.32
CA GLY K 192 84.34 -4.04 2.02
C GLY K 192 84.18 -4.14 3.53
N GLN K 193 83.56 -3.11 4.12
CA GLN K 193 83.31 -3.06 5.54
C GLN K 193 82.04 -2.24 5.76
N ALA K 194 81.46 -2.37 6.95
CA ALA K 194 80.20 -1.68 7.23
C ALA K 194 79.95 -1.55 8.72
N ARG K 195 79.10 -0.60 9.07
CA ARG K 195 78.81 -0.32 10.46
C ARG K 195 77.40 0.26 10.49
N GLY K 196 76.69 0.02 11.58
CA GLY K 196 75.32 0.49 11.67
C GLY K 196 74.72 0.05 12.97
N TYR K 197 73.44 0.34 13.15
CA TYR K 197 72.76 0.02 14.40
C TYR K 197 71.78 -1.13 14.20
N ILE K 198 71.47 -1.81 15.28
CA ILE K 198 70.46 -2.87 15.23
C ILE K 198 69.54 -2.75 16.43
N ALA K 199 68.25 -2.73 16.16
CA ALA K 199 67.23 -2.91 17.19
C ALA K 199 66.70 -4.34 17.04
N GLU K 200 67.08 -5.21 17.98
CA GLU K 200 66.51 -6.56 18.00
C GLU K 200 65.21 -6.56 18.79
N ASN K 201 64.12 -6.79 18.08
CA ASN K 201 62.79 -6.73 18.67
C ASN K 201 62.31 -8.11 19.10
N HIS K 202 62.25 -8.34 20.40
CA HIS K 202 61.84 -9.66 20.92
C HIS K 202 60.34 -9.75 21.12
N GLY K 203 59.65 -8.69 20.77
CA GLY K 203 58.23 -8.57 21.03
C GLY K 203 57.37 -8.62 19.80
N ALA K 204 56.23 -7.94 19.87
CA ALA K 204 55.28 -7.92 18.77
C ALA K 204 55.95 -7.25 17.59
N PRO K 205 55.82 -7.85 16.40
CA PRO K 205 56.46 -7.32 15.19
C PRO K 205 56.25 -5.81 14.99
N LEU K 206 57.28 -5.13 14.51
CA LEU K 206 57.13 -3.74 14.10
C LEU K 206 56.07 -3.58 13.02
N ARG K 207 55.34 -2.48 13.10
CA ARG K 207 54.37 -2.13 12.06
C ARG K 207 54.15 -0.62 12.07
N LEU K 208 53.30 -0.14 11.18
CA LEU K 208 53.02 1.28 11.08
C LEU K 208 52.20 1.81 12.26
N PRO K 209 52.55 3.01 12.74
CA PRO K 209 51.85 3.48 13.94
C PRO K 209 50.44 3.90 13.59
N ASP K 210 49.57 3.97 14.59
CA ASP K 210 48.25 4.58 14.46
C ASP K 210 48.48 6.04 14.15
N LEU K 211 47.89 6.54 13.05
CA LEU K 211 48.13 7.92 12.61
C LEU K 211 47.25 8.97 13.29
N GLY K 212 46.24 8.52 14.02
CA GLY K 212 45.33 9.43 14.71
C GLY K 212 44.77 10.47 13.76
N PRO K 213 44.87 11.76 14.13
CA PRO K 213 44.34 12.87 13.33
C PRO K 213 45.10 13.07 12.02
N ILE K 214 46.31 12.51 11.92
CA ILE K 214 47.02 12.53 10.63
C ILE K 214 46.24 11.76 9.55
N GLY K 215 45.37 10.86 9.97
CA GLY K 215 44.40 10.25 9.07
C GLY K 215 44.85 9.04 8.28
N SER K 216 44.86 9.17 6.95
CA SER K 216 45.02 8.00 6.08
C SER K 216 46.27 8.05 5.21
N ASN K 217 47.05 9.13 5.33
CA ASN K 217 48.33 9.25 4.66
C ASN K 217 49.28 10.04 5.55
N GLY K 218 50.57 9.96 5.28
CA GLY K 218 51.54 10.75 6.03
C GLY K 218 52.50 9.86 6.78
N LEU K 219 53.51 10.49 7.41
CA LEU K 219 54.62 9.78 8.03
C LEU K 219 55.18 8.75 7.02
N ALA K 220 55.35 7.49 7.41
CA ALA K 220 55.79 6.51 6.43
C ALA K 220 54.61 5.94 5.63
N ASN K 221 54.55 6.30 4.35
CA ASN K 221 53.52 5.76 3.47
C ASN K 221 53.83 4.29 3.07
N PRO K 222 52.84 3.38 3.22
CA PRO K 222 52.95 1.93 2.96
C PRO K 222 53.53 1.56 1.57
N ARG K 223 53.23 2.35 0.55
CA ARG K 223 53.72 2.13 -0.81
C ARG K 223 55.26 2.15 -0.91
N ASP K 224 55.92 2.68 0.12
CA ASP K 224 57.37 2.82 0.11
C ASP K 224 58.11 1.64 0.75
N PHE K 225 57.37 0.72 1.36
CA PHE K 225 57.98 -0.47 1.96
C PHE K 225 58.13 -1.59 0.94
N LEU K 226 59.36 -1.98 0.68
CA LEU K 226 59.66 -2.78 -0.48
C LEU K 226 60.19 -4.12 -0.10
N THR K 227 59.70 -5.15 -0.76
CA THR K 227 60.06 -6.51 -0.48
C THR K 227 60.68 -7.13 -1.74
N PRO K 228 61.76 -7.91 -1.58
CA PRO K 228 62.45 -8.55 -2.70
C PRO K 228 61.59 -9.57 -3.45
N VAL K 229 61.88 -9.76 -4.73
CA VAL K 229 61.26 -10.82 -5.51
C VAL K 229 61.96 -12.15 -5.27
N ALA K 230 61.28 -13.25 -5.57
CA ALA K 230 61.84 -14.58 -5.32
C ALA K 230 63.20 -14.78 -6.00
N HIS K 231 64.10 -15.49 -5.32
CA HIS K 231 65.39 -15.84 -5.91
C HIS K 231 65.95 -17.07 -5.21
N TYR K 232 66.36 -18.06 -5.97
CA TYR K 232 66.95 -19.26 -5.36
C TYR K 232 68.37 -19.51 -5.82
N GLU K 233 69.07 -20.32 -5.03
CA GLU K 233 70.44 -20.73 -5.32
C GLU K 233 70.47 -22.25 -5.42
N GLU K 234 71.14 -22.77 -6.44
CA GLU K 234 71.25 -24.23 -6.60
C GLU K 234 72.68 -24.69 -6.37
N ALA K 235 73.35 -24.09 -5.38
CA ALA K 235 74.74 -24.38 -5.11
C ALA K 235 74.89 -25.75 -4.45
N GLU K 236 75.93 -26.47 -4.83
CA GLU K 236 76.21 -27.78 -4.25
C GLU K 236 77.55 -27.80 -3.54
N GLY K 237 77.51 -28.16 -2.26
CA GLY K 237 78.69 -28.16 -1.42
C GLY K 237 78.23 -27.84 -0.01
N PRO K 238 79.09 -28.08 0.98
CA PRO K 238 78.71 -27.78 2.37
C PRO K 238 78.49 -26.28 2.61
N VAL K 239 77.44 -25.97 3.36
CA VAL K 239 77.12 -24.58 3.71
C VAL K 239 76.77 -24.55 5.19
N GLN K 240 77.41 -23.66 5.95
CA GLN K 240 77.14 -23.58 7.39
C GLN K 240 75.86 -22.80 7.62
N LEU K 241 74.95 -23.38 8.40
CA LEU K 241 73.75 -22.71 8.83
C LEU K 241 73.94 -22.33 10.28
N VAL K 242 73.71 -21.06 10.59
CA VAL K 242 73.90 -20.59 11.95
C VAL K 242 72.58 -20.03 12.48
N GLN K 243 72.24 -20.31 13.74
CA GLN K 243 71.15 -19.59 14.38
C GLN K 243 71.60 -18.95 15.68
N LYS K 244 70.95 -17.84 16.03
CA LYS K 244 71.12 -17.22 17.33
C LYS K 244 69.97 -17.74 18.15
N PHE K 245 70.26 -18.33 19.30
CA PHE K 245 69.19 -18.82 20.17
C PHE K 245 69.57 -18.52 21.60
N LEU K 246 68.70 -17.79 22.27
CA LEU K 246 68.91 -17.34 23.66
C LEU K 246 70.29 -16.70 23.81
N GLY K 247 70.66 -15.91 22.81
CA GLY K 247 71.90 -15.17 22.84
C GLY K 247 73.13 -15.89 22.29
N GLU K 248 73.00 -17.18 21.99
CA GLU K 248 74.15 -17.99 21.59
C GLU K 248 74.10 -18.34 20.11
N HIS K 249 75.27 -18.42 19.48
CA HIS K 249 75.40 -18.93 18.11
C HIS K 249 75.50 -20.47 18.11
N TRP K 250 74.60 -21.10 17.36
CA TRP K 250 74.58 -22.56 17.15
C TRP K 250 74.63 -22.87 15.65
N ALA K 251 75.38 -23.88 15.25
CA ALA K 251 75.58 -24.12 13.82
C ALA K 251 75.53 -25.56 13.39
N CYS K 252 75.07 -25.78 12.17
CA CYS K 252 75.21 -27.08 11.52
C CYS K 252 75.66 -26.86 10.09
N GLU K 253 75.98 -27.95 9.42
CA GLU K 253 76.44 -27.92 8.03
C GLU K 253 75.39 -28.59 7.17
N LEU K 254 74.96 -27.90 6.11
CA LEU K 254 74.06 -28.50 5.13
C LEU K 254 74.91 -28.86 3.92
N GLN K 255 74.36 -29.68 3.02
CA GLN K 255 75.07 -30.02 1.79
C GLN K 255 74.48 -29.25 0.60
N HIS K 256 73.61 -28.29 0.91
CA HIS K 256 72.94 -27.53 -0.12
C HIS K 256 72.75 -26.09 0.35
N SER K 257 72.28 -25.23 -0.53
CA SER K 257 71.93 -23.87 -0.13
C SER K 257 70.51 -23.80 0.41
N PRO K 258 70.35 -23.24 1.62
CA PRO K 258 69.06 -23.05 2.27
C PRO K 258 68.34 -21.84 1.69
N LEU K 259 69.01 -21.09 0.82
CA LEU K 259 68.34 -20.07 0.02
C LEU K 259 67.85 -20.69 -1.29
N ASP K 260 67.06 -21.76 -1.14
CA ASP K 260 66.56 -22.53 -2.25
C ASP K 260 65.04 -22.40 -2.48
N VAL K 261 64.49 -21.22 -2.20
CA VAL K 261 63.06 -20.97 -2.37
C VAL K 261 62.74 -20.37 -3.74
N VAL K 262 62.04 -21.14 -4.56
CA VAL K 262 61.74 -20.79 -5.95
C VAL K 262 60.50 -19.91 -6.04
N ALA K 263 59.55 -20.12 -5.13
CA ALA K 263 58.35 -19.31 -5.11
C ALA K 263 57.85 -19.18 -3.67
N TRP K 264 57.03 -18.17 -3.42
CA TRP K 264 56.48 -17.98 -2.11
C TRP K 264 55.33 -17.00 -2.20
N HIS K 265 54.44 -17.03 -1.22
CA HIS K 265 53.39 -16.03 -1.15
C HIS K 265 53.04 -15.83 0.31
N GLY K 266 52.66 -14.61 0.67
CA GLY K 266 52.35 -14.31 2.06
C GLY K 266 52.79 -12.95 2.59
N SER K 267 52.82 -12.82 3.91
CA SER K 267 52.87 -11.51 4.56
C SER K 267 53.99 -11.44 5.59
N ASN K 268 54.69 -12.55 5.79
CA ASN K 268 55.84 -12.56 6.68
C ASN K 268 57.09 -12.40 5.84
N VAL K 269 57.49 -11.14 5.62
CA VAL K 269 58.49 -10.80 4.61
C VAL K 269 59.57 -9.85 5.11
N PRO K 270 60.78 -9.96 4.54
CA PRO K 270 61.78 -8.92 4.73
C PRO K 270 61.38 -7.71 3.91
N TYR K 271 61.83 -6.53 4.31
CA TYR K 271 61.48 -5.33 3.60
C TYR K 271 62.49 -4.25 3.92
N LYS K 272 62.60 -3.27 3.02
CA LYS K 272 63.40 -2.10 3.29
C LYS K 272 62.56 -0.86 3.09
N TYR K 273 63.09 0.26 3.55
CA TYR K 273 62.38 1.53 3.47
C TYR K 273 63.40 2.66 3.42
N ASP K 274 63.15 3.65 2.56
CA ASP K 274 64.04 4.79 2.40
C ASP K 274 63.52 5.93 3.28
N LEU K 275 64.28 6.28 4.33
CA LEU K 275 63.88 7.32 5.26
C LEU K 275 63.68 8.65 4.57
N ARG K 276 64.32 8.82 3.41
CA ARG K 276 64.23 10.07 2.68
C ARG K 276 62.83 10.31 2.11
N ARG K 277 62.03 9.25 2.07
CA ARG K 277 60.68 9.38 1.55
C ARG K 277 59.66 9.70 2.66
N PHE K 278 60.16 9.87 3.89
CA PHE K 278 59.29 10.11 5.05
C PHE K 278 58.50 11.40 4.91
N ASN K 279 57.16 11.28 4.95
CA ASN K 279 56.29 12.45 4.88
C ASN K 279 56.25 13.10 6.25
N THR K 280 57.30 13.86 6.56
CA THR K 280 57.45 14.48 7.87
C THR K 280 56.30 15.44 8.14
N ILE K 281 55.69 15.28 9.31
CA ILE K 281 54.64 16.16 9.82
C ILE K 281 55.22 16.88 11.05
N GLY K 282 54.77 18.11 11.31
CA GLY K 282 55.28 18.90 12.41
C GLY K 282 54.45 20.16 12.65
N THR K 283 55.01 21.13 13.37
CA THR K 283 54.26 22.36 13.64
C THR K 283 54.31 23.30 12.45
N VAL K 284 53.15 23.84 12.08
CA VAL K 284 53.11 24.92 11.09
C VAL K 284 52.61 26.18 11.82
N SER K 285 52.76 26.18 13.14
CA SER K 285 52.23 27.25 13.95
C SER K 285 53.25 27.74 14.99
N PHE K 286 53.22 27.11 16.16
CA PHE K 286 54.19 27.43 17.22
C PHE K 286 54.54 26.16 17.97
N ASP K 287 55.30 26.32 19.05
CA ASP K 287 55.67 25.23 19.95
C ASP K 287 56.50 24.13 19.26
N HIS K 288 56.66 23.00 19.94
CA HIS K 288 57.60 21.99 19.52
C HIS K 288 56.98 20.61 19.74
N PRO K 289 56.48 19.98 18.67
CA PRO K 289 55.74 18.72 18.81
C PRO K 289 56.51 17.59 19.51
N ASP K 290 55.78 16.74 20.24
CA ASP K 290 56.35 15.52 20.84
C ASP K 290 56.99 14.68 19.74
N PRO K 291 58.17 14.11 20.01
CA PRO K 291 58.94 13.39 18.98
C PRO K 291 58.26 12.14 18.44
N SER K 292 57.24 11.64 19.14
CA SER K 292 56.41 10.57 18.63
C SER K 292 55.80 10.89 17.26
N ILE K 293 55.74 12.17 16.92
CA ILE K 293 55.16 12.57 15.65
C ILE K 293 56.04 12.09 14.49
N PHE K 294 57.30 11.81 14.81
CA PHE K 294 58.26 11.32 13.84
C PHE K 294 58.34 9.79 13.86
N THR K 295 57.31 9.11 14.34
CA THR K 295 57.37 7.64 14.40
C THR K 295 57.32 6.99 13.02
N VAL K 296 58.29 6.13 12.74
CA VAL K 296 58.38 5.41 11.48
C VAL K 296 57.80 4.01 11.60
N LEU K 297 58.28 3.29 12.61
CA LEU K 297 57.79 1.95 12.93
C LEU K 297 57.57 1.85 14.43
N THR K 298 56.64 1.01 14.85
CA THR K 298 56.41 0.80 16.27
C THR K 298 56.17 -0.67 16.60
N SER K 299 56.66 -1.08 17.77
CA SER K 299 56.35 -2.38 18.33
C SER K 299 55.50 -2.16 19.57
N PRO K 300 54.23 -2.61 19.53
CA PRO K 300 53.33 -2.40 20.67
C PRO K 300 53.53 -3.41 21.81
N THR K 301 52.83 -3.18 22.92
CA THR K 301 52.70 -4.19 23.96
C THR K 301 51.21 -4.43 24.18
N SER K 302 50.85 -5.29 25.11
CA SER K 302 49.44 -5.47 25.44
C SER K 302 48.82 -4.24 26.11
N VAL K 303 49.68 -3.31 26.52
CA VAL K 303 49.24 -2.05 27.11
C VAL K 303 49.04 -1.04 25.99
N HIS K 304 47.79 -0.73 25.68
CA HIS K 304 47.53 0.19 24.59
C HIS K 304 48.15 1.55 24.86
N GLY K 305 48.79 2.11 23.84
CA GLY K 305 49.44 3.40 23.99
C GLY K 305 50.89 3.35 24.47
N MET K 306 51.29 2.23 25.06
CA MET K 306 52.66 2.09 25.53
C MET K 306 53.45 1.07 24.72
N ALA K 307 54.27 1.56 23.80
CA ALA K 307 55.01 0.71 22.87
C ALA K 307 56.06 -0.14 23.57
N ASN K 308 56.37 -1.29 22.99
CA ASN K 308 57.58 -2.03 23.35
C ASN K 308 58.79 -1.20 22.91
N MET K 309 58.78 -0.75 21.65
CA MET K 309 59.67 0.32 21.22
C MET K 309 59.04 1.16 20.13
N ASP K 310 59.49 2.40 20.02
CA ASP K 310 59.18 3.18 18.83
C ASP K 310 60.52 3.47 18.16
N PHE K 311 60.53 3.43 16.85
CA PHE K 311 61.67 3.85 16.05
C PHE K 311 61.32 5.22 15.47
N VAL K 312 61.97 6.26 15.99
CA VAL K 312 61.67 7.63 15.62
C VAL K 312 62.83 8.24 14.82
N ILE K 313 62.53 9.07 13.83
CA ILE K 313 63.64 9.72 13.10
C ILE K 313 63.64 11.24 13.23
N PHE K 314 64.80 11.85 13.06
CA PHE K 314 64.91 13.32 13.03
C PHE K 314 65.48 13.76 11.68
N PRO K 315 64.58 13.92 10.68
CA PRO K 315 64.94 14.09 9.28
C PRO K 315 65.06 15.57 8.90
N PRO K 316 65.55 15.85 7.69
CA PRO K 316 65.46 17.22 7.21
C PRO K 316 63.99 17.64 7.22
N ARG K 317 63.73 18.90 7.56
CA ARG K 317 62.37 19.34 7.84
C ARG K 317 62.36 20.85 8.04
N TRP K 318 61.23 21.46 7.72
CA TRP K 318 61.06 22.90 7.90
C TRP K 318 60.76 23.27 9.35
N MET K 319 61.45 24.29 9.85
CA MET K 319 61.19 24.80 11.19
C MET K 319 60.55 26.15 11.02
N VAL K 320 59.27 26.26 11.36
CA VAL K 320 58.57 27.53 11.16
C VAL K 320 57.95 28.12 12.42
N ALA K 321 58.03 27.39 13.53
CA ALA K 321 57.34 27.80 14.75
C ALA K 321 57.66 29.24 15.14
N GLU K 322 56.62 30.05 15.30
CA GLU K 322 56.80 31.45 15.71
C GLU K 322 56.74 31.62 17.23
N ASN K 323 57.53 32.58 17.72
CA ASN K 323 57.59 32.91 19.14
C ASN K 323 57.80 31.68 19.99
N THR K 324 58.64 30.79 19.48
CA THR K 324 58.81 29.47 20.05
C THR K 324 60.27 29.16 20.30
N PHE K 325 60.57 28.58 21.45
CA PHE K 325 61.85 27.92 21.66
C PHE K 325 61.89 26.68 20.76
N ARG K 326 62.66 26.75 19.69
CA ARG K 326 62.68 25.71 18.67
C ARG K 326 63.39 24.39 19.00
N PRO K 327 64.52 24.44 19.74
CA PRO K 327 65.14 23.16 20.11
C PRO K 327 64.23 22.31 21.01
N PRO K 328 64.46 20.98 21.03
CA PRO K 328 63.73 20.09 21.93
C PRO K 328 63.73 20.64 23.35
N TRP K 329 62.59 20.58 24.03
CA TRP K 329 62.50 21.11 25.38
C TRP K 329 63.30 20.24 26.33
N PHE K 330 63.67 20.81 27.48
CA PHE K 330 64.20 20.00 28.56
C PHE K 330 63.12 18.99 28.89
N HIS K 331 63.55 17.83 29.36
CA HIS K 331 62.67 16.66 29.36
C HIS K 331 63.04 15.62 30.41
N ARG K 332 62.04 15.13 31.14
CA ARG K 332 62.19 13.92 31.96
C ARG K 332 61.10 12.92 31.56
N ASN K 333 61.47 11.65 31.36
CA ASN K 333 60.62 10.70 30.64
C ASN K 333 60.56 9.32 31.30
N LEU K 334 59.36 8.79 31.45
CA LEU K 334 59.17 7.38 31.82
C LEU K 334 59.89 6.43 30.85
N MET K 335 59.80 6.73 29.56
CA MET K 335 60.42 5.88 28.54
C MET K 335 61.93 6.08 28.50
N ASN K 336 62.62 5.20 27.78
CA ASN K 336 64.07 5.23 27.74
C ASN K 336 64.53 5.58 26.33
N GLU K 337 65.39 6.58 26.24
CA GLU K 337 65.76 7.17 24.97
C GLU K 337 67.18 6.79 24.55
N PHE K 338 67.28 5.94 23.53
CA PHE K 338 68.56 5.60 22.93
C PHE K 338 68.63 6.31 21.58
N MET K 339 69.55 7.26 21.47
CA MET K 339 69.68 8.01 20.21
C MET K 339 70.88 7.59 19.41
N GLY K 340 70.74 7.63 18.10
CA GLY K 340 71.80 7.32 17.16
C GLY K 340 71.84 8.34 16.03
N LEU K 341 72.87 8.26 15.19
CA LEU K 341 73.02 9.24 14.12
C LEU K 341 73.59 8.59 12.88
N ILE K 342 72.82 8.70 11.81
CA ILE K 342 73.16 8.09 10.52
C ILE K 342 74.09 8.98 9.70
N ASN K 343 73.76 10.26 9.60
CA ASN K 343 74.68 11.24 9.02
C ASN K 343 74.42 12.68 9.46
N GLY K 344 75.38 13.55 9.22
CA GLY K 344 75.23 14.95 9.58
C GLY K 344 75.36 15.18 11.08
N ALA K 345 74.67 16.21 11.57
CA ALA K 345 74.71 16.58 12.98
C ALA K 345 73.30 16.78 13.53
N TYR K 346 73.16 16.71 14.85
CA TYR K 346 71.83 16.70 15.49
C TYR K 346 71.49 18.01 16.26
N ASP K 347 70.21 18.37 16.26
CA ASP K 347 69.74 19.72 16.62
C ASP K 347 69.56 20.01 18.11
N ALA K 348 69.71 19.00 18.96
CA ALA K 348 69.69 19.23 20.40
C ALA K 348 71.13 19.27 20.92
N LYS K 349 72.05 18.73 20.13
CA LYS K 349 73.45 18.61 20.53
C LYS K 349 74.36 19.50 19.67
N ALA K 350 75.50 19.90 20.23
CA ALA K 350 76.38 20.85 19.56
C ALA K 350 77.75 20.29 19.24
N GLU K 351 78.14 19.24 19.96
CA GLU K 351 79.47 18.63 19.82
C GLU K 351 79.55 17.38 20.68
N GLY K 352 80.11 16.30 20.14
CA GLY K 352 80.23 15.05 20.87
C GLY K 352 79.29 13.98 20.34
N PHE K 353 78.53 14.31 19.29
CA PHE K 353 77.56 13.40 18.72
C PHE K 353 77.83 13.26 17.22
N LEU K 354 78.60 12.25 16.83
CA LEU K 354 79.00 12.05 15.44
C LEU K 354 78.25 10.87 14.84
N PRO K 355 78.28 10.74 13.49
CA PRO K 355 77.62 9.57 12.90
C PRO K 355 78.23 8.29 13.42
N GLY K 356 77.38 7.37 13.90
CA GLY K 356 77.84 6.15 14.53
C GLY K 356 77.88 6.26 16.04
N GLY K 357 77.66 7.46 16.55
CA GLY K 357 77.67 7.70 17.99
C GLY K 357 76.35 7.28 18.58
N ALA K 358 76.23 7.41 19.90
CA ALA K 358 75.02 7.01 20.58
C ALA K 358 74.91 7.70 21.92
N SER K 359 73.67 7.89 22.37
CA SER K 359 73.44 8.29 23.75
C SER K 359 72.27 7.55 24.39
N LEU K 360 72.40 7.28 25.68
CA LEU K 360 71.34 6.66 26.48
C LEU K 360 70.89 7.57 27.62
N HIS K 361 69.66 8.05 27.52
CA HIS K 361 69.02 8.77 28.61
C HIS K 361 67.85 7.90 29.05
N GLY K 362 68.06 7.17 30.15
CA GLY K 362 67.06 6.23 30.65
C GLY K 362 66.03 6.88 31.56
N VAL K 363 65.11 6.06 32.07
CA VAL K 363 63.92 6.51 32.80
C VAL K 363 64.18 7.65 33.79
N MET K 364 63.41 8.72 33.63
CA MET K 364 63.48 9.89 34.48
C MET K 364 64.84 10.62 34.55
N SER K 365 65.78 10.27 33.69
CA SER K 365 66.99 11.09 33.59
C SER K 365 66.70 12.45 32.95
N ALA K 366 67.27 13.51 33.52
CA ALA K 366 67.04 14.85 33.03
C ALA K 366 67.88 15.17 31.80
N HIS K 367 67.22 15.56 30.70
CA HIS K 367 67.97 15.93 29.50
C HIS K 367 67.39 17.20 28.87
N GLY K 368 68.02 17.65 27.79
CA GLY K 368 67.66 18.90 27.13
C GLY K 368 68.87 19.51 26.42
N PRO K 369 68.70 20.72 25.85
CA PRO K 369 69.76 21.38 25.08
C PRO K 369 70.77 22.06 26.01
N ASP K 370 71.94 22.42 25.50
CA ASP K 370 72.96 23.02 26.35
C ASP K 370 72.78 24.53 26.46
N ALA K 371 73.71 25.17 27.18
CA ALA K 371 73.64 26.61 27.42
C ALA K 371 73.81 27.38 26.11
N GLU K 372 74.61 26.84 25.21
CA GLU K 372 74.87 27.49 23.92
C GLU K 372 73.61 27.49 23.04
N THR K 373 73.07 26.30 22.83
CA THR K 373 71.82 26.11 22.10
C THR K 373 70.69 26.99 22.67
N CYS K 374 70.55 26.98 23.99
CA CYS K 374 69.56 27.79 24.70
C CYS K 374 69.71 29.28 24.43
N GLU K 375 70.92 29.79 24.62
CA GLU K 375 71.24 31.18 24.35
C GLU K 375 70.89 31.57 22.91
N LYS K 376 71.35 30.78 21.95
CA LYS K 376 71.08 31.06 20.55
C LYS K 376 69.59 30.99 20.21
N ALA K 377 68.90 29.98 20.72
CA ALA K 377 67.48 29.82 20.41
C ALA K 377 66.64 30.95 20.99
N ILE K 378 67.03 31.45 22.15
CA ILE K 378 66.27 32.53 22.79
C ILE K 378 66.41 33.89 22.09
N ALA K 379 67.59 34.18 21.56
CA ALA K 379 67.84 35.49 20.96
C ALA K 379 67.64 35.51 19.44
N ALA K 380 67.41 34.34 18.85
CA ALA K 380 67.35 34.23 17.38
C ALA K 380 66.13 34.92 16.79
N ASP K 381 66.34 35.63 15.69
CA ASP K 381 65.27 36.23 14.94
C ASP K 381 64.66 35.10 14.11
N LEU K 382 63.44 34.70 14.46
CA LEU K 382 62.86 33.47 13.92
C LEU K 382 62.23 33.67 12.54
N ALA K 383 62.61 32.78 11.61
CA ALA K 383 62.08 32.79 10.26
C ALA K 383 62.03 31.34 9.81
N PRO K 384 61.28 31.06 8.73
CA PRO K 384 61.27 29.68 8.24
C PRO K 384 62.69 29.19 8.01
N HIS K 385 63.02 28.01 8.55
CA HIS K 385 64.37 27.49 8.44
C HIS K 385 64.34 26.01 8.11
N LYS K 386 65.01 25.63 7.03
CA LYS K 386 65.04 24.23 6.64
C LYS K 386 66.25 23.51 7.26
N ILE K 387 65.97 22.53 8.13
CA ILE K 387 67.02 21.63 8.60
C ILE K 387 67.31 20.63 7.49
N ASP K 388 68.57 20.30 7.29
CA ASP K 388 68.94 19.58 6.09
C ASP K 388 70.27 18.86 6.24
N ASN K 389 70.52 17.89 5.38
CA ASN K 389 71.77 17.11 5.41
C ASN K 389 72.06 16.53 6.79
N THR K 390 71.04 15.89 7.36
CA THR K 390 71.15 15.28 8.67
C THR K 390 70.13 14.17 8.79
N MET K 391 70.43 13.17 9.61
CA MET K 391 69.42 12.19 9.97
C MET K 391 69.80 11.52 11.26
N ALA K 392 69.20 11.96 12.36
CA ALA K 392 69.37 11.25 13.62
C ALA K 392 68.17 10.36 13.82
N PHE K 393 68.20 9.53 14.88
CA PHE K 393 67.07 8.69 15.22
C PHE K 393 67.09 8.25 16.70
N MET K 394 65.95 7.81 17.17
CA MET K 394 65.84 7.28 18.52
C MET K 394 65.17 5.91 18.49
N PHE K 395 65.71 4.98 19.28
CA PHE K 395 64.95 3.80 19.63
C PHE K 395 64.40 4.13 21.01
N GLU K 396 63.10 4.41 21.13
CA GLU K 396 62.52 4.67 22.46
C GLU K 396 61.81 3.42 22.98
N THR K 397 62.23 2.92 24.14
CA THR K 397 61.64 1.70 24.69
C THR K 397 60.94 1.95 26.03
N SER K 398 59.91 1.16 26.32
CA SER K 398 59.19 1.27 27.59
C SER K 398 59.96 0.67 28.76
N GLN K 399 60.62 -0.46 28.52
CA GLN K 399 61.50 -1.06 29.52
C GLN K 399 62.87 -0.38 29.60
N VAL K 400 63.44 -0.35 30.81
CA VAL K 400 64.78 0.18 31.02
C VAL K 400 65.79 -0.51 30.12
N LEU K 401 66.71 0.27 29.57
CA LEU K 401 67.82 -0.27 28.81
C LEU K 401 69.02 -0.38 29.76
N ARG K 402 69.46 -1.61 29.99
CA ARG K 402 70.65 -1.88 30.78
C ARG K 402 71.82 -1.92 29.83
N PRO K 403 72.78 -0.99 29.98
CA PRO K 403 74.01 -1.01 29.20
C PRO K 403 74.79 -2.29 29.45
N SER K 404 75.36 -2.87 28.40
CA SER K 404 76.16 -4.08 28.54
C SER K 404 77.44 -3.77 29.30
N LEU K 405 78.05 -4.82 29.86
CA LEU K 405 79.34 -4.65 30.51
C LEU K 405 80.35 -4.08 29.52
N GLN K 406 80.28 -4.51 28.27
CA GLN K 406 81.22 -4.04 27.26
C GLN K 406 81.02 -2.57 26.91
N ALA K 407 79.76 -2.14 26.87
CA ALA K 407 79.47 -0.74 26.57
C ALA K 407 79.96 0.16 27.69
N LEU K 408 79.88 -0.32 28.92
CA LEU K 408 80.35 0.45 30.07
C LEU K 408 81.89 0.43 30.19
N GLU K 409 82.54 -0.55 29.57
CA GLU K 409 84.00 -0.68 29.66
C GLU K 409 84.78 -0.24 28.42
N CYS K 410 84.10 0.12 27.33
CA CYS K 410 84.81 0.44 26.09
C CYS K 410 85.45 1.84 26.14
N PRO K 411 86.54 2.02 25.39
CA PRO K 411 87.21 3.33 25.29
C PRO K 411 86.33 4.42 24.67
N GLN K 412 85.26 4.02 23.98
N GLN K 412 85.27 4.01 23.98
CA GLN K 412 84.39 4.95 23.29
CA GLN K 412 84.39 4.95 23.28
C GLN K 412 83.41 5.69 24.23
C GLN K 412 83.40 5.67 24.22
N LEU K 413 83.19 5.13 25.42
CA LEU K 413 82.31 5.77 26.39
C LEU K 413 82.86 7.14 26.82
N GLN K 414 82.14 8.21 26.52
CA GLN K 414 82.61 9.53 26.90
C GLN K 414 82.54 9.75 28.40
N ALA K 415 83.70 10.05 29.00
CA ALA K 415 83.83 10.08 30.46
C ALA K 415 83.21 11.30 31.15
N ASP K 416 82.99 12.38 30.39
CA ASP K 416 82.60 13.66 31.01
C ASP K 416 81.33 14.26 30.38
N TYR K 417 80.38 13.39 30.05
CA TYR K 417 79.16 13.77 29.33
C TYR K 417 78.30 14.77 30.10
N ASP K 418 78.24 14.62 31.43
CA ASP K 418 77.43 15.54 32.24
C ASP K 418 77.91 16.99 32.08
N SER K 419 79.19 17.17 31.79
CA SER K 419 79.76 18.52 31.69
C SER K 419 79.07 19.35 30.61
N CYS K 420 78.41 18.67 29.66
CA CYS K 420 77.69 19.35 28.58
C CYS K 420 76.59 20.28 29.07
N TRP K 421 76.09 20.06 30.28
CA TRP K 421 75.01 20.89 30.81
C TRP K 421 75.47 21.84 31.92
N ALA K 422 76.75 21.74 32.28
CA ALA K 422 77.26 22.43 33.47
C ALA K 422 77.12 23.96 33.45
N THR K 423 77.12 24.55 32.26
CA THR K 423 77.14 26.01 32.15
C THR K 423 75.76 26.66 31.97
N LEU K 424 74.70 25.87 32.10
CA LEU K 424 73.34 26.42 32.03
C LEU K 424 73.13 27.48 33.10
N PRO K 425 72.77 28.71 32.68
CA PRO K 425 72.63 29.85 33.59
C PRO K 425 71.21 30.03 34.13
N SER K 426 71.10 30.66 35.28
CA SER K 426 69.80 31.17 35.74
C SER K 426 69.49 32.47 35.01
N THR K 427 68.33 32.54 34.35
CA THR K 427 67.91 33.81 33.75
C THR K 427 66.68 34.39 34.42
N PHE K 428 66.40 33.90 35.62
CA PHE K 428 65.19 34.24 36.35
C PHE K 428 65.22 35.63 36.97
N ASN K 429 64.27 36.46 36.58
CA ASN K 429 64.09 37.79 37.18
C ASN K 429 62.69 37.92 37.77
N PRO K 430 62.56 37.76 39.09
CA PRO K 430 61.23 37.74 39.71
C PRO K 430 60.49 39.06 39.58
N ASN K 431 61.21 40.13 39.25
CA ASN K 431 60.64 41.48 39.15
C ASN K 431 60.26 41.85 37.73
N ARG K 432 60.50 40.96 36.78
CA ARG K 432 60.24 41.27 35.38
C ARG K 432 59.65 40.10 34.58
N ARG K 433 58.34 40.13 34.37
CA ARG K 433 57.70 39.10 33.55
C ARG K 433 58.15 39.22 32.10
N LEU L 9 29.61 -43.06 40.28
CA LEU L 9 29.91 -41.64 40.42
C LEU L 9 29.01 -40.80 39.53
N HIS L 10 28.44 -39.75 40.13
CA HIS L 10 27.59 -38.81 39.40
C HIS L 10 28.31 -37.51 39.08
N TYR L 11 27.87 -36.87 37.99
CA TYR L 11 28.51 -35.62 37.56
C TYR L 11 27.48 -34.56 37.16
N LEU L 12 27.88 -33.30 37.22
CA LEU L 12 27.11 -32.21 36.65
C LEU L 12 27.76 -31.77 35.33
N SER L 13 26.96 -31.32 34.38
CA SER L 13 27.48 -30.98 33.05
C SER L 13 27.33 -29.51 32.66
N GLY L 14 28.25 -29.04 31.83
CA GLY L 14 28.18 -27.70 31.28
C GLY L 14 29.39 -26.88 31.64
N PHE L 15 30.33 -26.73 30.71
CA PHE L 15 31.54 -25.96 30.99
C PHE L 15 31.19 -24.53 31.40
N GLY L 16 31.79 -24.05 32.48
CA GLY L 16 31.62 -22.68 32.91
C GLY L 16 30.34 -22.38 33.67
N ASN L 17 29.52 -23.39 33.96
CA ASN L 17 28.30 -23.15 34.72
C ASN L 17 28.51 -22.66 36.16
N GLU L 18 27.52 -21.94 36.66
CA GLU L 18 27.35 -21.75 38.06
C GLU L 18 26.61 -23.01 38.54
N PHE L 19 27.36 -23.92 39.15
CA PHE L 19 26.81 -25.19 39.60
C PHE L 19 26.35 -25.07 41.03
N ALA L 20 25.52 -26.02 41.48
CA ALA L 20 25.16 -26.11 42.90
C ALA L 20 25.05 -27.58 43.28
N SER L 21 25.69 -27.96 44.38
CA SER L 21 25.65 -29.37 44.79
C SER L 21 25.74 -29.55 46.29
N GLU L 22 24.77 -30.28 46.85
CA GLU L 22 24.74 -30.59 48.28
C GLU L 22 24.62 -32.09 48.60
N ALA L 23 25.42 -32.53 49.56
CA ALA L 23 25.48 -33.93 49.96
C ALA L 23 24.44 -34.22 51.03
N LEU L 24 23.94 -33.17 51.65
CA LEU L 24 22.84 -33.24 52.59
C LEU L 24 21.78 -32.23 52.14
N PRO L 25 20.50 -32.56 52.32
CA PRO L 25 19.43 -31.68 51.86
C PRO L 25 19.39 -30.38 52.66
N GLY L 26 19.35 -29.26 51.95
CA GLY L 26 19.31 -27.95 52.55
C GLY L 26 20.63 -27.48 53.11
N ALA L 27 21.69 -28.24 52.90
CA ALA L 27 23.02 -27.84 53.37
C ALA L 27 23.47 -26.51 52.72
N LEU L 28 23.00 -26.27 51.50
CA LEU L 28 23.23 -24.99 50.81
C LEU L 28 22.26 -23.94 51.31
N PRO L 29 22.77 -22.77 51.74
CA PRO L 29 21.89 -21.69 52.15
C PRO L 29 21.10 -21.18 50.95
N VAL L 30 19.79 -21.05 51.10
CA VAL L 30 18.96 -20.53 50.02
C VAL L 30 18.82 -19.03 50.14
N GLY L 31 19.16 -18.33 49.06
CA GLY L 31 18.93 -16.90 48.97
C GLY L 31 20.08 -16.05 49.44
N GLN L 32 21.13 -16.68 49.95
CA GLN L 32 22.32 -15.93 50.37
C GLN L 32 23.53 -16.83 50.44
N ASN L 33 24.70 -16.24 50.62
CA ASN L 33 25.95 -17.01 50.72
C ASN L 33 26.46 -17.18 52.14
N SER L 34 26.11 -16.23 53.01
CA SER L 34 26.69 -16.12 54.35
C SER L 34 25.66 -15.98 55.49
N PRO L 35 24.90 -17.06 55.76
CA PRO L 35 23.96 -17.06 56.88
C PRO L 35 24.67 -16.89 58.22
N GLN L 36 24.03 -16.25 59.20
CA GLN L 36 24.60 -16.20 60.54
C GLN L 36 24.61 -17.61 61.12
N LYS L 37 23.51 -18.32 60.92
CA LYS L 37 23.42 -19.71 61.32
C LYS L 37 23.29 -20.58 60.09
N ALA L 38 24.42 -21.13 59.68
CA ALA L 38 24.47 -21.94 58.47
C ALA L 38 23.75 -23.26 58.70
N PRO L 39 23.15 -23.82 57.63
CA PRO L 39 22.54 -25.15 57.74
C PRO L 39 23.55 -26.17 58.28
N TYR L 40 23.09 -26.99 59.21
CA TYR L 40 23.91 -28.04 59.84
C TYR L 40 25.11 -27.52 60.59
N GLY L 41 25.18 -26.21 60.80
CA GLY L 41 26.32 -25.61 61.46
C GLY L 41 27.62 -25.70 60.66
N LEU L 42 27.52 -25.70 59.34
CA LEU L 42 28.70 -25.68 58.48
C LEU L 42 29.40 -24.32 58.46
N TYR L 43 30.64 -24.30 57.98
CA TYR L 43 31.38 -23.05 57.78
C TYR L 43 31.32 -22.61 56.32
N ALA L 44 31.05 -21.34 56.09
CA ALA L 44 31.11 -20.77 54.76
C ALA L 44 32.56 -20.40 54.44
N GLU L 45 33.05 -20.86 53.29
CA GLU L 45 34.39 -20.53 52.85
C GLU L 45 34.38 -20.23 51.35
N LEU L 46 34.93 -19.08 50.97
CA LEU L 46 34.95 -18.69 49.58
C LEU L 46 36.30 -18.98 48.93
N LEU L 47 36.28 -19.71 47.84
CA LEU L 47 37.50 -19.97 47.09
C LEU L 47 37.50 -19.08 45.84
N SER L 48 38.19 -17.94 45.94
CA SER L 48 38.33 -17.02 44.81
C SER L 48 39.43 -17.45 43.83
N GLY L 49 39.02 -18.02 42.70
CA GLY L 49 39.97 -18.46 41.70
C GLY L 49 40.52 -17.34 40.83
N THR L 50 39.81 -16.21 40.84
CA THR L 50 40.23 -15.05 40.06
C THR L 50 40.12 -13.80 40.91
N ALA L 51 40.64 -12.68 40.40
CA ALA L 51 40.41 -11.40 41.03
C ALA L 51 38.91 -11.17 41.16
N PHE L 52 38.49 -10.48 42.23
CA PHE L 52 37.08 -10.16 42.46
C PHE L 52 36.44 -9.42 41.27
N THR L 53 37.25 -8.56 40.65
CA THR L 53 36.76 -7.58 39.68
C THR L 53 36.85 -8.01 38.22
N MET L 54 37.06 -9.30 37.96
CA MET L 54 37.14 -9.78 36.59
C MET L 54 35.77 -9.67 35.94
N ALA L 55 35.73 -9.60 34.62
CA ALA L 55 34.46 -9.63 33.93
C ALA L 55 33.80 -10.95 34.28
N ARG L 56 32.46 -10.98 34.28
CA ARG L 56 31.76 -12.17 34.73
C ARG L 56 32.09 -13.40 33.88
N SER L 57 32.34 -13.20 32.60
CA SER L 57 32.66 -14.33 31.73
C SER L 57 33.96 -15.03 32.17
N GLU L 58 34.81 -14.29 32.88
CA GLU L 58 36.12 -14.81 33.28
C GLU L 58 36.20 -15.15 34.78
N LEU L 59 35.12 -14.85 35.50
CA LEU L 59 35.01 -15.12 36.94
C LEU L 59 35.05 -16.61 37.26
N ARG L 60 35.90 -16.97 38.21
CA ARG L 60 35.94 -18.33 38.75
C ARG L 60 35.93 -18.22 40.29
N ARG L 61 34.80 -18.54 40.90
CA ARG L 61 34.70 -18.53 42.37
C ARG L 61 33.70 -19.56 42.86
N THR L 62 33.98 -20.14 44.01
CA THR L 62 33.14 -21.18 44.57
C THR L 62 33.00 -21.02 46.07
N TRP L 63 31.76 -21.04 46.55
CA TRP L 63 31.47 -21.00 47.97
C TRP L 63 31.45 -22.43 48.50
N LEU L 64 32.11 -22.64 49.62
CA LEU L 64 32.22 -23.97 50.21
C LEU L 64 31.54 -23.96 51.56
N TYR L 65 30.77 -25.00 51.83
CA TYR L 65 30.13 -25.17 53.12
C TYR L 65 30.69 -26.43 53.72
N ARG L 66 31.48 -26.26 54.78
CA ARG L 66 32.41 -27.29 55.20
C ARG L 66 32.48 -27.42 56.71
N ILE L 67 32.94 -28.58 57.17
CA ILE L 67 32.96 -28.90 58.58
C ILE L 67 34.01 -28.10 59.37
N ARG L 68 35.22 -28.00 58.85
CA ARG L 68 36.23 -27.14 59.45
C ARG L 68 36.83 -26.16 58.43
N PRO L 69 37.03 -24.90 58.84
CA PRO L 69 37.67 -23.92 57.93
C PRO L 69 39.04 -24.41 57.45
N SER L 70 39.40 -24.10 56.21
CA SER L 70 40.73 -24.41 55.70
C SER L 70 41.82 -23.72 56.53
N ALA L 71 41.45 -22.67 57.26
CA ALA L 71 42.38 -21.91 58.09
C ALA L 71 42.83 -22.66 59.34
N LEU L 72 42.17 -23.77 59.63
CA LEU L 72 42.57 -24.62 60.75
C LEU L 72 43.69 -25.55 60.29
N HIS L 73 44.91 -25.03 60.34
CA HIS L 73 46.11 -25.79 60.06
C HIS L 73 47.33 -25.20 60.77
N PRO L 74 48.33 -26.04 61.06
CA PRO L 74 49.54 -25.52 61.69
C PRO L 74 50.51 -24.99 60.63
N ARG L 75 51.64 -24.46 61.10
CA ARG L 75 52.70 -24.00 60.21
C ARG L 75 53.12 -25.06 59.20
N PHE L 76 53.27 -24.63 57.95
CA PHE L 76 53.78 -25.51 56.91
C PHE L 76 55.30 -25.57 57.06
N GLU L 77 55.85 -26.76 56.86
CA GLU L 77 57.30 -26.92 56.86
C GLU L 77 57.75 -27.50 55.53
N ARG L 78 58.97 -27.17 55.15
CA ARG L 78 59.53 -27.62 53.87
C ARG L 78 59.93 -29.10 53.91
N LEU L 79 59.41 -29.90 53.00
CA LEU L 79 59.81 -31.31 52.96
C LEU L 79 61.25 -31.44 52.48
N ALA L 80 61.90 -32.53 52.85
CA ALA L 80 63.23 -32.83 52.34
C ALA L 80 63.11 -33.35 50.92
N ARG L 81 62.02 -34.07 50.64
CA ARG L 81 61.83 -34.64 49.32
C ARG L 81 61.23 -33.62 48.37
N GLN L 82 61.97 -33.28 47.31
CA GLN L 82 61.55 -32.24 46.38
C GLN L 82 61.75 -32.74 44.95
N PRO L 83 60.69 -33.32 44.36
CA PRO L 83 60.82 -33.84 42.99
C PRO L 83 61.15 -32.76 41.96
N LEU L 84 60.83 -31.50 42.28
CA LEU L 84 60.79 -30.45 41.29
C LEU L 84 61.94 -29.48 41.45
N GLY L 85 62.96 -29.90 42.19
CA GLY L 85 64.05 -29.03 42.55
C GLY L 85 65.26 -29.06 41.63
N GLY L 86 65.25 -29.94 40.63
CA GLY L 86 66.31 -29.97 39.65
C GLY L 86 66.47 -28.64 38.93
N PRO L 87 67.71 -28.30 38.52
CA PRO L 87 67.95 -27.05 37.77
C PRO L 87 67.51 -27.10 36.31
N LEU L 88 67.38 -25.93 35.71
CA LEU L 88 67.10 -25.83 34.28
C LEU L 88 68.28 -26.43 33.53
N GLY L 89 68.00 -27.06 32.40
CA GLY L 89 69.08 -27.59 31.58
C GLY L 89 69.75 -26.44 30.84
N GLY L 90 70.85 -26.74 30.16
CA GLY L 90 71.55 -25.74 29.36
C GLY L 90 70.73 -25.28 28.17
N ILE L 91 71.16 -24.17 27.58
CA ILE L 91 70.50 -23.63 26.39
C ILE L 91 70.68 -24.61 25.24
N ASN L 92 69.59 -24.97 24.56
CA ASN L 92 69.65 -25.94 23.48
C ASN L 92 68.50 -25.73 22.50
N PRO L 93 68.81 -25.26 21.29
CA PRO L 93 67.81 -24.98 20.25
C PRO L 93 67.32 -26.22 19.49
N ASN L 94 67.96 -27.37 19.71
CA ASN L 94 67.65 -28.56 18.92
C ASN L 94 66.23 -29.13 19.08
N ARG L 95 65.77 -29.84 18.05
CA ARG L 95 64.52 -30.56 18.12
C ARG L 95 64.77 -31.78 18.99
N LEU L 96 63.87 -32.05 19.94
CA LEU L 96 64.13 -33.12 20.90
C LEU L 96 62.99 -34.14 20.92
N ARG L 97 63.34 -35.41 20.98
CA ARG L 97 62.34 -36.45 21.16
C ARG L 97 62.72 -37.42 22.27
N TRP L 98 61.74 -37.76 23.10
CA TRP L 98 61.96 -38.69 24.21
C TRP L 98 61.14 -39.97 24.06
N SER L 99 61.73 -41.08 24.48
CA SER L 99 61.03 -42.36 24.56
C SER L 99 60.15 -42.29 25.79
N PRO L 100 59.26 -43.28 25.99
CA PRO L 100 58.42 -43.26 27.19
C PRO L 100 59.24 -43.26 28.47
N GLN L 101 58.69 -42.64 29.53
CA GLN L 101 59.37 -42.55 30.81
C GLN L 101 59.01 -43.75 31.68
N PRO L 102 60.03 -44.43 32.22
CA PRO L 102 59.71 -45.60 33.05
C PRO L 102 59.24 -45.18 34.42
N ILE L 103 58.29 -45.93 34.95
CA ILE L 103 57.84 -45.78 36.32
C ILE L 103 59.00 -46.16 37.26
N PRO L 104 59.33 -45.28 38.21
CA PRO L 104 60.39 -45.59 39.18
C PRO L 104 60.01 -46.77 40.09
N ALA L 105 61.03 -47.37 40.72
CA ALA L 105 60.84 -48.51 41.61
C ALA L 105 60.59 -48.04 43.04
N GLU L 106 61.19 -46.91 43.39
CA GLU L 106 60.97 -46.36 44.74
C GLU L 106 59.54 -45.89 44.87
N PRO L 107 58.95 -46.06 46.07
CA PRO L 107 57.59 -45.60 46.39
C PRO L 107 57.43 -44.14 46.02
N THR L 108 56.44 -43.89 45.17
CA THR L 108 56.26 -42.57 44.57
C THR L 108 54.79 -42.35 44.24
N ASP L 109 54.15 -41.41 44.93
CA ASP L 109 52.74 -41.14 44.68
C ASP L 109 52.61 -40.13 43.53
N PHE L 110 51.43 -39.57 43.38
CA PHE L 110 51.14 -38.74 42.22
C PHE L 110 51.98 -37.47 42.24
N ILE L 111 52.03 -36.79 43.38
CA ILE L 111 52.77 -35.54 43.45
C ILE L 111 54.28 -35.76 43.48
N GLU L 112 54.71 -36.91 43.96
CA GLU L 112 56.13 -37.22 44.04
C GLU L 112 56.71 -37.60 42.69
N GLY L 113 55.85 -37.99 41.75
CA GLY L 113 56.28 -38.54 40.47
C GLY L 113 56.31 -37.60 39.28
N TRP L 114 56.13 -36.31 39.50
CA TRP L 114 56.25 -35.35 38.40
C TRP L 114 57.70 -35.26 37.89
N LEU L 115 57.90 -35.64 36.64
CA LEU L 115 59.20 -35.43 36.01
C LEU L 115 59.14 -34.16 35.18
N PRO L 116 59.86 -33.12 35.62
CA PRO L 116 59.93 -31.87 34.84
C PRO L 116 60.47 -32.12 33.43
N MET L 117 59.68 -31.88 32.40
CA MET L 117 60.16 -32.07 31.04
C MET L 117 60.65 -30.75 30.44
N ALA L 118 59.74 -29.79 30.29
CA ALA L 118 60.13 -28.45 29.84
C ALA L 118 59.25 -27.37 30.46
N ALA L 119 59.76 -26.16 30.64
CA ALA L 119 58.97 -25.10 31.27
C ALA L 119 59.34 -23.71 30.77
N ASN L 120 58.39 -22.78 30.84
CA ASN L 120 58.64 -21.39 30.43
C ASN L 120 59.58 -20.67 31.40
N ALA L 121 59.55 -21.08 32.65
CA ALA L 121 60.31 -20.41 33.70
C ALA L 121 60.81 -21.37 34.75
N GLY L 122 61.84 -20.95 35.49
CA GLY L 122 62.32 -21.72 36.62
C GLY L 122 61.18 -21.97 37.59
N ALA L 123 61.19 -23.11 38.25
CA ALA L 123 60.07 -23.55 39.08
C ALA L 123 59.85 -22.61 40.25
N GLU L 124 60.91 -21.93 40.67
CA GLU L 124 60.85 -20.99 41.78
C GLU L 124 60.21 -19.64 41.40
N LYS L 125 60.02 -19.40 40.10
CA LYS L 125 59.34 -18.18 39.64
C LYS L 125 58.36 -18.56 38.54
N PRO L 126 57.25 -19.20 38.92
CA PRO L 126 56.32 -19.80 37.96
C PRO L 126 55.66 -18.75 37.07
N ALA L 127 55.61 -19.03 35.78
CA ALA L 127 54.95 -18.17 34.83
C ALA L 127 54.75 -18.93 33.53
N GLY L 128 53.77 -18.52 32.75
CA GLY L 128 53.42 -19.23 31.54
C GLY L 128 53.00 -20.66 31.87
N VAL L 129 53.74 -21.63 31.35
CA VAL L 129 53.38 -23.04 31.49
C VAL L 129 54.58 -23.91 31.91
N SER L 130 54.34 -24.85 32.82
CA SER L 130 55.30 -25.90 33.13
C SER L 130 54.72 -27.26 32.74
N ILE L 131 55.47 -28.02 31.96
CA ILE L 131 55.05 -29.33 31.51
C ILE L 131 55.82 -30.44 32.24
N TYR L 132 55.08 -31.44 32.74
CA TYR L 132 55.68 -32.63 33.36
C TYR L 132 55.13 -33.90 32.72
N ILE L 133 55.79 -35.02 32.99
CA ILE L 133 55.20 -36.35 32.78
C ILE L 133 55.16 -37.04 34.13
N TYR L 134 53.97 -37.45 34.56
CA TYR L 134 53.88 -38.06 35.89
C TYR L 134 54.02 -39.58 35.84
N ARG L 135 54.74 -40.12 36.81
CA ARG L 135 54.88 -41.56 36.98
C ARG L 135 54.59 -41.88 38.43
N ALA L 136 53.71 -42.84 38.68
CA ALA L 136 53.30 -43.11 40.04
C ALA L 136 53.07 -44.59 40.29
N ASN L 137 53.41 -45.06 41.48
CA ASN L 137 53.20 -46.47 41.78
C ASN L 137 52.42 -46.74 43.07
N ARG L 138 51.99 -45.67 43.73
CA ARG L 138 51.26 -45.75 45.00
C ARG L 138 50.16 -44.71 44.99
N SER L 139 49.07 -44.96 45.71
CA SER L 139 48.04 -43.93 45.88
C SER L 139 48.49 -42.91 46.90
N MET L 140 47.94 -41.70 46.82
CA MET L 140 48.34 -40.66 47.77
C MET L 140 47.81 -40.93 49.16
N GLU L 141 48.69 -40.77 50.13
CA GLU L 141 48.41 -41.05 51.52
C GLU L 141 48.32 -39.73 52.24
N ARG L 142 47.76 -38.74 51.55
CA ARG L 142 47.70 -37.38 52.04
C ARG L 142 46.87 -36.54 51.08
N VAL L 143 46.76 -35.25 51.37
CA VAL L 143 45.99 -34.35 50.52
C VAL L 143 46.91 -33.24 49.99
N PHE L 144 46.63 -32.77 48.77
CA PHE L 144 47.50 -31.82 48.09
C PHE L 144 46.73 -30.67 47.43
N PHE L 145 47.25 -29.45 47.55
CA PHE L 145 46.83 -28.39 46.64
C PHE L 145 48.01 -27.70 45.94
N ASN L 146 47.76 -27.20 44.74
CA ASN L 146 48.79 -26.48 43.99
C ASN L 146 48.57 -24.98 44.03
N ALA L 147 49.41 -24.27 44.78
CA ALA L 147 49.35 -22.82 44.85
C ALA L 147 49.95 -22.10 43.63
N ASP L 148 50.75 -22.80 42.81
CA ASP L 148 51.44 -22.18 41.65
C ASP L 148 50.62 -22.12 40.35
N GLY L 149 49.53 -22.87 40.28
CA GLY L 149 48.67 -22.81 39.12
C GLY L 149 47.69 -23.97 38.90
N GLU L 150 47.03 -23.92 37.76
CA GLU L 150 45.98 -24.85 37.39
C GLU L 150 46.58 -26.10 36.79
N LEU L 151 45.99 -27.26 37.05
CA LEU L 151 46.55 -28.49 36.51
C LEU L 151 45.68 -29.18 35.45
N LEU L 152 46.26 -29.38 34.27
CA LEU L 152 45.61 -30.17 33.22
C LEU L 152 46.31 -31.52 33.17
N LEU L 153 45.59 -32.57 33.52
CA LEU L 153 46.12 -33.94 33.51
C LEU L 153 45.67 -34.72 32.26
N VAL L 154 46.64 -35.35 31.59
CA VAL L 154 46.34 -36.13 30.40
C VAL L 154 46.85 -37.55 30.59
N PRO L 155 46.04 -38.40 31.23
CA PRO L 155 46.41 -39.77 31.56
C PRO L 155 46.89 -40.52 30.33
N GLU L 156 47.88 -41.39 30.50
CA GLU L 156 48.34 -42.25 29.41
C GLU L 156 48.25 -43.74 29.74
N GLN L 157 48.58 -44.07 30.99
CA GLN L 157 48.56 -45.43 31.50
C GLN L 157 47.88 -45.44 32.85
N GLY L 158 46.80 -46.21 32.98
CA GLY L 158 46.17 -46.44 34.27
C GLY L 158 45.13 -45.41 34.67
N ARG L 159 44.03 -45.89 35.23
CA ARG L 159 42.94 -45.02 35.64
C ARG L 159 43.25 -44.31 36.95
N LEU L 160 42.75 -43.08 37.09
CA LEU L 160 42.93 -42.32 38.31
C LEU L 160 41.57 -42.04 38.97
N ARG L 161 41.54 -42.14 40.29
CA ARG L 161 40.39 -41.68 41.05
C ARG L 161 40.82 -40.46 41.84
N ILE L 162 40.27 -39.31 41.50
CA ILE L 162 40.70 -38.06 42.09
C ILE L 162 39.65 -37.49 43.06
N ALA L 163 39.91 -37.63 44.34
CA ALA L 163 39.03 -37.04 45.34
C ALA L 163 39.36 -35.58 45.54
N THR L 164 38.44 -34.69 45.18
CA THR L 164 38.66 -33.25 45.38
C THR L 164 37.68 -32.70 46.41
N GLU L 165 37.91 -31.47 46.83
CA GLU L 165 37.03 -30.82 47.78
C GLU L 165 35.58 -30.77 47.29
N LEU L 166 35.37 -30.72 45.98
CA LEU L 166 34.01 -30.60 45.44
C LEU L 166 33.40 -31.95 45.08
N GLY L 167 34.16 -33.03 45.25
CA GLY L 167 33.67 -34.37 44.93
C GLY L 167 34.65 -35.23 44.18
N VAL L 168 34.27 -36.47 43.89
CA VAL L 168 35.20 -37.42 43.29
C VAL L 168 34.98 -37.63 41.80
N MET L 169 36.05 -37.55 41.03
CA MET L 169 35.97 -37.88 39.61
C MET L 169 37.04 -38.89 39.24
N GLU L 170 36.66 -39.86 38.42
CA GLU L 170 37.59 -40.83 37.87
C GLU L 170 37.97 -40.49 36.43
N VAL L 171 39.23 -40.69 36.08
CA VAL L 171 39.73 -40.32 34.76
C VAL L 171 40.58 -41.43 34.17
N GLU L 172 40.31 -41.82 32.92
CA GLU L 172 41.13 -42.85 32.27
C GLU L 172 41.84 -42.27 31.06
N PRO L 173 42.85 -42.98 30.52
CA PRO L 173 43.38 -42.57 29.22
C PRO L 173 42.27 -42.33 28.19
N LEU L 174 42.42 -41.24 27.44
CA LEU L 174 41.45 -40.69 26.46
C LEU L 174 40.50 -39.66 27.07
N GLU L 175 40.60 -39.46 28.39
CA GLU L 175 39.93 -38.35 29.06
C GLU L 175 40.98 -37.38 29.57
N ILE L 176 40.56 -36.15 29.90
CA ILE L 176 41.45 -35.23 30.59
C ILE L 176 40.76 -34.71 31.83
N ALA L 177 41.53 -34.13 32.75
CA ALA L 177 40.93 -33.51 33.91
C ALA L 177 41.68 -32.22 34.23
N VAL L 178 40.97 -31.28 34.83
CA VAL L 178 41.54 -30.00 35.23
C VAL L 178 41.22 -29.74 36.70
N ILE L 179 42.23 -29.40 37.49
CA ILE L 179 42.06 -29.07 38.89
C ILE L 179 42.47 -27.63 39.10
N PRO L 180 41.56 -26.78 39.58
CA PRO L 180 41.92 -25.37 39.72
C PRO L 180 43.03 -25.16 40.76
N ARG L 181 43.79 -24.10 40.54
CA ARG L 181 44.80 -23.66 41.48
C ARG L 181 44.23 -23.65 42.90
N GLY L 182 45.02 -24.11 43.87
CA GLY L 182 44.62 -24.06 45.27
C GLY L 182 43.60 -25.06 45.77
N MET L 183 42.92 -25.75 44.87
CA MET L 183 41.92 -26.75 45.27
C MET L 183 42.59 -28.03 45.80
N LYS L 184 42.16 -28.50 46.97
CA LYS L 184 42.74 -29.69 47.59
C LYS L 184 42.20 -31.00 46.98
N PHE L 185 43.08 -31.98 46.80
CA PHE L 185 42.70 -33.24 46.17
C PHE L 185 43.64 -34.41 46.51
N ARG L 186 43.18 -35.62 46.22
CA ARG L 186 43.94 -36.81 46.51
C ARG L 186 43.81 -37.77 45.34
N VAL L 187 44.93 -38.28 44.85
CA VAL L 187 44.91 -39.13 43.66
C VAL L 187 45.10 -40.61 44.00
N GLU L 188 44.05 -41.39 43.82
CA GLU L 188 44.11 -42.82 44.03
C GLU L 188 44.34 -43.55 42.71
N LEU L 189 45.26 -44.51 42.73
CA LEU L 189 45.55 -45.30 41.53
C LEU L 189 44.69 -46.56 41.50
N LEU L 190 43.84 -46.69 40.47
CA LEU L 190 42.95 -47.84 40.33
C LEU L 190 43.62 -49.02 39.67
N ASP L 191 44.69 -48.77 38.93
CA ASP L 191 45.36 -49.86 38.24
C ASP L 191 46.72 -50.17 38.83
N GLY L 192 46.99 -49.63 40.01
CA GLY L 192 48.21 -49.95 40.72
C GLY L 192 49.37 -49.01 40.43
N GLN L 193 49.51 -48.63 39.17
CA GLN L 193 50.48 -47.62 38.74
C GLN L 193 49.85 -46.74 37.67
N ALA L 194 50.48 -45.60 37.42
CA ALA L 194 49.90 -44.60 36.53
C ALA L 194 50.99 -43.78 35.86
N ARG L 195 50.70 -43.34 34.65
CA ARG L 195 51.61 -42.47 33.93
C ARG L 195 50.83 -41.59 32.95
N GLY L 196 51.30 -40.37 32.79
CA GLY L 196 50.64 -39.43 31.90
C GLY L 196 51.34 -38.10 31.91
N TYR L 197 50.70 -37.11 31.31
CA TYR L 197 51.30 -35.81 31.10
C TYR L 197 50.60 -34.73 31.92
N ILE L 198 51.34 -33.68 32.27
CA ILE L 198 50.76 -32.53 32.93
C ILE L 198 51.13 -31.24 32.21
N ALA L 199 50.11 -30.44 31.91
CA ALA L 199 50.32 -29.02 31.66
C ALA L 199 49.89 -28.25 32.92
N GLU L 200 50.85 -27.69 33.63
CA GLU L 200 50.54 -26.84 34.78
C GLU L 200 50.43 -25.42 34.27
N ASN L 201 49.26 -24.83 34.43
CA ASN L 201 48.97 -23.51 33.88
C ASN L 201 49.11 -22.42 34.96
N HIS L 202 50.14 -21.60 34.80
CA HIS L 202 50.44 -20.53 35.75
C HIS L 202 49.70 -19.22 35.45
N GLY L 203 49.07 -19.15 34.28
CA GLY L 203 48.38 -17.95 33.83
C GLY L 203 46.87 -18.00 33.83
N ALA L 204 46.26 -17.31 32.86
CA ALA L 204 44.81 -17.27 32.76
C ALA L 204 44.22 -18.68 32.58
N PRO L 205 43.21 -19.04 33.40
CA PRO L 205 42.61 -20.38 33.46
C PRO L 205 42.18 -20.90 32.10
N LEU L 206 42.36 -22.19 31.84
CA LEU L 206 41.93 -22.78 30.58
C LEU L 206 40.44 -22.56 30.35
N ARG L 207 40.07 -22.21 29.13
CA ARG L 207 38.68 -22.14 28.78
C ARG L 207 38.50 -22.60 27.33
N LEU L 208 37.25 -22.65 26.86
CA LEU L 208 36.99 -23.08 25.49
C LEU L 208 37.42 -21.98 24.51
N PRO L 209 37.91 -22.37 23.32
CA PRO L 209 38.42 -21.38 22.36
C PRO L 209 37.27 -20.61 21.71
N ASP L 210 37.51 -19.37 21.25
CA ASP L 210 36.59 -18.64 20.38
C ASP L 210 36.40 -19.49 19.14
N LEU L 211 35.17 -19.71 18.69
CA LEU L 211 34.96 -20.62 17.55
C LEU L 211 35.09 -19.96 16.18
N GLY L 212 35.13 -18.64 16.13
CA GLY L 212 35.12 -17.96 14.84
C GLY L 212 33.97 -18.46 13.98
N PRO L 213 34.24 -18.76 12.69
CA PRO L 213 33.18 -19.17 11.79
C PRO L 213 32.58 -20.53 12.18
N ILE L 214 33.23 -21.29 13.06
CA ILE L 214 32.66 -22.56 13.52
C ILE L 214 31.35 -22.28 14.27
N GLY L 215 31.22 -21.08 14.80
CA GLY L 215 29.93 -20.60 15.25
C GLY L 215 29.55 -20.91 16.70
N SER L 216 28.43 -21.61 16.86
CA SER L 216 27.85 -21.82 18.19
C SER L 216 27.97 -23.25 18.70
N ASN L 217 28.53 -24.14 17.88
CA ASN L 217 28.61 -25.56 18.21
C ASN L 217 29.86 -26.16 17.57
N GLY L 218 30.39 -27.23 18.14
CA GLY L 218 31.52 -27.90 17.52
C GLY L 218 32.77 -27.91 18.37
N LEU L 219 33.81 -28.59 17.87
CA LEU L 219 35.02 -28.82 18.64
C LEU L 219 34.60 -29.46 19.98
N ALA L 220 34.99 -28.90 21.10
CA ALA L 220 34.52 -29.44 22.38
C ALA L 220 33.21 -28.78 22.78
N ASN L 221 32.17 -29.59 22.93
CA ASN L 221 30.87 -29.05 23.29
C ASN L 221 30.81 -28.96 24.81
N PRO L 222 30.31 -27.83 25.33
CA PRO L 222 30.30 -27.57 26.79
C PRO L 222 29.50 -28.61 27.59
N ARG L 223 28.48 -29.21 26.98
CA ARG L 223 27.66 -30.24 27.62
C ARG L 223 28.50 -31.47 28.06
N ASP L 224 29.68 -31.63 27.46
CA ASP L 224 30.52 -32.78 27.73
C ASP L 224 31.52 -32.59 28.86
N PHE L 225 31.62 -31.37 29.38
CA PHE L 225 32.53 -31.10 30.50
C PHE L 225 31.88 -31.37 31.86
N LEU L 226 32.47 -32.30 32.62
CA LEU L 226 31.77 -32.92 33.75
C LEU L 226 32.40 -32.62 35.10
N THR L 227 31.58 -32.17 36.04
CA THR L 227 32.07 -31.79 37.36
C THR L 227 31.44 -32.70 38.42
N PRO L 228 32.24 -33.14 39.41
CA PRO L 228 31.70 -34.11 40.38
C PRO L 228 30.72 -33.47 41.34
N VAL L 229 29.87 -34.31 41.92
CA VAL L 229 28.89 -33.86 42.89
C VAL L 229 29.51 -33.84 44.27
N ALA L 230 28.93 -33.03 45.16
CA ALA L 230 29.47 -32.86 46.49
C ALA L 230 29.71 -34.20 47.20
N HIS L 231 30.86 -34.32 47.84
CA HIS L 231 31.17 -35.51 48.61
C HIS L 231 32.16 -35.15 49.71
N TYR L 232 31.87 -35.59 50.93
CA TYR L 232 32.73 -35.23 52.03
C TYR L 232 33.21 -36.44 52.82
N GLU L 233 34.31 -36.24 53.54
CA GLU L 233 34.92 -37.28 54.36
C GLU L 233 34.88 -36.86 55.83
N GLU L 234 34.79 -37.82 56.74
CA GLU L 234 34.74 -37.48 58.16
C GLU L 234 35.76 -38.24 59.02
N ALA L 235 36.72 -38.88 58.38
CA ALA L 235 37.75 -39.65 59.10
C ALA L 235 38.46 -38.80 60.13
N GLU L 236 38.56 -39.31 61.35
CA GLU L 236 39.33 -38.66 62.40
C GLU L 236 40.66 -39.39 62.57
N GLY L 237 41.73 -38.62 62.76
CA GLY L 237 43.07 -39.15 62.74
C GLY L 237 43.88 -38.33 61.76
N PRO L 238 45.19 -38.17 62.01
CA PRO L 238 46.05 -37.24 61.28
C PRO L 238 46.06 -37.39 59.76
N VAL L 239 46.02 -36.25 59.07
CA VAL L 239 46.13 -36.19 57.62
C VAL L 239 47.23 -35.20 57.25
N GLN L 240 48.14 -35.60 56.37
CA GLN L 240 49.16 -34.67 55.90
C GLN L 240 48.58 -33.80 54.79
N LEU L 241 48.80 -32.50 54.89
CA LEU L 241 48.42 -31.58 53.82
C LEU L 241 49.70 -31.00 53.21
N VAL L 242 49.86 -31.20 51.90
CA VAL L 242 51.01 -30.69 51.18
C VAL L 242 50.57 -29.68 50.13
N GLN L 243 51.28 -28.57 50.05
CA GLN L 243 51.08 -27.61 48.96
C GLN L 243 52.36 -27.45 48.15
N LYS L 244 52.18 -27.22 46.86
CA LYS L 244 53.30 -26.82 46.01
C LYS L 244 53.36 -25.30 45.93
N PHE L 245 54.40 -24.71 46.52
CA PHE L 245 54.58 -23.26 46.50
C PHE L 245 55.95 -22.93 45.95
N LEU L 246 55.96 -22.10 44.91
CA LEU L 246 57.17 -21.71 44.18
C LEU L 246 58.08 -22.88 43.86
N GLY L 247 57.48 -24.01 43.50
CA GLY L 247 58.23 -25.18 43.06
C GLY L 247 58.42 -26.21 44.15
N GLU L 248 58.18 -25.80 45.39
CA GLU L 248 58.52 -26.63 46.53
C GLU L 248 57.29 -27.24 47.19
N HIS L 249 57.44 -28.48 47.66
CA HIS L 249 56.43 -29.10 48.51
C HIS L 249 56.62 -28.66 49.95
N TRP L 250 55.58 -28.06 50.51
CA TRP L 250 55.53 -27.74 51.92
C TRP L 250 54.36 -28.49 52.53
N ALA L 251 54.51 -28.88 53.80
CA ALA L 251 53.55 -29.78 54.43
C ALA L 251 53.21 -29.42 55.87
N CYS L 252 51.98 -29.73 56.27
CA CYS L 252 51.61 -29.64 57.67
C CYS L 252 50.74 -30.82 57.99
N GLU L 253 50.47 -31.02 59.27
CA GLU L 253 49.60 -32.12 59.66
C GLU L 253 48.29 -31.59 60.21
N LEU L 254 47.20 -32.12 59.68
CA LEU L 254 45.89 -31.82 60.23
C LEU L 254 45.47 -33.02 61.07
N GLN L 255 44.52 -32.81 61.98
CA GLN L 255 43.93 -33.91 62.73
C GLN L 255 42.54 -34.23 62.18
N HIS L 256 42.22 -33.68 61.02
CA HIS L 256 40.93 -33.89 60.35
C HIS L 256 41.14 -34.00 58.86
N SER L 257 40.15 -34.56 58.14
CA SER L 257 40.22 -34.57 56.69
C SER L 257 39.74 -33.27 56.08
N PRO L 258 40.61 -32.68 55.24
CA PRO L 258 40.40 -31.39 54.57
C PRO L 258 39.36 -31.53 53.45
N LEU L 259 38.96 -32.76 53.13
CA LEU L 259 37.92 -32.98 52.13
C LEU L 259 36.58 -33.11 52.85
N ASP L 260 36.23 -32.06 53.57
CA ASP L 260 35.08 -32.06 54.45
C ASP L 260 34.03 -31.07 53.96
N VAL L 261 33.88 -30.97 52.63
CA VAL L 261 32.88 -30.06 52.04
C VAL L 261 31.54 -30.74 51.83
N VAL L 262 30.55 -30.34 52.62
CA VAL L 262 29.24 -30.97 52.57
C VAL L 262 28.44 -30.43 51.39
N ALA L 263 28.60 -29.15 51.09
CA ALA L 263 27.90 -28.52 49.97
C ALA L 263 28.70 -27.35 49.38
N TRP L 264 28.44 -27.04 48.12
CA TRP L 264 29.16 -25.99 47.42
C TRP L 264 28.37 -25.45 46.24
N HIS L 265 28.73 -24.25 45.79
CA HIS L 265 28.10 -23.69 44.60
C HIS L 265 29.02 -22.69 43.91
N GLY L 266 28.99 -22.65 42.59
CA GLY L 266 29.83 -21.71 41.87
C GLY L 266 30.50 -22.29 40.64
N SER L 267 31.59 -21.66 40.23
CA SER L 267 32.16 -21.87 38.91
C SER L 267 33.64 -22.27 38.92
N ASN L 268 34.29 -22.17 40.08
CA ASN L 268 35.67 -22.66 40.23
C ASN L 268 35.65 -24.14 40.62
N VAL L 269 35.67 -25.01 39.61
CA VAL L 269 35.43 -26.43 39.79
C VAL L 269 36.47 -27.30 39.09
N PRO L 270 36.69 -28.52 39.61
CA PRO L 270 37.42 -29.50 38.82
C PRO L 270 36.48 -30.07 37.78
N TYR L 271 37.02 -30.58 36.69
CA TYR L 271 36.19 -31.19 35.67
C TYR L 271 37.00 -32.20 34.89
N LYS L 272 36.30 -33.00 34.11
CA LYS L 272 36.94 -33.94 33.22
C LYS L 272 36.24 -33.88 31.88
N TYR L 273 36.89 -34.39 30.84
CA TYR L 273 36.33 -34.36 29.49
C TYR L 273 36.86 -35.51 28.66
N ASP L 274 35.96 -36.19 27.95
CA ASP L 274 36.27 -37.37 27.14
C ASP L 274 36.63 -36.94 25.73
N LEU L 275 37.89 -37.11 25.34
CA LEU L 275 38.37 -36.62 24.05
C LEU L 275 37.64 -37.31 22.91
N ARG L 276 37.07 -38.48 23.20
CA ARG L 276 36.31 -39.21 22.18
C ARG L 276 35.03 -38.45 21.78
N ARG L 277 34.61 -37.49 22.58
CA ARG L 277 33.42 -36.70 22.28
C ARG L 277 33.72 -35.47 21.44
N PHE L 278 34.99 -35.27 21.11
CA PHE L 278 35.43 -34.10 20.36
C PHE L 278 34.79 -34.01 18.99
N ASN L 279 34.05 -32.93 18.74
CA ASN L 279 33.41 -32.71 17.46
C ASN L 279 34.42 -32.17 16.47
N THR L 280 35.26 -33.07 15.95
CA THR L 280 36.39 -32.67 15.10
C THR L 280 35.96 -32.03 13.80
N ILE L 281 36.54 -30.85 13.55
CA ILE L 281 36.36 -30.08 12.32
C ILE L 281 37.65 -30.14 11.48
N GLY L 282 37.52 -30.25 10.16
CA GLY L 282 38.68 -30.28 9.29
C GLY L 282 38.32 -29.93 7.86
N THR L 283 39.20 -30.21 6.91
CA THR L 283 38.85 -29.95 5.51
C THR L 283 37.90 -30.99 4.92
N VAL L 284 36.93 -30.52 4.14
CA VAL L 284 36.03 -31.38 3.38
C VAL L 284 36.23 -31.08 1.91
N SER L 285 37.45 -30.61 1.61
CA SER L 285 37.74 -30.11 0.26
C SER L 285 39.15 -30.46 -0.12
N PHE L 286 40.07 -29.54 0.16
CA PHE L 286 41.48 -29.75 -0.12
C PHE L 286 42.35 -29.13 0.96
N ASP L 287 43.67 -29.27 0.79
CA ASP L 287 44.65 -28.75 1.74
C ASP L 287 44.66 -29.38 3.14
N HIS L 288 45.46 -28.79 4.03
CA HIS L 288 45.70 -29.31 5.37
C HIS L 288 45.56 -28.19 6.38
N PRO L 289 44.41 -28.16 7.08
CA PRO L 289 44.09 -27.04 7.97
C PRO L 289 45.06 -26.91 9.14
N ASP L 290 45.32 -25.66 9.55
CA ASP L 290 46.12 -25.32 10.71
C ASP L 290 45.68 -26.12 11.92
N PRO L 291 46.63 -26.72 12.63
CA PRO L 291 46.35 -27.59 13.78
C PRO L 291 45.64 -26.87 14.92
N SER L 292 45.61 -25.54 14.88
CA SER L 292 44.79 -24.79 15.83
C SER L 292 43.31 -25.22 15.73
N ILE L 293 42.91 -25.77 14.58
CA ILE L 293 41.53 -26.24 14.35
C ILE L 293 41.14 -27.35 15.33
N PHE L 294 42.15 -28.01 15.91
CA PHE L 294 41.94 -29.13 16.81
C PHE L 294 41.98 -28.73 18.29
N THR L 295 41.84 -27.44 18.56
CA THR L 295 41.95 -26.90 19.92
C THR L 295 40.82 -27.40 20.82
N VAL L 296 41.19 -27.95 21.98
CA VAL L 296 40.23 -28.35 23.00
C VAL L 296 40.06 -27.26 24.05
N LEU L 297 41.18 -26.84 24.66
CA LEU L 297 41.14 -25.78 25.67
C LEU L 297 42.26 -24.77 25.40
N THR L 298 42.10 -23.53 25.86
CA THR L 298 43.15 -22.53 25.65
C THR L 298 43.32 -21.56 26.82
N SER L 299 44.57 -21.18 27.06
CA SER L 299 44.88 -20.20 28.09
C SER L 299 45.38 -18.95 27.39
N PRO L 300 44.59 -17.87 27.47
CA PRO L 300 44.92 -16.64 26.76
C PRO L 300 46.00 -15.84 27.47
N THR L 301 46.53 -14.85 26.77
CA THR L 301 47.25 -13.76 27.41
C THR L 301 46.47 -12.47 27.18
N SER L 302 46.97 -11.37 27.74
CA SER L 302 46.44 -10.06 27.45
C SER L 302 46.76 -9.68 26.00
N VAL L 303 47.60 -10.48 25.33
CA VAL L 303 47.79 -10.26 23.91
C VAL L 303 46.78 -11.08 23.14
N HIS L 304 45.80 -10.39 22.56
CA HIS L 304 44.70 -11.04 21.89
C HIS L 304 45.15 -11.89 20.71
N GLY L 305 44.64 -13.13 20.66
CA GLY L 305 45.03 -14.06 19.61
C GLY L 305 46.30 -14.86 19.90
N MET L 306 47.07 -14.44 20.88
CA MET L 306 48.30 -15.16 21.23
C MET L 306 48.19 -15.85 22.58
N ALA L 307 47.83 -17.13 22.53
CA ALA L 307 47.65 -17.88 23.77
C ALA L 307 48.92 -18.04 24.58
N ASN L 308 48.72 -18.10 25.89
CA ASN L 308 49.71 -18.66 26.82
C ASN L 308 49.97 -20.12 26.43
N MET L 309 48.91 -20.88 26.25
CA MET L 309 49.03 -22.23 25.69
C MET L 309 47.72 -22.70 25.07
N ASP L 310 47.82 -23.50 24.01
CA ASP L 310 46.66 -24.20 23.44
C ASP L 310 46.85 -25.68 23.71
N PHE L 311 45.79 -26.32 24.20
CA PHE L 311 45.76 -27.78 24.24
C PHE L 311 45.00 -28.29 23.00
N VAL L 312 45.73 -28.97 22.12
CA VAL L 312 45.24 -29.37 20.81
C VAL L 312 45.33 -30.90 20.69
N ILE L 313 44.35 -31.55 20.06
CA ILE L 313 44.45 -33.01 19.88
C ILE L 313 44.50 -33.47 18.42
N PHE L 314 44.99 -34.69 18.21
CA PHE L 314 45.00 -35.27 16.88
C PHE L 314 44.29 -36.64 16.96
N PRO L 315 42.97 -36.62 16.75
CA PRO L 315 42.07 -37.73 17.05
C PRO L 315 41.74 -38.58 15.82
N PRO L 316 40.99 -39.69 16.01
CA PRO L 316 40.48 -40.39 14.86
C PRO L 316 39.69 -39.41 14.01
N ARG L 317 39.85 -39.45 12.70
CA ARG L 317 39.22 -38.46 11.84
C ARG L 317 39.20 -38.87 10.37
N TRP L 318 38.26 -38.30 9.62
CA TRP L 318 38.17 -38.50 8.19
C TRP L 318 39.12 -37.58 7.43
N MET L 319 39.94 -38.17 6.56
CA MET L 319 40.82 -37.43 5.67
C MET L 319 40.23 -37.57 4.27
N VAL L 320 39.89 -36.46 3.64
CA VAL L 320 39.24 -36.52 2.33
C VAL L 320 39.85 -35.60 1.30
N ALA L 321 40.81 -34.78 1.71
CA ALA L 321 41.36 -33.72 0.85
C ALA L 321 41.89 -34.19 -0.51
N GLU L 322 41.39 -33.55 -1.57
CA GLU L 322 41.73 -33.94 -2.95
C GLU L 322 42.91 -33.14 -3.49
N ASN L 323 43.70 -33.80 -4.34
CA ASN L 323 44.91 -33.23 -4.93
C ASN L 323 45.77 -32.47 -3.92
N THR L 324 45.94 -33.10 -2.77
CA THR L 324 46.53 -32.50 -1.59
C THR L 324 47.53 -33.44 -0.91
N PHE L 325 48.63 -32.87 -0.42
CA PHE L 325 49.59 -33.55 0.43
C PHE L 325 49.03 -33.58 1.84
N ARG L 326 48.48 -34.73 2.24
CA ARG L 326 47.71 -34.85 3.49
C ARG L 326 48.46 -34.78 4.84
N PRO L 327 49.69 -35.34 4.91
CA PRO L 327 50.42 -35.20 6.18
C PRO L 327 50.69 -33.75 6.52
N PRO L 328 50.90 -33.44 7.82
CA PRO L 328 51.27 -32.08 8.22
C PRO L 328 52.42 -31.50 7.38
N TRP L 329 52.25 -30.28 6.90
CA TRP L 329 53.26 -29.66 6.04
C TRP L 329 54.55 -29.37 6.81
N PHE L 330 55.63 -29.13 6.09
CA PHE L 330 56.85 -28.66 6.74
C PHE L 330 56.57 -27.30 7.38
N HIS L 331 57.24 -26.99 8.48
CA HIS L 331 56.81 -25.88 9.35
C HIS L 331 57.92 -25.32 10.26
N ARG L 332 58.05 -24.01 10.25
CA ARG L 332 58.79 -23.28 11.28
C ARG L 332 57.79 -22.33 11.94
N ASN L 333 57.84 -22.24 13.27
CA ASN L 333 56.78 -21.62 14.06
C ASN L 333 57.36 -20.67 15.13
N LEU L 334 56.70 -19.54 15.34
CA LEU L 334 57.04 -18.67 16.47
C LEU L 334 56.77 -19.41 17.78
N MET L 335 55.65 -20.15 17.82
CA MET L 335 55.21 -20.85 19.04
C MET L 335 56.08 -22.09 19.27
N ASN L 336 55.94 -22.70 20.44
CA ASN L 336 56.75 -23.85 20.82
C ASN L 336 55.90 -25.14 20.95
N GLU L 337 56.29 -26.19 20.23
CA GLU L 337 55.42 -27.35 20.05
C GLU L 337 55.84 -28.58 20.84
N PHE L 338 55.18 -28.81 21.99
CA PHE L 338 55.38 -30.03 22.78
C PHE L 338 54.35 -31.10 22.40
N MET L 339 54.80 -32.20 21.82
CA MET L 339 53.89 -33.25 21.38
C MET L 339 53.89 -34.52 22.23
N GLY L 340 52.70 -35.07 22.46
CA GLY L 340 52.54 -36.28 23.22
C GLY L 340 51.73 -37.32 22.47
N LEU L 341 51.56 -38.49 23.08
CA LEU L 341 50.82 -39.58 22.45
C LEU L 341 50.13 -40.42 23.52
N ILE L 342 48.81 -40.50 23.43
CA ILE L 342 48.02 -41.24 24.41
C ILE L 342 47.88 -42.73 24.02
N ASN L 343 47.52 -42.98 22.77
CA ASN L 343 47.63 -44.33 22.21
C ASN L 343 47.76 -44.40 20.68
N GLY L 344 48.12 -45.58 20.17
CA GLY L 344 48.20 -45.84 18.75
C GLY L 344 49.53 -45.48 18.11
N ALA L 345 49.48 -45.16 16.82
CA ALA L 345 50.63 -44.61 16.10
C ALA L 345 50.30 -43.18 15.67
N GLY L 352 59.68 -44.36 16.99
CA GLY L 352 60.45 -43.49 17.85
C GLY L 352 59.54 -42.61 18.69
N PHE L 353 58.30 -42.47 18.23
CA PHE L 353 57.23 -41.77 18.97
C PHE L 353 56.21 -42.81 19.45
N LEU L 354 56.38 -43.26 20.69
CA LEU L 354 55.51 -44.26 21.29
C LEU L 354 54.58 -43.57 22.28
N PRO L 355 53.49 -44.25 22.70
CA PRO L 355 52.64 -43.65 23.74
C PRO L 355 53.46 -43.43 25.00
N GLY L 356 53.30 -42.26 25.61
CA GLY L 356 54.14 -41.87 26.72
C GLY L 356 55.32 -41.04 26.27
N GLY L 357 55.61 -41.06 24.97
CA GLY L 357 56.73 -40.30 24.45
C GLY L 357 56.46 -38.81 24.34
N ALA L 358 57.40 -38.08 23.76
CA ALA L 358 57.31 -36.62 23.65
C ALA L 358 58.26 -36.05 22.62
N SER L 359 57.85 -34.95 22.00
CA SER L 359 58.76 -34.18 21.16
C SER L 359 58.67 -32.69 21.47
N LEU L 360 59.81 -32.02 21.37
CA LEU L 360 59.83 -30.57 21.53
C LEU L 360 60.45 -29.94 20.29
N HIS L 361 59.63 -29.28 19.49
CA HIS L 361 60.10 -28.45 18.41
C HIS L 361 59.88 -27.01 18.85
N GLY L 362 60.96 -26.37 19.29
CA GLY L 362 60.90 -25.02 19.81
C GLY L 362 60.88 -23.94 18.75
N VAL L 363 60.79 -22.68 19.19
CA VAL L 363 60.67 -21.53 18.32
C VAL L 363 61.57 -21.61 17.06
N MET L 364 60.94 -21.45 15.91
CA MET L 364 61.63 -21.43 14.61
C MET L 364 62.51 -22.64 14.25
N SER L 365 62.31 -23.76 14.95
CA SER L 365 62.99 -25.01 14.58
C SER L 365 62.24 -25.65 13.41
N ALA L 366 62.97 -26.16 12.43
CA ALA L 366 62.34 -26.68 11.23
C ALA L 366 61.82 -28.09 11.42
N HIS L 367 60.50 -28.28 11.26
CA HIS L 367 59.93 -29.63 11.35
C HIS L 367 59.06 -30.04 10.17
N GLY L 368 58.48 -31.23 10.25
CA GLY L 368 57.70 -31.75 9.15
C GLY L 368 57.87 -33.24 8.96
N PRO L 369 57.32 -33.76 7.85
CA PRO L 369 57.31 -35.19 7.53
C PRO L 369 58.68 -35.74 7.16
N ASP L 370 58.91 -37.02 7.40
CA ASP L 370 60.15 -37.66 6.98
C ASP L 370 60.05 -38.07 5.50
N ALA L 371 61.12 -38.64 4.97
CA ALA L 371 61.17 -39.04 3.55
C ALA L 371 60.08 -40.06 3.23
N GLU L 372 59.99 -41.10 4.05
CA GLU L 372 59.04 -42.20 3.81
C GLU L 372 57.60 -41.69 3.73
N THR L 373 57.27 -40.71 4.58
N THR L 373 57.29 -40.70 4.56
CA THR L 373 55.93 -40.15 4.59
CA THR L 373 55.96 -40.11 4.62
C THR L 373 55.68 -39.25 3.38
C THR L 373 55.69 -39.27 3.38
N CYS L 374 56.73 -38.56 2.93
CA CYS L 374 56.61 -37.72 1.74
C CYS L 374 56.40 -38.54 0.49
N GLU L 375 57.16 -39.61 0.32
CA GLU L 375 57.07 -40.40 -0.91
C GLU L 375 55.73 -41.13 -0.98
N LYS L 376 55.25 -41.60 0.16
CA LYS L 376 53.96 -42.28 0.20
C LYS L 376 52.80 -41.33 -0.11
N ALA L 377 52.81 -40.15 0.50
CA ALA L 377 51.73 -39.19 0.30
C ALA L 377 51.68 -38.65 -1.13
N ILE L 378 52.85 -38.35 -1.70
CA ILE L 378 52.89 -37.84 -3.07
C ILE L 378 52.37 -38.87 -4.08
N ALA L 379 52.59 -40.15 -3.80
CA ALA L 379 52.20 -41.23 -4.71
C ALA L 379 50.78 -41.77 -4.51
N ALA L 380 50.26 -41.64 -3.29
CA ALA L 380 49.00 -42.27 -2.91
C ALA L 380 47.84 -41.91 -3.83
N ASP L 381 47.03 -42.91 -4.17
CA ASP L 381 45.79 -42.63 -4.87
C ASP L 381 44.85 -42.03 -3.82
N LEU L 382 44.46 -40.77 -4.01
CA LEU L 382 43.70 -40.07 -2.97
C LEU L 382 42.25 -40.50 -2.90
N ALA L 383 41.83 -40.91 -1.71
CA ALA L 383 40.47 -41.34 -1.47
C ALA L 383 40.16 -41.12 0.01
N PRO L 384 38.86 -41.04 0.36
CA PRO L 384 38.49 -40.89 1.78
C PRO L 384 39.15 -41.97 2.62
N HIS L 385 39.77 -41.55 3.72
CA HIS L 385 40.44 -42.47 4.62
C HIS L 385 40.21 -42.06 6.07
N LYS L 386 39.64 -42.98 6.84
CA LYS L 386 39.37 -42.76 8.24
C LYS L 386 40.61 -43.06 9.07
N ILE L 387 41.20 -42.04 9.67
CA ILE L 387 42.22 -42.26 10.69
C ILE L 387 41.51 -42.75 11.95
N ASP L 388 42.04 -43.81 12.55
CA ASP L 388 41.39 -44.44 13.69
C ASP L 388 42.46 -45.05 14.59
N ASN L 389 42.10 -45.30 15.84
CA ASN L 389 43.00 -45.95 16.80
C ASN L 389 44.25 -45.14 17.02
N THR L 390 44.07 -43.88 17.40
CA THR L 390 45.19 -42.99 17.68
C THR L 390 44.67 -41.77 18.40
N MET L 391 45.50 -41.25 19.30
CA MET L 391 45.18 -39.98 19.94
C MET L 391 46.47 -39.35 20.42
N ALA L 392 46.93 -38.37 19.67
CA ALA L 392 48.06 -37.57 20.09
C ALA L 392 47.52 -36.22 20.54
N PHE L 393 48.40 -35.39 21.07
CA PHE L 393 48.02 -34.05 21.47
C PHE L 393 49.26 -33.17 21.46
N MET L 394 49.05 -31.86 21.53
CA MET L 394 50.16 -30.94 21.64
C MET L 394 49.86 -29.90 22.71
N PHE L 395 50.86 -29.60 23.52
CA PHE L 395 50.86 -28.42 24.33
C PHE L 395 51.62 -27.38 23.52
N GLU L 396 50.92 -26.42 22.93
CA GLU L 396 51.60 -25.34 22.23
C GLU L 396 51.65 -24.09 23.09
N THR L 397 52.87 -23.58 23.28
CA THR L 397 53.07 -22.36 24.08
C THR L 397 53.77 -21.23 23.32
N SER L 398 53.42 -20.00 23.69
CA SER L 398 54.03 -18.80 23.11
C SER L 398 55.44 -18.56 23.63
N GLN L 399 55.63 -18.66 24.94
CA GLN L 399 56.97 -18.53 25.52
C GLN L 399 57.82 -19.77 25.24
N VAL L 400 59.13 -19.57 25.15
CA VAL L 400 60.06 -20.69 24.98
C VAL L 400 59.94 -21.77 26.07
N LEU L 401 59.97 -23.03 25.65
CA LEU L 401 60.00 -24.16 26.58
C LEU L 401 61.45 -24.62 26.79
N ARG L 402 62.00 -24.33 27.98
CA ARG L 402 63.35 -24.76 28.35
C ARG L 402 63.34 -26.14 29.01
N PRO L 403 63.92 -27.15 28.33
CA PRO L 403 64.05 -28.50 28.90
C PRO L 403 64.76 -28.47 30.24
N SER L 404 64.40 -29.34 31.17
CA SER L 404 65.09 -29.44 32.45
C SER L 404 66.42 -30.17 32.26
N LEU L 405 67.30 -30.03 33.25
CA LEU L 405 68.57 -30.76 33.26
C LEU L 405 68.26 -32.26 33.27
N GLN L 406 67.27 -32.63 34.10
CA GLN L 406 66.80 -34.00 34.17
C GLN L 406 66.43 -34.53 32.79
N ALA L 407 65.66 -33.74 32.06
CA ALA L 407 65.13 -34.18 30.77
C ALA L 407 66.21 -34.33 29.72
N LEU L 408 67.27 -33.53 29.82
CA LEU L 408 68.35 -33.52 28.84
C LEU L 408 69.46 -34.54 29.19
N GLU L 409 69.44 -35.02 30.43
CA GLU L 409 70.41 -36.00 30.88
C GLU L 409 69.81 -37.40 31.02
N CYS L 410 68.49 -37.51 30.87
CA CYS L 410 67.84 -38.80 31.01
C CYS L 410 68.08 -39.70 29.80
N PRO L 411 68.17 -41.02 30.03
CA PRO L 411 68.50 -41.96 28.96
C PRO L 411 67.46 -42.00 27.85
N GLN L 412 66.21 -41.68 28.19
N GLN L 412 66.22 -41.67 28.18
CA GLN L 412 65.11 -41.75 27.24
CA GLN L 412 65.13 -41.78 27.23
C GLN L 412 65.24 -40.74 26.11
C GLN L 412 65.19 -40.71 26.14
N LEU L 413 66.06 -39.72 26.33
CA LEU L 413 66.32 -38.73 25.29
C LEU L 413 67.00 -39.44 24.12
N GLN L 414 66.33 -39.40 22.97
CA GLN L 414 66.87 -40.01 21.78
C GLN L 414 68.04 -39.19 21.26
N ALA L 415 69.17 -39.85 21.02
CA ALA L 415 70.41 -39.16 20.70
C ALA L 415 70.50 -38.77 19.23
N ASP L 416 69.82 -39.54 18.37
CA ASP L 416 69.91 -39.32 16.93
C ASP L 416 68.58 -38.94 16.29
N TYR L 417 67.86 -38.01 16.91
CA TYR L 417 66.54 -37.62 16.44
C TYR L 417 66.56 -36.84 15.13
N ASP L 418 67.66 -36.14 14.85
CA ASP L 418 67.77 -35.38 13.59
C ASP L 418 67.83 -36.27 12.34
N SER L 419 68.32 -37.49 12.49
CA SER L 419 68.48 -38.41 11.37
C SER L 419 67.13 -38.81 10.75
N CYS L 420 66.04 -38.56 11.46
CA CYS L 420 64.71 -38.82 10.93
C CYS L 420 64.49 -38.09 9.61
N TRP L 421 65.18 -36.97 9.43
CA TRP L 421 65.02 -36.18 8.22
C TRP L 421 66.18 -36.28 7.24
N ALA L 422 67.22 -37.04 7.58
CA ALA L 422 68.45 -37.04 6.78
C ALA L 422 68.30 -37.53 5.33
N THR L 423 67.28 -38.34 5.07
CA THR L 423 67.11 -38.92 3.75
C THR L 423 66.12 -38.17 2.86
N LEU L 424 65.62 -37.02 3.33
CA LEU L 424 64.76 -36.19 2.48
C LEU L 424 65.50 -35.83 1.20
N PRO L 425 64.91 -36.17 0.05
CA PRO L 425 65.58 -35.97 -1.23
C PRO L 425 65.16 -34.69 -1.94
N SER L 426 65.96 -34.22 -2.89
CA SER L 426 65.51 -33.21 -3.80
C SER L 426 64.66 -33.87 -4.87
N THR L 427 63.49 -33.29 -5.15
CA THR L 427 62.61 -33.83 -6.18
C THR L 427 62.35 -32.76 -7.22
N PHE L 428 63.22 -31.75 -7.23
CA PHE L 428 63.03 -30.54 -8.04
C PHE L 428 63.37 -30.77 -9.52
N ASN L 429 62.52 -30.27 -10.41
CA ASN L 429 62.74 -30.39 -11.85
C ASN L 429 62.37 -29.10 -12.59
N PRO L 430 63.36 -28.24 -12.90
CA PRO L 430 63.06 -26.98 -13.56
C PRO L 430 62.51 -27.20 -14.97
N ASN L 431 62.73 -28.40 -15.51
CA ASN L 431 62.36 -28.70 -16.89
C ASN L 431 60.99 -29.38 -16.99
N ARG L 432 60.38 -29.63 -15.83
CA ARG L 432 59.00 -30.13 -15.78
C ARG L 432 58.17 -29.53 -14.63
N ARG L 433 57.23 -28.66 -14.97
CA ARG L 433 56.29 -28.15 -13.97
C ARG L 433 55.27 -29.23 -13.59
#